data_1N4Q
#
_entry.id   1N4Q
#
_cell.length_a   271.055
_cell.length_b   268.033
_cell.length_c   184.971
_cell.angle_alpha   90.00
_cell.angle_beta   131.73
_cell.angle_gamma   90.00
#
_symmetry.space_group_name_H-M   'C 1 2 1'
#
loop_
_entity.id
_entity.type
_entity.pdbx_description
1 polymer 'Protein farnesyltransferase/geranylgeranyltransferase type-1 subunit alpha'
2 polymer 'Geranylgeranyl transferase type-1 subunit beta'
3 polymer 'Fusion protein consisting of transforming protein p21b and Ras related protein Rap-2b'
4 non-polymer 'ZINC ION'
5 non-polymer 2-[METHYL-(5-GERANYL-4-METHYL-PENT-3-ENYL)-AMINO]-ETHYL-DIPHOSPHATE
6 non-polymer 'CHLORIDE ION'
7 non-polymer 'GERAN-8-YL GERAN'
8 water water
#
loop_
_entity_poly.entity_id
_entity_poly.type
_entity_poly.pdbx_seq_one_letter_code
_entity_poly.pdbx_strand_id
1 'polypeptide(L)'
;MAATEGVGESAPGGEPGQPEQPPPPPPPPPAQQPQEEEMAAEAGEAAASPMDDGFLSLDSPTYVLYRDRAEWADIDPVPQ
NDGPSPVVQIIYSEKFRDVYDYFRAVLQRDERSERAFKLTRDAIELNAANYTVWHFRRVLLRSLQKDLQEEMNYIIAIIE
EQPKNYQVWHHRRVLVEWLKDPSQELEFIADILNQDAKNYHAWQHRQWVIQEFRLWDNELQYVDQLLKEDVRNNSVWNQR
HFVISNTTGYSDRAVLEREVQYTLEMIKLVPHNESAWNYLKGILQDRGLSRYPNLLNQLLDLQPSHSSPYLIAFLVDIYE
DMLENQCDNKEDILNKALELCEILAKEKDTIRKEYWRYIGRSLQSKHSRESDIPASV
;
A,C,E,G,I,K
2 'polypeptide(L)'
;MAATEDDRLAGSGEGERLDFLRDRHVRFFQRCLQVLPERYSSLETSRLTIAFFALSGLDMLDSLDVVNKDDIIEWIYSLQ
VLPTEDRSNLDRCGFRGSSYLGIPFNPSKNPGTAHPYDSGHIAMTYTGLSCLIILGDDLSRVDKEACLAGLRALQLEDGS
FCAVPEGSENDMRFVYCASCICYMLNNWSGMDMKKAISYIRRSMSYDNGLAQGAGLESHGGSTFCGIASLCLMGKLEEVF
SEKELNRIKRWCIMRQQNGYHGRPNKPVDTCYSFWVGATLKLLKIFQYTNFEKNRNYILSTQDRLVGGFAKWPDSHPDAL
HAYFGICGLSLMEESGICKVHPALNVSTRTSERLRDLHQSWKTKDSKQCSDNVHISS
;
B,D,F,H,J,L
3 'polypeptide(L)' KKKSKTKCVIL M,N,O,P,Q,R
#
loop_
_chem_comp.id
_chem_comp.type
_chem_comp.name
_chem_comp.formula
CL non-polymer 'CHLORIDE ION' 'Cl -1'
GER non-polymer 'GERAN-8-YL GERAN' 'C20 H34'
MGM non-polymer 2-[METHYL-(5-GERANYL-4-METHYL-PENT-3-ENYL)-AMINO]-ETHYL-DIPHOSPHATE 'C19 H37 N O7 P2'
ZN non-polymer 'ZINC ION' 'Zn 2'
#
# COMPACT_ATOMS: atom_id res chain seq x y z
N PHE A 55 -36.74 -8.65 5.04
CA PHE A 55 -36.64 -8.90 6.51
C PHE A 55 -35.27 -8.53 7.11
N LEU A 56 -34.31 -9.44 7.03
CA LEU A 56 -32.97 -9.23 7.59
C LEU A 56 -32.04 -8.50 6.63
N SER A 57 -31.84 -7.20 6.91
CA SER A 57 -31.00 -6.34 6.10
C SER A 57 -29.54 -6.78 6.01
N LEU A 58 -28.92 -6.49 4.86
CA LEU A 58 -27.53 -6.85 4.61
C LEU A 58 -26.52 -6.12 5.49
N ASP A 59 -26.93 -5.00 6.08
CA ASP A 59 -26.02 -4.28 6.94
C ASP A 59 -26.50 -4.24 8.39
N SER A 60 -27.44 -5.12 8.73
CA SER A 60 -27.95 -5.22 10.08
C SER A 60 -26.87 -5.84 10.97
N PRO A 61 -26.76 -5.39 12.23
CA PRO A 61 -25.77 -5.93 13.16
C PRO A 61 -25.95 -7.43 13.29
N THR A 62 -27.19 -7.89 13.18
CA THR A 62 -27.48 -9.31 13.33
C THR A 62 -27.60 -10.11 12.04
N TYR A 63 -27.13 -9.53 10.95
CA TYR A 63 -27.18 -10.22 9.67
C TYR A 63 -26.41 -11.54 9.76
N VAL A 64 -26.95 -12.59 9.15
CA VAL A 64 -26.31 -13.89 9.18
C VAL A 64 -26.15 -14.41 7.76
N LEU A 65 -24.97 -14.91 7.42
CA LEU A 65 -24.75 -15.44 6.08
C LEU A 65 -25.75 -16.55 5.85
N TYR A 66 -26.16 -16.76 4.61
CA TYR A 66 -27.11 -17.80 4.31
C TYR A 66 -26.51 -19.17 4.67
N ARG A 67 -25.20 -19.30 4.56
CA ARG A 67 -24.56 -20.58 4.88
C ARG A 67 -24.71 -20.92 6.38
N ASP A 68 -25.14 -19.95 7.19
CA ASP A 68 -25.33 -20.18 8.63
C ASP A 68 -26.80 -20.12 9.06
N ARG A 69 -27.72 -20.09 8.10
CA ARG A 69 -29.14 -20.02 8.44
C ARG A 69 -29.76 -21.41 8.38
N ALA A 70 -30.46 -21.77 9.44
CA ALA A 70 -31.11 -23.08 9.53
C ALA A 70 -32.12 -23.31 8.42
N GLU A 71 -32.92 -22.29 8.11
CA GLU A 71 -33.92 -22.42 7.05
C GLU A 71 -33.30 -22.74 5.71
N TRP A 72 -31.98 -22.59 5.59
CA TRP A 72 -31.31 -22.87 4.32
C TRP A 72 -30.37 -24.07 4.35
N ALA A 73 -30.39 -24.80 5.46
CA ALA A 73 -29.53 -25.96 5.61
C ALA A 73 -29.71 -27.04 4.55
N ASP A 74 -30.93 -27.18 4.03
CA ASP A 74 -31.23 -28.20 3.03
C ASP A 74 -30.72 -27.89 1.63
N ILE A 75 -30.27 -26.66 1.41
CA ILE A 75 -29.80 -26.24 0.10
C ILE A 75 -28.28 -26.23 -0.02
N ASP A 76 -27.78 -26.73 -1.15
CA ASP A 76 -26.35 -26.75 -1.39
C ASP A 76 -26.02 -25.58 -2.31
N PRO A 77 -25.26 -24.60 -1.81
CA PRO A 77 -24.90 -23.45 -2.62
C PRO A 77 -24.15 -23.83 -3.89
N VAL A 78 -24.40 -23.09 -4.97
CA VAL A 78 -23.75 -23.33 -6.24
C VAL A 78 -22.78 -22.20 -6.56
N PRO A 79 -21.48 -22.51 -6.58
CA PRO A 79 -20.43 -21.52 -6.86
C PRO A 79 -20.28 -21.20 -8.34
N GLN A 80 -19.76 -20.01 -8.60
CA GLN A 80 -19.53 -19.57 -9.97
C GLN A 80 -18.10 -19.98 -10.30
N ASN A 81 -17.89 -20.52 -11.50
CA ASN A 81 -16.56 -20.94 -11.90
C ASN A 81 -16.20 -20.42 -13.29
N ASP A 82 -15.15 -19.62 -13.36
CA ASP A 82 -14.69 -19.05 -14.61
C ASP A 82 -13.56 -19.85 -15.26
N GLY A 83 -13.43 -21.11 -14.87
CA GLY A 83 -12.38 -21.94 -15.44
C GLY A 83 -10.97 -21.63 -14.99
N PRO A 84 -9.97 -22.30 -15.57
CA PRO A 84 -8.55 -22.12 -15.26
C PRO A 84 -7.98 -20.70 -15.32
N SER A 85 -8.32 -19.95 -16.36
CA SER A 85 -7.81 -18.58 -16.49
C SER A 85 -8.97 -17.60 -16.66
N PRO A 86 -9.47 -17.05 -15.55
CA PRO A 86 -10.59 -16.10 -15.58
C PRO A 86 -10.25 -14.77 -16.22
N VAL A 87 -11.20 -14.22 -16.97
CA VAL A 87 -11.04 -12.92 -17.62
C VAL A 87 -11.99 -11.92 -16.97
N VAL A 88 -11.58 -10.67 -16.87
CA VAL A 88 -12.39 -9.62 -16.25
C VAL A 88 -13.16 -10.15 -15.05
N GLN A 89 -12.44 -10.83 -14.16
CA GLN A 89 -13.05 -11.37 -12.96
C GLN A 89 -13.20 -10.31 -11.88
N ILE A 90 -14.41 -10.21 -11.35
CA ILE A 90 -14.70 -9.24 -10.30
C ILE A 90 -14.51 -9.92 -8.94
N ILE A 91 -13.85 -9.25 -8.01
CA ILE A 91 -13.65 -9.83 -6.70
C ILE A 91 -14.87 -9.54 -5.82
N TYR A 92 -15.38 -10.57 -5.17
CA TYR A 92 -16.56 -10.43 -4.34
C TYR A 92 -16.32 -10.65 -2.86
N SER A 93 -17.00 -9.87 -2.03
CA SER A 93 -16.89 -9.99 -0.58
C SER A 93 -17.56 -11.31 -0.18
N GLU A 94 -17.25 -11.79 1.01
CA GLU A 94 -17.83 -13.02 1.51
C GLU A 94 -19.34 -12.93 1.50
N LYS A 95 -19.86 -11.80 1.96
CA LYS A 95 -21.29 -11.57 2.03
C LYS A 95 -21.95 -11.64 0.65
N PHE A 96 -21.33 -10.98 -0.32
CA PHE A 96 -21.82 -10.93 -1.68
C PHE A 96 -21.87 -12.32 -2.30
N ARG A 97 -20.75 -13.02 -2.25
CA ARG A 97 -20.66 -14.36 -2.82
C ARG A 97 -21.62 -15.33 -2.15
N ASP A 98 -21.86 -15.11 -0.86
CA ASP A 98 -22.74 -15.98 -0.10
C ASP A 98 -24.18 -15.84 -0.60
N VAL A 99 -24.64 -14.61 -0.79
CA VAL A 99 -26.00 -14.40 -1.29
C VAL A 99 -26.17 -15.04 -2.67
N TYR A 100 -25.22 -14.76 -3.58
CA TYR A 100 -25.32 -15.30 -4.93
C TYR A 100 -25.07 -16.79 -5.06
N ASP A 101 -24.33 -17.38 -4.12
CA ASP A 101 -24.10 -18.82 -4.20
C ASP A 101 -25.43 -19.52 -3.91
N TYR A 102 -26.27 -18.88 -3.09
CA TYR A 102 -27.58 -19.46 -2.78
C TYR A 102 -28.60 -19.08 -3.84
N PHE A 103 -28.42 -17.91 -4.46
CA PHE A 103 -29.33 -17.50 -5.52
C PHE A 103 -29.20 -18.51 -6.66
N ARG A 104 -27.98 -18.86 -7.01
CA ARG A 104 -27.73 -19.83 -8.08
C ARG A 104 -28.40 -21.15 -7.76
N ALA A 105 -28.31 -21.56 -6.50
CA ALA A 105 -28.91 -22.82 -6.07
C ALA A 105 -30.41 -22.79 -6.31
N VAL A 106 -31.07 -21.77 -5.78
CA VAL A 106 -32.50 -21.63 -5.92
C VAL A 106 -32.92 -21.51 -7.39
N LEU A 107 -32.14 -20.75 -8.17
CA LEU A 107 -32.43 -20.56 -9.60
C LEU A 107 -32.35 -21.88 -10.34
N GLN A 108 -31.25 -22.59 -10.12
CA GLN A 108 -31.01 -23.87 -10.77
C GLN A 108 -32.11 -24.89 -10.52
N ARG A 109 -32.78 -24.78 -9.38
CA ARG A 109 -33.84 -25.71 -9.04
C ARG A 109 -35.19 -25.10 -9.29
N ASP A 110 -35.21 -23.88 -9.80
CA ASP A 110 -36.46 -23.18 -10.07
C ASP A 110 -37.41 -23.31 -8.88
N GLU A 111 -36.87 -23.12 -7.68
CA GLU A 111 -37.66 -23.22 -6.46
C GLU A 111 -38.56 -22.00 -6.31
N ARG A 112 -39.87 -22.19 -6.45
CA ARG A 112 -40.82 -21.08 -6.32
C ARG A 112 -41.23 -20.90 -4.86
N SER A 113 -40.26 -20.67 -3.98
CA SER A 113 -40.55 -20.52 -2.55
C SER A 113 -40.56 -19.09 -2.04
N GLU A 114 -41.10 -18.91 -0.84
CA GLU A 114 -41.15 -17.61 -0.21
C GLU A 114 -39.74 -17.21 0.23
N ARG A 115 -38.91 -18.19 0.58
CA ARG A 115 -37.56 -17.88 0.99
C ARG A 115 -36.74 -17.42 -0.21
N ALA A 116 -37.04 -17.98 -1.39
CA ALA A 116 -36.33 -17.58 -2.61
C ALA A 116 -36.73 -16.15 -2.93
N PHE A 117 -38.00 -15.82 -2.74
CA PHE A 117 -38.48 -14.48 -3.01
C PHE A 117 -37.72 -13.47 -2.17
N LYS A 118 -37.55 -13.78 -0.89
CA LYS A 118 -36.82 -12.88 0.01
C LYS A 118 -35.34 -12.81 -0.39
N LEU A 119 -34.81 -13.91 -0.90
CA LEU A 119 -33.42 -13.93 -1.32
C LEU A 119 -33.19 -12.97 -2.50
N THR A 120 -34.18 -12.84 -3.39
CA THR A 120 -34.02 -11.94 -4.53
C THR A 120 -33.87 -10.51 -4.08
N ARG A 121 -34.52 -10.16 -2.97
CA ARG A 121 -34.44 -8.79 -2.45
C ARG A 121 -32.98 -8.46 -2.12
N ASP A 122 -32.26 -9.44 -1.58
CA ASP A 122 -30.87 -9.25 -1.22
C ASP A 122 -30.00 -9.21 -2.46
N ALA A 123 -30.25 -10.13 -3.38
CA ALA A 123 -29.48 -10.21 -4.62
C ALA A 123 -29.61 -8.89 -5.38
N ILE A 124 -30.81 -8.31 -5.33
CA ILE A 124 -31.06 -7.05 -6.01
C ILE A 124 -30.34 -5.90 -5.31
N GLU A 125 -30.30 -5.93 -3.98
CA GLU A 125 -29.60 -4.87 -3.27
C GLU A 125 -28.12 -4.93 -3.63
N LEU A 126 -27.59 -6.13 -3.79
CA LEU A 126 -26.19 -6.29 -4.14
C LEU A 126 -25.92 -5.88 -5.58
N ASN A 127 -26.85 -6.21 -6.49
CA ASN A 127 -26.68 -5.87 -7.91
C ASN A 127 -28.02 -5.74 -8.65
N ALA A 128 -28.54 -4.52 -8.68
CA ALA A 128 -29.82 -4.27 -9.33
C ALA A 128 -29.76 -4.41 -10.86
N ALA A 129 -28.57 -4.60 -11.42
CA ALA A 129 -28.45 -4.72 -12.86
C ALA A 129 -28.50 -6.16 -13.35
N ASN A 130 -28.68 -7.11 -12.43
CA ASN A 130 -28.74 -8.53 -12.82
C ASN A 130 -30.16 -8.83 -13.32
N TYR A 131 -30.36 -8.74 -14.62
CA TYR A 131 -31.69 -8.96 -15.22
C TYR A 131 -32.29 -10.33 -14.91
N THR A 132 -31.45 -11.35 -14.76
CA THR A 132 -31.96 -12.68 -14.45
C THR A 132 -32.65 -12.65 -13.08
N VAL A 133 -32.06 -11.97 -12.12
CA VAL A 133 -32.64 -11.89 -10.80
C VAL A 133 -34.02 -11.27 -10.90
N TRP A 134 -34.14 -10.18 -11.65
CA TRP A 134 -35.44 -9.52 -11.81
C TRP A 134 -36.47 -10.41 -12.49
N HIS A 135 -36.03 -11.19 -13.47
CA HIS A 135 -36.96 -12.08 -14.15
C HIS A 135 -37.47 -13.12 -13.18
N PHE A 136 -36.55 -13.74 -12.44
CA PHE A 136 -36.93 -14.77 -11.46
C PHE A 136 -37.88 -14.17 -10.43
N ARG A 137 -37.60 -12.95 -9.99
CA ARG A 137 -38.46 -12.31 -9.00
C ARG A 137 -39.88 -12.16 -9.60
N ARG A 138 -39.96 -11.90 -10.90
CA ARG A 138 -41.28 -11.76 -11.53
C ARG A 138 -41.97 -13.12 -11.57
N VAL A 139 -41.21 -14.17 -11.86
CA VAL A 139 -41.77 -15.52 -11.87
C VAL A 139 -42.39 -15.77 -10.49
N LEU A 140 -41.63 -15.47 -9.43
CA LEU A 140 -42.08 -15.67 -8.07
C LEU A 140 -43.28 -14.80 -7.71
N LEU A 141 -43.31 -13.56 -8.18
CA LEU A 141 -44.42 -12.68 -7.89
C LEU A 141 -45.72 -13.36 -8.35
N ARG A 142 -45.64 -14.01 -9.50
CA ARG A 142 -46.80 -14.70 -10.05
C ARG A 142 -47.09 -15.99 -9.27
N SER A 143 -46.10 -16.89 -9.20
CA SER A 143 -46.27 -18.16 -8.49
C SER A 143 -46.85 -17.98 -7.09
N LEU A 144 -46.28 -17.06 -6.33
CA LEU A 144 -46.75 -16.84 -4.96
C LEU A 144 -47.90 -15.85 -4.90
N GLN A 145 -48.35 -15.37 -6.05
CA GLN A 145 -49.45 -14.42 -6.10
C GLN A 145 -49.24 -13.30 -5.07
N LYS A 146 -48.09 -12.64 -5.13
CA LYS A 146 -47.77 -11.57 -4.20
C LYS A 146 -48.57 -10.31 -4.49
N ASP A 147 -48.72 -9.47 -3.47
CA ASP A 147 -49.44 -8.21 -3.60
C ASP A 147 -48.64 -7.29 -4.52
N LEU A 148 -49.14 -7.07 -5.74
CA LEU A 148 -48.45 -6.22 -6.71
C LEU A 148 -48.42 -4.74 -6.32
N GLN A 149 -49.36 -4.32 -5.50
CA GLN A 149 -49.38 -2.92 -5.09
C GLN A 149 -48.18 -2.68 -4.18
N GLU A 150 -47.77 -3.74 -3.48
CA GLU A 150 -46.64 -3.65 -2.58
C GLU A 150 -45.35 -3.62 -3.41
N GLU A 151 -45.32 -4.42 -4.48
CA GLU A 151 -44.16 -4.45 -5.35
C GLU A 151 -43.99 -3.08 -5.99
N MET A 152 -45.10 -2.39 -6.25
CA MET A 152 -45.02 -1.06 -6.85
C MET A 152 -44.26 -0.12 -5.92
N ASN A 153 -44.52 -0.21 -4.62
CA ASN A 153 -43.83 0.64 -3.67
C ASN A 153 -42.35 0.30 -3.68
N TYR A 154 -42.06 -1.00 -3.76
CA TYR A 154 -40.68 -1.47 -3.79
C TYR A 154 -39.92 -0.88 -4.98
N ILE A 155 -40.40 -1.16 -6.18
CA ILE A 155 -39.75 -0.68 -7.38
C ILE A 155 -39.71 0.85 -7.41
N ILE A 156 -40.68 1.50 -6.79
CA ILE A 156 -40.68 2.96 -6.79
C ILE A 156 -39.45 3.46 -6.03
N ALA A 157 -39.14 2.80 -4.93
CA ALA A 157 -37.99 3.19 -4.14
C ALA A 157 -36.69 2.81 -4.85
N ILE A 158 -36.65 1.63 -5.45
CA ILE A 158 -35.47 1.16 -6.15
C ILE A 158 -35.06 2.11 -7.29
N ILE A 159 -36.04 2.51 -8.10
CA ILE A 159 -35.77 3.40 -9.21
C ILE A 159 -35.27 4.77 -8.74
N GLU A 160 -35.79 5.27 -7.63
CA GLU A 160 -35.35 6.57 -7.14
C GLU A 160 -33.86 6.54 -6.81
N GLU A 161 -33.39 5.38 -6.34
CA GLU A 161 -31.98 5.21 -5.98
C GLU A 161 -31.12 4.89 -7.21
N GLN A 162 -31.71 4.29 -8.24
CA GLN A 162 -30.97 3.93 -9.45
C GLN A 162 -31.78 4.25 -10.70
N PRO A 163 -32.04 5.53 -10.92
CA PRO A 163 -32.83 6.01 -12.07
C PRO A 163 -32.27 5.77 -13.47
N LYS A 164 -31.04 5.29 -13.56
CA LYS A 164 -30.44 5.05 -14.87
C LYS A 164 -30.23 3.58 -15.18
N ASN A 165 -30.86 2.71 -14.40
CA ASN A 165 -30.75 1.27 -14.58
C ASN A 165 -31.88 0.78 -15.53
N TYR A 166 -31.53 0.01 -16.55
CA TYR A 166 -32.52 -0.48 -17.49
C TYR A 166 -33.48 -1.51 -16.91
N GLN A 167 -32.96 -2.44 -16.11
CA GLN A 167 -33.77 -3.49 -15.52
C GLN A 167 -34.90 -3.00 -14.63
N VAL A 168 -34.65 -1.98 -13.81
CA VAL A 168 -35.67 -1.47 -12.91
C VAL A 168 -36.81 -0.79 -13.65
N TRP A 169 -36.51 -0.08 -14.73
CA TRP A 169 -37.60 0.56 -15.48
C TRP A 169 -38.42 -0.50 -16.20
N HIS A 170 -37.77 -1.54 -16.71
CA HIS A 170 -38.47 -2.60 -17.39
C HIS A 170 -39.40 -3.30 -16.39
N HIS A 171 -38.90 -3.54 -15.19
CA HIS A 171 -39.69 -4.21 -14.16
C HIS A 171 -40.97 -3.40 -13.86
N ARG A 172 -40.82 -2.10 -13.68
CA ARG A 172 -41.97 -1.27 -13.38
C ARG A 172 -42.98 -1.29 -14.53
N ARG A 173 -42.50 -1.32 -15.77
CA ARG A 173 -43.42 -1.36 -16.89
C ARG A 173 -44.22 -2.65 -16.90
N VAL A 174 -43.56 -3.78 -16.63
CA VAL A 174 -44.26 -5.05 -16.59
C VAL A 174 -45.33 -4.99 -15.50
N LEU A 175 -45.01 -4.43 -14.35
CA LEU A 175 -45.99 -4.33 -13.27
C LEU A 175 -47.21 -3.51 -13.65
N VAL A 176 -46.98 -2.34 -14.25
CA VAL A 176 -48.08 -1.49 -14.67
C VAL A 176 -48.94 -2.22 -15.69
N GLU A 177 -48.31 -3.03 -16.54
CA GLU A 177 -49.06 -3.80 -17.52
C GLU A 177 -49.92 -4.82 -16.79
N TRP A 178 -49.33 -5.51 -15.81
CA TRP A 178 -50.07 -6.51 -15.06
C TRP A 178 -51.27 -5.89 -14.35
N LEU A 179 -51.05 -4.78 -13.67
CA LEU A 179 -52.11 -4.11 -12.93
C LEU A 179 -53.08 -3.32 -13.81
N LYS A 180 -52.69 -3.03 -15.05
CA LYS A 180 -53.54 -2.23 -15.93
C LYS A 180 -53.91 -0.95 -15.17
N ASP A 181 -53.02 -0.52 -14.28
CA ASP A 181 -53.25 0.67 -13.49
C ASP A 181 -52.14 1.71 -13.66
N PRO A 182 -52.42 2.78 -14.41
CA PRO A 182 -51.38 3.79 -14.62
C PRO A 182 -51.55 5.01 -13.71
N SER A 183 -52.45 4.91 -12.73
CA SER A 183 -52.74 6.03 -11.83
C SER A 183 -51.56 6.69 -11.10
N GLN A 184 -50.49 5.96 -10.86
CA GLN A 184 -49.35 6.56 -10.14
C GLN A 184 -48.24 7.03 -11.09
N GLU A 185 -48.24 6.51 -12.31
CA GLU A 185 -47.20 6.82 -13.28
C GLU A 185 -46.80 8.27 -13.55
N LEU A 186 -47.72 9.09 -14.04
CA LEU A 186 -47.36 10.47 -14.36
C LEU A 186 -46.74 11.26 -13.19
N GLU A 187 -47.22 11.02 -11.98
CA GLU A 187 -46.66 11.72 -10.83
C GLU A 187 -45.28 11.17 -10.48
N PHE A 188 -45.14 9.85 -10.51
CA PHE A 188 -43.87 9.22 -10.21
C PHE A 188 -42.78 9.72 -11.17
N ILE A 189 -43.09 9.70 -12.46
CA ILE A 189 -42.16 10.15 -13.46
C ILE A 189 -41.79 11.62 -13.28
N ALA A 190 -42.78 12.44 -12.93
CA ALA A 190 -42.53 13.87 -12.73
C ALA A 190 -41.53 14.05 -11.58
N ASP A 191 -41.58 13.17 -10.58
CA ASP A 191 -40.64 13.25 -9.46
C ASP A 191 -39.24 12.90 -9.92
N ILE A 192 -39.12 11.83 -10.72
CA ILE A 192 -37.83 11.41 -11.23
C ILE A 192 -37.28 12.52 -12.12
N LEU A 193 -38.12 13.06 -12.99
CA LEU A 193 -37.70 14.14 -13.87
C LEU A 193 -37.30 15.37 -13.08
N ASN A 194 -37.62 15.36 -11.79
CA ASN A 194 -37.28 16.48 -10.93
C ASN A 194 -35.81 16.40 -10.55
N GLN A 195 -35.25 15.20 -10.46
CA GLN A 195 -33.84 15.08 -10.13
C GLN A 195 -32.99 15.10 -11.41
N ASP A 196 -33.60 14.78 -12.55
CA ASP A 196 -32.91 14.79 -13.84
C ASP A 196 -33.95 14.94 -14.95
N ALA A 197 -34.18 16.19 -15.35
CA ALA A 197 -35.17 16.51 -16.38
C ALA A 197 -34.90 15.93 -17.75
N LYS A 198 -33.76 15.29 -17.93
CA LYS A 198 -33.43 14.72 -19.24
C LYS A 198 -33.24 13.23 -19.23
N ASN A 199 -33.57 12.60 -18.12
CA ASN A 199 -33.43 11.15 -17.97
C ASN A 199 -34.17 10.45 -19.11
N TYR A 200 -33.42 9.85 -20.03
CA TYR A 200 -34.03 9.17 -21.16
C TYR A 200 -35.00 8.05 -20.76
N HIS A 201 -34.68 7.31 -19.70
CA HIS A 201 -35.55 6.22 -19.24
C HIS A 201 -36.91 6.76 -18.78
N ALA A 202 -36.88 7.88 -18.05
CA ALA A 202 -38.10 8.49 -17.54
C ALA A 202 -39.02 8.94 -18.68
N TRP A 203 -38.45 9.64 -19.66
CA TRP A 203 -39.25 10.10 -20.79
C TRP A 203 -39.80 8.94 -21.62
N GLN A 204 -39.02 7.88 -21.74
CA GLN A 204 -39.46 6.72 -22.51
C GLN A 204 -40.65 6.08 -21.81
N HIS A 205 -40.53 5.94 -20.49
CA HIS A 205 -41.59 5.35 -19.70
C HIS A 205 -42.85 6.24 -19.76
N ARG A 206 -42.64 7.55 -19.69
CA ARG A 206 -43.75 8.49 -19.73
C ARG A 206 -44.52 8.39 -21.04
N GLN A 207 -43.81 8.27 -22.16
CA GLN A 207 -44.48 8.15 -23.44
C GLN A 207 -45.23 6.83 -23.57
N TRP A 208 -44.67 5.78 -22.98
CA TRP A 208 -45.32 4.48 -23.03
C TRP A 208 -46.63 4.55 -22.26
N VAL A 209 -46.56 5.07 -21.04
CA VAL A 209 -47.75 5.17 -20.20
C VAL A 209 -48.85 5.97 -20.88
N ILE A 210 -48.50 7.16 -21.35
CA ILE A 210 -49.46 8.02 -22.01
C ILE A 210 -50.11 7.37 -23.23
N GLN A 211 -49.32 6.72 -24.06
CA GLN A 211 -49.85 6.09 -25.25
C GLN A 211 -50.69 4.86 -24.93
N GLU A 212 -50.18 4.01 -24.05
CA GLU A 212 -50.87 2.78 -23.67
C GLU A 212 -52.22 2.97 -22.97
N PHE A 213 -52.33 4.01 -22.15
CA PHE A 213 -53.56 4.26 -21.43
C PHE A 213 -54.24 5.55 -21.85
N ARG A 214 -53.84 6.08 -22.99
CA ARG A 214 -54.37 7.32 -23.54
C ARG A 214 -54.55 8.42 -22.48
N LEU A 215 -53.44 8.86 -21.91
CA LEU A 215 -53.47 9.90 -20.89
C LEU A 215 -52.91 11.19 -21.47
N TRP A 216 -53.48 11.64 -22.59
CA TRP A 216 -53.02 12.84 -23.27
C TRP A 216 -53.52 14.16 -22.69
N ASP A 217 -54.67 14.10 -22.04
CA ASP A 217 -55.33 15.29 -21.48
C ASP A 217 -54.49 16.41 -20.87
N ASN A 218 -53.53 16.08 -20.03
CA ASN A 218 -52.73 17.12 -19.38
C ASN A 218 -51.28 17.25 -19.78
N GLU A 219 -50.81 16.41 -20.69
CA GLU A 219 -49.41 16.47 -21.06
C GLU A 219 -48.95 17.78 -21.71
N LEU A 220 -49.75 18.36 -22.60
CA LEU A 220 -49.33 19.61 -23.23
C LEU A 220 -49.13 20.72 -22.20
N GLN A 221 -49.88 20.65 -21.12
CA GLN A 221 -49.77 21.64 -20.06
C GLN A 221 -48.50 21.36 -19.26
N TYR A 222 -48.18 20.08 -19.09
CA TYR A 222 -46.99 19.66 -18.35
C TYR A 222 -45.76 20.15 -19.13
N VAL A 223 -45.82 19.97 -20.44
CA VAL A 223 -44.75 20.39 -21.33
C VAL A 223 -44.54 21.90 -21.22
N ASP A 224 -45.64 22.66 -21.23
CA ASP A 224 -45.56 24.12 -21.12
C ASP A 224 -44.89 24.56 -19.84
N GLN A 225 -45.16 23.83 -18.76
CA GLN A 225 -44.59 24.14 -17.47
C GLN A 225 -43.09 23.88 -17.43
N LEU A 226 -42.66 22.76 -18.00
CA LEU A 226 -41.25 22.42 -18.01
C LEU A 226 -40.45 23.34 -18.92
N LEU A 227 -41.04 23.74 -20.04
CA LEU A 227 -40.33 24.64 -20.94
C LEU A 227 -40.08 25.99 -20.28
N LYS A 228 -40.92 26.34 -19.31
CA LYS A 228 -40.74 27.59 -18.60
C LYS A 228 -39.58 27.44 -17.62
N GLU A 229 -39.40 26.24 -17.08
CA GLU A 229 -38.31 25.99 -16.15
C GLU A 229 -36.95 25.92 -16.85
N ASP A 230 -36.96 25.49 -18.11
CA ASP A 230 -35.73 25.39 -18.89
C ASP A 230 -36.08 25.23 -20.36
N VAL A 231 -36.20 26.34 -21.05
CA VAL A 231 -36.55 26.33 -22.47
C VAL A 231 -35.53 25.59 -23.32
N ARG A 232 -34.38 25.26 -22.74
CA ARG A 232 -33.34 24.55 -23.49
C ARG A 232 -33.41 23.03 -23.37
N ASN A 233 -34.33 22.51 -22.56
CA ASN A 233 -34.44 21.07 -22.41
C ASN A 233 -34.98 20.42 -23.70
N ASN A 234 -34.08 19.81 -24.47
CA ASN A 234 -34.44 19.17 -25.72
C ASN A 234 -35.47 18.06 -25.56
N SER A 235 -35.51 17.43 -24.38
CA SER A 235 -36.44 16.34 -24.11
C SER A 235 -37.88 16.83 -24.08
N VAL A 236 -38.08 18.01 -23.49
CA VAL A 236 -39.40 18.60 -23.38
C VAL A 236 -39.93 19.03 -24.75
N TRP A 237 -39.06 19.58 -25.60
CA TRP A 237 -39.50 19.96 -26.93
C TRP A 237 -39.94 18.71 -27.68
N ASN A 238 -39.26 17.60 -27.43
CA ASN A 238 -39.62 16.36 -28.10
C ASN A 238 -40.98 15.90 -27.60
N GLN A 239 -41.22 16.08 -26.30
CA GLN A 239 -42.48 15.66 -25.71
C GLN A 239 -43.63 16.47 -26.31
N ARG A 240 -43.40 17.76 -26.49
CA ARG A 240 -44.41 18.64 -27.06
C ARG A 240 -44.82 18.11 -28.42
N HIS A 241 -43.86 17.78 -29.26
CA HIS A 241 -44.18 17.27 -30.60
C HIS A 241 -44.88 15.92 -30.51
N PHE A 242 -44.54 15.15 -29.47
CA PHE A 242 -45.12 13.85 -29.23
C PHE A 242 -46.61 13.99 -28.91
N VAL A 243 -46.93 14.90 -28.01
CA VAL A 243 -48.30 15.16 -27.60
C VAL A 243 -49.14 15.63 -28.78
N ILE A 244 -48.73 16.73 -29.39
CA ILE A 244 -49.46 17.30 -30.50
C ILE A 244 -49.68 16.37 -31.67
N SER A 245 -48.62 15.74 -32.17
CA SER A 245 -48.81 14.88 -33.33
C SER A 245 -49.65 13.65 -33.04
N ASN A 246 -49.86 13.35 -31.76
CA ASN A 246 -50.66 12.19 -31.39
C ASN A 246 -52.07 12.57 -30.98
N THR A 247 -52.35 13.86 -30.93
CA THR A 247 -53.68 14.32 -30.59
C THR A 247 -54.25 15.03 -31.81
N THR A 248 -54.17 16.35 -31.82
CA THR A 248 -54.69 17.13 -32.94
C THR A 248 -53.94 16.92 -34.24
N GLY A 249 -52.62 16.79 -34.17
CA GLY A 249 -51.84 16.65 -35.40
C GLY A 249 -51.46 18.07 -35.79
N TYR A 250 -50.74 18.24 -36.90
CA TYR A 250 -50.36 19.58 -37.33
C TYR A 250 -51.02 20.08 -38.61
N SER A 251 -51.91 19.26 -39.18
CA SER A 251 -52.59 19.63 -40.41
C SER A 251 -53.61 20.75 -40.22
N ASP A 252 -54.05 20.96 -38.97
CA ASP A 252 -54.99 22.03 -38.67
C ASP A 252 -54.21 23.34 -38.65
N ARG A 253 -54.38 24.14 -39.70
CA ARG A 253 -53.68 25.42 -39.83
C ARG A 253 -53.72 26.26 -38.56
N ALA A 254 -54.77 26.09 -37.76
CA ALA A 254 -54.88 26.87 -36.53
C ALA A 254 -53.86 26.35 -35.51
N VAL A 255 -53.63 25.05 -35.53
CA VAL A 255 -52.68 24.43 -34.61
C VAL A 255 -51.25 24.80 -35.05
N LEU A 256 -50.97 24.61 -36.33
CA LEU A 256 -49.66 24.93 -36.87
C LEU A 256 -49.30 26.37 -36.55
N GLU A 257 -50.25 27.29 -36.73
CA GLU A 257 -50.01 28.69 -36.47
C GLU A 257 -49.75 28.92 -34.98
N ARG A 258 -50.50 28.24 -34.12
CA ARG A 258 -50.33 28.39 -32.69
C ARG A 258 -48.91 27.95 -32.31
N GLU A 259 -48.50 26.80 -32.83
CA GLU A 259 -47.19 26.25 -32.55
C GLU A 259 -46.05 27.11 -33.10
N VAL A 260 -46.13 27.50 -34.38
CA VAL A 260 -45.09 28.33 -34.96
C VAL A 260 -44.95 29.62 -34.16
N GLN A 261 -46.08 30.20 -33.79
CA GLN A 261 -46.06 31.44 -33.03
C GLN A 261 -45.47 31.23 -31.64
N TYR A 262 -45.80 30.10 -31.03
CA TYR A 262 -45.29 29.75 -29.70
C TYR A 262 -43.78 29.60 -29.70
N THR A 263 -43.27 28.93 -30.73
CA THR A 263 -41.85 28.69 -30.86
C THR A 263 -41.10 30.00 -31.10
N LEU A 264 -41.62 30.85 -31.97
CA LEU A 264 -40.98 32.15 -32.23
C LEU A 264 -40.90 32.95 -30.94
N GLU A 265 -41.92 32.85 -30.11
CA GLU A 265 -41.91 33.57 -28.83
C GLU A 265 -40.77 33.06 -27.97
N MET A 266 -40.61 31.74 -27.95
CA MET A 266 -39.55 31.10 -27.16
C MET A 266 -38.18 31.46 -27.71
N ILE A 267 -38.07 31.48 -29.04
CA ILE A 267 -36.81 31.83 -29.68
C ILE A 267 -36.44 33.27 -29.32
N LYS A 268 -37.43 34.15 -29.25
CA LYS A 268 -37.18 35.54 -28.91
C LYS A 268 -36.64 35.65 -27.48
N LEU A 269 -37.10 34.77 -26.59
CA LEU A 269 -36.64 34.80 -25.21
C LEU A 269 -35.20 34.32 -25.07
N VAL A 270 -34.85 33.28 -25.83
CA VAL A 270 -33.50 32.71 -25.82
C VAL A 270 -33.19 32.30 -27.25
N PRO A 271 -32.75 33.26 -28.08
CA PRO A 271 -32.42 33.04 -29.49
C PRO A 271 -31.41 31.94 -29.78
N HIS A 272 -30.47 31.71 -28.87
CA HIS A 272 -29.49 30.66 -29.08
C HIS A 272 -29.96 29.37 -28.41
N ASN A 273 -30.89 28.68 -29.07
CA ASN A 273 -31.44 27.43 -28.55
C ASN A 273 -31.74 26.50 -29.71
N GLU A 274 -30.87 25.53 -29.95
CA GLU A 274 -31.04 24.60 -31.07
C GLU A 274 -32.39 23.88 -31.02
N SER A 275 -32.81 23.48 -29.82
CA SER A 275 -34.05 22.75 -29.63
C SER A 275 -35.27 23.49 -30.19
N ALA A 276 -35.40 24.77 -29.84
CA ALA A 276 -36.51 25.56 -30.33
C ALA A 276 -36.47 25.62 -31.86
N TRP A 277 -35.30 25.93 -32.41
CA TRP A 277 -35.16 26.02 -33.86
C TRP A 277 -35.42 24.70 -34.57
N ASN A 278 -35.02 23.59 -33.95
CA ASN A 278 -35.25 22.29 -34.56
C ASN A 278 -36.73 21.96 -34.61
N TYR A 279 -37.46 22.39 -33.58
CA TYR A 279 -38.89 22.16 -33.53
C TYR A 279 -39.56 22.96 -34.65
N LEU A 280 -39.25 24.26 -34.71
CA LEU A 280 -39.82 25.12 -35.74
C LEU A 280 -39.60 24.54 -37.14
N LYS A 281 -38.37 24.15 -37.44
CA LYS A 281 -38.07 23.58 -38.75
C LYS A 281 -38.73 22.22 -38.91
N GLY A 282 -38.81 21.48 -37.80
CA GLY A 282 -39.40 20.15 -37.85
C GLY A 282 -40.86 20.12 -38.27
N ILE A 283 -41.66 21.04 -37.72
CA ILE A 283 -43.07 21.06 -38.04
C ILE A 283 -43.40 21.73 -39.37
N LEU A 284 -42.39 22.27 -40.05
CA LEU A 284 -42.62 22.96 -41.33
C LEU A 284 -41.88 22.37 -42.51
N GLN A 285 -40.75 21.71 -42.26
CA GLN A 285 -39.95 21.17 -43.36
C GLN A 285 -40.66 20.28 -44.37
N ASP A 286 -41.61 19.48 -43.90
CA ASP A 286 -42.31 18.59 -44.83
C ASP A 286 -43.46 19.27 -45.57
N ARG A 287 -43.94 20.40 -45.03
CA ARG A 287 -45.01 21.14 -45.67
C ARG A 287 -44.34 21.93 -46.80
N GLY A 288 -43.07 22.27 -46.60
CA GLY A 288 -42.31 23.04 -47.57
C GLY A 288 -42.02 24.41 -46.96
N LEU A 289 -40.77 24.63 -46.56
CA LEU A 289 -40.39 25.90 -45.95
C LEU A 289 -40.64 27.12 -46.81
N SER A 290 -40.48 26.98 -48.13
CA SER A 290 -40.68 28.10 -49.03
C SER A 290 -42.15 28.47 -49.23
N ARG A 291 -43.05 27.64 -48.68
CA ARG A 291 -44.47 27.89 -48.80
C ARG A 291 -44.98 28.87 -47.75
N TYR A 292 -44.10 29.43 -46.95
CA TYR A 292 -44.48 30.38 -45.90
C TYR A 292 -43.75 31.71 -46.07
N PRO A 293 -44.14 32.51 -47.07
CA PRO A 293 -43.54 33.81 -47.37
C PRO A 293 -43.37 34.79 -46.21
N ASN A 294 -44.26 34.75 -45.23
CA ASN A 294 -44.12 35.68 -44.12
C ASN A 294 -43.08 35.23 -43.10
N LEU A 295 -42.78 33.93 -43.11
CA LEU A 295 -41.79 33.37 -42.19
C LEU A 295 -40.42 33.89 -42.59
N LEU A 296 -40.13 33.80 -43.89
CA LEU A 296 -38.87 34.27 -44.40
C LEU A 296 -38.55 35.71 -43.99
N ASN A 297 -39.52 36.60 -44.13
CA ASN A 297 -39.28 37.99 -43.77
C ASN A 297 -39.28 38.24 -42.27
N GLN A 298 -40.03 37.44 -41.52
CA GLN A 298 -40.05 37.62 -40.07
C GLN A 298 -38.70 37.21 -39.50
N LEU A 299 -38.07 36.22 -40.13
CA LEU A 299 -36.76 35.77 -39.69
C LEU A 299 -35.71 36.79 -40.08
N LEU A 300 -35.81 37.32 -41.30
CA LEU A 300 -34.87 38.32 -41.77
C LEU A 300 -34.93 39.55 -40.87
N ASP A 301 -36.09 39.79 -40.26
CA ASP A 301 -36.26 40.93 -39.35
C ASP A 301 -35.57 40.68 -38.02
N LEU A 302 -35.48 39.42 -37.65
CA LEU A 302 -34.84 39.02 -36.39
C LEU A 302 -33.33 39.12 -36.49
N GLN A 303 -32.81 38.79 -37.67
CA GLN A 303 -31.37 38.80 -37.93
C GLN A 303 -30.61 39.95 -37.29
N PRO A 304 -31.15 41.19 -37.38
CA PRO A 304 -30.50 42.36 -36.79
C PRO A 304 -30.03 42.15 -35.35
N SER A 305 -30.97 41.85 -34.46
CA SER A 305 -30.64 41.65 -33.05
C SER A 305 -30.56 40.20 -32.61
N HIS A 306 -31.64 39.44 -32.83
CA HIS A 306 -31.71 38.04 -32.43
C HIS A 306 -30.98 37.03 -33.32
N SER A 307 -29.89 37.44 -33.96
CA SER A 307 -29.15 36.54 -34.84
C SER A 307 -28.45 35.42 -34.08
N SER A 308 -28.27 34.29 -34.75
CA SER A 308 -27.60 33.12 -34.20
C SER A 308 -27.34 32.20 -35.38
N PRO A 309 -26.43 31.24 -35.23
CA PRO A 309 -26.15 30.33 -36.34
C PRO A 309 -27.38 29.51 -36.76
N TYR A 310 -28.28 29.27 -35.80
CA TYR A 310 -29.49 28.51 -36.06
C TYR A 310 -30.41 29.26 -37.03
N LEU A 311 -30.51 30.56 -36.84
CA LEU A 311 -31.35 31.40 -37.69
C LEU A 311 -30.77 31.40 -39.10
N ILE A 312 -29.46 31.65 -39.22
CA ILE A 312 -28.80 31.68 -40.52
C ILE A 312 -29.02 30.37 -41.23
N ALA A 313 -28.86 29.28 -40.49
CA ALA A 313 -29.03 27.95 -41.06
C ALA A 313 -30.44 27.77 -41.58
N PHE A 314 -31.41 28.26 -40.80
CA PHE A 314 -32.81 28.16 -41.19
C PHE A 314 -33.02 28.89 -42.52
N LEU A 315 -32.49 30.09 -42.63
CA LEU A 315 -32.60 30.87 -43.86
C LEU A 315 -32.00 30.09 -45.01
N VAL A 316 -30.82 29.52 -44.81
CA VAL A 316 -30.18 28.75 -45.87
C VAL A 316 -31.11 27.63 -46.32
N ASP A 317 -31.75 26.99 -45.35
CA ASP A 317 -32.66 25.90 -45.67
C ASP A 317 -33.91 26.36 -46.42
N ILE A 318 -34.37 27.57 -46.10
CA ILE A 318 -35.53 28.16 -46.78
C ILE A 318 -35.11 28.40 -48.23
N TYR A 319 -34.00 29.10 -48.41
CA TYR A 319 -33.50 29.39 -49.74
C TYR A 319 -33.31 28.13 -50.54
N GLU A 320 -32.89 27.05 -49.90
CA GLU A 320 -32.67 25.84 -50.65
C GLU A 320 -34.00 25.24 -51.10
N ASP A 321 -35.01 25.32 -50.25
CA ASP A 321 -36.31 24.78 -50.61
C ASP A 321 -36.80 25.52 -51.85
N MET A 322 -36.61 26.85 -51.87
CA MET A 322 -37.01 27.67 -53.01
C MET A 322 -36.34 27.18 -54.28
N LEU A 323 -35.02 27.04 -54.24
CA LEU A 323 -34.26 26.56 -55.39
C LEU A 323 -34.77 25.18 -55.82
N GLU A 324 -35.21 24.40 -54.85
CA GLU A 324 -35.71 23.05 -55.12
C GLU A 324 -37.06 23.11 -55.83
N ASN A 325 -37.77 24.21 -55.66
CA ASN A 325 -39.07 24.38 -56.27
C ASN A 325 -39.09 25.43 -57.36
N GLN A 326 -38.11 25.34 -58.26
CA GLN A 326 -37.97 26.25 -59.40
C GLN A 326 -38.51 27.65 -59.12
N CYS A 327 -37.97 28.32 -58.10
CA CYS A 327 -38.44 29.65 -57.73
C CYS A 327 -37.98 30.71 -58.74
N ASP A 328 -38.47 31.94 -58.54
CA ASP A 328 -38.12 33.06 -59.40
C ASP A 328 -36.83 33.72 -58.90
N ASN A 329 -35.95 34.08 -59.83
CA ASN A 329 -34.66 34.71 -59.49
C ASN A 329 -33.76 33.64 -58.88
N LYS A 330 -33.77 32.46 -59.50
CA LYS A 330 -32.98 31.31 -59.05
C LYS A 330 -31.52 31.65 -58.74
N GLU A 331 -30.78 32.11 -59.75
CA GLU A 331 -29.36 32.46 -59.56
C GLU A 331 -29.17 33.52 -58.47
N ASP A 332 -30.20 34.32 -58.24
CA ASP A 332 -30.13 35.35 -57.21
C ASP A 332 -30.30 34.72 -55.83
N ILE A 333 -31.25 33.80 -55.74
CA ILE A 333 -31.53 33.10 -54.49
C ILE A 333 -30.28 32.30 -54.09
N LEU A 334 -29.76 31.52 -55.04
CA LEU A 334 -28.57 30.71 -54.82
C LEU A 334 -27.45 31.55 -54.22
N ASN A 335 -27.29 32.77 -54.73
CA ASN A 335 -26.26 33.66 -54.25
C ASN A 335 -26.54 34.09 -52.82
N LYS A 336 -27.81 34.26 -52.47
CA LYS A 336 -28.19 34.66 -51.12
C LYS A 336 -27.86 33.54 -50.15
N ALA A 337 -28.02 32.30 -50.61
CA ALA A 337 -27.74 31.13 -49.80
C ALA A 337 -26.23 31.04 -49.57
N LEU A 338 -25.49 30.98 -50.67
CA LEU A 338 -24.04 30.89 -50.62
C LEU A 338 -23.46 31.96 -49.71
N GLU A 339 -24.02 33.16 -49.80
CA GLU A 339 -23.54 34.26 -48.97
C GLU A 339 -23.65 33.87 -47.50
N LEU A 340 -24.77 33.26 -47.14
CA LEU A 340 -25.00 32.85 -45.76
C LEU A 340 -24.12 31.66 -45.36
N CYS A 341 -23.95 30.69 -46.26
CA CYS A 341 -23.11 29.54 -45.98
C CYS A 341 -21.73 30.04 -45.57
N GLU A 342 -21.19 31.00 -46.32
CA GLU A 342 -19.89 31.54 -46.02
C GLU A 342 -19.92 32.34 -44.72
N ILE A 343 -21.03 33.00 -44.44
CA ILE A 343 -21.13 33.77 -43.20
C ILE A 343 -21.05 32.81 -42.01
N LEU A 344 -21.64 31.63 -42.17
CA LEU A 344 -21.62 30.62 -41.12
C LEU A 344 -20.19 30.10 -40.96
N ALA A 345 -19.59 29.68 -42.06
CA ALA A 345 -18.23 29.14 -42.08
C ALA A 345 -17.17 30.12 -41.55
N LYS A 346 -17.21 31.35 -42.04
CA LYS A 346 -16.24 32.36 -41.65
C LYS A 346 -16.43 33.04 -40.30
N GLU A 347 -17.66 33.15 -39.81
CA GLU A 347 -17.83 33.85 -38.53
C GLU A 347 -18.93 33.43 -37.56
N LYS A 348 -19.99 32.79 -38.03
CA LYS A 348 -21.07 32.42 -37.12
C LYS A 348 -21.08 31.00 -36.57
N ASP A 349 -20.55 30.05 -37.33
CA ASP A 349 -20.48 28.66 -36.88
C ASP A 349 -19.16 28.07 -37.36
N THR A 350 -18.07 28.79 -37.07
CA THR A 350 -16.74 28.39 -37.50
C THR A 350 -16.33 26.94 -37.26
N ILE A 351 -16.74 26.36 -36.15
CA ILE A 351 -16.38 24.98 -35.88
C ILE A 351 -16.82 24.04 -37.00
N ARG A 352 -17.84 24.45 -37.74
CA ARG A 352 -18.37 23.67 -38.86
C ARG A 352 -17.98 24.30 -40.20
N LYS A 353 -16.96 25.15 -40.15
CA LYS A 353 -16.43 25.85 -41.32
C LYS A 353 -16.36 24.98 -42.57
N GLU A 354 -15.71 23.83 -42.47
CA GLU A 354 -15.59 22.96 -43.63
C GLU A 354 -16.92 22.35 -44.05
N TYR A 355 -17.85 22.24 -43.12
CA TYR A 355 -19.16 21.67 -43.42
C TYR A 355 -19.98 22.68 -44.23
N TRP A 356 -20.06 23.91 -43.74
CA TRP A 356 -20.81 24.94 -44.43
C TRP A 356 -20.29 25.18 -45.84
N ARG A 357 -18.96 25.17 -46.00
CA ARG A 357 -18.39 25.38 -47.32
C ARG A 357 -18.74 24.21 -48.21
N TYR A 358 -18.85 23.03 -47.59
CA TYR A 358 -19.22 21.81 -48.30
C TYR A 358 -20.68 21.92 -48.76
N ILE A 359 -21.50 22.56 -47.93
CA ILE A 359 -22.91 22.76 -48.26
C ILE A 359 -22.98 23.76 -49.41
N GLY A 360 -22.18 24.81 -49.32
CA GLY A 360 -22.13 25.81 -50.38
C GLY A 360 -21.79 25.19 -51.71
N ARG A 361 -20.68 24.44 -51.78
CA ARG A 361 -20.28 23.79 -53.02
C ARG A 361 -21.40 22.91 -53.57
N SER A 362 -22.16 22.30 -52.67
CA SER A 362 -23.27 21.42 -53.07
C SER A 362 -24.41 22.20 -53.70
N LEU A 363 -24.64 23.42 -53.20
CA LEU A 363 -25.70 24.25 -53.75
C LEU A 363 -25.33 24.73 -55.15
N GLN A 364 -24.10 25.23 -55.30
CA GLN A 364 -23.64 25.70 -56.60
C GLN A 364 -23.70 24.64 -57.68
N SER A 365 -23.17 23.45 -57.39
CA SER A 365 -23.17 22.38 -58.38
C SER A 365 -24.55 21.77 -58.62
N LYS A 366 -25.54 22.19 -57.86
CA LYS A 366 -26.89 21.67 -58.03
C LYS A 366 -27.85 22.67 -58.67
N HIS A 367 -27.51 23.96 -58.58
CA HIS A 367 -28.37 24.99 -59.15
C HIS A 367 -27.60 26.06 -59.94
N SER A 368 -27.20 25.72 -61.17
CA SER A 368 -26.47 26.66 -62.01
C SER A 368 -26.61 26.32 -63.50
N LEU B 18 -2.97 17.28 -24.70
CA LEU B 18 -1.51 16.96 -24.64
C LEU B 18 -1.13 15.89 -25.67
N ASP B 19 -0.50 14.84 -25.17
CA ASP B 19 -0.08 13.74 -26.01
C ASP B 19 -0.85 12.50 -25.62
N PHE B 20 -0.87 11.54 -26.53
CA PHE B 20 -1.56 10.29 -26.32
C PHE B 20 -0.63 9.33 -25.57
N LEU B 21 -1.00 8.98 -24.35
CA LEU B 21 -0.21 8.07 -23.52
C LEU B 21 -0.48 6.61 -23.88
N ARG B 22 -0.11 6.23 -25.10
CA ARG B 22 -0.34 4.87 -25.58
C ARG B 22 -0.04 3.68 -24.67
N ASP B 23 1.16 3.64 -24.07
CA ASP B 23 1.50 2.50 -23.22
C ASP B 23 0.64 2.44 -21.98
N ARG B 24 0.33 3.61 -21.45
CA ARG B 24 -0.50 3.69 -20.27
C ARG B 24 -1.86 3.03 -20.56
N HIS B 25 -2.43 3.31 -21.73
CA HIS B 25 -3.71 2.72 -22.08
C HIS B 25 -3.57 1.22 -22.31
N VAL B 26 -2.44 0.79 -22.84
CA VAL B 26 -2.25 -0.66 -23.06
C VAL B 26 -2.32 -1.36 -21.71
N ARG B 27 -1.65 -0.79 -20.71
CA ARG B 27 -1.65 -1.39 -19.39
C ARG B 27 -3.06 -1.35 -18.78
N PHE B 28 -3.75 -0.23 -18.95
CA PHE B 28 -5.11 -0.07 -18.45
C PHE B 28 -5.98 -1.23 -18.95
N PHE B 29 -5.93 -1.50 -20.25
CA PHE B 29 -6.71 -2.59 -20.83
C PHE B 29 -6.25 -3.94 -20.31
N GLN B 30 -4.95 -4.09 -20.05
CA GLN B 30 -4.43 -5.37 -19.55
C GLN B 30 -5.03 -5.62 -18.18
N ARG B 31 -5.04 -4.57 -17.36
CA ARG B 31 -5.59 -4.68 -16.03
C ARG B 31 -7.07 -5.07 -16.08
N CYS B 32 -7.83 -4.46 -16.98
CA CYS B 32 -9.26 -4.78 -17.10
C CYS B 32 -9.44 -6.27 -17.36
N LEU B 33 -8.59 -6.86 -18.19
CA LEU B 33 -8.72 -8.29 -18.48
C LEU B 33 -8.38 -9.18 -17.29
N GLN B 34 -7.60 -8.64 -16.36
CA GLN B 34 -7.16 -9.41 -15.20
C GLN B 34 -8.15 -9.51 -14.06
N VAL B 35 -8.25 -8.45 -13.26
CA VAL B 35 -9.17 -8.46 -12.13
C VAL B 35 -9.84 -7.11 -11.97
N LEU B 36 -11.10 -7.12 -11.58
CA LEU B 36 -11.85 -5.89 -11.36
C LEU B 36 -12.23 -5.82 -9.89
N PRO B 37 -12.23 -4.61 -9.32
CA PRO B 37 -12.58 -4.34 -7.91
C PRO B 37 -14.05 -4.61 -7.58
N GLU B 38 -14.32 -5.04 -6.35
CA GLU B 38 -15.68 -5.38 -5.93
C GLU B 38 -16.72 -4.35 -6.39
N ARG B 39 -16.29 -3.12 -6.62
CA ARG B 39 -17.22 -2.08 -7.02
C ARG B 39 -17.64 -2.09 -8.48
N TYR B 40 -17.31 -3.14 -9.20
CA TYR B 40 -17.71 -3.24 -10.60
C TYR B 40 -18.65 -4.44 -10.76
N SER B 41 -19.18 -4.88 -9.63
CA SER B 41 -20.09 -6.01 -9.56
C SER B 41 -21.31 -5.82 -10.46
N SER B 42 -21.74 -4.57 -10.63
CA SER B 42 -22.91 -4.28 -11.45
C SER B 42 -22.69 -4.58 -12.93
N LEU B 43 -21.46 -4.97 -13.28
CA LEU B 43 -21.13 -5.30 -14.66
C LEU B 43 -21.01 -6.81 -14.81
N GLU B 44 -21.21 -7.53 -13.71
CA GLU B 44 -21.10 -8.97 -13.71
C GLU B 44 -21.74 -9.65 -14.91
N THR B 45 -23.02 -9.35 -15.17
CA THR B 45 -23.71 -10.00 -16.28
C THR B 45 -23.32 -9.52 -17.67
N SER B 46 -22.45 -8.52 -17.74
CA SER B 46 -22.01 -8.05 -19.03
C SER B 46 -20.48 -7.97 -19.05
N ARG B 47 -19.85 -8.92 -18.38
CA ARG B 47 -18.39 -8.97 -18.31
C ARG B 47 -17.82 -9.18 -19.71
N LEU B 48 -18.55 -9.90 -20.55
CA LEU B 48 -18.09 -10.16 -21.90
C LEU B 48 -17.94 -8.87 -22.70
N THR B 49 -18.79 -7.87 -22.45
CA THR B 49 -18.66 -6.61 -23.19
C THR B 49 -17.47 -5.83 -22.62
N ILE B 50 -17.13 -6.07 -21.36
CA ILE B 50 -15.98 -5.38 -20.76
C ILE B 50 -14.73 -5.97 -21.40
N ALA B 51 -14.74 -7.29 -21.61
CA ALA B 51 -13.64 -7.99 -22.24
C ALA B 51 -13.48 -7.43 -23.66
N PHE B 52 -14.61 -7.26 -24.37
CA PHE B 52 -14.60 -6.71 -25.73
C PHE B 52 -13.93 -5.35 -25.75
N PHE B 53 -14.33 -4.46 -24.84
CA PHE B 53 -13.74 -3.13 -24.78
C PHE B 53 -12.22 -3.22 -24.63
N ALA B 54 -11.77 -4.16 -23.81
CA ALA B 54 -10.35 -4.35 -23.54
C ALA B 54 -9.60 -4.95 -24.70
N LEU B 55 -10.10 -6.08 -25.20
CA LEU B 55 -9.48 -6.76 -26.33
C LEU B 55 -9.48 -5.89 -27.58
N SER B 56 -10.66 -5.42 -27.98
CA SER B 56 -10.77 -4.56 -29.15
C SER B 56 -9.93 -3.32 -28.96
N GLY B 57 -9.80 -2.88 -27.71
CA GLY B 57 -9.00 -1.70 -27.44
C GLY B 57 -7.52 -2.00 -27.65
N LEU B 58 -7.08 -3.18 -27.21
CA LEU B 58 -5.69 -3.57 -27.38
C LEU B 58 -5.43 -3.76 -28.87
N ASP B 59 -6.40 -4.34 -29.56
CA ASP B 59 -6.31 -4.57 -30.97
C ASP B 59 -6.10 -3.23 -31.66
N MET B 60 -6.92 -2.25 -31.29
CA MET B 60 -6.83 -0.92 -31.87
C MET B 60 -5.45 -0.30 -31.65
N LEU B 61 -4.78 -0.71 -30.57
CA LEU B 61 -3.45 -0.20 -30.25
C LEU B 61 -2.38 -1.20 -30.70
N ASP B 62 -2.81 -2.22 -31.42
CA ASP B 62 -1.89 -3.23 -31.92
C ASP B 62 -1.04 -3.78 -30.78
N SER B 63 -1.70 -4.34 -29.75
CA SER B 63 -1.01 -4.91 -28.59
C SER B 63 -1.65 -6.21 -28.12
N LEU B 64 -2.36 -6.90 -29.00
CA LEU B 64 -2.99 -8.16 -28.60
C LEU B 64 -1.98 -9.19 -28.16
N ASP B 65 -0.72 -8.93 -28.44
CA ASP B 65 0.34 -9.86 -28.08
C ASP B 65 0.47 -10.00 -26.57
N VAL B 66 0.17 -8.94 -25.84
CA VAL B 66 0.30 -8.96 -24.38
C VAL B 66 -0.73 -9.83 -23.67
N VAL B 67 -1.54 -10.57 -24.41
CA VAL B 67 -2.54 -11.44 -23.77
C VAL B 67 -2.45 -12.84 -24.36
N ASN B 68 -2.93 -13.84 -23.61
CA ASN B 68 -2.91 -15.21 -24.09
C ASN B 68 -4.22 -15.49 -24.84
N LYS B 69 -4.19 -15.26 -26.15
CA LYS B 69 -5.37 -15.45 -26.98
C LYS B 69 -6.10 -16.77 -26.79
N ASP B 70 -5.36 -17.84 -26.49
CA ASP B 70 -5.99 -19.14 -26.34
C ASP B 70 -6.80 -19.30 -25.06
N ASP B 71 -6.31 -18.76 -23.95
CA ASP B 71 -7.03 -18.85 -22.69
C ASP B 71 -8.34 -18.11 -22.83
N ILE B 72 -8.26 -16.86 -23.31
CA ILE B 72 -9.44 -16.04 -23.48
C ILE B 72 -10.45 -16.66 -24.43
N ILE B 73 -9.97 -17.31 -25.49
CA ILE B 73 -10.88 -17.93 -26.45
C ILE B 73 -11.67 -19.05 -25.78
N GLU B 74 -11.02 -19.81 -24.90
CA GLU B 74 -11.70 -20.90 -24.20
C GLU B 74 -12.74 -20.33 -23.23
N TRP B 75 -12.38 -19.24 -22.57
CA TRP B 75 -13.28 -18.60 -21.63
C TRP B 75 -14.54 -18.14 -22.39
N ILE B 76 -14.34 -17.52 -23.54
CA ILE B 76 -15.47 -17.05 -24.32
C ILE B 76 -16.36 -18.21 -24.74
N TYR B 77 -15.75 -19.29 -25.21
CA TYR B 77 -16.55 -20.43 -25.64
C TYR B 77 -17.30 -21.10 -24.49
N SER B 78 -16.83 -20.90 -23.27
CA SER B 78 -17.50 -21.48 -22.10
C SER B 78 -18.78 -20.69 -21.85
N LEU B 79 -18.91 -19.54 -22.51
CA LEU B 79 -20.07 -18.69 -22.36
C LEU B 79 -21.15 -18.96 -23.41
N GLN B 80 -20.87 -19.84 -24.37
CA GLN B 80 -21.86 -20.13 -25.40
C GLN B 80 -22.95 -21.07 -24.91
N VAL B 81 -24.20 -20.67 -25.15
CA VAL B 81 -25.35 -21.48 -24.77
C VAL B 81 -25.64 -22.36 -25.98
N LEU B 82 -25.26 -23.63 -25.88
CA LEU B 82 -25.45 -24.58 -26.97
C LEU B 82 -26.79 -25.30 -26.87
N PRO B 83 -27.31 -25.76 -28.00
CA PRO B 83 -28.58 -26.48 -27.96
C PRO B 83 -28.42 -27.81 -27.24
N THR B 84 -29.48 -28.24 -26.56
CA THR B 84 -29.44 -29.50 -25.82
C THR B 84 -29.63 -30.69 -26.76
N GLU B 85 -29.41 -31.89 -26.23
CA GLU B 85 -29.56 -33.12 -27.00
C GLU B 85 -30.83 -33.08 -27.85
N ASP B 86 -31.96 -32.84 -27.20
CA ASP B 86 -33.25 -32.79 -27.90
C ASP B 86 -33.50 -31.48 -28.63
N ARG B 87 -32.46 -30.65 -28.78
CA ARG B 87 -32.57 -29.37 -29.48
C ARG B 87 -33.85 -28.61 -29.12
N SER B 88 -34.27 -28.68 -27.86
CA SER B 88 -35.49 -28.02 -27.41
C SER B 88 -35.30 -26.58 -26.93
N ASN B 89 -34.05 -26.14 -26.82
CA ASN B 89 -33.75 -24.79 -26.34
C ASN B 89 -33.10 -23.92 -27.41
N LEU B 90 -33.46 -24.14 -28.67
CA LEU B 90 -32.86 -23.35 -29.75
C LEU B 90 -33.11 -21.86 -29.64
N ASP B 91 -34.34 -21.49 -29.28
CA ASP B 91 -34.69 -20.08 -29.15
C ASP B 91 -33.95 -19.36 -28.03
N ARG B 92 -33.10 -20.10 -27.32
CA ARG B 92 -32.37 -19.51 -26.21
C ARG B 92 -30.86 -19.58 -26.37
N CYS B 93 -30.41 -19.95 -27.55
CA CYS B 93 -28.98 -20.06 -27.80
C CYS B 93 -28.32 -18.74 -28.14
N GLY B 94 -27.02 -18.68 -27.90
CA GLY B 94 -26.25 -17.48 -28.15
C GLY B 94 -25.14 -17.49 -27.10
N PHE B 95 -24.77 -16.32 -26.58
CA PHE B 95 -23.74 -16.26 -25.54
C PHE B 95 -24.20 -15.60 -24.26
N ARG B 96 -23.63 -16.02 -23.13
CA ARG B 96 -23.94 -15.46 -21.81
C ARG B 96 -22.95 -14.34 -21.58
N GLY B 97 -23.29 -13.41 -20.69
CA GLY B 97 -22.39 -12.30 -20.42
C GLY B 97 -21.26 -12.73 -19.48
N SER B 98 -21.51 -13.79 -18.71
CA SER B 98 -20.54 -14.32 -17.77
C SER B 98 -21.06 -15.64 -17.22
N SER B 99 -20.36 -16.20 -16.25
CA SER B 99 -20.74 -17.47 -15.64
C SER B 99 -21.59 -17.31 -14.37
N TYR B 100 -22.20 -16.14 -14.18
CA TYR B 100 -23.00 -15.89 -12.99
C TYR B 100 -24.09 -16.91 -12.64
N LEU B 101 -24.49 -17.77 -13.59
CA LEU B 101 -25.53 -18.75 -13.30
C LEU B 101 -25.02 -20.00 -12.58
N GLY B 102 -23.71 -20.20 -12.59
CA GLY B 102 -23.17 -21.37 -11.92
C GLY B 102 -23.08 -22.62 -12.77
N ILE B 103 -23.19 -22.47 -14.08
CA ILE B 103 -23.08 -23.62 -14.97
C ILE B 103 -21.61 -24.00 -15.06
N PRO B 104 -21.31 -25.29 -14.89
CA PRO B 104 -19.92 -25.78 -14.95
C PRO B 104 -19.18 -25.40 -16.21
N PHE B 105 -17.94 -24.93 -16.02
CA PHE B 105 -17.07 -24.49 -17.10
C PHE B 105 -16.98 -25.53 -18.21
N ASN B 106 -17.42 -25.17 -19.41
CA ASN B 106 -17.37 -26.07 -20.55
C ASN B 106 -17.15 -25.26 -21.83
N PRO B 107 -15.89 -25.15 -22.28
CA PRO B 107 -15.52 -24.40 -23.48
C PRO B 107 -16.10 -24.98 -24.78
N SER B 108 -17.42 -24.91 -24.91
CA SER B 108 -18.14 -25.41 -26.08
C SER B 108 -17.64 -26.78 -26.53
N LYS B 109 -17.58 -27.70 -25.58
CA LYS B 109 -17.16 -29.07 -25.84
C LYS B 109 -18.41 -29.94 -25.93
N ASN B 110 -18.80 -30.55 -24.81
CA ASN B 110 -19.98 -31.40 -24.77
C ASN B 110 -21.25 -30.62 -25.12
N PRO B 111 -22.40 -31.30 -25.19
CA PRO B 111 -23.67 -30.64 -25.53
C PRO B 111 -24.07 -29.63 -24.45
N GLY B 112 -25.34 -29.26 -24.42
CA GLY B 112 -25.79 -28.29 -23.43
C GLY B 112 -26.46 -28.87 -22.20
N THR B 113 -25.95 -28.51 -21.01
CA THR B 113 -26.52 -28.97 -19.75
C THR B 113 -27.76 -28.14 -19.41
N ALA B 114 -28.94 -28.69 -19.67
CA ALA B 114 -30.22 -28.01 -19.43
C ALA B 114 -30.30 -27.25 -18.12
N HIS B 115 -30.81 -26.02 -18.20
CA HIS B 115 -30.98 -25.15 -17.04
C HIS B 115 -32.20 -24.26 -17.30
N PRO B 116 -33.13 -24.21 -16.35
CA PRO B 116 -34.38 -23.43 -16.42
C PRO B 116 -34.25 -21.97 -16.84
N TYR B 117 -33.14 -21.33 -16.50
CA TYR B 117 -32.98 -19.92 -16.81
C TYR B 117 -31.73 -19.54 -17.56
N ASP B 118 -31.10 -20.50 -18.22
CA ASP B 118 -29.88 -20.22 -18.96
C ASP B 118 -30.16 -19.95 -20.43
N SER B 119 -29.90 -18.71 -20.86
CA SER B 119 -30.09 -18.35 -22.25
C SER B 119 -29.08 -17.27 -22.62
N GLY B 120 -28.98 -16.96 -23.90
CA GLY B 120 -28.05 -15.95 -24.34
C GLY B 120 -28.60 -14.55 -24.20
N HIS B 121 -27.75 -13.57 -24.43
CA HIS B 121 -28.12 -12.17 -24.35
C HIS B 121 -27.57 -11.58 -25.65
N ILE B 122 -28.43 -10.93 -26.43
CA ILE B 122 -28.04 -10.37 -27.71
C ILE B 122 -26.75 -9.54 -27.73
N ALA B 123 -26.55 -8.71 -26.71
CA ALA B 123 -25.34 -7.89 -26.67
C ALA B 123 -24.10 -8.75 -26.37
N MET B 124 -24.31 -9.91 -25.76
CA MET B 124 -23.20 -10.79 -25.42
C MET B 124 -22.88 -11.69 -26.61
N THR B 125 -23.91 -12.08 -27.35
CA THR B 125 -23.69 -12.90 -28.53
C THR B 125 -22.88 -12.02 -29.49
N TYR B 126 -23.25 -10.74 -29.55
CA TYR B 126 -22.56 -9.78 -30.41
C TYR B 126 -21.11 -9.60 -29.96
N THR B 127 -20.88 -9.13 -28.74
CA THR B 127 -19.51 -8.90 -28.29
C THR B 127 -18.71 -10.21 -28.23
N GLY B 128 -19.39 -11.31 -27.95
CA GLY B 128 -18.71 -12.60 -27.89
C GLY B 128 -18.12 -12.95 -29.25
N LEU B 129 -18.94 -12.97 -30.29
CA LEU B 129 -18.48 -13.29 -31.64
C LEU B 129 -17.41 -12.30 -32.03
N SER B 130 -17.65 -11.04 -31.72
CA SER B 130 -16.71 -9.99 -32.05
C SER B 130 -15.35 -10.25 -31.38
N CYS B 131 -15.37 -10.69 -30.13
CA CYS B 131 -14.12 -10.98 -29.42
C CYS B 131 -13.39 -12.15 -30.06
N LEU B 132 -14.13 -13.18 -30.41
CA LEU B 132 -13.53 -14.37 -31.04
C LEU B 132 -12.79 -13.99 -32.32
N ILE B 133 -13.43 -13.17 -33.15
CA ILE B 133 -12.82 -12.74 -34.40
C ILE B 133 -11.56 -11.94 -34.13
N ILE B 134 -11.60 -11.08 -33.12
CA ILE B 134 -10.46 -10.26 -32.76
C ILE B 134 -9.29 -11.12 -32.31
N LEU B 135 -9.60 -12.18 -31.57
CA LEU B 135 -8.57 -13.08 -31.06
C LEU B 135 -8.03 -14.06 -32.10
N GLY B 136 -8.58 -14.02 -33.31
CA GLY B 136 -8.09 -14.89 -34.36
C GLY B 136 -8.84 -16.20 -34.53
N ASP B 137 -9.78 -16.49 -33.64
CA ASP B 137 -10.54 -17.73 -33.75
C ASP B 137 -11.30 -17.73 -35.07
N ASP B 138 -11.62 -18.92 -35.59
CA ASP B 138 -12.31 -19.03 -36.86
C ASP B 138 -13.81 -19.31 -36.75
N LEU B 139 -14.33 -19.27 -35.54
CA LEU B 139 -15.76 -19.48 -35.29
C LEU B 139 -16.28 -20.89 -35.61
N SER B 140 -15.38 -21.85 -35.76
CA SER B 140 -15.80 -23.20 -36.07
C SER B 140 -16.60 -23.80 -34.92
N ARG B 141 -16.29 -23.41 -33.69
CA ARG B 141 -17.00 -23.94 -32.53
C ARG B 141 -18.31 -23.23 -32.22
N VAL B 142 -18.62 -22.20 -33.01
CA VAL B 142 -19.87 -21.47 -32.81
C VAL B 142 -20.99 -22.20 -33.54
N ASP B 143 -22.07 -22.51 -32.83
CA ASP B 143 -23.20 -23.17 -33.48
C ASP B 143 -23.98 -22.06 -34.16
N LYS B 144 -23.53 -21.70 -35.35
CA LYS B 144 -24.14 -20.62 -36.12
C LYS B 144 -25.65 -20.71 -36.25
N GLU B 145 -26.16 -21.88 -36.62
CA GLU B 145 -27.61 -22.03 -36.76
C GLU B 145 -28.36 -21.80 -35.46
N ALA B 146 -27.78 -22.24 -34.36
CA ALA B 146 -28.41 -22.07 -33.05
C ALA B 146 -28.47 -20.58 -32.72
N CYS B 147 -27.36 -19.88 -32.92
CA CYS B 147 -27.33 -18.46 -32.64
C CYS B 147 -28.34 -17.71 -33.47
N LEU B 148 -28.42 -18.04 -34.76
CA LEU B 148 -29.36 -17.37 -35.65
C LEU B 148 -30.80 -17.64 -35.25
N ALA B 149 -31.07 -18.87 -34.80
CA ALA B 149 -32.42 -19.21 -34.36
C ALA B 149 -32.75 -18.40 -33.13
N GLY B 150 -31.76 -18.26 -32.25
CA GLY B 150 -31.94 -17.49 -31.04
C GLY B 150 -32.20 -16.05 -31.41
N LEU B 151 -31.43 -15.52 -32.36
CA LEU B 151 -31.61 -14.13 -32.79
C LEU B 151 -33.03 -13.90 -33.29
N ARG B 152 -33.47 -14.75 -34.21
CA ARG B 152 -34.82 -14.64 -34.78
C ARG B 152 -35.90 -14.53 -33.71
N ALA B 153 -35.77 -15.36 -32.67
CA ALA B 153 -36.75 -15.37 -31.58
C ALA B 153 -36.83 -14.05 -30.83
N LEU B 154 -35.77 -13.25 -30.89
CA LEU B 154 -35.73 -11.98 -30.18
C LEU B 154 -36.42 -10.81 -30.89
N GLN B 155 -36.70 -10.95 -32.18
CA GLN B 155 -37.32 -9.85 -32.91
C GLN B 155 -38.81 -9.73 -32.68
N LEU B 156 -39.26 -8.50 -32.45
CA LEU B 156 -40.67 -8.23 -32.20
C LEU B 156 -41.41 -7.90 -33.51
N GLU B 157 -42.73 -7.81 -33.41
CA GLU B 157 -43.56 -7.50 -34.56
C GLU B 157 -43.15 -6.18 -35.21
N ASP B 158 -42.79 -5.19 -34.39
CA ASP B 158 -42.39 -3.89 -34.93
C ASP B 158 -41.00 -3.85 -35.56
N GLY B 159 -40.31 -4.98 -35.57
CA GLY B 159 -38.99 -5.02 -36.18
C GLY B 159 -37.82 -4.87 -35.24
N SER B 160 -38.05 -4.32 -34.04
CA SER B 160 -36.95 -4.17 -33.09
C SER B 160 -36.67 -5.49 -32.38
N PHE B 161 -35.67 -5.49 -31.50
CA PHE B 161 -35.28 -6.70 -30.78
C PHE B 161 -35.23 -6.54 -29.28
N CYS B 162 -35.38 -7.67 -28.60
CA CYS B 162 -35.27 -7.74 -27.14
C CYS B 162 -33.86 -8.31 -26.94
N ALA B 163 -33.37 -8.31 -25.71
CA ALA B 163 -32.03 -8.83 -25.45
C ALA B 163 -32.03 -10.31 -25.07
N VAL B 164 -33.09 -10.75 -24.39
CA VAL B 164 -33.18 -12.15 -23.96
C VAL B 164 -34.58 -12.73 -24.19
N PRO B 165 -34.64 -14.04 -24.48
CA PRO B 165 -35.94 -14.68 -24.71
C PRO B 165 -36.94 -14.54 -23.56
N GLU B 166 -36.44 -14.41 -22.33
CA GLU B 166 -37.33 -14.28 -21.18
C GLU B 166 -38.04 -12.94 -21.17
N GLY B 167 -37.56 -12.01 -21.99
CA GLY B 167 -38.17 -10.69 -22.05
C GLY B 167 -37.30 -9.58 -21.52
N SER B 168 -37.39 -8.41 -22.15
CA SER B 168 -36.63 -7.24 -21.75
C SER B 168 -37.16 -6.07 -22.54
N GLU B 169 -36.57 -4.90 -22.35
CA GLU B 169 -36.96 -3.72 -23.08
C GLU B 169 -36.49 -3.97 -24.51
N ASN B 170 -37.03 -3.23 -25.48
CA ASN B 170 -36.62 -3.39 -26.87
C ASN B 170 -36.38 -2.03 -27.48
N ASP B 171 -35.29 -1.88 -28.22
CA ASP B 171 -34.96 -0.62 -28.85
C ASP B 171 -33.84 -0.75 -29.87
N MET B 172 -33.41 0.40 -30.39
CA MET B 172 -32.36 0.45 -31.40
C MET B 172 -31.04 -0.23 -31.02
N ARG B 173 -30.66 -0.18 -29.75
CA ARG B 173 -29.41 -0.81 -29.32
C ARG B 173 -29.35 -2.25 -29.77
N PHE B 174 -30.45 -2.97 -29.57
CA PHE B 174 -30.49 -4.38 -29.93
C PHE B 174 -30.64 -4.65 -31.42
N VAL B 175 -31.15 -3.66 -32.16
CA VAL B 175 -31.29 -3.79 -33.61
C VAL B 175 -29.86 -3.83 -34.16
N TYR B 176 -29.00 -2.99 -33.58
CA TYR B 176 -27.61 -2.94 -34.00
C TYR B 176 -26.89 -4.24 -33.66
N CYS B 177 -27.16 -4.80 -32.48
CA CYS B 177 -26.53 -6.06 -32.07
C CYS B 177 -26.91 -7.14 -33.05
N ALA B 178 -28.20 -7.18 -33.39
CA ALA B 178 -28.71 -8.17 -34.34
C ALA B 178 -28.00 -8.03 -35.68
N SER B 179 -27.88 -6.80 -36.16
CA SER B 179 -27.22 -6.54 -37.42
C SER B 179 -25.77 -7.02 -37.41
N CYS B 180 -25.05 -6.73 -36.33
CA CYS B 180 -23.65 -7.14 -36.22
C CYS B 180 -23.52 -8.66 -36.21
N ILE B 181 -24.43 -9.33 -35.50
CA ILE B 181 -24.38 -10.77 -35.43
C ILE B 181 -24.58 -11.36 -36.83
N CYS B 182 -25.63 -10.91 -37.52
CA CYS B 182 -25.92 -11.39 -38.86
C CYS B 182 -24.74 -11.13 -39.79
N TYR B 183 -24.15 -9.95 -39.66
CA TYR B 183 -23.02 -9.59 -40.48
C TYR B 183 -21.82 -10.50 -40.23
N MET B 184 -21.47 -10.69 -38.96
CA MET B 184 -20.32 -11.53 -38.63
C MET B 184 -20.53 -13.00 -39.01
N LEU B 185 -21.75 -13.48 -38.87
CA LEU B 185 -22.03 -14.87 -39.24
C LEU B 185 -22.34 -14.92 -40.74
N ASN B 186 -22.23 -13.76 -41.38
CA ASN B 186 -22.48 -13.64 -42.80
C ASN B 186 -23.75 -14.38 -43.22
N ASN B 187 -24.82 -14.18 -42.46
CA ASN B 187 -26.09 -14.83 -42.72
C ASN B 187 -27.20 -13.96 -42.11
N TRP B 188 -28.06 -13.40 -42.95
CA TRP B 188 -29.12 -12.55 -42.43
C TRP B 188 -30.44 -13.25 -42.12
N SER B 189 -30.40 -14.57 -42.04
CA SER B 189 -31.62 -15.30 -41.71
C SER B 189 -31.92 -15.09 -40.24
N GLY B 190 -31.04 -14.38 -39.56
CA GLY B 190 -31.22 -14.10 -38.14
C GLY B 190 -32.27 -13.04 -37.87
N MET B 191 -32.71 -12.34 -38.91
CA MET B 191 -33.72 -11.29 -38.73
C MET B 191 -34.59 -11.11 -39.95
N ASP B 192 -35.71 -10.44 -39.75
CA ASP B 192 -36.62 -10.09 -40.82
C ASP B 192 -36.17 -8.68 -41.13
N MET B 193 -35.21 -8.57 -42.06
CA MET B 193 -34.63 -7.29 -42.44
C MET B 193 -35.62 -6.19 -42.79
N LYS B 194 -36.68 -6.56 -43.51
CA LYS B 194 -37.68 -5.57 -43.91
C LYS B 194 -38.31 -4.91 -42.69
N LYS B 195 -38.60 -5.70 -41.67
CA LYS B 195 -39.20 -5.15 -40.47
C LYS B 195 -38.21 -4.32 -39.64
N ALA B 196 -36.95 -4.75 -39.62
CA ALA B 196 -35.93 -4.01 -38.90
C ALA B 196 -35.77 -2.63 -39.54
N ILE B 197 -35.72 -2.61 -40.87
CA ILE B 197 -35.56 -1.36 -41.62
C ILE B 197 -36.74 -0.44 -41.32
N SER B 198 -37.92 -1.03 -41.23
CA SER B 198 -39.11 -0.25 -40.94
C SER B 198 -38.97 0.40 -39.55
N TYR B 199 -38.47 -0.36 -38.59
CA TYR B 199 -38.29 0.16 -37.23
C TYR B 199 -37.32 1.34 -37.26
N ILE B 200 -36.22 1.17 -37.99
CA ILE B 200 -35.21 2.21 -38.09
C ILE B 200 -35.80 3.47 -38.73
N ARG B 201 -36.57 3.33 -39.80
CA ARG B 201 -37.17 4.50 -40.44
C ARG B 201 -38.11 5.20 -39.46
N ARG B 202 -38.94 4.43 -38.79
CA ARG B 202 -39.92 4.98 -37.85
C ARG B 202 -39.30 5.68 -36.64
N SER B 203 -38.01 5.45 -36.40
CA SER B 203 -37.38 6.09 -35.26
C SER B 203 -36.90 7.49 -35.59
N MET B 204 -36.94 7.87 -36.86
CA MET B 204 -36.49 9.22 -37.23
C MET B 204 -37.39 10.28 -36.62
N SER B 205 -36.77 11.23 -35.93
CA SER B 205 -37.49 12.32 -35.27
C SER B 205 -37.74 13.50 -36.20
N TYR B 206 -38.53 14.44 -35.70
CA TYR B 206 -38.86 15.64 -36.46
C TYR B 206 -37.59 16.48 -36.61
N ASP B 207 -36.63 16.30 -35.71
CA ASP B 207 -35.38 17.06 -35.81
C ASP B 207 -34.37 16.35 -36.68
N ASN B 208 -34.81 15.24 -37.27
CA ASN B 208 -34.00 14.44 -38.20
C ASN B 208 -32.96 13.47 -37.67
N GLY B 209 -32.79 13.42 -36.35
CA GLY B 209 -31.86 12.45 -35.81
C GLY B 209 -32.67 11.18 -35.61
N LEU B 210 -32.02 10.10 -35.19
CA LEU B 210 -32.72 8.84 -34.94
C LEU B 210 -32.84 8.62 -33.43
N ALA B 211 -34.02 8.19 -32.98
CA ALA B 211 -34.25 7.93 -31.56
C ALA B 211 -34.21 6.44 -31.28
N GLN B 212 -34.36 6.07 -30.01
CA GLN B 212 -34.34 4.66 -29.61
C GLN B 212 -35.54 3.94 -30.19
N GLY B 213 -36.59 4.71 -30.44
CA GLY B 213 -37.82 4.18 -30.99
C GLY B 213 -38.72 5.32 -31.41
N ALA B 214 -39.77 5.00 -32.17
CA ALA B 214 -40.71 6.00 -32.65
C ALA B 214 -41.21 6.97 -31.58
N GLY B 215 -41.15 8.26 -31.89
CA GLY B 215 -41.62 9.28 -30.96
C GLY B 215 -40.66 9.76 -29.89
N LEU B 216 -39.63 8.96 -29.62
CA LEU B 216 -38.63 9.33 -28.61
C LEU B 216 -37.65 10.39 -29.11
N GLU B 217 -36.95 11.02 -28.17
CA GLU B 217 -35.95 12.05 -28.48
C GLU B 217 -34.79 11.45 -29.29
N SER B 218 -34.45 12.05 -30.42
CA SER B 218 -33.35 11.53 -31.24
C SER B 218 -32.09 11.60 -30.38
N HIS B 219 -31.19 10.62 -30.58
CA HIS B 219 -30.00 10.53 -29.75
C HIS B 219 -28.80 10.02 -30.53
N GLY B 220 -27.62 10.51 -30.18
CA GLY B 220 -26.40 10.10 -30.87
C GLY B 220 -26.17 8.60 -30.83
N GLY B 221 -26.53 7.96 -29.71
CA GLY B 221 -26.34 6.54 -29.58
C GLY B 221 -27.24 5.76 -30.53
N SER B 222 -28.52 6.10 -30.56
CA SER B 222 -29.47 5.40 -31.43
C SER B 222 -29.26 5.76 -32.90
N THR B 223 -28.81 6.99 -33.16
CA THR B 223 -28.56 7.38 -34.55
C THR B 223 -27.41 6.51 -35.07
N PHE B 224 -26.41 6.28 -34.23
CA PHE B 224 -25.31 5.42 -34.67
C PHE B 224 -25.83 4.02 -34.91
N CYS B 225 -26.60 3.49 -33.96
CA CYS B 225 -27.12 2.14 -34.09
C CYS B 225 -27.96 1.97 -35.36
N GLY B 226 -28.79 2.97 -35.65
CA GLY B 226 -29.62 2.90 -36.83
C GLY B 226 -28.82 2.96 -38.12
N ILE B 227 -28.04 4.03 -38.28
CA ILE B 227 -27.21 4.20 -39.47
C ILE B 227 -26.24 3.04 -39.68
N ALA B 228 -25.55 2.63 -38.62
CA ALA B 228 -24.58 1.53 -38.72
C ALA B 228 -25.26 0.22 -39.12
N SER B 229 -26.47 -0.01 -38.61
CA SER B 229 -27.19 -1.23 -38.97
C SER B 229 -27.47 -1.23 -40.47
N LEU B 230 -27.98 -0.11 -40.98
CA LEU B 230 -28.27 -0.01 -42.41
C LEU B 230 -27.02 -0.22 -43.24
N CYS B 231 -25.90 0.36 -42.82
CA CYS B 231 -24.66 0.19 -43.57
C CYS B 231 -24.25 -1.27 -43.54
N LEU B 232 -24.38 -1.92 -42.40
CA LEU B 232 -24.03 -3.32 -42.29
C LEU B 232 -24.91 -4.15 -43.24
N MET B 233 -26.16 -3.72 -43.40
CA MET B 233 -27.11 -4.41 -44.30
C MET B 233 -26.84 -3.98 -45.74
N GLY B 234 -26.08 -2.89 -45.89
CA GLY B 234 -25.79 -2.37 -47.21
C GLY B 234 -27.06 -1.79 -47.82
N LYS B 235 -27.79 -1.01 -47.04
CA LYS B 235 -29.02 -0.42 -47.53
C LYS B 235 -29.24 1.03 -47.13
N LEU B 236 -28.18 1.73 -46.79
CA LEU B 236 -28.30 3.13 -46.38
C LEU B 236 -29.01 3.93 -47.47
N GLU B 237 -28.44 3.90 -48.67
CA GLU B 237 -28.96 4.62 -49.84
C GLU B 237 -30.39 4.24 -50.18
N GLU B 238 -30.68 2.95 -50.09
CA GLU B 238 -31.99 2.43 -50.41
C GLU B 238 -33.08 2.84 -49.42
N VAL B 239 -32.73 2.95 -48.15
CA VAL B 239 -33.71 3.31 -47.12
C VAL B 239 -33.97 4.80 -46.96
N PHE B 240 -32.93 5.62 -47.02
CA PHE B 240 -33.10 7.06 -46.88
C PHE B 240 -32.82 7.79 -48.19
N SER B 241 -33.66 8.78 -48.48
CA SER B 241 -33.49 9.57 -49.69
C SER B 241 -32.32 10.52 -49.47
N GLU B 242 -31.81 11.10 -50.56
CA GLU B 242 -30.71 12.04 -50.44
C GLU B 242 -31.08 13.18 -49.51
N LYS B 243 -32.31 13.67 -49.65
CA LYS B 243 -32.77 14.77 -48.81
C LYS B 243 -32.76 14.33 -47.36
N GLU B 244 -33.21 13.11 -47.11
CA GLU B 244 -33.24 12.56 -45.76
C GLU B 244 -31.83 12.45 -45.19
N LEU B 245 -30.92 11.86 -45.98
CA LEU B 245 -29.54 11.72 -45.54
C LEU B 245 -28.92 13.07 -45.25
N ASN B 246 -29.29 14.09 -46.01
CA ASN B 246 -28.74 15.42 -45.77
C ASN B 246 -29.23 15.97 -44.43
N ARG B 247 -30.47 15.68 -44.10
CA ARG B 247 -31.05 16.15 -42.84
C ARG B 247 -30.40 15.43 -41.67
N ILE B 248 -30.16 14.14 -41.83
CA ILE B 248 -29.53 13.34 -40.79
C ILE B 248 -28.10 13.86 -40.59
N LYS B 249 -27.40 14.10 -41.70
CA LYS B 249 -26.03 14.62 -41.64
C LYS B 249 -26.01 15.92 -40.86
N ARG B 250 -26.96 16.81 -41.16
CA ARG B 250 -27.02 18.09 -40.48
C ARG B 250 -27.18 17.90 -38.98
N TRP B 251 -28.07 16.98 -38.59
CA TRP B 251 -28.32 16.73 -37.17
C TRP B 251 -27.06 16.21 -36.49
N CYS B 252 -26.40 15.26 -37.15
CA CYS B 252 -25.18 14.68 -36.62
C CYS B 252 -24.04 15.67 -36.46
N ILE B 253 -23.74 16.42 -37.52
CA ILE B 253 -22.63 17.36 -37.42
C ILE B 253 -22.89 18.50 -36.45
N MET B 254 -24.15 18.71 -36.09
CA MET B 254 -24.48 19.77 -35.14
C MET B 254 -24.15 19.32 -33.72
N ARG B 255 -23.82 18.03 -33.55
CA ARG B 255 -23.49 17.51 -32.23
C ARG B 255 -22.12 17.94 -31.73
N GLN B 256 -21.26 18.42 -32.61
CA GLN B 256 -19.92 18.86 -32.18
C GLN B 256 -19.91 20.24 -31.53
N GLN B 257 -19.45 20.29 -30.29
CA GLN B 257 -19.32 21.53 -29.53
C GLN B 257 -17.82 21.86 -29.44
N ASN B 258 -17.04 20.80 -29.28
CA ASN B 258 -15.57 20.78 -29.20
C ASN B 258 -15.42 19.27 -29.33
N GLY B 259 -15.91 18.57 -28.30
CA GLY B 259 -15.97 17.14 -28.33
C GLY B 259 -17.41 16.97 -28.81
N TYR B 260 -18.03 15.81 -28.60
CA TYR B 260 -19.40 15.64 -29.05
C TYR B 260 -20.35 15.30 -27.91
N HIS B 261 -21.59 15.75 -28.01
CA HIS B 261 -22.61 15.42 -27.01
C HIS B 261 -23.58 14.45 -27.69
N GLY B 262 -24.46 13.83 -26.92
CA GLY B 262 -25.40 12.89 -27.51
C GLY B 262 -26.75 13.46 -27.92
N ARG B 263 -27.08 14.64 -27.41
CA ARG B 263 -28.36 15.28 -27.71
C ARG B 263 -28.19 16.78 -27.62
N PRO B 264 -29.01 17.54 -28.36
CA PRO B 264 -28.93 19.00 -28.33
C PRO B 264 -29.01 19.48 -26.88
N ASN B 265 -28.25 20.52 -26.56
CA ASN B 265 -28.24 21.12 -25.23
C ASN B 265 -27.77 20.25 -24.07
N LYS B 266 -27.01 19.21 -24.37
CA LYS B 266 -26.45 18.33 -23.33
C LYS B 266 -24.93 18.47 -23.36
N PRO B 267 -24.26 18.29 -22.21
CA PRO B 267 -22.80 18.42 -22.19
C PRO B 267 -22.09 17.31 -22.99
N VAL B 268 -20.92 17.64 -23.55
CA VAL B 268 -20.17 16.67 -24.35
C VAL B 268 -19.69 15.53 -23.48
N ASP B 269 -19.47 14.39 -24.11
CA ASP B 269 -19.02 13.18 -23.45
C ASP B 269 -18.13 12.45 -24.47
N THR B 270 -16.93 12.08 -24.02
CA THR B 270 -15.96 11.40 -24.85
C THR B 270 -16.49 10.29 -25.77
N CYS B 271 -17.31 9.39 -25.23
CA CYS B 271 -17.80 8.29 -26.06
C CYS B 271 -18.55 8.71 -27.30
N TYR B 272 -19.07 9.93 -27.32
CA TYR B 272 -19.80 10.39 -28.51
C TYR B 272 -18.88 10.74 -29.67
N SER B 273 -17.58 10.87 -29.36
CA SER B 273 -16.60 11.13 -30.39
C SER B 273 -16.63 9.92 -31.30
N PHE B 274 -17.11 8.80 -30.77
CA PHE B 274 -17.22 7.62 -31.61
C PHE B 274 -18.66 7.45 -32.11
N TRP B 275 -19.63 7.41 -31.20
CA TRP B 275 -21.03 7.23 -31.60
C TRP B 275 -21.40 8.19 -32.75
N VAL B 276 -21.20 9.49 -32.54
CA VAL B 276 -21.53 10.46 -33.56
C VAL B 276 -20.47 10.48 -34.65
N GLY B 277 -19.21 10.52 -34.24
CA GLY B 277 -18.10 10.55 -35.18
C GLY B 277 -18.19 9.41 -36.19
N ALA B 278 -18.42 8.21 -35.70
CA ALA B 278 -18.52 7.05 -36.58
C ALA B 278 -19.70 7.20 -37.55
N THR B 279 -20.79 7.79 -37.07
CA THR B 279 -21.96 7.99 -37.90
C THR B 279 -21.57 8.96 -39.00
N LEU B 280 -20.92 10.05 -38.62
CA LEU B 280 -20.49 11.04 -39.59
C LEU B 280 -19.56 10.39 -40.61
N LYS B 281 -18.72 9.47 -40.15
CA LYS B 281 -17.81 8.77 -41.04
C LYS B 281 -18.59 7.93 -42.04
N LEU B 282 -19.58 7.21 -41.55
CA LEU B 282 -20.41 6.39 -42.44
C LEU B 282 -21.17 7.25 -43.44
N LEU B 283 -21.48 8.48 -43.06
CA LEU B 283 -22.21 9.38 -43.95
C LEU B 283 -21.25 10.18 -44.83
N LYS B 284 -19.97 9.86 -44.72
CA LYS B 284 -18.92 10.51 -45.50
C LYS B 284 -18.70 12.00 -45.29
N ILE B 285 -18.97 12.52 -44.09
CA ILE B 285 -18.72 13.94 -43.86
C ILE B 285 -17.96 14.20 -42.57
N PHE B 286 -17.37 13.15 -41.99
CA PHE B 286 -16.61 13.34 -40.76
C PHE B 286 -15.42 14.23 -41.11
N GLN B 287 -14.98 14.10 -42.36
CA GLN B 287 -13.86 14.87 -42.88
C GLN B 287 -14.07 16.37 -42.77
N TYR B 288 -15.33 16.80 -42.63
CA TYR B 288 -15.63 18.23 -42.56
C TYR B 288 -15.78 18.73 -41.13
N THR B 289 -15.55 17.85 -40.16
CA THR B 289 -15.66 18.25 -38.75
C THR B 289 -14.34 18.89 -38.33
N ASN B 290 -14.33 19.50 -37.16
CA ASN B 290 -13.11 20.11 -36.64
C ASN B 290 -12.33 19.05 -35.85
N PHE B 291 -11.22 18.57 -36.42
CA PHE B 291 -10.41 17.54 -35.77
C PHE B 291 -9.71 17.97 -34.49
N GLU B 292 -9.06 19.13 -34.53
CA GLU B 292 -8.30 19.61 -33.38
C GLU B 292 -9.09 19.73 -32.09
N LYS B 293 -10.23 20.41 -32.15
CA LYS B 293 -11.05 20.58 -30.95
C LYS B 293 -11.56 19.25 -30.41
N ASN B 294 -11.87 18.32 -31.32
CA ASN B 294 -12.34 17.01 -30.91
C ASN B 294 -11.20 16.25 -30.23
N ARG B 295 -10.04 16.24 -30.87
CA ARG B 295 -8.86 15.57 -30.31
C ARG B 295 -8.48 16.16 -28.97
N ASN B 296 -8.48 17.49 -28.89
CA ASN B 296 -8.12 18.14 -27.65
C ASN B 296 -9.08 17.77 -26.53
N TYR B 297 -10.37 17.71 -26.85
CA TYR B 297 -11.34 17.34 -25.82
C TYR B 297 -11.12 15.92 -25.33
N ILE B 298 -10.99 14.97 -26.25
CA ILE B 298 -10.78 13.57 -25.89
C ILE B 298 -9.57 13.41 -24.99
N LEU B 299 -8.46 14.03 -25.37
CA LEU B 299 -7.25 13.94 -24.57
C LEU B 299 -7.40 14.58 -23.21
N SER B 300 -8.26 15.60 -23.10
CA SER B 300 -8.46 16.24 -21.82
C SER B 300 -9.14 15.32 -20.82
N THR B 301 -9.66 14.18 -21.29
CA THR B 301 -10.34 13.24 -20.39
C THR B 301 -9.45 12.03 -20.12
N GLN B 302 -8.23 12.11 -20.62
CA GLN B 302 -7.25 11.03 -20.47
C GLN B 302 -6.76 10.99 -19.03
N ASP B 303 -6.70 9.80 -18.43
CA ASP B 303 -6.18 9.71 -17.07
C ASP B 303 -4.69 9.40 -17.19
N ARG B 304 -3.86 10.43 -17.02
CA ARG B 304 -2.42 10.28 -17.16
C ARG B 304 -1.76 9.38 -16.12
N LEU B 305 -2.46 9.10 -15.03
CA LEU B 305 -1.92 8.27 -13.97
C LEU B 305 -2.26 6.79 -14.16
N VAL B 306 -3.54 6.46 -14.22
CA VAL B 306 -3.97 5.07 -14.37
C VAL B 306 -4.21 4.64 -15.82
N GLY B 307 -4.30 5.63 -16.73
CA GLY B 307 -4.54 5.30 -18.11
C GLY B 307 -6.05 5.27 -18.38
N GLY B 308 -6.43 5.04 -19.64
CA GLY B 308 -7.84 5.02 -19.98
C GLY B 308 -8.40 6.42 -20.12
N PHE B 309 -9.66 6.54 -20.50
CA PHE B 309 -10.31 7.84 -20.65
C PHE B 309 -11.61 7.87 -19.83
N ALA B 310 -12.08 9.07 -19.53
CA ALA B 310 -13.32 9.25 -18.78
C ALA B 310 -14.31 9.98 -19.69
N LYS B 311 -15.56 10.12 -19.27
CA LYS B 311 -16.53 10.81 -20.11
C LYS B 311 -16.21 12.30 -20.09
N TRP B 312 -15.76 12.79 -18.94
CA TRP B 312 -15.42 14.20 -18.78
C TRP B 312 -14.03 14.35 -18.18
N PRO B 313 -13.41 15.52 -18.37
CA PRO B 313 -12.08 15.73 -17.81
C PRO B 313 -12.12 15.70 -16.29
N ASP B 314 -11.03 15.28 -15.67
CA ASP B 314 -10.97 15.22 -14.21
C ASP B 314 -12.11 14.36 -13.68
N SER B 315 -12.33 13.24 -14.34
CA SER B 315 -13.39 12.30 -13.97
C SER B 315 -12.74 10.92 -14.02
N HIS B 316 -13.29 9.94 -13.31
CA HIS B 316 -12.69 8.62 -13.31
C HIS B 316 -12.90 7.84 -14.60
N PRO B 317 -11.83 7.24 -15.12
CA PRO B 317 -11.86 6.46 -16.37
C PRO B 317 -12.51 5.10 -16.22
N ASP B 318 -13.01 4.57 -17.33
CA ASP B 318 -13.62 3.25 -17.33
C ASP B 318 -13.33 2.58 -18.67
N ALA B 319 -13.56 1.27 -18.75
CA ALA B 319 -13.29 0.54 -19.98
C ALA B 319 -14.06 1.07 -21.19
N LEU B 320 -15.33 1.43 -20.99
CA LEU B 320 -16.15 1.93 -22.09
C LEU B 320 -15.59 3.21 -22.70
N HIS B 321 -15.30 4.21 -21.88
CA HIS B 321 -14.77 5.46 -22.42
C HIS B 321 -13.32 5.35 -22.90
N ALA B 322 -12.58 4.41 -22.32
CA ALA B 322 -11.20 4.21 -22.74
C ALA B 322 -11.26 3.70 -24.17
N TYR B 323 -12.12 2.71 -24.41
CA TYR B 323 -12.25 2.15 -25.74
C TYR B 323 -12.81 3.13 -26.76
N PHE B 324 -13.93 3.79 -26.44
CA PHE B 324 -14.51 4.72 -27.38
C PHE B 324 -13.69 5.98 -27.58
N GLY B 325 -12.95 6.39 -26.55
CA GLY B 325 -12.11 7.55 -26.70
C GLY B 325 -11.02 7.22 -27.71
N ILE B 326 -10.49 6.00 -27.60
CA ILE B 326 -9.47 5.53 -28.50
C ILE B 326 -10.04 5.41 -29.93
N CYS B 327 -11.23 4.85 -30.05
CA CYS B 327 -11.85 4.72 -31.36
C CYS B 327 -12.13 6.11 -31.93
N GLY B 328 -12.47 7.06 -31.05
CA GLY B 328 -12.73 8.42 -31.51
C GLY B 328 -11.47 9.01 -32.12
N LEU B 329 -10.35 8.77 -31.46
CA LEU B 329 -9.05 9.26 -31.93
C LEU B 329 -8.73 8.57 -33.25
N SER B 330 -9.03 7.28 -33.32
CA SER B 330 -8.78 6.49 -34.52
C SER B 330 -9.46 7.08 -35.74
N LEU B 331 -10.69 7.58 -35.56
CA LEU B 331 -11.44 8.18 -36.65
C LEU B 331 -10.62 9.27 -37.33
N MET B 332 -9.74 9.92 -36.57
CA MET B 332 -8.90 10.98 -37.14
C MET B 332 -7.47 10.49 -37.41
N GLU B 333 -7.29 9.18 -37.43
CA GLU B 333 -6.01 8.54 -37.69
C GLU B 333 -4.89 8.99 -36.77
N GLU B 334 -5.13 8.89 -35.47
CA GLU B 334 -4.18 9.23 -34.42
C GLU B 334 -2.91 8.41 -34.66
N SER B 335 -1.75 9.03 -34.49
CA SER B 335 -0.49 8.32 -34.66
C SER B 335 -0.36 7.24 -33.60
N GLY B 336 -0.37 5.99 -34.03
CA GLY B 336 -0.26 4.90 -33.08
C GLY B 336 -1.52 4.06 -32.93
N ILE B 337 -2.60 4.46 -33.60
CA ILE B 337 -3.86 3.73 -33.48
C ILE B 337 -4.41 3.20 -34.81
N CYS B 338 -4.72 1.92 -34.85
CA CYS B 338 -5.28 1.33 -36.07
C CYS B 338 -6.58 2.03 -36.44
N LYS B 339 -6.93 1.98 -37.72
CA LYS B 339 -8.17 2.58 -38.20
C LYS B 339 -9.31 1.67 -37.77
N VAL B 340 -10.36 2.27 -37.23
CA VAL B 340 -11.51 1.50 -36.79
C VAL B 340 -12.58 1.42 -37.89
N HIS B 341 -13.14 0.23 -38.06
CA HIS B 341 -14.23 0.04 -39.01
C HIS B 341 -15.41 0.68 -38.27
N PRO B 342 -15.88 1.86 -38.74
CA PRO B 342 -17.00 2.60 -38.13
C PRO B 342 -18.36 1.94 -38.01
N ALA B 343 -18.61 0.87 -38.74
CA ALA B 343 -19.92 0.25 -38.65
C ALA B 343 -19.89 -1.06 -37.88
N LEU B 344 -18.76 -1.76 -37.95
CA LEU B 344 -18.63 -3.05 -37.28
C LEU B 344 -18.07 -2.93 -35.86
N ASN B 345 -17.42 -1.82 -35.58
CA ASN B 345 -16.85 -1.55 -34.27
C ASN B 345 -15.67 -2.46 -33.89
N VAL B 346 -14.83 -2.74 -34.88
CA VAL B 346 -13.62 -3.54 -34.71
C VAL B 346 -12.57 -2.85 -35.57
N SER B 347 -11.31 -3.20 -35.42
CA SER B 347 -10.26 -2.59 -36.22
C SER B 347 -10.46 -3.02 -37.69
N THR B 348 -10.10 -2.15 -38.62
CA THR B 348 -10.24 -2.50 -40.05
C THR B 348 -9.48 -3.80 -40.30
N ARG B 349 -8.35 -3.95 -39.63
CA ARG B 349 -7.55 -5.17 -39.76
C ARG B 349 -8.43 -6.37 -39.41
N THR B 350 -9.16 -6.26 -38.31
CA THR B 350 -10.04 -7.35 -37.89
C THR B 350 -11.18 -7.53 -38.90
N SER B 351 -11.70 -6.41 -39.42
CA SER B 351 -12.79 -6.53 -40.39
C SER B 351 -12.24 -7.24 -41.64
N GLU B 352 -10.98 -6.96 -41.96
CA GLU B 352 -10.35 -7.60 -43.12
C GLU B 352 -10.23 -9.11 -42.89
N ARG B 353 -9.76 -9.49 -41.71
CA ARG B 353 -9.60 -10.90 -41.37
C ARG B 353 -10.96 -11.57 -41.44
N LEU B 354 -12.00 -10.82 -41.08
CA LEU B 354 -13.37 -11.33 -41.12
C LEU B 354 -13.77 -11.59 -42.58
N ARG B 355 -13.30 -10.73 -43.48
CA ARG B 355 -13.60 -10.89 -44.91
C ARG B 355 -12.98 -12.20 -45.40
N ASP B 356 -11.73 -12.43 -45.01
CA ASP B 356 -11.04 -13.66 -45.42
C ASP B 356 -11.80 -14.86 -44.88
N LEU B 357 -12.23 -14.75 -43.62
CA LEU B 357 -12.96 -15.82 -42.98
C LEU B 357 -14.22 -16.16 -43.78
N HIS B 358 -15.03 -15.14 -44.06
CA HIS B 358 -16.25 -15.36 -44.83
C HIS B 358 -15.93 -16.01 -46.17
N GLN B 359 -14.92 -15.49 -46.85
CA GLN B 359 -14.50 -16.04 -48.13
C GLN B 359 -14.17 -17.52 -47.94
N SER B 360 -13.26 -17.78 -47.00
CA SER B 360 -12.84 -19.15 -46.71
C SER B 360 -14.04 -20.09 -46.54
N TRP B 361 -15.09 -19.59 -45.91
CA TRP B 361 -16.28 -20.42 -45.71
C TRP B 361 -16.87 -20.85 -47.05
N LYS B 362 -17.05 -19.88 -47.94
CA LYS B 362 -17.61 -20.14 -49.27
C LYS B 362 -16.68 -21.05 -50.08
N THR B 363 -16.77 -22.35 -49.81
CA THR B 363 -15.97 -23.36 -50.50
C THR B 363 -16.69 -24.71 -50.46
N PHE C 55 57.16 -27.69 36.91
CA PHE C 55 57.87 -28.95 37.26
C PHE C 55 56.92 -30.09 37.65
N LEU C 56 56.56 -30.14 38.94
CA LEU C 56 55.68 -31.19 39.45
C LEU C 56 54.20 -30.87 39.27
N SER C 57 53.58 -31.53 38.31
CA SER C 57 52.15 -31.32 38.00
C SER C 57 51.19 -31.67 39.14
N LEU C 58 49.99 -31.08 39.09
CA LEU C 58 48.98 -31.31 40.12
C LEU C 58 48.28 -32.67 40.11
N ASP C 59 48.42 -33.41 39.01
CA ASP C 59 47.82 -34.73 38.92
C ASP C 59 48.88 -35.80 38.70
N SER C 60 50.14 -35.43 38.89
CA SER C 60 51.23 -36.38 38.74
C SER C 60 51.12 -37.38 39.87
N PRO C 61 51.45 -38.64 39.60
CA PRO C 61 51.38 -39.66 40.64
C PRO C 61 52.22 -39.23 41.85
N THR C 62 53.35 -38.58 41.57
CA THR C 62 54.27 -38.14 42.61
C THR C 62 54.09 -36.73 43.14
N TYR C 63 52.92 -36.14 42.91
CA TYR C 63 52.67 -34.79 43.40
C TYR C 63 52.66 -34.80 44.92
N VAL C 64 53.28 -33.78 45.51
CA VAL C 64 53.35 -33.67 46.96
C VAL C 64 52.78 -32.32 47.38
N LEU C 65 51.95 -32.34 48.41
CA LEU C 65 51.36 -31.11 48.92
C LEU C 65 52.49 -30.20 49.36
N TYR C 66 52.27 -28.89 49.32
CA TYR C 66 53.29 -27.92 49.72
C TYR C 66 53.59 -28.04 51.21
N ARG C 67 52.62 -28.54 51.97
CA ARG C 67 52.80 -28.70 53.41
C ARG C 67 53.81 -29.80 53.71
N ASP C 68 54.11 -30.63 52.72
CA ASP C 68 55.06 -31.73 52.87
C ASP C 68 56.32 -31.55 52.05
N ARG C 69 56.57 -30.36 51.54
CA ARG C 69 57.76 -30.11 50.75
C ARG C 69 58.80 -29.44 51.64
N ALA C 70 60.02 -29.97 51.60
CA ALA C 70 61.12 -29.45 52.39
C ALA C 70 61.48 -28.00 52.04
N GLU C 71 61.48 -27.68 50.75
CA GLU C 71 61.80 -26.33 50.30
C GLU C 71 60.80 -25.29 50.80
N TRP C 72 59.69 -25.74 51.36
CA TRP C 72 58.65 -24.84 51.86
C TRP C 72 58.43 -24.97 53.37
N ALA C 73 59.37 -25.60 54.05
CA ALA C 73 59.24 -25.79 55.48
C ALA C 73 59.38 -24.49 56.28
N ASP C 74 60.13 -23.53 55.74
CA ASP C 74 60.35 -22.26 56.42
C ASP C 74 59.13 -21.35 56.40
N ILE C 75 58.24 -21.58 55.44
CA ILE C 75 57.04 -20.76 55.26
C ILE C 75 55.83 -21.26 56.05
N ASP C 76 55.12 -20.32 56.68
CA ASP C 76 53.90 -20.63 57.42
C ASP C 76 52.70 -20.32 56.54
N PRO C 77 51.95 -21.35 56.15
CA PRO C 77 50.77 -21.15 55.30
C PRO C 77 49.75 -20.20 55.93
N VAL C 78 49.12 -19.37 55.09
CA VAL C 78 48.13 -18.42 55.55
C VAL C 78 46.75 -18.88 55.07
N PRO C 79 45.86 -19.19 56.01
CA PRO C 79 44.51 -19.65 55.68
C PRO C 79 43.55 -18.49 55.39
N GLN C 80 42.51 -18.80 54.62
CA GLN C 80 41.47 -17.83 54.28
C GLN C 80 40.37 -17.97 55.32
N ASN C 81 39.92 -16.85 55.89
CA ASN C 81 38.86 -16.91 56.89
C ASN C 81 37.72 -15.93 56.61
N ASP C 82 36.52 -16.48 56.46
CA ASP C 82 35.34 -15.68 56.17
C ASP C 82 34.55 -15.33 57.42
N GLY C 83 35.21 -15.33 58.58
CA GLY C 83 34.51 -15.00 59.81
C GLY C 83 33.53 -16.06 60.27
N PRO C 84 32.74 -15.76 61.32
CA PRO C 84 31.73 -16.67 61.90
C PRO C 84 30.67 -17.22 60.95
N SER C 85 30.11 -16.36 60.12
CA SER C 85 29.07 -16.79 59.18
C SER C 85 29.44 -16.48 57.73
N PRO C 86 30.15 -17.42 57.07
CA PRO C 86 30.56 -17.23 55.67
C PRO C 86 29.40 -17.27 54.66
N VAL C 87 29.47 -16.37 53.67
CA VAL C 87 28.47 -16.26 52.62
C VAL C 87 29.08 -16.77 51.31
N VAL C 88 28.28 -17.44 50.48
CA VAL C 88 28.73 -18.00 49.20
C VAL C 88 30.12 -18.59 49.33
N GLN C 89 30.28 -19.45 50.33
CA GLN C 89 31.53 -20.12 50.61
C GLN C 89 31.74 -21.36 49.75
N ILE C 90 32.81 -21.37 48.98
CA ILE C 90 33.13 -22.48 48.08
C ILE C 90 33.92 -23.55 48.85
N ILE C 91 33.56 -24.81 48.67
CA ILE C 91 34.30 -25.86 49.36
C ILE C 91 35.52 -26.25 48.53
N TYR C 92 36.67 -26.33 49.18
CA TYR C 92 37.91 -26.65 48.50
C TYR C 92 38.53 -27.97 48.90
N SER C 93 39.12 -28.66 47.92
CA SER C 93 39.78 -29.94 48.20
C SER C 93 41.04 -29.64 49.00
N GLU C 94 41.58 -30.67 49.64
CA GLU C 94 42.79 -30.51 50.44
C GLU C 94 43.92 -29.94 49.57
N LYS C 95 44.04 -30.50 48.37
CA LYS C 95 45.06 -30.09 47.42
C LYS C 95 44.94 -28.61 47.04
N PHE C 96 43.71 -28.20 46.74
CA PHE C 96 43.41 -26.83 46.35
C PHE C 96 43.76 -25.85 47.48
N ARG C 97 43.22 -26.12 48.66
CA ARG C 97 43.46 -25.28 49.82
C ARG C 97 44.94 -25.21 50.17
N ASP C 98 45.65 -26.33 49.96
CA ASP C 98 47.07 -26.39 50.26
C ASP C 98 47.86 -25.42 49.38
N VAL C 99 47.59 -25.44 48.07
CA VAL C 99 48.27 -24.54 47.15
C VAL C 99 48.01 -23.08 47.52
N TYR C 100 46.74 -22.73 47.73
CA TYR C 100 46.41 -21.35 48.05
C TYR C 100 46.80 -20.89 49.44
N ASP C 101 46.94 -21.82 50.39
CA ASP C 101 47.36 -21.41 51.72
C ASP C 101 48.82 -20.95 51.64
N TYR C 102 49.57 -21.52 50.71
CA TYR C 102 50.96 -21.12 50.55
C TYR C 102 51.06 -19.93 49.63
N PHE C 103 50.12 -19.80 48.69
CA PHE C 103 50.13 -18.65 47.81
C PHE C 103 49.93 -17.40 48.66
N ARG C 104 48.99 -17.46 49.59
CA ARG C 104 48.71 -16.33 50.47
C ARG C 104 49.93 -15.95 51.28
N ALA C 105 50.66 -16.96 51.75
CA ALA C 105 51.87 -16.74 52.53
C ALA C 105 52.90 -15.99 51.70
N VAL C 106 53.20 -16.51 50.52
CA VAL C 106 54.17 -15.87 49.64
C VAL C 106 53.73 -14.46 49.23
N LEU C 107 52.44 -14.28 48.94
CA LEU C 107 51.88 -12.99 48.55
C LEU C 107 52.03 -11.98 49.67
N GLN C 108 51.60 -12.39 50.85
CA GLN C 108 51.66 -11.54 52.03
C GLN C 108 53.05 -11.03 52.35
N ARG C 109 54.06 -11.79 51.96
CA ARG C 109 55.43 -11.39 52.23
C ARG C 109 56.11 -10.85 50.99
N ASP C 110 55.36 -10.76 49.91
CA ASP C 110 55.88 -10.25 48.65
C ASP C 110 57.22 -10.90 48.34
N GLU C 111 57.31 -12.21 48.56
CA GLU C 111 58.54 -12.94 48.29
C GLU C 111 58.78 -13.11 46.79
N ARG C 112 59.78 -12.41 46.26
CA ARG C 112 60.11 -12.49 44.84
C ARG C 112 61.04 -13.67 44.54
N SER C 113 60.63 -14.88 44.93
CA SER C 113 61.45 -16.07 44.73
C SER C 113 61.08 -16.93 43.54
N GLU C 114 61.98 -17.84 43.18
CA GLU C 114 61.75 -18.75 42.07
C GLU C 114 60.73 -19.80 42.49
N ARG C 115 60.69 -20.10 43.79
CA ARG C 115 59.71 -21.08 44.25
C ARG C 115 58.31 -20.49 44.21
N ALA C 116 58.20 -19.18 44.45
CA ALA C 116 56.92 -18.50 44.41
C ALA C 116 56.44 -18.49 42.96
N PHE C 117 57.36 -18.26 42.04
CA PHE C 117 57.01 -18.23 40.62
C PHE C 117 56.40 -19.57 40.22
N LYS C 118 57.03 -20.67 40.63
CA LYS C 118 56.53 -22.00 40.31
C LYS C 118 55.19 -22.24 41.00
N LEU C 119 55.02 -21.65 42.18
CA LEU C 119 53.77 -21.81 42.90
C LEU C 119 52.61 -21.16 42.13
N THR C 120 52.87 -20.05 41.44
CA THR C 120 51.80 -19.39 40.70
C THR C 120 51.29 -20.26 39.58
N ARG C 121 52.16 -21.09 39.02
CA ARG C 121 51.75 -21.97 37.93
C ARG C 121 50.67 -22.93 38.43
N ASP C 122 50.80 -23.40 39.66
CA ASP C 122 49.84 -24.30 40.25
C ASP C 122 48.56 -23.55 40.60
N ALA C 123 48.70 -22.37 41.19
CA ALA C 123 47.55 -21.56 41.57
C ALA C 123 46.72 -21.23 40.34
N ILE C 124 47.40 -20.99 39.23
CA ILE C 124 46.71 -20.69 37.99
C ILE C 124 45.99 -21.91 37.45
N GLU C 125 46.61 -23.08 37.56
CA GLU C 125 45.96 -24.28 37.06
C GLU C 125 44.69 -24.52 37.84
N LEU C 126 44.72 -24.20 39.13
CA LEU C 126 43.55 -24.39 39.99
C LEU C 126 42.46 -23.35 39.72
N ASN C 127 42.86 -22.12 39.40
CA ASN C 127 41.94 -21.04 39.13
C ASN C 127 42.56 -19.93 38.29
N ALA C 128 42.41 -20.03 36.97
CA ALA C 128 42.96 -19.05 36.06
C ALA C 128 42.26 -17.70 36.10
N ALA C 129 41.17 -17.61 36.86
CA ALA C 129 40.42 -16.35 36.93
C ALA C 129 40.85 -15.47 38.08
N ASN C 130 41.82 -15.94 38.86
CA ASN C 130 42.30 -15.15 39.99
C ASN C 130 43.29 -14.09 39.48
N TYR C 131 42.77 -12.89 39.23
CA TYR C 131 43.60 -11.80 38.70
C TYR C 131 44.80 -11.42 39.57
N THR C 132 44.67 -11.58 40.88
CA THR C 132 45.78 -11.25 41.77
C THR C 132 46.96 -12.19 41.48
N VAL C 133 46.67 -13.47 41.26
CA VAL C 133 47.70 -14.42 40.96
C VAL C 133 48.44 -14.01 39.70
N TRP C 134 47.69 -13.62 38.67
CA TRP C 134 48.33 -13.18 37.43
C TRP C 134 49.19 -11.93 37.63
N HIS C 135 48.73 -11.01 38.48
CA HIS C 135 49.49 -9.80 38.71
C HIS C 135 50.81 -10.13 39.39
N PHE C 136 50.74 -10.94 40.43
CA PHE C 136 51.93 -11.35 41.17
C PHE C 136 52.88 -12.06 40.22
N ARG C 137 52.35 -12.93 39.37
CA ARG C 137 53.21 -13.64 38.44
C ARG C 137 53.94 -12.65 37.55
N ARG C 138 53.27 -11.57 37.18
CA ARG C 138 53.91 -10.56 36.33
C ARG C 138 55.00 -9.84 37.12
N VAL C 139 54.75 -9.60 38.41
CA VAL C 139 55.74 -8.96 39.26
C VAL C 139 56.99 -9.85 39.24
N LEU C 140 56.79 -11.15 39.44
CA LEU C 140 57.89 -12.12 39.46
C LEU C 140 58.58 -12.22 38.11
N LEU C 141 57.82 -12.17 37.01
CA LEU C 141 58.44 -12.25 35.70
C LEU C 141 59.49 -11.15 35.57
N ARG C 142 59.18 -9.97 36.13
CA ARG C 142 60.09 -8.84 36.07
C ARG C 142 61.25 -9.02 37.06
N SER C 143 60.91 -9.19 38.34
CA SER C 143 61.93 -9.38 39.37
C SER C 143 62.97 -10.42 38.99
N LEU C 144 62.52 -11.59 38.57
CA LEU C 144 63.42 -12.68 38.20
C LEU C 144 63.90 -12.59 36.76
N GLN C 145 63.48 -11.55 36.05
CA GLN C 145 63.88 -11.39 34.66
C GLN C 145 63.76 -12.70 33.89
N LYS C 146 62.56 -13.28 33.93
CA LYS C 146 62.31 -14.54 33.24
C LYS C 146 62.23 -14.35 31.74
N ASP C 147 62.44 -15.44 31.01
CA ASP C 147 62.38 -15.41 29.55
C ASP C 147 60.93 -15.18 29.12
N LEU C 148 60.64 -13.99 28.59
CA LEU C 148 59.28 -13.66 28.17
C LEU C 148 58.81 -14.44 26.96
N GLN C 149 59.73 -14.93 26.14
CA GLN C 149 59.33 -15.69 24.97
C GLN C 149 58.77 -17.02 25.45
N GLU C 150 59.26 -17.47 26.60
CA GLU C 150 58.79 -18.72 27.20
C GLU C 150 57.40 -18.49 27.78
N GLU C 151 57.19 -17.33 28.39
CA GLU C 151 55.90 -17.01 28.99
C GLU C 151 54.86 -16.91 27.87
N MET C 152 55.27 -16.49 26.68
CA MET C 152 54.35 -16.39 25.56
C MET C 152 53.82 -17.78 25.21
N ASN C 153 54.68 -18.78 25.21
CA ASN C 153 54.23 -20.14 24.91
C ASN C 153 53.25 -20.58 25.97
N TYR C 154 53.54 -20.24 27.22
CA TYR C 154 52.69 -20.59 28.35
C TYR C 154 51.28 -20.01 28.21
N ILE C 155 51.21 -18.69 28.06
CA ILE C 155 49.92 -18.03 27.93
C ILE C 155 49.21 -18.48 26.66
N ILE C 156 49.97 -18.85 25.63
CA ILE C 156 49.33 -19.29 24.39
C ILE C 156 48.54 -20.58 24.64
N ALA C 157 49.11 -21.47 25.45
CA ALA C 157 48.45 -22.71 25.77
C ALA C 157 47.27 -22.48 26.73
N ILE C 158 47.49 -21.62 27.72
CA ILE C 158 46.44 -21.31 28.70
C ILE C 158 45.19 -20.74 28.02
N ILE C 159 45.38 -19.79 27.13
CA ILE C 159 44.26 -19.17 26.44
C ILE C 159 43.50 -20.19 25.58
N GLU C 160 44.22 -21.09 24.92
CA GLU C 160 43.54 -22.09 24.09
C GLU C 160 42.57 -22.92 24.92
N GLU C 161 42.94 -23.18 26.17
CA GLU C 161 42.11 -23.97 27.07
C GLU C 161 40.99 -23.14 27.71
N GLN C 162 41.20 -21.83 27.84
CA GLN C 162 40.20 -20.96 28.46
C GLN C 162 40.10 -19.65 27.69
N PRO C 163 39.63 -19.72 26.45
CA PRO C 163 39.50 -18.56 25.57
C PRO C 163 38.50 -17.48 25.98
N LYS C 164 37.73 -17.73 27.02
CA LYS C 164 36.73 -16.73 27.45
C LYS C 164 37.06 -16.12 28.80
N ASN C 165 38.31 -16.28 29.22
CA ASN C 165 38.75 -15.75 30.51
C ASN C 165 39.37 -14.35 30.27
N TYR C 166 38.95 -13.36 31.06
CA TYR C 166 39.46 -12.00 30.91
C TYR C 166 40.93 -11.84 31.32
N GLN C 167 41.31 -12.46 32.43
CA GLN C 167 42.67 -12.36 32.94
C GLN C 167 43.74 -12.86 31.97
N VAL C 168 43.49 -13.98 31.31
CA VAL C 168 44.49 -14.53 30.40
C VAL C 168 44.72 -13.66 29.17
N TRP C 169 43.67 -13.02 28.66
CA TRP C 169 43.88 -12.14 27.50
C TRP C 169 44.62 -10.88 27.94
N HIS C 170 44.33 -10.40 29.14
CA HIS C 170 44.99 -9.21 29.65
C HIS C 170 46.49 -9.51 29.82
N HIS C 171 46.79 -10.69 30.36
CA HIS C 171 48.16 -11.09 30.57
C HIS C 171 48.92 -11.10 29.25
N ARG C 172 48.32 -11.71 28.23
CA ARG C 172 48.97 -11.78 26.94
C ARG C 172 49.22 -10.39 26.36
N ARG C 173 48.28 -9.48 26.58
CA ARG C 173 48.46 -8.14 26.05
C ARG C 173 49.62 -7.44 26.73
N VAL C 174 49.74 -7.59 28.04
CA VAL C 174 50.84 -6.97 28.76
C VAL C 174 52.16 -7.51 28.21
N LEU C 175 52.22 -8.82 27.97
CA LEU C 175 53.45 -9.45 27.43
C LEU C 175 53.83 -8.87 26.09
N VAL C 176 52.86 -8.80 25.18
CA VAL C 176 53.15 -8.26 23.86
C VAL C 176 53.63 -6.81 23.96
N GLU C 177 53.10 -6.07 24.92
CA GLU C 177 53.53 -4.69 25.12
C GLU C 177 54.99 -4.69 25.60
N TRP C 178 55.29 -5.57 26.55
CA TRP C 178 56.65 -5.67 27.07
C TRP C 178 57.65 -6.01 25.97
N LEU C 179 57.31 -7.01 25.16
CA LEU C 179 58.20 -7.44 24.09
C LEU C 179 58.19 -6.54 22.87
N LYS C 180 57.17 -5.71 22.73
CA LYS C 180 57.04 -4.85 21.56
C LYS C 180 57.13 -5.74 20.31
N ASP C 181 56.71 -6.98 20.47
CA ASP C 181 56.75 -7.97 19.38
C ASP C 181 55.35 -8.54 19.09
N PRO C 182 54.74 -8.13 17.96
CA PRO C 182 53.41 -8.61 17.61
C PRO C 182 53.44 -9.70 16.55
N SER C 183 54.63 -10.19 16.23
CA SER C 183 54.81 -11.20 15.19
C SER C 183 53.98 -12.48 15.28
N GLN C 184 53.61 -12.91 16.49
CA GLN C 184 52.81 -14.13 16.62
C GLN C 184 51.31 -13.86 16.71
N GLU C 185 50.94 -12.64 17.11
CA GLU C 185 49.54 -12.28 17.31
C GLU C 185 48.48 -12.61 16.26
N LEU C 186 48.60 -12.08 15.05
CA LEU C 186 47.57 -12.36 14.06
C LEU C 186 47.31 -13.85 13.80
N GLU C 187 48.35 -14.67 13.79
CA GLU C 187 48.16 -16.10 13.56
C GLU C 187 47.52 -16.77 14.78
N PHE C 188 47.97 -16.39 15.97
CA PHE C 188 47.42 -16.96 17.20
C PHE C 188 45.92 -16.68 17.28
N ILE C 189 45.54 -15.44 17.04
CA ILE C 189 44.16 -15.03 17.10
C ILE C 189 43.34 -15.79 16.05
N ALA C 190 43.88 -15.91 14.84
CA ALA C 190 43.17 -16.63 13.78
C ALA C 190 42.88 -18.07 14.22
N ASP C 191 43.78 -18.67 14.99
CA ASP C 191 43.56 -20.03 15.47
C ASP C 191 42.43 -20.05 16.50
N ILE C 192 42.43 -19.08 17.40
CA ILE C 192 41.37 -19.00 18.42
C ILE C 192 40.04 -18.75 17.71
N LEU C 193 40.04 -17.86 16.73
CA LEU C 193 38.83 -17.54 16.01
C LEU C 193 38.36 -18.77 15.22
N ASN C 194 39.23 -19.77 15.13
CA ASN C 194 38.85 -20.97 14.41
C ASN C 194 37.96 -21.85 15.27
N GLN C 195 38.12 -21.78 16.58
CA GLN C 195 37.28 -22.57 17.47
C GLN C 195 35.99 -21.79 17.78
N ASP C 196 36.03 -20.46 17.68
CA ASP C 196 34.87 -19.60 17.92
C ASP C 196 35.07 -18.29 17.18
N ALA C 197 34.51 -18.22 15.98
CA ALA C 197 34.65 -17.04 15.12
C ALA C 197 34.04 -15.76 15.66
N LYS C 198 33.39 -15.83 16.82
CA LYS C 198 32.75 -14.65 17.38
C LYS C 198 33.23 -14.31 18.78
N ASN C 199 34.32 -14.95 19.21
CA ASN C 199 34.91 -14.71 20.52
C ASN C 199 35.23 -13.21 20.67
N TYR C 200 34.50 -12.53 21.53
CA TYR C 200 34.70 -11.08 21.71
C TYR C 200 36.12 -10.75 22.14
N HIS C 201 36.69 -11.55 23.03
CA HIS C 201 38.05 -11.32 23.52
C HIS C 201 39.06 -11.36 22.38
N ALA C 202 38.92 -12.34 21.50
CA ALA C 202 39.82 -12.49 20.37
C ALA C 202 39.77 -11.28 19.45
N TRP C 203 38.56 -10.86 19.07
CA TRP C 203 38.44 -9.71 18.18
C TRP C 203 38.98 -8.44 18.84
N GLN C 204 38.79 -8.31 20.15
CA GLN C 204 39.25 -7.13 20.86
C GLN C 204 40.78 -7.11 20.82
N HIS C 205 41.38 -8.25 21.10
CA HIS C 205 42.83 -8.35 21.09
C HIS C 205 43.36 -8.08 19.68
N ARG C 206 42.66 -8.62 18.69
CA ARG C 206 43.09 -8.44 17.30
C ARG C 206 43.07 -6.96 16.89
N GLN C 207 42.05 -6.22 17.32
CA GLN C 207 41.99 -4.81 16.97
C GLN C 207 43.09 -4.04 17.70
N TRP C 208 43.37 -4.41 18.94
CA TRP C 208 44.42 -3.73 19.68
C TRP C 208 45.77 -3.94 19.00
N VAL C 209 46.11 -5.19 18.69
CA VAL C 209 47.37 -5.49 18.02
C VAL C 209 47.52 -4.73 16.72
N ILE C 210 46.50 -4.79 15.87
CA ILE C 210 46.56 -4.11 14.58
C ILE C 210 46.75 -2.61 14.71
N GLN C 211 46.03 -1.99 15.64
CA GLN C 211 46.13 -0.56 15.83
C GLN C 211 47.47 -0.16 16.45
N GLU C 212 47.87 -0.89 17.48
CA GLU C 212 49.10 -0.60 18.20
C GLU C 212 50.38 -0.76 17.37
N PHE C 213 50.41 -1.75 16.49
CA PHE C 213 51.59 -1.98 15.68
C PHE C 213 51.35 -1.74 14.20
N ARG C 214 50.27 -1.05 13.88
CA ARG C 214 49.91 -0.72 12.50
C ARG C 214 50.06 -1.92 11.56
N LEU C 215 49.30 -2.97 11.79
CA LEU C 215 49.34 -4.16 10.95
C LEU C 215 48.07 -4.24 10.10
N TRP C 216 47.78 -3.17 9.37
CA TRP C 216 46.58 -3.11 8.54
C TRP C 216 46.67 -3.83 7.19
N ASP C 217 47.87 -3.93 6.67
CA ASP C 217 48.14 -4.52 5.36
C ASP C 217 47.32 -5.70 4.88
N ASN C 218 47.11 -6.70 5.72
CA ASN C 218 46.37 -7.88 5.27
C ASN C 218 45.01 -8.14 5.91
N GLU C 219 44.57 -7.27 6.80
CA GLU C 219 43.30 -7.51 7.46
C GLU C 219 42.07 -7.49 6.55
N LEU C 220 42.01 -6.58 5.59
CA LEU C 220 40.85 -6.55 4.71
C LEU C 220 40.71 -7.86 3.93
N GLN C 221 41.83 -8.52 3.68
CA GLN C 221 41.82 -9.77 2.96
C GLN C 221 41.35 -10.88 3.92
N TYR C 222 41.76 -10.77 5.18
CA TYR C 222 41.38 -11.75 6.19
C TYR C 222 39.87 -11.67 6.37
N VAL C 223 39.35 -10.45 6.39
CA VAL C 223 37.93 -10.20 6.53
C VAL C 223 37.17 -10.81 5.36
N ASP C 224 37.68 -10.64 4.15
CA ASP C 224 37.03 -11.19 2.95
C ASP C 224 36.95 -12.70 3.02
N GLN C 225 37.99 -13.32 3.56
CA GLN C 225 38.04 -14.76 3.67
C GLN C 225 37.03 -15.28 4.69
N LEU C 226 36.91 -14.60 5.82
CA LEU C 226 35.97 -15.03 6.85
C LEU C 226 34.52 -14.81 6.43
N LEU C 227 34.25 -13.73 5.70
CA LEU C 227 32.89 -13.48 5.26
C LEU C 227 32.46 -14.57 4.29
N LYS C 228 33.40 -15.19 3.61
CA LYS C 228 33.06 -16.26 2.68
C LYS C 228 32.71 -17.51 3.48
N GLU C 229 33.36 -17.70 4.62
CA GLU C 229 33.09 -18.86 5.46
C GLU C 229 31.71 -18.74 6.15
N ASP C 230 31.32 -17.51 6.46
CA ASP C 230 30.04 -17.25 7.13
C ASP C 230 29.68 -15.78 6.98
N VAL C 231 28.93 -15.46 5.94
CA VAL C 231 28.54 -14.09 5.68
C VAL C 231 27.66 -13.50 6.78
N ARG C 232 27.23 -14.33 7.71
CA ARG C 232 26.39 -13.87 8.80
C ARG C 232 27.16 -13.50 10.07
N ASN C 233 28.48 -13.70 10.08
CA ASN C 233 29.27 -13.38 11.27
C ASN C 233 29.34 -11.87 11.46
N ASN C 234 28.55 -11.35 12.39
CA ASN C 234 28.49 -9.92 12.67
C ASN C 234 29.84 -9.32 13.09
N SER C 235 30.69 -10.14 13.71
CA SER C 235 32.01 -9.71 14.15
C SER C 235 32.91 -9.36 12.98
N VAL C 236 32.83 -10.14 11.91
CA VAL C 236 33.64 -9.91 10.74
C VAL C 236 33.20 -8.64 10.01
N TRP C 237 31.90 -8.40 9.93
CA TRP C 237 31.43 -7.17 9.29
C TRP C 237 31.93 -5.98 10.09
N ASN C 238 32.02 -6.13 11.40
CA ASN C 238 32.52 -5.05 12.22
C ASN C 238 34.00 -4.82 11.94
N GLN C 239 34.74 -5.90 11.76
CA GLN C 239 36.17 -5.81 11.48
C GLN C 239 36.39 -5.11 10.14
N ARG C 240 35.54 -5.41 9.17
CA ARG C 240 35.67 -4.79 7.87
C ARG C 240 35.58 -3.27 7.99
N HIS C 241 34.60 -2.80 8.74
CA HIS C 241 34.42 -1.36 8.93
C HIS C 241 35.60 -0.78 9.72
N PHE C 242 36.15 -1.58 10.61
CA PHE C 242 37.28 -1.19 11.44
C PHE C 242 38.51 -0.94 10.56
N VAL C 243 38.79 -1.89 9.67
CA VAL C 243 39.91 -1.79 8.75
C VAL C 243 39.79 -0.58 7.83
N ILE C 244 38.69 -0.53 7.09
CA ILE C 244 38.47 0.56 6.15
C ILE C 244 38.47 1.95 6.74
N SER C 245 37.71 2.16 7.80
CA SER C 245 37.67 3.50 8.37
C SER C 245 39.00 3.92 9.01
N ASN C 246 39.88 2.97 9.26
CA ASN C 246 41.18 3.28 9.85
C ASN C 246 42.29 3.34 8.81
N THR C 247 41.96 3.04 7.55
CA THR C 247 42.95 3.12 6.50
C THR C 247 42.50 4.19 5.51
N THR C 248 41.83 3.79 4.44
CA THR C 248 41.38 4.73 3.45
C THR C 248 40.25 5.65 3.92
N GLY C 249 39.35 5.12 4.75
CA GLY C 249 38.22 5.93 5.19
C GLY C 249 37.13 5.70 4.14
N TYR C 250 35.98 6.37 4.28
CA TYR C 250 34.90 6.19 3.31
C TYR C 250 34.58 7.43 2.49
N SER C 251 35.36 8.50 2.67
CA SER C 251 35.11 9.73 1.92
C SER C 251 35.51 9.61 0.46
N ASP C 252 36.33 8.62 0.13
CA ASP C 252 36.74 8.41 -1.26
C ASP C 252 35.58 7.71 -1.97
N ARG C 253 34.87 8.45 -2.80
CA ARG C 253 33.73 7.90 -3.52
C ARG C 253 34.01 6.57 -4.21
N ALA C 254 35.26 6.30 -4.55
CA ALA C 254 35.60 5.04 -5.19
C ALA C 254 35.52 3.92 -4.16
N VAL C 255 35.93 4.24 -2.93
CA VAL C 255 35.89 3.27 -1.85
C VAL C 255 34.43 3.00 -1.45
N LEU C 256 33.69 4.07 -1.23
CA LEU C 256 32.29 3.95 -0.85
C LEU C 256 31.54 3.09 -1.86
N GLU C 257 31.79 3.34 -3.14
CA GLU C 257 31.12 2.60 -4.20
C GLU C 257 31.51 1.12 -4.16
N ARG C 258 32.80 0.87 -3.96
CA ARG C 258 33.27 -0.50 -3.90
C ARG C 258 32.57 -1.24 -2.76
N GLU C 259 32.50 -0.58 -1.60
CA GLU C 259 31.88 -1.16 -0.41
C GLU C 259 30.37 -1.37 -0.56
N VAL C 260 29.67 -0.36 -1.06
CA VAL C 260 28.24 -0.48 -1.25
C VAL C 260 27.97 -1.63 -2.22
N GLN C 261 28.74 -1.69 -3.29
CA GLN C 261 28.57 -2.73 -4.29
C GLN C 261 28.87 -4.11 -3.70
N TYR C 262 29.92 -4.19 -2.88
CA TYR C 262 30.31 -5.44 -2.24
C TYR C 262 29.22 -5.97 -1.32
N THR C 263 28.62 -5.06 -0.54
CA THR C 263 27.56 -5.43 0.38
C THR C 263 26.32 -5.90 -0.35
N LEU C 264 25.93 -5.19 -1.41
CA LEU C 264 24.76 -5.58 -2.20
C LEU C 264 24.97 -6.98 -2.76
N GLU C 265 26.20 -7.30 -3.16
CA GLU C 265 26.50 -8.63 -3.67
C GLU C 265 26.26 -9.66 -2.58
N MET C 266 26.71 -9.35 -1.37
CA MET C 266 26.55 -10.24 -0.23
C MET C 266 25.07 -10.39 0.14
N ILE C 267 24.33 -9.29 0.08
CA ILE C 267 22.91 -9.32 0.40
C ILE C 267 22.19 -10.20 -0.60
N LYS C 268 22.61 -10.13 -1.86
CA LYS C 268 22.01 -10.94 -2.92
C LYS C 268 22.22 -12.43 -2.65
N LEU C 269 23.37 -12.79 -2.07
CA LEU C 269 23.66 -14.19 -1.75
C LEU C 269 22.83 -14.69 -0.58
N VAL C 270 22.66 -13.86 0.44
CA VAL C 270 21.88 -14.22 1.62
C VAL C 270 21.13 -12.96 2.05
N PRO C 271 19.98 -12.70 1.41
CA PRO C 271 19.14 -11.52 1.68
C PRO C 271 18.71 -11.31 3.13
N HIS C 272 18.52 -12.39 3.88
CA HIS C 272 18.11 -12.26 5.28
C HIS C 272 19.34 -12.29 6.17
N ASN C 273 20.03 -11.16 6.22
CA ASN C 273 21.26 -11.03 7.02
C ASN C 273 21.34 -9.62 7.57
N GLU C 274 20.98 -9.46 8.84
CA GLU C 274 21.00 -8.15 9.46
C GLU C 274 22.37 -7.47 9.38
N SER C 275 23.41 -8.26 9.61
CA SER C 275 24.77 -7.71 9.59
C SER C 275 25.10 -6.98 8.29
N ALA C 276 24.81 -7.61 7.16
CA ALA C 276 25.08 -7.00 5.86
C ALA C 276 24.29 -5.71 5.73
N TRP C 277 23.01 -5.76 6.06
CA TRP C 277 22.18 -4.57 5.96
C TRP C 277 22.61 -3.46 6.91
N ASN C 278 23.08 -3.82 8.11
CA ASN C 278 23.51 -2.79 9.05
C ASN C 278 24.75 -2.09 8.54
N TYR C 279 25.62 -2.85 7.87
CA TYR C 279 26.85 -2.29 7.31
C TYR C 279 26.48 -1.30 6.21
N LEU C 280 25.64 -1.73 5.28
CA LEU C 280 25.20 -0.88 4.18
C LEU C 280 24.62 0.44 4.68
N LYS C 281 23.72 0.35 5.66
CA LYS C 281 23.09 1.55 6.21
C LYS C 281 24.13 2.34 7.02
N GLY C 282 25.02 1.62 7.69
CA GLY C 282 26.02 2.29 8.50
C GLY C 282 26.95 3.21 7.73
N ILE C 283 27.44 2.76 6.57
CA ILE C 283 28.35 3.58 5.80
C ILE C 283 27.67 4.67 4.98
N LEU C 284 26.33 4.71 5.00
CA LEU C 284 25.61 5.72 4.22
C LEU C 284 24.72 6.66 5.04
N GLN C 285 24.26 6.21 6.21
CA GLN C 285 23.36 7.03 7.01
C GLN C 285 23.80 8.45 7.33
N ASP C 286 25.10 8.64 7.56
CA ASP C 286 25.57 9.98 7.86
C ASP C 286 25.81 10.84 6.63
N ARG C 287 25.92 10.22 5.47
CA ARG C 287 26.13 10.96 4.24
C ARG C 287 24.75 11.46 3.83
N GLY C 288 23.73 10.71 4.24
CA GLY C 288 22.35 11.05 3.91
C GLY C 288 21.81 10.02 2.94
N LEU C 289 20.98 9.10 3.43
CA LEU C 289 20.44 8.04 2.59
C LEU C 289 19.66 8.53 1.36
N SER C 290 19.00 9.67 1.47
CA SER C 290 18.22 10.18 0.35
C SER C 290 19.05 10.80 -0.77
N ARG C 291 20.37 10.87 -0.62
CA ARG C 291 21.22 11.46 -1.65
C ARG C 291 21.65 10.44 -2.71
N TYR C 292 21.15 9.21 -2.61
CA TYR C 292 21.52 8.16 -3.56
C TYR C 292 20.36 7.59 -4.37
N PRO C 293 19.85 8.39 -5.33
CA PRO C 293 18.72 7.97 -6.18
C PRO C 293 18.80 6.56 -6.78
N ASN C 294 19.98 6.15 -7.23
CA ASN C 294 20.11 4.84 -7.82
C ASN C 294 19.94 3.72 -6.81
N LEU C 295 20.36 3.97 -5.57
CA LEU C 295 20.25 2.97 -4.53
C LEU C 295 18.77 2.71 -4.29
N LEU C 296 17.98 3.77 -4.14
CA LEU C 296 16.55 3.61 -3.91
C LEU C 296 15.93 2.72 -4.97
N ASN C 297 16.20 3.02 -6.23
CA ASN C 297 15.64 2.23 -7.33
C ASN C 297 16.12 0.79 -7.36
N GLN C 298 17.39 0.58 -7.06
CA GLN C 298 17.93 -0.76 -7.08
C GLN C 298 17.35 -1.62 -5.96
N LEU C 299 16.97 -0.97 -4.85
CA LEU C 299 16.38 -1.71 -3.73
C LEU C 299 14.93 -2.00 -4.06
N LEU C 300 14.24 -1.04 -4.66
CA LEU C 300 12.85 -1.23 -5.02
C LEU C 300 12.74 -2.41 -6.00
N ASP C 301 13.77 -2.61 -6.81
CA ASP C 301 13.75 -3.71 -7.77
C ASP C 301 14.08 -5.05 -7.12
N LEU C 302 14.73 -5.02 -5.97
CA LEU C 302 15.06 -6.24 -5.26
C LEU C 302 13.84 -6.74 -4.50
N GLN C 303 12.99 -5.80 -4.09
CA GLN C 303 11.78 -6.12 -3.34
C GLN C 303 11.02 -7.34 -3.85
N PRO C 304 10.80 -7.41 -5.18
CA PRO C 304 10.08 -8.54 -5.78
C PRO C 304 10.52 -9.91 -5.26
N SER C 305 11.78 -10.26 -5.49
CA SER C 305 12.30 -11.55 -5.05
C SER C 305 13.08 -11.52 -3.75
N HIS C 306 14.11 -10.68 -3.70
CA HIS C 306 14.99 -10.56 -2.52
C HIS C 306 14.45 -9.75 -1.34
N SER C 307 13.13 -9.75 -1.14
CA SER C 307 12.55 -9.00 -0.03
C SER C 307 12.86 -9.62 1.33
N SER C 308 12.92 -8.76 2.35
CA SER C 308 13.19 -9.16 3.73
C SER C 308 12.82 -7.96 4.59
N PRO C 309 12.62 -8.17 5.89
CA PRO C 309 12.26 -7.03 6.73
C PRO C 309 13.35 -5.95 6.72
N TYR C 310 14.60 -6.38 6.56
CA TYR C 310 15.73 -5.46 6.54
C TYR C 310 15.62 -4.52 5.34
N LEU C 311 15.28 -5.07 4.18
CA LEU C 311 15.13 -4.26 2.98
C LEU C 311 14.01 -3.24 3.17
N ILE C 312 12.87 -3.67 3.68
CA ILE C 312 11.73 -2.77 3.89
C ILE C 312 12.11 -1.65 4.84
N ALA C 313 12.80 -2.02 5.92
CA ALA C 313 13.24 -1.05 6.91
C ALA C 313 14.16 -0.01 6.27
N PHE C 314 15.04 -0.49 5.39
CA PHE C 314 15.97 0.41 4.70
C PHE C 314 15.16 1.41 3.88
N LEU C 315 14.16 0.92 3.14
CA LEU C 315 13.33 1.81 2.35
C LEU C 315 12.67 2.86 3.26
N VAL C 316 12.11 2.41 4.37
CA VAL C 316 11.48 3.34 5.32
C VAL C 316 12.48 4.45 5.70
N ASP C 317 13.71 4.04 6.01
CA ASP C 317 14.73 4.99 6.41
C ASP C 317 15.10 5.96 5.29
N ILE C 318 15.14 5.46 4.06
CA ILE C 318 15.45 6.33 2.94
C ILE C 318 14.34 7.39 2.87
N TYR C 319 13.10 6.93 2.90
CA TYR C 319 11.97 7.85 2.85
C TYR C 319 12.00 8.85 3.98
N GLU C 320 12.37 8.42 5.18
CA GLU C 320 12.42 9.33 6.30
C GLU C 320 13.45 10.42 6.07
N ASP C 321 14.61 10.04 5.55
CA ASP C 321 15.66 11.02 5.29
C ASP C 321 15.14 12.03 4.26
N MET C 322 14.35 11.55 3.30
CA MET C 322 13.79 12.44 2.30
C MET C 322 12.92 13.48 3.02
N LEU C 323 11.94 12.98 3.79
CA LEU C 323 11.03 13.84 4.54
C LEU C 323 11.81 14.82 5.41
N GLU C 324 12.98 14.39 5.85
CA GLU C 324 13.84 15.19 6.71
C GLU C 324 14.50 16.33 5.96
N ASN C 325 14.64 16.17 4.65
CA ASN C 325 15.29 17.18 3.83
C ASN C 325 14.33 17.85 2.86
N GLN C 326 13.18 18.27 3.37
CA GLN C 326 12.16 18.96 2.58
C GLN C 326 12.10 18.50 1.12
N CYS C 327 11.77 17.23 0.92
CA CYS C 327 11.67 16.67 -0.43
C CYS C 327 10.40 17.13 -1.14
N ASP C 328 10.27 16.77 -2.41
CA ASP C 328 9.10 17.12 -3.21
C ASP C 328 8.09 15.99 -3.04
N ASN C 329 6.80 16.34 -2.98
CA ASN C 329 5.72 15.34 -2.79
C ASN C 329 5.79 14.79 -1.37
N LYS C 330 6.11 15.67 -0.42
CA LYS C 330 6.24 15.26 0.97
C LYS C 330 5.13 14.34 1.46
N GLU C 331 3.88 14.74 1.28
CA GLU C 331 2.76 13.92 1.73
C GLU C 331 2.70 12.57 1.01
N ASP C 332 3.21 12.52 -0.21
CA ASP C 332 3.19 11.29 -0.97
C ASP C 332 4.29 10.34 -0.48
N ILE C 333 5.41 10.91 -0.07
CA ILE C 333 6.53 10.13 0.45
C ILE C 333 6.13 9.55 1.81
N LEU C 334 5.57 10.41 2.66
CA LEU C 334 5.13 9.99 3.98
C LEU C 334 4.22 8.79 3.90
N ASN C 335 3.37 8.74 2.88
CA ASN C 335 2.46 7.61 2.73
C ASN C 335 3.15 6.34 2.28
N LYS C 336 4.24 6.49 1.53
CA LYS C 336 4.99 5.32 1.06
C LYS C 336 5.68 4.70 2.28
N ALA C 337 6.12 5.55 3.19
CA ALA C 337 6.78 5.11 4.41
C ALA C 337 5.77 4.41 5.32
N LEU C 338 4.65 5.08 5.58
CA LEU C 338 3.60 4.52 6.44
C LEU C 338 3.16 3.17 5.88
N GLU C 339 3.04 3.10 4.57
CA GLU C 339 2.62 1.86 3.93
C GLU C 339 3.60 0.74 4.29
N LEU C 340 4.89 1.05 4.25
CA LEU C 340 5.91 0.07 4.58
C LEU C 340 5.93 -0.25 6.09
N CYS C 341 5.73 0.77 6.93
CA CYS C 341 5.70 0.51 8.37
C CYS C 341 4.61 -0.51 8.69
N GLU C 342 3.45 -0.35 8.04
CA GLU C 342 2.31 -1.26 8.26
C GLU C 342 2.61 -2.65 7.69
N ILE C 343 3.31 -2.71 6.57
CA ILE C 343 3.65 -4.00 5.97
C ILE C 343 4.57 -4.77 6.91
N LEU C 344 5.47 -4.04 7.56
CA LEU C 344 6.41 -4.64 8.50
C LEU C 344 5.62 -5.14 9.71
N ALA C 345 4.78 -4.27 10.25
CA ALA C 345 3.96 -4.60 11.42
C ALA C 345 2.98 -5.74 11.18
N LYS C 346 2.27 -5.69 10.07
CA LYS C 346 1.27 -6.70 9.74
C LYS C 346 1.80 -8.05 9.25
N GLU C 347 2.94 -8.08 8.55
CA GLU C 347 3.45 -9.38 8.11
C GLU C 347 4.93 -9.64 7.86
N LYS C 348 5.75 -8.60 7.71
CA LYS C 348 7.16 -8.87 7.46
C LYS C 348 8.03 -8.94 8.72
N ASP C 349 7.65 -8.21 9.77
CA ASP C 349 8.41 -8.19 11.01
C ASP C 349 7.41 -8.10 12.17
N THR C 350 6.44 -9.00 12.19
CA THR C 350 5.38 -8.98 13.19
C THR C 350 5.79 -8.92 14.66
N ILE C 351 6.87 -9.58 15.04
CA ILE C 351 7.29 -9.56 16.42
C ILE C 351 7.49 -8.13 16.93
N ARG C 352 7.72 -7.20 16.00
CA ARG C 352 7.94 -5.80 16.34
C ARG C 352 6.77 -4.95 15.84
N LYS C 353 5.63 -5.60 15.63
CA LYS C 353 4.43 -4.89 15.16
C LYS C 353 4.13 -3.60 15.92
N GLU C 354 4.15 -3.66 17.25
CA GLU C 354 3.88 -2.45 18.02
C GLU C 354 4.94 -1.40 17.81
N TYR C 355 6.18 -1.83 17.53
CA TYR C 355 7.28 -0.89 17.30
C TYR C 355 7.08 -0.16 15.98
N TRP C 356 6.85 -0.94 14.93
CA TRP C 356 6.64 -0.36 13.61
C TRP C 356 5.46 0.58 13.58
N ARG C 357 4.38 0.21 14.26
CA ARG C 357 3.21 1.09 14.32
C ARG C 357 3.54 2.36 15.06
N TYR C 358 4.44 2.26 16.03
CA TYR C 358 4.89 3.41 16.80
C TYR C 358 5.74 4.31 15.90
N ILE C 359 6.55 3.69 15.06
CA ILE C 359 7.39 4.43 14.12
C ILE C 359 6.48 5.15 13.14
N GLY C 360 5.42 4.46 12.71
CA GLY C 360 4.47 5.05 11.79
C GLY C 360 3.87 6.32 12.39
N ARG C 361 3.30 6.19 13.58
CA ARG C 361 2.70 7.34 14.25
C ARG C 361 3.67 8.50 14.38
N SER C 362 4.93 8.17 14.64
CA SER C 362 5.96 9.19 14.80
C SER C 362 6.19 9.94 13.49
N LEU C 363 6.14 9.22 12.37
CA LEU C 363 6.35 9.85 11.07
C LEU C 363 5.17 10.76 10.78
N GLN C 364 3.96 10.26 11.05
CA GLN C 364 2.73 11.01 10.86
C GLN C 364 2.77 12.37 11.55
N SER C 365 2.95 12.33 12.86
CA SER C 365 2.97 13.54 13.67
C SER C 365 4.16 14.45 13.43
N LYS C 366 5.11 14.00 12.62
CA LYS C 366 6.27 14.86 12.37
C LYS C 366 6.27 15.45 10.97
N HIS C 367 5.49 14.86 10.06
CA HIS C 367 5.43 15.34 8.68
C HIS C 367 4.00 15.41 8.12
N SER C 368 3.24 16.44 8.48
CA SER C 368 1.87 16.59 7.98
C SER C 368 1.36 18.02 7.96
N LEU D 18 4.69 -22.02 30.64
CA LEU D 18 4.82 -22.72 31.97
C LEU D 18 4.71 -21.73 33.13
N ASP D 19 4.68 -22.24 34.35
CA ASP D 19 4.54 -21.40 35.54
C ASP D 19 5.84 -21.06 36.23
N PHE D 20 5.85 -19.87 36.83
CA PHE D 20 7.00 -19.36 37.55
C PHE D 20 7.06 -19.99 38.95
N LEU D 21 8.03 -20.89 39.16
CA LEU D 21 8.20 -21.57 40.45
C LEU D 21 8.90 -20.67 41.48
N ARG D 22 8.21 -19.65 41.96
CA ARG D 22 8.80 -18.70 42.91
C ARG D 22 9.52 -19.29 44.12
N ASP D 23 8.85 -20.18 44.84
CA ASP D 23 9.47 -20.76 46.02
C ASP D 23 10.76 -21.49 45.68
N ARG D 24 10.76 -22.19 44.55
CA ARG D 24 11.94 -22.92 44.13
C ARG D 24 13.11 -21.96 43.89
N HIS D 25 12.83 -20.77 43.39
CA HIS D 25 13.89 -19.82 43.15
C HIS D 25 14.36 -19.24 44.47
N VAL D 26 13.44 -19.09 45.42
CA VAL D 26 13.82 -18.58 46.72
C VAL D 26 14.84 -19.53 47.34
N ARG D 27 14.56 -20.83 47.26
CA ARG D 27 15.47 -21.82 47.81
C ARG D 27 16.80 -21.79 47.07
N PHE D 28 16.75 -21.73 45.75
CA PHE D 28 17.97 -21.69 44.94
C PHE D 28 18.88 -20.56 45.43
N PHE D 29 18.31 -19.38 45.65
CA PHE D 29 19.10 -18.24 46.11
C PHE D 29 19.64 -18.44 47.53
N GLN D 30 18.86 -19.08 48.39
CA GLN D 30 19.30 -19.33 49.76
C GLN D 30 20.50 -20.27 49.74
N ARG D 31 20.41 -21.28 48.88
CA ARG D 31 21.51 -22.23 48.75
C ARG D 31 22.78 -21.53 48.27
N CYS D 32 22.63 -20.60 47.33
CA CYS D 32 23.78 -19.86 46.81
C CYS D 32 24.50 -19.13 47.93
N LEU D 33 23.75 -18.55 48.86
CA LEU D 33 24.35 -17.82 49.98
C LEU D 33 25.05 -18.71 50.98
N GLN D 34 24.73 -19.99 50.95
CA GLN D 34 25.33 -20.91 51.91
C GLN D 34 26.64 -21.51 51.49
N VAL D 35 26.60 -22.59 50.71
CA VAL D 35 27.84 -23.23 50.28
C VAL D 35 27.82 -23.59 48.80
N LEU D 36 28.93 -23.34 48.12
CA LEU D 36 29.07 -23.65 46.71
C LEU D 36 30.06 -24.80 46.53
N PRO D 37 29.81 -25.66 45.53
CA PRO D 37 30.66 -26.83 45.21
C PRO D 37 32.04 -26.42 44.69
N GLU D 38 33.04 -27.24 45.02
CA GLU D 38 34.42 -26.98 44.62
C GLU D 38 34.51 -26.55 43.16
N ARG D 39 33.50 -26.92 42.37
CA ARG D 39 33.49 -26.60 40.95
C ARG D 39 33.22 -25.14 40.62
N TYR D 40 32.95 -24.31 41.64
CA TYR D 40 32.69 -22.89 41.39
C TYR D 40 33.86 -22.03 41.87
N SER D 41 34.99 -22.69 42.10
CA SER D 41 36.21 -22.05 42.56
C SER D 41 36.65 -20.86 41.72
N SER D 42 36.31 -20.89 40.44
CA SER D 42 36.69 -19.81 39.52
C SER D 42 35.93 -18.53 39.81
N LEU D 43 35.02 -18.57 40.77
CA LEU D 43 34.23 -17.39 41.13
C LEU D 43 34.71 -16.81 42.45
N GLU D 44 35.70 -17.47 43.05
CA GLU D 44 36.25 -17.04 44.33
C GLU D 44 36.49 -15.53 44.44
N THR D 45 37.21 -14.97 43.49
CA THR D 45 37.52 -13.54 43.55
C THR D 45 36.35 -12.63 43.25
N SER D 46 35.19 -13.21 43.00
CA SER D 46 34.03 -12.38 42.73
C SER D 46 32.80 -12.92 43.48
N ARG D 47 33.05 -13.54 44.63
CA ARG D 47 31.97 -14.11 45.44
C ARG D 47 30.97 -13.02 45.84
N LEU D 48 31.44 -11.79 46.01
CA LEU D 48 30.55 -10.70 46.38
C LEU D 48 29.49 -10.44 45.31
N THR D 49 29.84 -10.62 44.03
CA THR D 49 28.85 -10.42 42.98
C THR D 49 27.87 -11.59 42.98
N ILE D 50 28.32 -12.76 43.43
CA ILE D 50 27.42 -13.91 43.50
C ILE D 50 26.43 -13.64 44.62
N ALA D 51 26.93 -13.05 45.71
CA ALA D 51 26.08 -12.71 46.84
C ALA D 51 25.04 -11.70 46.35
N PHE D 52 25.48 -10.74 45.53
CA PHE D 52 24.59 -9.72 44.98
C PHE D 52 23.45 -10.36 44.20
N PHE D 53 23.79 -11.28 43.30
CA PHE D 53 22.77 -11.97 42.52
C PHE D 53 21.73 -12.61 43.44
N ALA D 54 22.20 -13.27 44.49
CA ALA D 54 21.33 -13.97 45.44
C ALA D 54 20.52 -13.04 46.35
N LEU D 55 21.17 -12.00 46.87
CA LEU D 55 20.49 -11.05 47.74
C LEU D 55 19.52 -10.19 46.96
N SER D 56 19.98 -9.62 45.85
CA SER D 56 19.11 -8.78 45.03
C SER D 56 18.00 -9.65 44.42
N GLY D 57 18.29 -10.93 44.27
CA GLY D 57 17.29 -11.84 43.73
C GLY D 57 16.24 -12.10 44.78
N LEU D 58 16.66 -12.31 46.01
CA LEU D 58 15.74 -12.57 47.11
C LEU D 58 14.90 -11.32 47.35
N ASP D 59 15.52 -10.16 47.17
CA ASP D 59 14.84 -8.88 47.36
C ASP D 59 13.76 -8.77 46.28
N MET D 60 14.11 -9.09 45.05
CA MET D 60 13.18 -9.02 43.94
C MET D 60 12.02 -9.99 44.14
N LEU D 61 12.25 -11.04 44.92
CA LEU D 61 11.20 -12.02 45.19
C LEU D 61 10.57 -11.73 46.55
N ASP D 62 10.96 -10.61 47.14
CA ASP D 62 10.46 -10.19 48.43
C ASP D 62 10.60 -11.32 49.46
N SER D 63 11.82 -11.85 49.59
CA SER D 63 12.11 -12.91 50.54
C SER D 63 13.40 -12.68 51.31
N LEU D 64 13.81 -11.43 51.47
CA LEU D 64 15.03 -11.16 52.21
C LEU D 64 14.95 -11.60 53.67
N ASP D 65 13.74 -11.89 54.15
CA ASP D 65 13.60 -12.30 55.54
C ASP D 65 14.20 -13.68 55.82
N VAL D 66 14.44 -14.48 54.78
CA VAL D 66 15.00 -15.82 54.97
C VAL D 66 16.51 -15.86 55.19
N VAL D 67 17.12 -14.69 55.38
CA VAL D 67 18.56 -14.60 55.62
C VAL D 67 18.82 -13.66 56.78
N ASN D 68 19.96 -13.83 57.45
CA ASN D 68 20.30 -12.96 58.57
C ASN D 68 21.01 -11.74 58.01
N LYS D 69 20.25 -10.69 57.76
CA LYS D 69 20.82 -9.47 57.20
C LYS D 69 22.01 -8.95 57.98
N ASP D 70 22.03 -9.19 59.28
CA ASP D 70 23.13 -8.71 60.11
C ASP D 70 24.42 -9.47 59.88
N ASP D 71 24.34 -10.80 59.78
CA ASP D 71 25.52 -11.61 59.53
C ASP D 71 26.14 -11.21 58.20
N ILE D 72 25.30 -11.20 57.16
CA ILE D 72 25.77 -10.85 55.82
C ILE D 72 26.35 -9.45 55.76
N ILE D 73 25.76 -8.52 56.48
CA ILE D 73 26.27 -7.15 56.48
C ILE D 73 27.68 -7.09 57.06
N GLU D 74 27.95 -7.88 58.09
CA GLU D 74 29.27 -7.90 58.71
C GLU D 74 30.27 -8.55 57.75
N TRP D 75 29.83 -9.58 57.05
CA TRP D 75 30.68 -10.26 56.10
C TRP D 75 31.09 -9.28 55.00
N ILE D 76 30.13 -8.50 54.52
CA ILE D 76 30.41 -7.54 53.47
C ILE D 76 31.39 -6.48 53.96
N TYR D 77 31.17 -5.96 55.17
CA TYR D 77 32.07 -4.95 55.69
C TYR D 77 33.48 -5.47 55.92
N SER D 78 33.61 -6.79 56.09
CA SER D 78 34.94 -7.37 56.30
C SER D 78 35.69 -7.35 54.97
N LEU D 79 34.97 -7.05 53.89
CA LEU D 79 35.57 -7.01 52.57
C LEU D 79 36.02 -5.61 52.17
N GLN D 80 35.71 -4.60 52.98
CA GLN D 80 36.11 -3.24 52.64
C GLN D 80 37.59 -2.99 52.90
N VAL D 81 38.26 -2.42 51.90
CA VAL D 81 39.66 -2.08 52.01
C VAL D 81 39.68 -0.65 52.54
N LEU D 82 39.98 -0.51 53.82
CA LEU D 82 40.02 0.80 54.46
C LEU D 82 41.39 1.44 54.38
N PRO D 83 41.45 2.77 54.44
CA PRO D 83 42.74 3.43 54.37
C PRO D 83 43.56 3.14 55.63
N THR D 84 44.88 3.06 55.48
CA THR D 84 45.76 2.79 56.60
C THR D 84 45.99 4.04 57.46
N GLU D 85 46.60 3.85 58.62
CA GLU D 85 46.88 4.95 59.54
C GLU D 85 47.41 6.17 58.80
N ASP D 86 48.48 5.96 58.03
CA ASP D 86 49.11 7.04 57.27
C ASP D 86 48.38 7.38 55.97
N ARG D 87 47.17 6.86 55.82
CA ARG D 87 46.34 7.11 54.62
C ARG D 87 47.14 7.09 53.33
N SER D 88 48.10 6.16 53.25
CA SER D 88 48.96 6.03 52.07
C SER D 88 48.42 5.11 50.98
N ASN D 89 47.33 4.41 51.27
CA ASN D 89 46.75 3.47 50.31
C ASN D 89 45.37 3.90 49.84
N LEU D 90 45.12 5.21 49.76
CA LEU D 90 43.82 5.70 49.33
C LEU D 90 43.40 5.24 47.95
N ASP D 91 44.35 5.28 47.01
CA ASP D 91 44.08 4.88 45.64
C ASP D 91 43.73 3.40 45.50
N ARG D 92 43.75 2.67 46.61
CA ARG D 92 43.47 1.24 46.57
C ARG D 92 42.27 0.83 47.41
N CYS D 93 41.53 1.81 47.90
CA CYS D 93 40.36 1.52 48.71
C CYS D 93 39.12 1.18 47.91
N GLY D 94 38.21 0.45 48.56
CA GLY D 94 36.97 0.02 47.94
C GLY D 94 36.65 -1.32 48.58
N PHE D 95 36.12 -2.27 47.81
CA PHE D 95 35.80 -3.58 48.37
C PHE D 95 36.48 -4.72 47.63
N ARG D 96 36.76 -5.80 48.35
CA ARG D 96 37.39 -6.99 47.79
C ARG D 96 36.25 -7.92 47.39
N GLY D 97 36.52 -8.85 46.48
CA GLY D 97 35.49 -9.77 46.04
C GLY D 97 35.27 -10.87 47.05
N SER D 98 36.29 -11.12 47.87
CA SER D 98 36.22 -12.16 48.91
C SER D 98 37.45 -12.03 49.78
N SER D 99 37.64 -13.01 50.67
CA SER D 99 38.77 -13.01 51.59
C SER D 99 39.95 -13.85 51.09
N TYR D 100 40.01 -14.12 49.79
CA TYR D 100 41.08 -14.95 49.24
C TYR D 100 42.53 -14.53 49.56
N LEU D 101 42.74 -13.30 50.01
CA LEU D 101 44.10 -12.88 50.32
C LEU D 101 44.59 -13.31 51.69
N GLY D 102 43.67 -13.74 52.54
CA GLY D 102 44.07 -14.18 53.87
C GLY D 102 44.14 -13.10 54.92
N ILE D 103 43.54 -11.95 54.66
CA ILE D 103 43.54 -10.87 55.64
C ILE D 103 42.55 -11.25 56.74
N PRO D 104 42.96 -11.11 58.00
CA PRO D 104 42.09 -11.45 59.13
C PRO D 104 40.74 -10.74 59.12
N PHE D 105 39.68 -11.52 59.37
CA PHE D 105 38.31 -11.02 59.40
C PHE D 105 38.16 -9.78 60.26
N ASN D 106 37.79 -8.67 59.63
CA ASN D 106 37.59 -7.40 60.35
C ASN D 106 36.46 -6.61 59.70
N PRO D 107 35.23 -6.74 60.25
CA PRO D 107 34.05 -6.04 59.74
C PRO D 107 34.12 -4.52 59.84
N SER D 108 35.04 -3.93 59.08
CA SER D 108 35.25 -2.49 59.04
C SER D 108 35.26 -1.87 60.44
N LYS D 109 36.06 -2.46 61.33
CA LYS D 109 36.20 -1.97 62.69
C LYS D 109 37.49 -1.17 62.77
N ASN D 110 38.59 -1.82 63.14
CA ASN D 110 39.89 -1.15 63.25
C ASN D 110 40.34 -0.60 61.90
N PRO D 111 41.48 0.11 61.87
CA PRO D 111 41.99 0.69 60.61
C PRO D 111 42.37 -0.41 59.63
N GLY D 112 43.20 -0.06 58.64
CA GLY D 112 43.58 -1.05 57.65
C GLY D 112 44.95 -1.70 57.86
N THR D 113 44.97 -3.03 57.92
CA THR D 113 46.22 -3.79 58.09
C THR D 113 46.95 -3.86 56.74
N ALA D 114 47.96 -3.02 56.58
CA ALA D 114 48.74 -2.95 55.34
C ALA D 114 49.10 -4.30 54.72
N HIS D 115 48.95 -4.40 53.40
CA HIS D 115 49.25 -5.62 52.66
C HIS D 115 49.67 -5.19 51.26
N PRO D 116 50.82 -5.68 50.78
CA PRO D 116 51.39 -5.38 49.45
C PRO D 116 50.46 -5.50 48.26
N TYR D 117 49.50 -6.41 48.32
CA TYR D 117 48.60 -6.63 47.19
C TYR D 117 47.11 -6.56 47.49
N ASP D 118 46.73 -5.95 48.59
CA ASP D 118 45.31 -5.84 48.93
C ASP D 118 44.71 -4.52 48.48
N SER D 119 43.77 -4.61 47.55
CA SER D 119 43.11 -3.42 47.04
C SER D 119 41.70 -3.79 46.63
N GLY D 120 40.87 -2.79 46.34
CA GLY D 120 39.51 -3.06 45.93
C GLY D 120 39.39 -3.39 44.46
N HIS D 121 38.21 -3.84 44.08
CA HIS D 121 37.90 -4.17 42.69
C HIS D 121 36.60 -3.40 42.39
N ILE D 122 36.63 -2.60 41.34
CA ILE D 122 35.47 -1.77 41.00
C ILE D 122 34.12 -2.50 40.98
N ALA D 123 34.08 -3.72 40.43
CA ALA D 123 32.83 -4.47 40.38
C ALA D 123 32.40 -4.95 41.76
N MET D 124 33.36 -5.05 42.68
CA MET D 124 33.06 -5.51 44.03
C MET D 124 32.63 -4.32 44.89
N THR D 125 33.23 -3.17 44.64
CA THR D 125 32.86 -1.97 45.37
C THR D 125 31.40 -1.71 44.97
N TYR D 126 31.11 -1.88 43.68
CA TYR D 126 29.75 -1.68 43.19
C TYR D 126 28.77 -2.67 43.83
N THR D 127 28.98 -3.97 43.62
CA THR D 127 28.06 -4.96 44.19
C THR D 127 28.04 -4.93 45.71
N GLY D 128 29.16 -4.56 46.32
CA GLY D 128 29.22 -4.49 47.76
C GLY D 128 28.29 -3.43 48.29
N LEU D 129 28.44 -2.20 47.81
CA LEU D 129 27.58 -1.09 48.22
C LEU D 129 26.13 -1.45 47.92
N SER D 130 25.91 -2.00 46.74
CA SER D 130 24.57 -2.38 46.33
C SER D 130 23.97 -3.40 47.32
N CYS D 131 24.79 -4.37 47.76
CA CYS D 131 24.30 -5.38 48.71
C CYS D 131 23.94 -4.76 50.04
N LEU D 132 24.79 -3.84 50.51
CA LEU D 132 24.55 -3.18 51.78
C LEU D 132 23.21 -2.45 51.77
N ILE D 133 22.95 -1.71 50.70
CA ILE D 133 21.69 -0.99 50.57
C ILE D 133 20.52 -1.95 50.57
N ILE D 134 20.65 -3.06 49.85
CA ILE D 134 19.60 -4.06 49.78
C ILE D 134 19.30 -4.66 51.16
N LEU D 135 20.35 -4.85 51.95
CA LEU D 135 20.20 -5.42 53.28
C LEU D 135 19.72 -4.43 54.34
N GLY D 136 19.56 -3.18 53.96
CA GLY D 136 19.06 -2.19 54.89
C GLY D 136 20.11 -1.36 55.59
N ASP D 137 21.38 -1.69 55.40
CA ASP D 137 22.44 -0.92 56.06
C ASP D 137 22.37 0.51 55.56
N ASP D 138 22.90 1.44 56.35
CA ASP D 138 22.87 2.86 56.00
C ASP D 138 24.20 3.41 55.47
N LEU D 139 25.15 2.52 55.22
CA LEU D 139 26.45 2.91 54.69
C LEU D 139 27.31 3.80 55.59
N SER D 140 26.95 3.90 56.86
CA SER D 140 27.72 4.73 57.79
C SER D 140 29.16 4.21 57.95
N ARG D 141 29.33 2.89 57.88
CA ARG D 141 30.66 2.31 58.02
C ARG D 141 31.48 2.32 56.74
N VAL D 142 30.91 2.84 55.67
CA VAL D 142 31.62 2.92 54.39
C VAL D 142 32.45 4.19 54.37
N ASP D 143 33.74 4.07 54.11
CA ASP D 143 34.60 5.25 54.04
C ASP D 143 34.36 5.80 52.63
N LYS D 144 33.29 6.58 52.49
CA LYS D 144 32.92 7.14 51.20
C LYS D 144 34.06 7.85 50.48
N GLU D 145 34.79 8.71 51.18
CA GLU D 145 35.89 9.44 50.55
C GLU D 145 36.98 8.53 50.03
N ALA D 146 37.25 7.47 50.80
CA ALA D 146 38.28 6.51 50.41
C ALA D 146 37.84 5.80 49.12
N CYS D 147 36.59 5.34 49.09
CA CYS D 147 36.08 4.66 47.92
C CYS D 147 36.13 5.56 46.69
N LEU D 148 35.74 6.82 46.86
CA LEU D 148 35.72 7.76 45.74
C LEU D 148 37.13 8.04 45.24
N ALA D 149 38.09 8.10 46.16
CA ALA D 149 39.48 8.34 45.77
C ALA D 149 39.96 7.12 44.99
N GLY D 150 39.56 5.93 45.46
CA GLY D 150 39.94 4.70 44.80
C GLY D 150 39.34 4.68 43.40
N LEU D 151 38.09 5.11 43.27
CA LEU D 151 37.41 5.13 41.98
C LEU D 151 38.14 6.04 41.01
N ARG D 152 38.43 7.27 41.45
CA ARG D 152 39.12 8.23 40.61
C ARG D 152 40.40 7.67 40.02
N ALA D 153 41.16 6.95 40.84
CA ALA D 153 42.43 6.38 40.41
C ALA D 153 42.29 5.36 39.29
N LEU D 154 41.11 4.75 39.17
CA LEU D 154 40.86 3.74 38.15
C LEU D 154 40.54 4.29 36.76
N GLN D 155 40.15 5.55 36.66
CA GLN D 155 39.80 6.11 35.37
C GLN D 155 41.01 6.42 34.50
N LEU D 156 40.93 6.06 33.22
CA LEU D 156 42.02 6.30 32.28
C LEU D 156 41.80 7.60 31.52
N GLU D 157 42.82 8.01 30.77
CA GLU D 157 42.75 9.25 30.01
C GLU D 157 41.54 9.26 29.06
N ASP D 158 41.24 8.11 28.45
CA ASP D 158 40.12 8.07 27.50
C ASP D 158 38.74 8.06 28.16
N GLY D 159 38.70 8.13 29.48
CA GLY D 159 37.41 8.17 30.16
C GLY D 159 36.91 6.85 30.71
N SER D 160 37.41 5.73 30.21
CA SER D 160 36.96 4.42 30.71
C SER D 160 37.65 4.10 32.03
N PHE D 161 37.33 2.95 32.61
CA PHE D 161 37.92 2.54 33.88
C PHE D 161 38.53 1.14 33.85
N CYS D 162 39.45 0.93 34.79
CA CYS D 162 40.11 -0.36 34.99
C CYS D 162 39.38 -0.90 36.22
N ALA D 163 39.59 -2.16 36.58
CA ALA D 163 38.92 -2.74 37.74
C ALA D 163 39.74 -2.63 39.01
N VAL D 164 41.06 -2.67 38.88
CA VAL D 164 41.94 -2.60 40.05
C VAL D 164 43.14 -1.71 39.77
N PRO D 165 43.65 -1.05 40.82
CA PRO D 165 44.80 -0.15 40.68
C PRO D 165 46.06 -0.83 40.14
N GLU D 166 46.21 -2.13 40.36
CA GLU D 166 47.38 -2.84 39.85
C GLU D 166 47.33 -2.97 38.34
N GLY D 167 46.15 -2.74 37.75
CA GLY D 167 46.03 -2.85 36.31
C GLY D 167 45.14 -3.97 35.83
N SER D 168 44.40 -3.71 34.76
CA SER D 168 43.49 -4.70 34.19
C SER D 168 43.02 -4.16 32.86
N GLU D 169 42.14 -4.91 32.21
CA GLU D 169 41.58 -4.46 30.94
C GLU D 169 40.63 -3.31 31.31
N ASN D 170 40.28 -2.48 30.34
CA ASN D 170 39.37 -1.37 30.60
C ASN D 170 38.30 -1.33 29.52
N ASP D 171 37.05 -1.15 29.94
CA ASP D 171 35.95 -1.09 28.99
C ASP D 171 34.66 -0.60 29.64
N MET D 172 33.58 -0.60 28.86
CA MET D 172 32.27 -0.14 29.29
C MET D 172 31.75 -0.76 30.59
N ARG D 173 32.03 -2.04 30.81
CA ARG D 173 31.58 -2.71 32.03
C ARG D 173 31.95 -1.90 33.27
N PHE D 174 33.19 -1.45 33.31
CA PHE D 174 33.66 -0.72 34.48
C PHE D 174 33.18 0.73 34.53
N VAL D 175 32.82 1.28 33.37
CA VAL D 175 32.27 2.64 33.32
C VAL D 175 30.93 2.59 34.07
N TYR D 176 30.17 1.52 33.85
CA TYR D 176 28.89 1.34 34.51
C TYR D 176 29.06 1.16 36.01
N CYS D 177 30.09 0.40 36.42
CA CYS D 177 30.36 0.16 37.82
C CYS D 177 30.66 1.50 38.49
N ALA D 178 31.50 2.30 37.83
CA ALA D 178 31.86 3.61 38.35
C ALA D 178 30.61 4.46 38.53
N SER D 179 29.76 4.48 37.51
CA SER D 179 28.52 5.26 37.55
C SER D 179 27.63 4.84 38.71
N CYS D 180 27.48 3.53 38.92
CA CYS D 180 26.64 3.03 40.01
C CYS D 180 27.20 3.44 41.36
N ILE D 181 28.52 3.34 41.50
CA ILE D 181 29.16 3.70 42.75
C ILE D 181 28.90 5.17 43.04
N CYS D 182 29.18 6.04 42.08
CA CYS D 182 28.96 7.48 42.26
C CYS D 182 27.51 7.76 42.59
N TYR D 183 26.60 7.05 41.93
CA TYR D 183 25.20 7.26 42.17
C TYR D 183 24.80 6.86 43.58
N MET D 184 25.21 5.67 44.01
CA MET D 184 24.86 5.18 45.34
C MET D 184 25.48 6.05 46.45
N LEU D 185 26.69 6.55 46.24
CA LEU D 185 27.32 7.39 47.24
C LEU D 185 26.87 8.83 47.00
N ASN D 186 25.96 8.98 46.06
CA ASN D 186 25.42 10.30 45.72
C ASN D 186 26.51 11.36 45.65
N ASN D 187 27.61 11.04 44.97
CA ASN D 187 28.74 11.95 44.84
C ASN D 187 29.50 11.58 43.58
N TRP D 188 29.51 12.45 42.58
CA TRP D 188 30.20 12.15 41.33
C TRP D 188 31.65 12.59 41.25
N SER D 189 32.25 12.91 42.39
CA SER D 189 33.65 13.30 42.41
C SER D 189 34.50 12.07 42.16
N GLY D 190 33.84 10.92 42.07
CA GLY D 190 34.54 9.67 41.83
C GLY D 190 35.00 9.51 40.39
N MET D 191 34.54 10.39 39.51
CA MET D 191 34.94 10.29 38.12
C MET D 191 34.94 11.64 37.41
N ASP D 192 35.61 11.69 36.27
CA ASP D 192 35.62 12.86 35.44
C ASP D 192 34.50 12.54 34.45
N MET D 193 33.28 12.94 34.80
CA MET D 193 32.11 12.67 33.99
C MET D 193 32.22 13.04 32.52
N LYS D 194 32.82 14.19 32.24
CA LYS D 194 32.98 14.61 30.85
C LYS D 194 33.75 13.60 30.01
N LYS D 195 34.79 13.01 30.60
CA LYS D 195 35.58 12.01 29.88
C LYS D 195 34.85 10.69 29.75
N ALA D 196 34.10 10.31 30.79
CA ALA D 196 33.34 9.06 30.74
C ALA D 196 32.30 9.17 29.63
N ILE D 197 31.64 10.31 29.54
CA ILE D 197 30.63 10.54 28.52
C ILE D 197 31.26 10.45 27.13
N SER D 198 32.45 10.99 27.00
CA SER D 198 33.17 10.95 25.74
C SER D 198 33.45 9.49 25.34
N TYR D 199 33.86 8.69 26.32
CA TYR D 199 34.14 7.28 26.06
C TYR D 199 32.86 6.59 25.57
N ILE D 200 31.75 6.86 26.26
CA ILE D 200 30.49 6.26 25.89
C ILE D 200 30.09 6.65 24.47
N ARG D 201 30.23 7.92 24.11
CA ARG D 201 29.87 8.33 22.75
C ARG D 201 30.74 7.65 21.72
N ARG D 202 32.04 7.61 21.97
CA ARG D 202 32.97 7.00 21.04
C ARG D 202 32.78 5.49 20.86
N SER D 203 32.02 4.87 21.74
CA SER D 203 31.81 3.44 21.63
C SER D 203 30.65 3.12 20.68
N MET D 204 29.93 4.15 20.24
CA MET D 204 28.82 3.90 19.32
C MET D 204 29.35 3.38 17.98
N SER D 205 28.79 2.26 17.53
CA SER D 205 29.19 1.64 16.28
C SER D 205 28.42 2.17 15.08
N TYR D 206 28.85 1.79 13.88
CA TYR D 206 28.19 2.21 12.65
C TYR D 206 26.79 1.59 12.59
N ASP D 207 26.58 0.48 13.30
CA ASP D 207 25.25 -0.14 13.30
C ASP D 207 24.38 0.45 14.40
N ASN D 208 24.91 1.49 15.07
CA ASN D 208 24.20 2.24 16.11
C ASN D 208 24.08 1.68 17.52
N GLY D 209 24.58 0.48 17.73
CA GLY D 209 24.56 -0.07 19.08
C GLY D 209 25.81 0.45 19.77
N LEU D 210 26.01 0.13 21.04
CA LEU D 210 27.19 0.57 21.76
C LEU D 210 28.12 -0.63 21.98
N ALA D 211 29.41 -0.44 21.75
CA ALA D 211 30.38 -1.52 21.94
C ALA D 211 31.13 -1.35 23.25
N GLN D 212 32.00 -2.31 23.57
CA GLN D 212 32.79 -2.24 24.80
C GLN D 212 33.76 -1.07 24.75
N GLY D 213 34.10 -0.65 23.52
CA GLY D 213 35.01 0.46 23.32
C GLY D 213 34.98 0.82 21.85
N ALA D 214 35.59 1.96 21.51
CA ALA D 214 35.64 2.43 20.13
C ALA D 214 36.09 1.38 19.11
N GLY D 215 35.34 1.26 18.02
CA GLY D 215 35.69 0.33 16.96
C GLY D 215 35.28 -1.12 17.15
N LEU D 216 34.96 -1.52 18.38
CA LEU D 216 34.55 -2.89 18.64
C LEU D 216 33.09 -3.13 18.23
N GLU D 217 32.72 -4.41 18.13
CA GLU D 217 31.37 -4.82 17.75
C GLU D 217 30.35 -4.37 18.81
N SER D 218 29.29 -3.70 18.41
CA SER D 218 28.27 -3.25 19.37
C SER D 218 27.69 -4.49 20.03
N HIS D 219 27.36 -4.37 21.31
CA HIS D 219 26.89 -5.53 22.07
C HIS D 219 25.81 -5.12 23.08
N GLY D 220 24.86 -6.04 23.33
CA GLY D 220 23.79 -5.74 24.27
C GLY D 220 24.28 -5.43 25.66
N GLY D 221 25.37 -6.07 26.07
CA GLY D 221 25.92 -5.85 27.40
C GLY D 221 26.50 -4.45 27.53
N SER D 222 27.29 -4.04 26.55
CA SER D 222 27.90 -2.71 26.60
C SER D 222 26.90 -1.60 26.31
N THR D 223 25.88 -1.90 25.50
CA THR D 223 24.87 -0.91 25.21
C THR D 223 24.12 -0.62 26.51
N PHE D 224 23.84 -1.67 27.29
CA PHE D 224 23.17 -1.46 28.56
C PHE D 224 24.07 -0.64 29.47
N CYS D 225 25.34 -1.04 29.57
CA CYS D 225 26.27 -0.31 30.44
C CYS D 225 26.37 1.17 30.07
N GLY D 226 26.43 1.45 28.77
CA GLY D 226 26.53 2.83 28.33
C GLY D 226 25.26 3.62 28.59
N ILE D 227 24.13 3.12 28.11
CA ILE D 227 22.88 3.82 28.30
C ILE D 227 22.54 3.97 29.79
N ALA D 228 22.67 2.90 30.56
CA ALA D 228 22.36 2.96 31.98
C ALA D 228 23.25 3.99 32.71
N SER D 229 24.52 4.07 32.32
CA SER D 229 25.43 5.02 32.96
C SER D 229 24.92 6.44 32.72
N LEU D 230 24.59 6.74 31.48
CA LEU D 230 24.10 8.07 31.13
C LEU D 230 22.82 8.40 31.90
N CYS D 231 21.92 7.43 32.04
CA CYS D 231 20.69 7.66 32.78
C CYS D 231 21.02 7.93 34.25
N LEU D 232 21.93 7.14 34.81
CA LEU D 232 22.34 7.33 36.19
C LEU D 232 22.92 8.74 36.36
N MET D 233 23.62 9.24 35.33
CA MET D 233 24.20 10.59 35.36
C MET D 233 23.13 11.62 35.06
N GLY D 234 22.00 11.15 34.52
CA GLY D 234 20.91 12.05 34.14
C GLY D 234 21.33 12.87 32.94
N LYS D 235 21.94 12.24 31.94
CA LYS D 235 22.40 12.97 30.76
C LYS D 235 22.12 12.27 29.44
N LEU D 236 21.18 11.33 29.43
CA LEU D 236 20.85 10.62 28.21
C LEU D 236 20.52 11.59 27.07
N GLU D 237 19.52 12.43 27.32
CA GLU D 237 19.06 13.43 26.35
C GLU D 237 20.14 14.41 25.92
N GLU D 238 20.98 14.81 26.87
CA GLU D 238 22.05 15.75 26.59
C GLU D 238 23.16 15.17 25.73
N VAL D 239 23.46 13.88 25.92
CA VAL D 239 24.54 13.24 25.16
C VAL D 239 24.17 12.76 23.77
N PHE D 240 22.98 12.18 23.63
CA PHE D 240 22.56 11.69 22.33
C PHE D 240 21.40 12.51 21.78
N SER D 241 21.46 12.81 20.49
CA SER D 241 20.41 13.58 19.82
C SER D 241 19.20 12.66 19.66
N GLU D 242 18.07 13.24 19.31
CA GLU D 242 16.85 12.45 19.11
C GLU D 242 17.09 11.42 18.01
N LYS D 243 17.73 11.84 16.93
CA LYS D 243 18.03 10.97 15.81
C LYS D 243 18.91 9.82 16.28
N GLU D 244 19.90 10.14 17.10
CA GLU D 244 20.81 9.13 17.64
C GLU D 244 20.05 8.14 18.52
N LEU D 245 19.24 8.65 19.44
CA LEU D 245 18.46 7.79 20.32
C LEU D 245 17.54 6.89 19.51
N ASN D 246 17.02 7.41 18.40
CA ASN D 246 16.13 6.63 17.54
C ASN D 246 16.88 5.46 16.94
N ARG D 247 18.12 5.71 16.52
CA ARG D 247 18.96 4.67 15.93
C ARG D 247 19.33 3.61 16.97
N ILE D 248 19.65 4.05 18.18
CA ILE D 248 20.01 3.14 19.24
C ILE D 248 18.79 2.29 19.59
N LYS D 249 17.61 2.90 19.62
CA LYS D 249 16.40 2.17 19.92
C LYS D 249 16.18 1.08 18.88
N ARG D 250 16.37 1.44 17.61
CA ARG D 250 16.18 0.47 16.53
C ARG D 250 17.12 -0.70 16.71
N TRP D 251 18.38 -0.42 17.02
CA TRP D 251 19.35 -1.50 17.22
C TRP D 251 18.93 -2.39 18.37
N CYS D 252 18.51 -1.79 19.48
CA CYS D 252 18.10 -2.55 20.64
C CYS D 252 16.86 -3.42 20.41
N ILE D 253 15.81 -2.83 19.84
CA ILE D 253 14.60 -3.62 19.65
C ILE D 253 14.77 -4.72 18.59
N MET D 254 15.82 -4.62 17.78
CA MET D 254 16.07 -5.64 16.77
C MET D 254 16.68 -6.88 17.44
N ARG D 255 17.07 -6.75 18.71
CA ARG D 255 17.68 -7.86 19.42
C ARG D 255 16.67 -8.96 19.81
N GLN D 256 15.38 -8.66 19.76
CA GLN D 256 14.40 -9.68 20.13
C GLN D 256 14.11 -10.66 19.00
N GLN D 257 14.31 -11.94 19.29
CA GLN D 257 14.05 -13.02 18.34
C GLN D 257 12.82 -13.77 18.85
N ASN D 258 12.76 -13.92 20.16
CA ASN D 258 11.68 -14.54 20.94
C ASN D 258 12.14 -14.04 22.30
N GLY D 259 13.31 -14.53 22.70
CA GLY D 259 13.98 -14.07 23.91
C GLY D 259 14.92 -13.05 23.26
N TYR D 260 15.98 -12.65 23.92
CA TYR D 260 16.90 -11.68 23.32
C TYR D 260 18.32 -12.21 23.17
N HIS D 261 19.02 -11.77 22.13
CA HIS D 261 20.41 -12.17 21.96
C HIS D 261 21.25 -10.91 22.20
N GLY D 262 22.56 -11.07 22.36
CA GLY D 262 23.40 -9.93 22.63
C GLY D 262 23.98 -9.22 21.42
N ARG D 263 23.96 -9.89 20.27
CA ARG D 263 24.51 -9.34 19.04
C ARG D 263 23.78 -9.92 17.85
N PRO D 264 23.72 -9.18 16.74
CA PRO D 264 23.04 -9.68 15.54
C PRO D 264 23.59 -11.08 15.18
N ASN D 265 22.71 -11.95 14.71
CA ASN D 265 23.08 -13.30 14.30
C ASN D 265 23.66 -14.23 15.35
N LYS D 266 23.38 -13.96 16.61
CA LYS D 266 23.84 -14.82 17.71
C LYS D 266 22.59 -15.42 18.38
N PRO D 267 22.71 -16.60 18.99
CA PRO D 267 21.56 -17.21 19.65
C PRO D 267 21.11 -16.45 20.90
N VAL D 268 19.81 -16.51 21.20
CA VAL D 268 19.28 -15.80 22.36
C VAL D 268 19.83 -16.41 23.64
N ASP D 269 19.84 -15.59 24.69
CA ASP D 269 20.34 -15.98 25.99
C ASP D 269 19.49 -15.22 27.01
N THR D 270 18.98 -15.94 27.98
CA THR D 270 18.13 -15.39 29.02
C THR D 270 18.59 -14.05 29.61
N CYS D 271 19.85 -13.94 30.00
CA CYS D 271 20.31 -12.70 30.62
C CYS D 271 20.09 -11.44 29.78
N TYR D 272 19.96 -11.59 28.45
CA TYR D 272 19.75 -10.42 27.62
C TYR D 272 18.34 -9.87 27.73
N SER D 273 17.44 -10.66 28.32
CA SER D 273 16.08 -10.20 28.54
C SER D 273 16.21 -9.02 29.50
N PHE D 274 17.30 -8.98 30.25
CA PHE D 274 17.52 -7.85 31.14
C PHE D 274 18.44 -6.83 30.50
N TRP D 275 19.63 -7.25 30.06
CA TRP D 275 20.57 -6.30 29.45
C TRP D 275 19.89 -5.45 28.38
N VAL D 276 19.26 -6.10 27.41
CA VAL D 276 18.60 -5.37 26.34
C VAL D 276 17.25 -4.84 26.79
N GLY D 277 16.49 -5.68 27.50
CA GLY D 277 15.19 -5.27 27.98
C GLY D 277 15.26 -4.01 28.81
N ALA D 278 16.21 -3.96 29.75
CA ALA D 278 16.36 -2.81 30.62
C ALA D 278 16.75 -1.57 29.82
N THR D 279 17.56 -1.76 28.78
CA THR D 279 17.96 -0.64 27.95
C THR D 279 16.71 -0.13 27.23
N LEU D 280 15.91 -1.04 26.70
CA LEU D 280 14.68 -0.65 26.01
C LEU D 280 13.77 0.09 26.97
N LYS D 281 13.73 -0.35 28.22
CA LYS D 281 12.91 0.30 29.23
C LYS D 281 13.42 1.72 29.49
N LEU D 282 14.73 1.87 29.60
CA LEU D 282 15.30 3.19 29.83
C LEU D 282 15.02 4.10 28.62
N LEU D 283 14.91 3.51 27.44
CA LEU D 283 14.65 4.29 26.23
C LEU D 283 13.13 4.45 26.00
N LYS D 284 12.35 3.95 26.95
CA LYS D 284 10.90 4.04 26.91
C LYS D 284 10.17 3.35 25.77
N ILE D 285 10.73 2.26 25.25
CA ILE D 285 10.03 1.55 24.19
C ILE D 285 9.95 0.05 24.46
N PHE D 286 10.29 -0.36 25.68
CA PHE D 286 10.19 -1.78 26.00
C PHE D 286 8.72 -2.20 25.85
N GLN D 287 7.83 -1.23 26.12
CA GLN D 287 6.39 -1.44 26.03
C GLN D 287 5.96 -1.90 24.65
N TYR D 288 6.79 -1.63 23.64
CA TYR D 288 6.44 -2.03 22.28
C TYR D 288 6.98 -3.38 21.86
N THR D 289 7.67 -4.07 22.77
CA THR D 289 8.23 -5.39 22.45
C THR D 289 7.15 -6.45 22.64
N ASN D 290 7.44 -7.68 22.20
CA ASN D 290 6.47 -8.76 22.37
C ASN D 290 6.72 -9.44 23.71
N PHE D 291 5.83 -9.20 24.67
CA PHE D 291 5.99 -9.78 26.01
C PHE D 291 5.88 -11.29 26.11
N GLU D 292 4.86 -11.85 25.47
CA GLU D 292 4.62 -13.28 25.53
C GLU D 292 5.78 -14.16 25.06
N LYS D 293 6.36 -13.82 23.92
CA LYS D 293 7.48 -14.61 23.41
C LYS D 293 8.71 -14.52 24.29
N ASN D 294 8.93 -13.35 24.88
CA ASN D 294 10.06 -13.14 25.76
C ASN D 294 9.83 -13.95 27.04
N ARG D 295 8.65 -13.83 27.63
CA ARG D 295 8.32 -14.58 28.84
C ARG D 295 8.40 -16.07 28.59
N ASN D 296 7.83 -16.51 27.48
CA ASN D 296 7.85 -17.92 27.14
C ASN D 296 9.29 -18.44 27.05
N TYR D 297 10.17 -17.65 26.44
CA TYR D 297 11.56 -18.06 26.31
C TYR D 297 12.25 -18.16 27.67
N ILE D 298 12.11 -17.12 28.50
CA ILE D 298 12.73 -17.09 29.81
C ILE D 298 12.31 -18.32 30.63
N LEU D 299 11.00 -18.59 30.66
CA LEU D 299 10.51 -19.73 31.43
C LEU D 299 10.99 -21.05 30.87
N SER D 300 11.28 -21.10 29.57
CA SER D 300 11.77 -22.34 28.99
C SER D 300 13.19 -22.67 29.49
N THR D 301 13.84 -21.71 30.15
CA THR D 301 15.20 -21.96 30.67
C THR D 301 15.15 -22.16 32.18
N GLN D 302 13.94 -22.20 32.72
CA GLN D 302 13.75 -22.38 34.15
C GLN D 302 14.07 -23.82 34.54
N ASP D 303 14.82 -24.02 35.62
CA ASP D 303 15.13 -25.39 36.06
C ASP D 303 14.05 -25.73 37.09
N ARG D 304 13.08 -26.53 36.68
CA ARG D 304 11.98 -26.90 37.56
C ARG D 304 12.36 -27.79 38.73
N LEU D 305 13.53 -28.40 38.65
CA LEU D 305 14.00 -29.30 39.70
C LEU D 305 14.81 -28.57 40.78
N VAL D 306 15.90 -27.92 40.39
CA VAL D 306 16.74 -27.22 41.35
C VAL D 306 16.43 -25.73 41.48
N GLY D 307 15.65 -25.19 40.56
CA GLY D 307 15.34 -23.76 40.63
C GLY D 307 16.34 -22.95 39.83
N GLY D 308 16.15 -21.64 39.77
CA GLY D 308 17.04 -20.78 39.01
C GLY D 308 16.78 -20.90 37.51
N PHE D 309 17.52 -20.13 36.72
CA PHE D 309 17.38 -20.14 35.25
C PHE D 309 18.74 -20.35 34.61
N ALA D 310 18.74 -20.81 33.36
CA ALA D 310 19.96 -21.03 32.62
C ALA D 310 19.97 -20.09 31.43
N LYS D 311 21.05 -20.03 30.67
CA LYS D 311 21.09 -19.14 29.53
C LYS D 311 20.21 -19.73 28.43
N TRP D 312 20.20 -21.05 28.34
CA TRP D 312 19.41 -21.74 27.33
C TRP D 312 18.56 -22.83 27.95
N PRO D 313 17.51 -23.26 27.25
CA PRO D 313 16.66 -24.31 27.82
C PRO D 313 17.44 -25.62 27.91
N ASP D 314 17.08 -26.45 28.89
CA ASP D 314 17.75 -27.73 29.07
C ASP D 314 19.25 -27.50 29.23
N SER D 315 19.60 -26.50 30.02
CA SER D 315 20.99 -26.14 30.27
C SER D 315 21.07 -25.92 31.79
N HIS D 316 22.24 -26.07 32.38
CA HIS D 316 22.36 -25.89 33.83
C HIS D 316 22.23 -24.45 34.29
N PRO D 317 21.43 -24.23 35.34
CA PRO D 317 21.20 -22.89 35.90
C PRO D 317 22.37 -22.37 36.73
N ASP D 318 22.45 -21.05 36.85
CA ASP D 318 23.49 -20.41 37.65
C ASP D 318 22.91 -19.14 38.28
N ALA D 319 23.62 -18.58 39.24
CA ALA D 319 23.15 -17.39 39.94
C ALA D 319 22.92 -16.20 39.01
N LEU D 320 23.83 -16.00 38.06
CA LEU D 320 23.71 -14.88 37.14
C LEU D 320 22.43 -14.93 36.30
N HIS D 321 22.16 -16.06 35.67
CA HIS D 321 20.97 -16.18 34.83
C HIS D 321 19.69 -16.28 35.64
N ALA D 322 19.79 -16.77 36.87
CA ALA D 322 18.63 -16.87 37.73
C ALA D 322 18.21 -15.44 38.05
N TYR D 323 19.19 -14.61 38.40
CA TYR D 323 18.90 -13.23 38.75
C TYR D 323 18.42 -12.40 37.57
N PHE D 324 19.12 -12.48 36.44
CA PHE D 324 18.72 -11.70 35.29
C PHE D 324 17.45 -12.23 34.62
N GLY D 325 17.20 -13.53 34.74
CA GLY D 325 15.98 -14.07 34.19
C GLY D 325 14.82 -13.48 34.99
N ILE D 326 14.99 -13.43 36.30
CA ILE D 326 13.98 -12.88 37.18
C ILE D 326 13.78 -11.39 36.91
N CYS D 327 14.87 -10.65 36.70
CA CYS D 327 14.75 -9.23 36.40
C CYS D 327 14.11 -9.05 35.03
N GLY D 328 14.37 -9.99 34.12
CA GLY D 328 13.77 -9.89 32.80
C GLY D 328 12.26 -9.98 32.94
N LEU D 329 11.81 -10.95 33.74
CA LEU D 329 10.39 -11.16 33.99
C LEU D 329 9.82 -9.90 34.66
N SER D 330 10.57 -9.33 35.58
CA SER D 330 10.15 -8.14 36.30
C SER D 330 9.84 -6.97 35.37
N LEU D 331 10.68 -6.80 34.35
CA LEU D 331 10.52 -5.73 33.37
C LEU D 331 9.13 -5.77 32.71
N MET D 332 8.58 -6.98 32.57
CA MET D 332 7.26 -7.16 31.98
C MET D 332 6.19 -7.25 33.06
N GLU D 333 6.64 -7.35 34.31
CA GLU D 333 5.78 -7.50 35.48
C GLU D 333 5.31 -8.93 35.53
N GLU D 334 5.48 -9.56 36.70
CA GLU D 334 5.10 -10.95 36.88
C GLU D 334 4.71 -11.08 38.35
N SER D 335 3.64 -11.81 38.62
CA SER D 335 3.20 -11.97 40.00
C SER D 335 4.30 -12.65 40.79
N GLY D 336 4.55 -12.13 41.98
CA GLY D 336 5.56 -12.70 42.87
C GLY D 336 6.90 -12.01 42.76
N ILE D 337 7.06 -11.16 41.74
CA ILE D 337 8.31 -10.45 41.51
C ILE D 337 8.14 -8.96 41.63
N CYS D 338 9.09 -8.32 42.29
CA CYS D 338 9.06 -6.89 42.48
C CYS D 338 9.56 -6.19 41.23
N LYS D 339 9.32 -4.88 41.17
CA LYS D 339 9.71 -4.05 40.05
C LYS D 339 11.17 -3.66 40.19
N VAL D 340 11.95 -3.96 39.16
CA VAL D 340 13.38 -3.64 39.18
C VAL D 340 13.64 -2.25 38.59
N HIS D 341 14.50 -1.49 39.23
CA HIS D 341 14.87 -0.17 38.74
C HIS D 341 15.85 -0.52 37.62
N PRO D 342 15.47 -0.29 36.35
CA PRO D 342 16.31 -0.60 35.19
C PRO D 342 17.75 -0.11 35.12
N ALA D 343 18.02 1.12 35.53
CA ALA D 343 19.39 1.62 35.44
C ALA D 343 20.30 1.25 36.60
N LEU D 344 19.77 1.23 37.81
CA LEU D 344 20.58 0.91 38.98
C LEU D 344 20.70 -0.59 39.24
N ASN D 345 19.79 -1.36 38.64
CA ASN D 345 19.80 -2.80 38.78
C ASN D 345 19.60 -3.27 40.21
N VAL D 346 18.53 -2.78 40.83
CA VAL D 346 18.13 -3.14 42.18
C VAL D 346 16.62 -2.95 42.19
N SER D 347 15.92 -3.58 43.13
CA SER D 347 14.46 -3.44 43.21
C SER D 347 14.15 -1.98 43.50
N THR D 348 12.97 -1.52 43.06
CA THR D 348 12.56 -0.13 43.29
C THR D 348 12.45 0.13 44.79
N ARG D 349 12.05 -0.90 45.52
CA ARG D 349 11.96 -0.79 46.96
C ARG D 349 13.33 -0.28 47.42
N THR D 350 14.38 -0.99 47.04
CA THR D 350 15.75 -0.61 47.40
C THR D 350 16.14 0.77 46.86
N SER D 351 15.77 1.08 45.61
CA SER D 351 16.11 2.39 45.06
C SER D 351 15.42 3.50 45.85
N GLU D 352 14.31 3.18 46.50
CA GLU D 352 13.60 4.17 47.30
C GLU D 352 14.25 4.28 48.69
N ARG D 353 14.72 3.13 49.21
CA ARG D 353 15.41 3.09 50.48
C ARG D 353 16.62 4.01 50.30
N LEU D 354 17.28 3.87 49.15
CA LEU D 354 18.46 4.66 48.82
C LEU D 354 18.13 6.13 48.64
N ARG D 355 16.92 6.41 48.15
CA ARG D 355 16.49 7.79 47.95
C ARG D 355 16.36 8.46 49.32
N ASP D 356 15.79 7.73 50.28
CA ASP D 356 15.63 8.24 51.63
C ASP D 356 17.01 8.49 52.22
N LEU D 357 17.87 7.49 52.11
CA LEU D 357 19.23 7.56 52.63
C LEU D 357 19.93 8.84 52.16
N HIS D 358 19.77 9.17 50.89
CA HIS D 358 20.38 10.36 50.33
C HIS D 358 19.83 11.64 50.96
N GLN D 359 18.51 11.67 51.18
CA GLN D 359 17.90 12.84 51.77
C GLN D 359 18.41 13.06 53.19
N SER D 360 18.57 11.97 53.94
CA SER D 360 19.04 12.08 55.32
C SER D 360 20.48 12.57 55.38
N TRP D 361 21.26 12.29 54.34
CA TRP D 361 22.65 12.74 54.33
C TRP D 361 22.70 14.25 54.11
N LYS D 362 21.70 14.78 53.40
CA LYS D 362 21.66 16.21 53.12
C LYS D 362 21.09 17.02 54.28
N THR D 363 21.64 16.80 55.48
CA THR D 363 21.19 17.53 56.68
C THR D 363 22.35 17.74 57.66
N PHE E 55 57.77 22.32 -5.27
CA PHE E 55 57.89 22.64 -6.72
C PHE E 55 58.74 23.86 -7.05
N LEU E 56 58.13 25.04 -7.00
CA LEU E 56 58.80 26.30 -7.32
C LEU E 56 59.61 26.91 -6.17
N SER E 57 60.93 26.76 -6.21
CA SER E 57 61.83 27.27 -5.19
C SER E 57 61.74 28.76 -4.87
N LEU E 58 61.90 29.09 -3.59
CA LEU E 58 61.83 30.47 -3.12
C LEU E 58 62.96 31.34 -3.67
N ASP E 59 64.02 30.69 -4.15
CA ASP E 59 65.13 31.44 -4.69
C ASP E 59 65.30 31.20 -6.20
N SER E 60 64.34 30.52 -6.80
CA SER E 60 64.38 30.24 -8.23
C SER E 60 64.23 31.56 -9.01
N PRO E 61 64.97 31.69 -10.14
CA PRO E 61 64.91 32.90 -10.98
C PRO E 61 63.48 33.25 -11.36
N THR E 62 62.67 32.22 -11.58
CA THR E 62 61.30 32.39 -11.99
C THR E 62 60.26 32.36 -10.86
N TYR E 63 60.71 32.40 -9.61
CA TYR E 63 59.76 32.37 -8.49
C TYR E 63 58.75 33.51 -8.68
N VAL E 64 57.52 33.25 -8.28
CA VAL E 64 56.44 34.24 -8.39
C VAL E 64 55.68 34.34 -7.07
N LEU E 65 55.47 35.57 -6.60
CA LEU E 65 54.74 35.77 -5.36
C LEU E 65 53.38 35.09 -5.50
N TYR E 66 52.83 34.63 -4.38
CA TYR E 66 51.55 33.96 -4.40
C TYR E 66 50.43 34.87 -4.89
N ARG E 67 50.58 36.16 -4.65
CA ARG E 67 49.54 37.09 -5.10
C ARG E 67 49.55 37.22 -6.61
N ASP E 68 50.57 36.68 -7.27
CA ASP E 68 50.64 36.77 -8.72
C ASP E 68 50.45 35.41 -9.37
N ARG E 69 50.05 34.41 -8.58
CA ARG E 69 49.84 33.08 -9.13
C ARG E 69 48.35 32.92 -9.41
N ALA E 70 48.03 32.39 -10.59
CA ALA E 70 46.65 32.18 -11.00
C ALA E 70 45.96 31.17 -10.08
N GLU E 71 46.64 30.07 -9.78
CA GLU E 71 46.08 29.03 -8.93
C GLU E 71 45.65 29.56 -7.56
N TRP E 72 46.06 30.78 -7.21
CA TRP E 72 45.71 31.36 -5.92
C TRP E 72 44.84 32.60 -6.01
N ALA E 73 44.35 32.89 -7.21
CA ALA E 73 43.53 34.07 -7.42
C ALA E 73 42.22 34.07 -6.63
N ASP E 74 41.70 32.90 -6.31
CA ASP E 74 40.44 32.79 -5.58
C ASP E 74 40.59 33.12 -4.09
N ILE E 75 41.79 32.97 -3.56
CA ILE E 75 42.07 33.22 -2.15
C ILE E 75 42.41 34.67 -1.80
N ASP E 76 41.82 35.18 -0.73
CA ASP E 76 42.11 36.54 -0.28
C ASP E 76 43.10 36.43 0.88
N PRO E 77 44.35 36.87 0.66
CA PRO E 77 45.37 36.80 1.71
C PRO E 77 44.95 37.48 3.01
N VAL E 78 45.43 36.95 4.13
CA VAL E 78 45.11 37.50 5.44
C VAL E 78 46.35 38.09 6.07
N PRO E 79 46.37 39.43 6.23
CA PRO E 79 47.53 40.09 6.84
C PRO E 79 47.56 39.95 8.35
N GLN E 80 48.74 40.08 8.92
CA GLN E 80 48.90 39.98 10.36
C GLN E 80 48.86 41.41 10.88
N ASN E 81 48.14 41.64 11.97
CA ASN E 81 48.04 42.99 12.51
C ASN E 81 48.29 43.07 14.01
N ASP E 82 49.28 43.86 14.39
CA ASP E 82 49.64 44.04 15.78
C ASP E 82 49.04 45.29 16.40
N GLY E 83 47.98 45.79 15.79
CA GLY E 83 47.33 46.98 16.31
C GLY E 83 48.10 48.28 16.20
N PRO E 84 47.53 49.38 16.74
CA PRO E 84 48.13 50.71 16.72
C PRO E 84 49.60 50.82 17.13
N SER E 85 49.98 50.19 18.23
CA SER E 85 51.37 50.26 18.68
C SER E 85 51.97 48.86 18.82
N PRO E 86 52.59 48.35 17.75
CA PRO E 86 53.19 47.01 17.80
C PRO E 86 54.44 46.92 18.68
N VAL E 87 54.59 45.77 19.34
CA VAL E 87 55.72 45.52 20.21
C VAL E 87 56.57 44.41 19.62
N VAL E 88 57.88 44.49 19.82
CA VAL E 88 58.81 43.49 19.29
C VAL E 88 58.38 43.01 17.91
N GLN E 89 58.16 43.98 17.01
CA GLN E 89 57.73 43.69 15.65
C GLN E 89 58.91 43.34 14.74
N ILE E 90 58.79 42.24 14.02
CA ILE E 90 59.83 41.78 13.11
C ILE E 90 59.52 42.29 11.70
N ILE E 91 60.52 42.84 11.01
CA ILE E 91 60.28 43.33 9.65
C ILE E 91 60.44 42.17 8.67
N TYR E 92 59.46 42.03 7.78
CA TYR E 92 59.47 40.96 6.81
C TYR E 92 59.62 41.42 5.37
N SER E 93 60.35 40.62 4.59
CA SER E 93 60.55 40.91 3.18
C SER E 93 59.22 40.69 2.47
N GLU E 94 59.10 41.23 1.27
CA GLU E 94 57.88 41.06 0.49
C GLU E 94 57.58 39.59 0.29
N LYS E 95 58.60 38.84 -0.06
CA LYS E 95 58.47 37.41 -0.32
C LYS E 95 57.96 36.67 0.91
N PHE E 96 58.57 36.97 2.06
CA PHE E 96 58.21 36.33 3.33
C PHE E 96 56.75 36.61 3.69
N ARG E 97 56.38 37.88 3.71
CA ARG E 97 55.03 38.30 4.05
C ARG E 97 54.01 37.71 3.08
N ASP E 98 54.42 37.55 1.82
CA ASP E 98 53.51 37.01 0.80
C ASP E 98 53.18 35.55 1.10
N VAL E 99 54.19 34.74 1.41
CA VAL E 99 53.95 33.34 1.72
C VAL E 99 53.03 33.21 2.95
N TYR E 100 53.33 33.94 4.01
CA TYR E 100 52.52 33.86 5.22
C TYR E 100 51.15 34.50 5.14
N ASP E 101 50.96 35.47 4.25
CA ASP E 101 49.64 36.09 4.11
C ASP E 101 48.70 35.05 3.50
N TYR E 102 49.26 34.15 2.70
CA TYR E 102 48.45 33.09 2.09
C TYR E 102 48.34 31.90 3.03
N PHE E 103 49.37 31.70 3.86
CA PHE E 103 49.31 30.60 4.82
C PHE E 103 48.16 30.88 5.79
N ARG E 104 48.06 32.13 6.25
CA ARG E 104 46.99 32.52 7.16
C ARG E 104 45.63 32.28 6.54
N ALA E 105 45.52 32.59 5.25
CA ALA E 105 44.27 32.42 4.52
C ALA E 105 43.88 30.94 4.50
N VAL E 106 44.80 30.09 4.08
CA VAL E 106 44.53 28.66 4.01
C VAL E 106 44.23 28.08 5.41
N LEU E 107 44.98 28.54 6.41
CA LEU E 107 44.79 28.08 7.79
C LEU E 107 43.42 28.46 8.30
N GLN E 108 43.08 29.72 8.14
CA GLN E 108 41.80 30.25 8.59
C GLN E 108 40.61 29.51 8.02
N ARG E 109 40.77 28.93 6.82
CA ARG E 109 39.69 28.22 6.18
C ARG E 109 39.89 26.72 6.29
N ASP E 110 40.91 26.32 7.01
CA ASP E 110 41.19 24.90 7.19
C ASP E 110 41.06 24.16 5.86
N GLU E 111 41.61 24.75 4.81
CA GLU E 111 41.57 24.14 3.49
C GLU E 111 42.52 22.94 3.41
N ARG E 112 41.98 21.75 3.31
CA ARG E 112 42.81 20.54 3.23
C ARG E 112 43.19 20.25 1.78
N SER E 113 43.83 21.20 1.11
CA SER E 113 44.21 21.02 -0.30
C SER E 113 45.65 20.66 -0.55
N GLU E 114 45.93 20.25 -1.78
CA GLU E 114 47.28 19.90 -2.18
C GLU E 114 48.10 21.17 -2.33
N ARG E 115 47.45 22.27 -2.70
CA ARG E 115 48.17 23.53 -2.86
C ARG E 115 48.56 24.05 -1.48
N ALA E 116 47.74 23.78 -0.46
CA ALA E 116 48.04 24.22 0.89
C ALA E 116 49.24 23.42 1.38
N PHE E 117 49.26 22.13 1.06
CA PHE E 117 50.36 21.29 1.48
C PHE E 117 51.68 21.83 0.95
N LYS E 118 51.70 22.18 -0.33
CA LYS E 118 52.91 22.73 -0.94
C LYS E 118 53.26 24.07 -0.30
N LEU E 119 52.24 24.83 0.06
CA LEU E 119 52.48 26.12 0.69
C LEU E 119 53.21 25.94 2.03
N THR E 120 52.92 24.87 2.77
CA THR E 120 53.57 24.68 4.06
C THR E 120 55.05 24.45 3.90
N ARG E 121 55.44 23.87 2.77
CA ARG E 121 56.86 23.61 2.51
C ARG E 121 57.60 24.95 2.46
N ASP E 122 56.97 25.95 1.86
CA ASP E 122 57.57 27.27 1.75
C ASP E 122 57.59 27.96 3.12
N ALA E 123 56.46 27.90 3.82
CA ALA E 123 56.34 28.51 5.13
C ALA E 123 57.40 27.94 6.08
N ILE E 124 57.66 26.65 5.95
CA ILE E 124 58.64 26.00 6.78
C ILE E 124 60.06 26.44 6.41
N GLU E 125 60.32 26.63 5.12
CA GLU E 125 61.63 27.07 4.70
C GLU E 125 61.88 28.47 5.25
N LEU E 126 60.84 29.29 5.30
CA LEU E 126 60.98 30.63 5.82
C LEU E 126 61.14 30.65 7.34
N ASN E 127 60.44 29.75 8.02
CA ASN E 127 60.51 29.66 9.49
C ASN E 127 60.13 28.28 10.01
N ALA E 128 61.13 27.44 10.21
CA ALA E 128 60.90 26.09 10.68
C ALA E 128 60.49 26.01 12.15
N ALA E 129 60.49 27.14 12.84
CA ALA E 129 60.11 27.15 14.25
C ALA E 129 58.64 27.45 14.48
N ASN E 130 57.88 27.64 13.40
CA ASN E 130 56.47 27.92 13.55
C ASN E 130 55.71 26.61 13.75
N TYR E 131 55.47 26.26 15.01
CA TYR E 131 54.79 25.01 15.35
C TYR E 131 53.41 24.83 14.72
N THR E 132 52.69 25.93 14.54
CA THR E 132 51.37 25.84 13.94
C THR E 132 51.49 25.32 12.50
N VAL E 133 52.49 25.78 11.77
CA VAL E 133 52.69 25.33 10.39
C VAL E 133 52.93 23.83 10.39
N TRP E 134 53.75 23.35 11.31
CA TRP E 134 54.01 21.91 11.35
C TRP E 134 52.76 21.11 11.70
N HIS E 135 51.93 21.66 12.58
CA HIS E 135 50.71 20.96 12.96
C HIS E 135 49.80 20.85 11.74
N PHE E 136 49.59 21.97 11.07
CA PHE E 136 48.73 21.99 9.90
C PHE E 136 49.27 21.02 8.85
N ARG E 137 50.58 21.00 8.67
CA ARG E 137 51.16 20.10 7.69
C ARG E 137 50.82 18.65 8.06
N ARG E 138 50.80 18.35 9.37
CA ARG E 138 50.48 16.99 9.81
C ARG E 138 49.01 16.70 9.52
N VAL E 139 48.15 17.70 9.72
CA VAL E 139 46.73 17.53 9.42
C VAL E 139 46.62 17.15 7.95
N LEU E 140 47.31 17.91 7.09
CA LEU E 140 47.29 17.67 5.65
C LEU E 140 47.87 16.32 5.28
N LEU E 141 48.96 15.92 5.93
CA LEU E 141 49.55 14.61 5.63
C LEU E 141 48.49 13.53 5.77
N ARG E 142 47.64 13.68 6.79
CA ARG E 142 46.58 12.71 7.05
C ARG E 142 45.45 12.87 6.02
N SER E 143 44.86 14.06 5.96
CA SER E 143 43.77 14.32 5.01
C SER E 143 44.08 13.85 3.60
N LEU E 144 45.24 14.22 3.09
CA LEU E 144 45.62 13.83 1.73
C LEU E 144 46.29 12.46 1.67
N GLN E 145 46.38 11.80 2.80
CA GLN E 145 47.02 10.49 2.85
C GLN E 145 48.31 10.47 2.04
N LYS E 146 49.22 11.39 2.38
CA LYS E 146 50.51 11.49 1.70
C LYS E 146 51.43 10.33 2.06
N ASP E 147 52.42 10.08 1.21
CA ASP E 147 53.38 9.01 1.47
C ASP E 147 54.26 9.42 2.64
N LEU E 148 54.09 8.76 3.78
CA LEU E 148 54.87 9.08 4.97
C LEU E 148 56.34 8.74 4.85
N GLN E 149 56.69 7.81 3.99
CA GLN E 149 58.08 7.44 3.82
C GLN E 149 58.80 8.61 3.15
N GLU E 150 58.03 9.37 2.38
CA GLU E 150 58.57 10.52 1.68
C GLU E 150 58.77 11.65 2.68
N GLU E 151 57.81 11.80 3.60
CA GLU E 151 57.91 12.84 4.61
C GLU E 151 59.11 12.54 5.49
N MET E 152 59.44 11.27 5.68
CA MET E 152 60.60 10.92 6.49
C MET E 152 61.87 11.47 5.86
N ASN E 153 61.99 11.37 4.55
CA ASN E 153 63.18 11.90 3.86
C ASN E 153 63.22 13.41 4.06
N TYR E 154 62.06 14.04 3.95
CA TYR E 154 61.95 15.48 4.11
C TYR E 154 62.44 15.95 5.48
N ILE E 155 61.83 15.41 6.53
CA ILE E 155 62.20 15.79 7.89
C ILE E 155 63.64 15.42 8.19
N ILE E 156 64.15 14.36 7.56
CA ILE E 156 65.53 13.96 7.82
C ILE E 156 66.47 15.07 7.34
N ALA E 157 66.15 15.66 6.19
CA ALA E 157 66.98 16.73 5.66
C ALA E 157 66.80 18.00 6.49
N ILE E 158 65.56 18.32 6.84
CA ILE E 158 65.26 19.50 7.64
C ILE E 158 66.03 19.51 8.97
N ILE E 159 66.00 18.38 9.67
CA ILE E 159 66.68 18.27 10.95
C ILE E 159 68.20 18.44 10.82
N GLU E 160 68.78 17.89 9.75
CA GLU E 160 70.21 18.02 9.56
C GLU E 160 70.61 19.48 9.46
N GLU E 161 69.74 20.30 8.87
CA GLU E 161 70.01 21.72 8.71
C GLU E 161 69.69 22.52 9.97
N GLN E 162 68.76 22.02 10.80
CA GLN E 162 68.37 22.71 12.02
C GLN E 162 68.21 21.71 13.16
N PRO E 163 69.32 21.08 13.56
CA PRO E 163 69.32 20.08 14.64
C PRO E 163 68.96 20.55 16.04
N LYS E 164 68.81 21.85 16.24
CA LYS E 164 68.46 22.34 17.58
C LYS E 164 67.07 22.92 17.66
N ASN E 165 66.24 22.62 16.67
CA ASN E 165 64.87 23.12 16.60
C ASN E 165 63.93 22.07 17.25
N TYR E 166 63.08 22.51 18.16
CA TYR E 166 62.15 21.61 18.86
C TYR E 166 61.07 21.03 17.97
N GLN E 167 60.48 21.86 17.13
CA GLN E 167 59.40 21.45 16.24
C GLN E 167 59.77 20.33 15.28
N VAL E 168 60.97 20.38 14.71
CA VAL E 168 61.36 19.37 13.75
C VAL E 168 61.57 18.01 14.40
N TRP E 169 62.06 17.98 15.64
CA TRP E 169 62.24 16.69 16.29
C TRP E 169 60.88 16.12 16.69
N HIS E 170 59.97 16.99 17.09
CA HIS E 170 58.64 16.55 17.48
C HIS E 170 57.94 15.95 16.26
N HIS E 171 58.08 16.61 15.12
CA HIS E 171 57.47 16.15 13.89
C HIS E 171 57.98 14.76 13.54
N ARG E 172 59.29 14.55 13.63
CA ARG E 172 59.85 13.25 13.30
C ARG E 172 59.33 12.17 14.24
N ARG E 173 59.16 12.51 15.51
CA ARG E 173 58.69 11.53 16.46
C ARG E 173 57.25 11.12 16.13
N VAL E 174 56.40 12.09 15.77
CA VAL E 174 55.04 11.77 15.42
C VAL E 174 55.02 10.84 14.22
N LEU E 175 55.88 11.10 13.23
CA LEU E 175 55.95 10.25 12.04
C LEU E 175 56.33 8.82 12.38
N VAL E 176 57.37 8.66 13.18
CA VAL E 176 57.81 7.33 13.56
C VAL E 176 56.70 6.60 14.30
N GLU E 177 55.93 7.33 15.10
CA GLU E 177 54.81 6.72 15.82
C GLU E 177 53.76 6.28 14.80
N TRP E 178 53.48 7.14 13.82
CA TRP E 178 52.51 6.80 12.81
C TRP E 178 52.91 5.55 12.04
N LEU E 179 54.17 5.51 11.61
CA LEU E 179 54.67 4.38 10.84
C LEU E 179 55.00 3.15 11.68
N LYS E 180 55.14 3.33 12.99
CA LYS E 180 55.50 2.22 13.87
C LYS E 180 56.75 1.56 13.29
N ASP E 181 57.57 2.37 12.62
CA ASP E 181 58.79 1.90 11.98
C ASP E 181 60.01 2.67 12.51
N PRO E 182 60.82 2.04 13.37
CA PRO E 182 62.01 2.69 13.91
C PRO E 182 63.30 2.29 13.21
N SER E 183 63.17 1.56 12.10
CA SER E 183 64.33 1.06 11.37
C SER E 183 65.41 2.07 10.95
N GLN E 184 65.04 3.33 10.72
CA GLN E 184 66.04 4.33 10.32
C GLN E 184 66.58 5.15 11.49
N GLU E 185 65.83 5.18 12.61
CA GLU E 185 66.20 5.98 13.77
C GLU E 185 67.60 5.94 14.35
N LEU E 186 68.06 4.79 14.82
CA LEU E 186 69.39 4.73 15.41
C LEU E 186 70.51 5.23 14.52
N GLU E 187 70.45 4.96 13.23
CA GLU E 187 71.48 5.41 12.31
C GLU E 187 71.38 6.92 12.08
N PHE E 188 70.17 7.41 11.91
CA PHE E 188 69.95 8.84 11.68
C PHE E 188 70.49 9.65 12.87
N ILE E 189 70.14 9.22 14.07
CA ILE E 189 70.60 9.88 15.28
C ILE E 189 72.12 9.84 15.37
N ALA E 190 72.72 8.69 15.08
CA ALA E 190 74.16 8.57 15.14
C ALA E 190 74.82 9.59 14.21
N ASP E 191 74.18 9.89 13.09
CA ASP E 191 74.72 10.86 12.16
C ASP E 191 74.64 12.26 12.76
N ILE E 192 73.50 12.59 13.35
CA ILE E 192 73.33 13.90 13.97
C ILE E 192 74.33 14.03 15.11
N LEU E 193 74.47 12.97 15.91
CA LEU E 193 75.40 13.00 17.02
C LEU E 193 76.83 13.13 16.51
N ASN E 194 77.00 12.93 15.22
CA ASN E 194 78.33 13.06 14.64
C ASN E 194 78.70 14.51 14.49
N GLN E 195 77.71 15.38 14.26
CA GLN E 195 78.02 16.79 14.14
C GLN E 195 78.00 17.47 15.52
N ASP E 196 77.31 16.86 16.47
CA ASP E 196 77.26 17.37 17.84
C ASP E 196 76.92 16.23 18.80
N ALA E 197 77.95 15.62 19.36
CA ALA E 197 77.79 14.48 20.26
C ALA E 197 77.05 14.77 21.55
N LYS E 198 76.66 16.03 21.77
CA LYS E 198 75.94 16.36 23.00
C LYS E 198 74.56 16.99 22.76
N ASN E 199 74.11 16.94 21.51
CA ASN E 199 72.81 17.49 21.14
C ASN E 199 71.74 16.85 22.03
N TYR E 200 71.17 17.64 22.93
CA TYR E 200 70.15 17.12 23.85
C TYR E 200 68.94 16.53 23.11
N HIS E 201 68.52 17.17 22.03
CA HIS E 201 67.37 16.70 21.24
C HIS E 201 67.62 15.30 20.69
N ALA E 202 68.83 15.09 20.17
CA ALA E 202 69.20 13.80 19.60
C ALA E 202 69.17 12.69 20.65
N TRP E 203 69.78 12.93 21.81
CA TRP E 203 69.79 11.92 22.85
C TRP E 203 68.38 11.63 23.37
N GLN E 204 67.56 12.66 23.44
CA GLN E 204 66.19 12.48 23.91
C GLN E 204 65.43 11.59 22.93
N HIS E 205 65.59 11.88 21.65
CA HIS E 205 64.91 11.11 20.61
C HIS E 205 65.42 9.67 20.62
N ARG E 206 66.71 9.51 20.83
CA ARG E 206 67.30 8.18 20.85
C ARG E 206 66.75 7.35 22.00
N GLN E 207 66.62 7.94 23.18
CA GLN E 207 66.09 7.21 24.32
C GLN E 207 64.63 6.84 24.07
N TRP E 208 63.88 7.74 23.42
CA TRP E 208 62.48 7.46 23.14
C TRP E 208 62.37 6.26 22.21
N VAL E 209 63.10 6.31 21.10
CA VAL E 209 63.07 5.22 20.13
C VAL E 209 63.42 3.89 20.78
N ILE E 210 64.54 3.85 21.50
CA ILE E 210 64.97 2.62 22.14
C ILE E 210 63.95 2.06 23.11
N GLN E 211 63.36 2.92 23.92
CA GLN E 211 62.38 2.47 24.91
C GLN E 211 61.07 2.03 24.25
N GLU E 212 60.58 2.84 23.32
CA GLU E 212 59.33 2.57 22.63
C GLU E 212 59.32 1.30 21.79
N PHE E 213 60.42 0.99 21.13
CA PHE E 213 60.49 -0.19 20.29
C PHE E 213 61.47 -1.24 20.81
N ARG E 214 61.81 -1.11 22.08
CA ARG E 214 62.75 -2.00 22.75
C ARG E 214 63.96 -2.39 21.89
N LEU E 215 64.79 -1.40 21.56
CA LEU E 215 65.99 -1.62 20.75
C LEU E 215 67.23 -1.50 21.62
N TRP E 216 67.27 -2.27 22.70
CA TRP E 216 68.38 -2.23 23.63
C TRP E 216 69.62 -3.01 23.20
N ASP E 217 69.41 -4.04 22.40
CA ASP E 217 70.47 -4.93 21.96
C ASP E 217 71.87 -4.39 21.67
N ASN E 218 71.98 -3.30 20.93
CA ASN E 218 73.30 -2.76 20.60
C ASN E 218 73.72 -1.45 21.24
N GLU E 219 72.86 -0.85 22.06
CA GLU E 219 73.19 0.43 22.66
C GLU E 219 74.41 0.46 23.56
N LEU E 220 74.59 -0.56 24.41
CA LEU E 220 75.74 -0.58 25.30
C LEU E 220 77.05 -0.60 24.51
N GLN E 221 77.01 -1.17 23.33
CA GLN E 221 78.18 -1.25 22.48
C GLN E 221 78.40 0.13 21.85
N TYR E 222 77.30 0.80 21.52
CA TYR E 222 77.36 2.14 20.91
C TYR E 222 77.97 3.09 21.93
N VAL E 223 77.53 2.95 23.18
CA VAL E 223 78.02 3.76 24.28
C VAL E 223 79.52 3.56 24.46
N ASP E 224 79.96 2.30 24.43
CA ASP E 224 81.39 1.97 24.59
C ASP E 224 82.23 2.62 23.50
N GLN E 225 81.68 2.67 22.30
CA GLN E 225 82.38 3.25 21.16
C GLN E 225 82.53 4.77 21.33
N LEU E 226 81.45 5.43 21.75
CA LEU E 226 81.50 6.87 21.91
C LEU E 226 82.38 7.30 23.08
N LEU E 227 82.40 6.51 24.15
CA LEU E 227 83.24 6.86 25.28
C LEU E 227 84.70 6.79 24.88
N LYS E 228 85.03 5.96 23.89
CA LYS E 228 86.40 5.87 23.42
C LYS E 228 86.73 7.12 22.63
N GLU E 229 85.75 7.68 21.93
CA GLU E 229 85.98 8.89 21.15
C GLU E 229 86.13 10.13 22.03
N ASP E 230 85.48 10.12 23.19
CA ASP E 230 85.54 11.25 24.13
C ASP E 230 84.99 10.80 25.47
N VAL E 231 85.88 10.32 26.33
CA VAL E 231 85.49 9.84 27.63
C VAL E 231 84.87 10.94 28.51
N ARG E 232 84.96 12.18 28.07
CA ARG E 232 84.39 13.29 28.83
C ARG E 232 82.96 13.66 28.44
N ASN E 233 82.41 12.99 27.42
CA ASN E 233 81.04 13.30 27.01
C ASN E 233 80.03 12.85 28.07
N ASN E 234 79.52 13.81 28.84
CA ASN E 234 78.57 13.51 29.91
C ASN E 234 77.28 12.84 29.40
N SER E 235 76.91 13.13 28.16
CA SER E 235 75.71 12.54 27.56
C SER E 235 75.83 11.03 27.40
N VAL E 236 77.01 10.58 26.99
CA VAL E 236 77.26 9.17 26.78
C VAL E 236 77.26 8.40 28.11
N TRP E 237 77.83 9.00 29.15
CA TRP E 237 77.81 8.32 30.45
C TRP E 237 76.36 8.18 30.91
N ASN E 238 75.54 9.16 30.57
CA ASN E 238 74.14 9.09 30.96
C ASN E 238 73.46 7.96 30.18
N GLN E 239 73.81 7.83 28.91
CA GLN E 239 73.23 6.79 28.07
C GLN E 239 73.59 5.41 28.61
N ARG E 240 74.83 5.26 29.07
CA ARG E 240 75.29 4.00 29.61
C ARG E 240 74.40 3.60 30.78
N HIS E 241 74.14 4.54 31.70
CA HIS E 241 73.30 4.24 32.85
C HIS E 241 71.86 3.97 32.44
N PHE E 242 71.46 4.59 31.35
CA PHE E 242 70.12 4.42 30.80
C PHE E 242 69.95 2.97 30.31
N VAL E 243 70.92 2.52 29.51
CA VAL E 243 70.88 1.18 28.96
C VAL E 243 70.89 0.12 30.04
N ILE E 244 71.89 0.17 30.91
CA ILE E 244 72.01 -0.80 31.97
C ILE E 244 70.85 -0.88 32.94
N SER E 245 70.43 0.25 33.48
CA SER E 245 69.33 0.20 34.44
C SER E 245 68.01 -0.23 33.79
N ASN E 246 67.94 -0.20 32.46
CA ASN E 246 66.72 -0.62 31.78
C ASN E 246 66.80 -2.03 31.22
N THR E 247 67.96 -2.66 31.35
CA THR E 247 68.12 -4.02 30.88
C THR E 247 68.42 -4.89 32.11
N THR E 248 69.68 -5.16 32.36
CA THR E 248 70.06 -5.99 33.49
C THR E 248 69.82 -5.36 34.86
N GLY E 249 70.01 -4.05 34.96
CA GLY E 249 69.85 -3.40 36.25
C GLY E 249 71.21 -3.47 36.92
N TYR E 250 71.33 -2.98 38.16
CA TYR E 250 72.62 -3.02 38.84
C TYR E 250 72.63 -3.92 40.07
N SER E 251 71.53 -4.58 40.35
CA SER E 251 71.44 -5.46 41.53
C SER E 251 72.29 -6.73 41.37
N ASP E 252 72.62 -7.07 40.13
CA ASP E 252 73.45 -8.24 39.88
C ASP E 252 74.89 -7.87 40.21
N ARG E 253 75.39 -8.35 41.35
CA ARG E 253 76.75 -8.06 41.78
C ARG E 253 77.80 -8.20 40.68
N ALA E 254 77.55 -9.06 39.71
CA ALA E 254 78.50 -9.25 38.62
C ALA E 254 78.46 -8.04 37.70
N VAL E 255 77.29 -7.46 37.53
CA VAL E 255 77.14 -6.29 36.68
C VAL E 255 77.76 -5.07 37.38
N LEU E 256 77.40 -4.89 38.65
CA LEU E 256 77.92 -3.79 39.44
C LEU E 256 79.43 -3.79 39.41
N GLU E 257 80.01 -4.96 39.60
CA GLU E 257 81.46 -5.10 39.61
C GLU E 257 82.05 -4.75 38.24
N ARG E 258 81.41 -5.23 37.19
CA ARG E 258 81.89 -4.94 35.85
C ARG E 258 81.91 -3.44 35.61
N GLU E 259 80.82 -2.78 36.01
CA GLU E 259 80.68 -1.34 35.83
C GLU E 259 81.65 -0.52 36.69
N VAL E 260 81.75 -0.86 37.98
CA VAL E 260 82.67 -0.14 38.84
C VAL E 260 84.08 -0.27 38.30
N GLN E 261 84.43 -1.48 37.86
CA GLN E 261 85.75 -1.75 37.32
C GLN E 261 85.99 -0.97 36.04
N TYR E 262 84.97 -0.92 35.19
CA TYR E 262 85.03 -0.21 33.92
C TYR E 262 85.27 1.28 34.13
N THR E 263 84.57 1.84 35.11
CA THR E 263 84.67 3.26 35.41
C THR E 263 86.06 3.59 35.96
N LEU E 264 86.55 2.77 36.90
CA LEU E 264 87.88 3.01 37.46
C LEU E 264 88.91 3.00 36.34
N GLU E 265 88.74 2.14 35.35
CA GLU E 265 89.69 2.07 34.25
C GLU E 265 89.64 3.39 33.49
N MET E 266 88.43 3.92 33.28
CA MET E 266 88.27 5.17 32.56
C MET E 266 88.85 6.32 33.37
N ILE E 267 88.65 6.28 34.68
CA ILE E 267 89.16 7.33 35.55
C ILE E 267 90.68 7.32 35.49
N LYS E 268 91.28 6.13 35.44
CA LYS E 268 92.73 6.02 35.38
C LYS E 268 93.25 6.64 34.07
N LEU E 269 92.49 6.55 32.99
CA LEU E 269 92.91 7.12 31.72
C LEU E 269 92.86 8.64 31.72
N VAL E 270 91.81 9.19 32.34
CA VAL E 270 91.62 10.63 32.44
C VAL E 270 91.02 10.90 33.80
N PRO E 271 91.86 10.97 34.84
CA PRO E 271 91.44 11.22 36.22
C PRO E 271 90.59 12.44 36.48
N HIS E 272 90.79 13.51 35.70
CA HIS E 272 90.00 14.71 35.88
C HIS E 272 88.81 14.68 34.94
N ASN E 273 87.79 13.91 35.31
CA ASN E 273 86.57 13.78 34.52
C ASN E 273 85.38 13.63 35.45
N GLU E 274 84.64 14.71 35.65
CA GLU E 274 83.50 14.68 36.54
C GLU E 274 82.47 13.61 36.17
N SER E 275 82.23 13.46 34.86
CA SER E 275 81.27 12.49 34.36
C SER E 275 81.55 11.07 34.85
N ALA E 276 82.80 10.62 34.72
CA ALA E 276 83.15 9.28 35.17
C ALA E 276 82.94 9.16 36.68
N TRP E 277 83.40 10.14 37.44
CA TRP E 277 83.22 10.10 38.87
C TRP E 277 81.75 10.14 39.31
N ASN E 278 80.94 10.89 38.59
CA ASN E 278 79.52 10.98 38.93
C ASN E 278 78.82 9.64 38.69
N TYR E 279 79.25 8.93 37.65
CA TYR E 279 78.69 7.63 37.33
C TYR E 279 79.06 6.66 38.46
N LEU E 280 80.35 6.58 38.78
CA LEU E 280 80.82 5.71 39.85
C LEU E 280 80.04 5.94 41.14
N LYS E 281 79.90 7.20 41.54
CA LYS E 281 79.17 7.50 42.77
C LYS E 281 77.68 7.23 42.58
N GLY E 282 77.19 7.47 41.37
CA GLY E 282 75.77 7.25 41.11
C GLY E 282 75.31 5.82 41.30
N ILE E 283 76.09 4.88 40.79
CA ILE E 283 75.70 3.47 40.90
C ILE E 283 76.00 2.84 42.26
N LEU E 284 76.62 3.60 43.16
CA LEU E 284 76.94 3.07 44.49
C LEU E 284 76.31 3.82 45.67
N GLN E 285 76.03 5.10 45.49
CA GLN E 285 75.50 5.90 46.59
C GLN E 285 74.27 5.36 47.30
N ASP E 286 73.36 4.73 46.57
CA ASP E 286 72.17 4.21 47.21
C ASP E 286 72.38 2.86 47.89
N ARG E 287 73.40 2.13 47.46
CA ARG E 287 73.72 0.83 48.06
C ARG E 287 74.42 1.13 49.39
N GLY E 288 75.09 2.27 49.45
CA GLY E 288 75.82 2.65 50.65
C GLY E 288 77.31 2.63 50.34
N LEU E 289 77.91 3.80 50.14
CA LEU E 289 79.32 3.89 49.82
C LEU E 289 80.24 3.21 50.84
N SER E 290 79.86 3.26 52.10
CA SER E 290 80.70 2.67 53.15
C SER E 290 80.67 1.13 53.18
N ARG E 291 79.88 0.52 52.30
CA ARG E 291 79.79 -0.94 52.26
C ARG E 291 80.80 -1.58 51.30
N TYR E 292 81.71 -0.78 50.77
CA TYR E 292 82.71 -1.28 49.84
C TYR E 292 84.13 -0.96 50.31
N PRO E 293 84.62 -1.69 51.33
CA PRO E 293 85.97 -1.51 51.89
C PRO E 293 87.15 -1.48 50.93
N ASN E 294 87.09 -2.26 49.85
CA ASN E 294 88.22 -2.25 48.93
C ASN E 294 88.24 -1.01 48.06
N LEU E 295 87.07 -0.41 47.86
CA LEU E 295 86.96 0.81 47.06
C LEU E 295 87.70 1.94 47.78
N LEU E 296 87.44 2.06 49.08
CA LEU E 296 88.09 3.08 49.87
C LEU E 296 89.60 3.05 49.76
N ASN E 297 90.20 1.86 49.90
CA ASN E 297 91.65 1.76 49.80
C ASN E 297 92.18 1.86 48.38
N GLN E 298 91.41 1.39 47.41
CA GLN E 298 91.85 1.49 46.02
C GLN E 298 91.91 2.96 45.62
N LEU E 299 91.01 3.76 46.18
CA LEU E 299 90.97 5.19 45.86
C LEU E 299 92.10 5.90 46.61
N LEU E 300 92.29 5.55 47.88
CA LEU E 300 93.36 6.15 48.68
C LEU E 300 94.73 5.90 48.02
N ASP E 301 94.84 4.80 47.28
CA ASP E 301 96.09 4.46 46.59
C ASP E 301 96.25 5.24 45.30
N LEU E 302 95.13 5.72 44.76
CA LEU E 302 95.15 6.50 43.53
C LEU E 302 95.60 7.93 43.83
N GLN E 303 95.21 8.42 45.01
CA GLN E 303 95.53 9.77 45.44
C GLN E 303 96.96 10.24 45.14
N PRO E 304 97.96 9.37 45.39
CA PRO E 304 99.35 9.74 45.12
C PRO E 304 99.57 10.39 43.77
N SER E 305 99.17 9.70 42.70
CA SER E 305 99.36 10.20 41.35
C SER E 305 98.10 10.69 40.64
N HIS E 306 97.06 9.86 40.67
CA HIS E 306 95.78 10.18 40.02
C HIS E 306 94.84 11.09 40.81
N SER E 307 95.37 11.93 41.70
CA SER E 307 94.52 12.80 42.50
C SER E 307 93.79 13.85 41.67
N SER E 308 92.64 14.27 42.17
CA SER E 308 91.81 15.28 41.53
C SER E 308 90.76 15.67 42.56
N PRO E 309 90.16 16.85 42.41
CA PRO E 309 89.14 17.26 43.38
C PRO E 309 87.98 16.26 43.46
N TYR E 310 87.71 15.58 42.35
CA TYR E 310 86.63 14.60 42.30
C TYR E 310 86.91 13.42 43.23
N LEU E 311 88.16 12.94 43.21
CA LEU E 311 88.56 11.84 44.06
C LEU E 311 88.43 12.25 45.53
N ILE E 312 88.96 13.43 45.86
CA ILE E 312 88.90 13.90 47.24
C ILE E 312 87.45 13.99 47.69
N ALA E 313 86.58 14.51 46.83
CA ALA E 313 85.17 14.64 47.18
C ALA E 313 84.58 13.26 47.41
N PHE E 314 84.94 12.30 46.56
CA PHE E 314 84.44 10.94 46.70
C PHE E 314 84.82 10.39 48.08
N LEU E 315 86.10 10.56 48.45
CA LEU E 315 86.56 10.10 49.75
C LEU E 315 85.74 10.76 50.85
N VAL E 316 85.50 12.06 50.75
CA VAL E 316 84.71 12.75 51.76
C VAL E 316 83.36 12.05 51.90
N ASP E 317 82.71 11.76 50.77
CA ASP E 317 81.40 11.10 50.77
C ASP E 317 81.45 9.70 51.38
N ILE E 318 82.53 8.97 51.10
CA ILE E 318 82.70 7.64 51.67
C ILE E 318 82.76 7.83 53.18
N TYR E 319 83.59 8.76 53.62
CA TYR E 319 83.72 9.03 55.04
C TYR E 319 82.39 9.45 55.65
N GLU E 320 81.64 10.29 54.94
CA GLU E 320 80.35 10.71 55.47
C GLU E 320 79.39 9.55 55.62
N ASP E 321 79.37 8.63 54.65
CA ASP E 321 78.46 7.50 54.74
C ASP E 321 78.81 6.64 55.96
N MET E 322 80.09 6.56 56.29
CA MET E 322 80.51 5.80 57.45
C MET E 322 79.92 6.45 58.70
N LEU E 323 80.20 7.74 58.88
CA LEU E 323 79.69 8.47 60.02
C LEU E 323 78.18 8.29 60.14
N GLU E 324 77.52 8.18 58.99
CA GLU E 324 76.08 8.01 58.93
C GLU E 324 75.68 6.64 59.45
N ASN E 325 76.55 5.66 59.25
CA ASN E 325 76.28 4.30 59.68
C ASN E 325 77.01 3.89 60.95
N GLN E 326 77.00 4.78 61.95
CA GLN E 326 77.65 4.53 63.23
C GLN E 326 78.88 3.63 63.12
N CYS E 327 79.88 4.07 62.36
CA CYS E 327 81.10 3.28 62.15
C CYS E 327 82.02 3.33 63.37
N ASP E 328 83.13 2.60 63.30
CA ASP E 328 84.13 2.54 64.37
C ASP E 328 85.08 3.71 64.22
N ASN E 329 85.47 4.32 65.34
CA ASN E 329 86.39 5.46 65.35
C ASN E 329 85.70 6.69 64.77
N LYS E 330 84.42 6.87 65.09
CA LYS E 330 83.65 8.00 64.59
C LYS E 330 84.41 9.31 64.54
N GLU E 331 84.89 9.78 65.70
CA GLU E 331 85.61 11.04 65.76
C GLU E 331 86.88 11.04 64.91
N ASP E 332 87.46 9.86 64.70
CA ASP E 332 88.66 9.77 63.89
C ASP E 332 88.33 9.92 62.41
N ILE E 333 87.21 9.32 62.00
CA ILE E 333 86.74 9.38 60.63
C ILE E 333 86.34 10.82 60.30
N LEU E 334 85.61 11.44 61.22
CA LEU E 334 85.18 12.83 61.06
C LEU E 334 86.37 13.72 60.74
N ASN E 335 87.45 13.52 61.47
CA ASN E 335 88.66 14.32 61.27
C ASN E 335 89.29 14.06 59.92
N LYS E 336 89.16 12.84 59.41
CA LYS E 336 89.71 12.52 58.12
C LYS E 336 88.91 13.26 57.04
N ALA E 337 87.61 13.40 57.28
CA ALA E 337 86.73 14.09 56.34
C ALA E 337 87.03 15.59 56.36
N LEU E 338 87.03 16.16 57.56
CA LEU E 338 87.30 17.59 57.73
C LEU E 338 88.63 17.95 57.11
N GLU E 339 89.62 17.07 57.28
CA GLU E 339 90.94 17.32 56.72
C GLU E 339 90.85 17.42 55.20
N LEU E 340 90.04 16.55 54.60
CA LEU E 340 89.87 16.56 53.15
C LEU E 340 89.06 17.77 52.68
N CYS E 341 88.06 18.15 53.48
CA CYS E 341 87.24 19.31 53.15
C CYS E 341 88.13 20.53 53.05
N GLU E 342 89.04 20.67 54.00
CA GLU E 342 89.95 21.81 54.02
C GLU E 342 90.94 21.77 52.86
N ILE E 343 91.37 20.57 52.49
CA ILE E 343 92.30 20.43 51.37
C ILE E 343 91.61 20.91 50.11
N LEU E 344 90.32 20.61 50.01
CA LEU E 344 89.52 21.00 48.85
C LEU E 344 89.39 22.53 48.82
N ALA E 345 88.99 23.09 49.96
CA ALA E 345 88.79 24.53 50.10
C ALA E 345 90.06 25.34 49.88
N LYS E 346 91.14 24.91 50.53
CA LYS E 346 92.39 25.62 50.46
C LYS E 346 93.24 25.41 49.21
N GLU E 347 93.18 24.25 48.58
CA GLU E 347 94.03 24.06 47.40
C GLU E 347 93.55 23.23 46.22
N LYS E 348 92.68 22.26 46.42
CA LYS E 348 92.24 21.42 45.31
C LYS E 348 91.02 21.87 44.52
N ASP E 349 90.10 22.57 45.18
CA ASP E 349 88.87 23.03 44.53
C ASP E 349 88.53 24.42 45.10
N THR E 350 89.50 25.32 45.09
CA THR E 350 89.33 26.66 45.67
C THR E 350 88.11 27.46 45.24
N ILE E 351 87.65 27.31 44.01
CA ILE E 351 86.49 28.07 43.58
C ILE E 351 85.27 27.77 44.44
N ARG E 352 85.28 26.59 45.07
CA ARG E 352 84.19 26.19 45.96
C ARG E 352 84.66 26.25 47.42
N LYS E 353 85.70 27.04 47.65
CA LYS E 353 86.28 27.25 48.98
C LYS E 353 85.23 27.36 50.08
N GLU E 354 84.30 28.31 49.93
CA GLU E 354 83.27 28.50 50.94
C GLU E 354 82.26 27.38 51.07
N TYR E 355 82.04 26.65 49.97
CA TYR E 355 81.11 25.53 50.00
C TYR E 355 81.73 24.38 50.79
N TRP E 356 82.99 24.06 50.49
CA TRP E 356 83.65 22.98 51.21
C TRP E 356 83.76 23.30 52.71
N ARG E 357 84.02 24.56 53.05
CA ARG E 357 84.10 24.94 54.46
C ARG E 357 82.73 24.75 55.11
N TYR E 358 81.69 25.05 54.35
CA TYR E 358 80.32 24.90 54.83
C TYR E 358 80.02 23.41 55.04
N ILE E 359 80.52 22.57 54.12
CA ILE E 359 80.31 21.14 54.24
C ILE E 359 81.00 20.67 55.53
N GLY E 360 82.24 21.14 55.72
CA GLY E 360 82.99 20.79 56.91
C GLY E 360 82.20 21.12 58.17
N ARG E 361 81.74 22.36 58.30
CA ARG E 361 80.98 22.76 59.47
C ARG E 361 79.79 21.83 59.66
N SER E 362 79.13 21.50 58.56
CA SER E 362 77.96 20.61 58.62
C SER E 362 78.29 19.22 59.17
N LEU E 363 79.45 18.70 58.79
CA LEU E 363 79.87 17.40 59.24
C LEU E 363 80.15 17.41 60.75
N GLN E 364 80.82 18.46 61.22
CA GLN E 364 81.12 18.55 62.62
C GLN E 364 79.89 18.71 63.50
N SER E 365 79.05 19.68 63.17
CA SER E 365 77.85 19.90 63.97
C SER E 365 76.89 18.72 63.88
N LYS E 366 77.21 17.72 63.07
CA LYS E 366 76.33 16.56 62.93
C LYS E 366 76.92 15.28 63.54
N HIS E 367 78.23 15.27 63.77
CA HIS E 367 78.88 14.10 64.34
C HIS E 367 79.94 14.42 65.40
N SER E 368 79.52 14.85 66.59
CA SER E 368 80.46 15.18 67.66
C SER E 368 79.87 15.08 69.06
N LEU F 18 84.89 44.64 34.39
CA LEU F 18 85.09 46.08 34.75
C LEU F 18 83.80 46.64 35.34
N ASP F 19 83.11 47.43 34.53
CA ASP F 19 81.87 48.06 34.93
C ASP F 19 80.66 47.51 34.20
N PHE F 20 79.49 47.86 34.72
CA PHE F 20 78.22 47.44 34.18
C PHE F 20 77.64 48.61 33.38
N LEU F 21 77.54 48.45 32.07
CA LEU F 21 77.02 49.49 31.19
C LEU F 21 75.51 49.59 31.25
N ARG F 22 74.98 49.93 32.42
CA ARG F 22 73.53 50.04 32.64
C ARG F 22 72.70 50.74 31.57
N ASP F 23 73.05 51.97 31.23
CA ASP F 23 72.29 52.72 30.22
C ASP F 23 72.30 52.05 28.85
N ARG F 24 73.44 51.47 28.49
CA ARG F 24 73.52 50.78 27.22
C ARG F 24 72.53 49.62 27.21
N HIS F 25 72.41 48.91 28.34
CA HIS F 25 71.47 47.80 28.42
C HIS F 25 70.03 48.30 28.41
N VAL F 26 69.79 49.47 29.00
CA VAL F 26 68.44 50.01 28.97
C VAL F 26 68.04 50.26 27.50
N ARG F 27 68.95 50.84 26.74
CA ARG F 27 68.67 51.13 25.34
C ARG F 27 68.53 49.84 24.51
N PHE F 28 69.35 48.85 24.81
CA PHE F 28 69.29 47.57 24.11
C PHE F 28 67.88 46.99 24.23
N PHE F 29 67.32 47.02 25.44
CA PHE F 29 65.99 46.50 25.70
C PHE F 29 64.93 47.36 25.03
N GLN F 30 65.13 48.68 25.00
CA GLN F 30 64.16 49.57 24.36
C GLN F 30 64.07 49.20 22.89
N ARG F 31 65.21 48.96 22.27
CA ARG F 31 65.22 48.58 20.87
C ARG F 31 64.48 47.27 20.65
N CYS F 32 64.69 46.30 21.55
CA CYS F 32 64.00 45.02 21.41
C CYS F 32 62.49 45.21 21.35
N LEU F 33 61.96 46.11 22.18
CA LEU F 33 60.53 46.35 22.18
C LEU F 33 60.03 47.04 20.92
N GLN F 34 60.94 47.70 20.21
CA GLN F 34 60.58 48.44 19.00
C GLN F 34 60.48 47.62 17.72
N VAL F 35 61.61 47.34 17.09
CA VAL F 35 61.60 46.57 15.86
C VAL F 35 62.79 45.63 15.81
N LEU F 36 62.55 44.42 15.29
CA LEU F 36 63.58 43.41 15.15
C LEU F 36 63.84 43.20 13.67
N PRO F 37 65.09 42.91 13.30
CA PRO F 37 65.49 42.67 11.90
C PRO F 37 64.90 41.37 11.36
N GLU F 38 64.66 41.32 10.06
CA GLU F 38 64.09 40.13 9.42
C GLU F 38 64.80 38.84 9.85
N ARG F 39 66.01 38.97 10.37
CA ARG F 39 66.80 37.83 10.80
C ARG F 39 66.32 37.17 12.09
N TYR F 40 65.30 37.73 12.71
CA TYR F 40 64.78 37.16 13.96
C TYR F 40 63.38 36.58 13.76
N SER F 41 63.06 36.33 12.50
CA SER F 41 61.78 35.77 12.09
C SER F 41 61.49 34.45 12.79
N SER F 42 62.52 33.71 13.15
CA SER F 42 62.32 32.42 13.81
C SER F 42 61.75 32.59 15.21
N LEU F 43 61.59 33.83 15.65
CA LEU F 43 61.05 34.09 16.99
C LEU F 43 59.62 34.63 16.90
N GLU F 44 59.10 34.74 15.69
CA GLU F 44 57.75 35.24 15.49
C GLU F 44 56.73 34.64 16.46
N THR F 45 56.63 33.31 16.50
CA THR F 45 55.65 32.66 17.37
C THR F 45 55.94 32.76 18.87
N SER F 46 57.01 33.43 19.26
CA SER F 46 57.29 33.58 20.67
C SER F 46 57.79 34.99 20.96
N ARG F 47 57.20 35.95 20.25
CA ARG F 47 57.54 37.35 20.42
C ARG F 47 57.19 37.80 21.84
N LEU F 48 56.14 37.20 22.41
CA LEU F 48 55.73 37.57 23.77
C LEU F 48 56.82 37.28 24.79
N THR F 49 57.60 36.21 24.57
CA THR F 49 58.67 35.92 25.51
C THR F 49 59.82 36.90 25.31
N ILE F 50 59.94 37.42 24.09
CA ILE F 50 60.99 38.40 23.81
C ILE F 50 60.60 39.70 24.52
N ALA F 51 59.30 40.01 24.49
CA ALA F 51 58.81 41.21 25.16
C ALA F 51 59.08 41.05 26.66
N PHE F 52 58.84 39.84 27.17
CA PHE F 52 59.09 39.54 28.58
C PHE F 52 60.55 39.81 28.95
N PHE F 53 61.47 39.31 28.13
CA PHE F 53 62.89 39.49 28.38
C PHE F 53 63.24 40.96 28.47
N ALA F 54 62.62 41.76 27.60
CA ALA F 54 62.89 43.19 27.55
C ALA F 54 62.21 43.95 28.69
N LEU F 55 60.92 43.69 28.89
CA LEU F 55 60.17 44.35 29.95
C LEU F 55 60.69 43.97 31.33
N SER F 56 60.86 42.68 31.57
CA SER F 56 61.35 42.22 32.87
C SER F 56 62.79 42.73 33.03
N GLY F 57 63.50 42.84 31.92
CA GLY F 57 64.87 43.34 31.96
C GLY F 57 64.88 44.82 32.31
N LEU F 58 63.91 45.57 31.78
CA LEU F 58 63.83 47.00 32.08
C LEU F 58 63.39 47.17 33.52
N ASP F 59 62.45 46.32 33.94
CA ASP F 59 61.97 46.35 35.32
C ASP F 59 63.16 46.12 36.24
N MET F 60 63.95 45.10 35.93
CA MET F 60 65.12 44.75 36.73
C MET F 60 66.10 45.89 36.82
N LEU F 61 66.10 46.75 35.80
CA LEU F 61 67.01 47.89 35.77
C LEU F 61 66.32 49.14 36.29
N ASP F 62 65.06 49.00 36.69
CA ASP F 62 64.31 50.13 37.21
C ASP F 62 64.16 51.22 36.14
N SER F 63 63.77 50.82 34.94
CA SER F 63 63.60 51.76 33.83
C SER F 63 62.34 51.52 33.03
N LEU F 64 61.30 51.00 33.67
CA LEU F 64 60.06 50.75 32.97
C LEU F 64 59.41 52.03 32.49
N ASP F 65 59.83 53.16 33.05
CA ASP F 65 59.27 54.45 32.65
C ASP F 65 59.51 54.79 31.19
N VAL F 66 60.58 54.26 30.61
CA VAL F 66 60.89 54.56 29.22
C VAL F 66 59.97 53.89 28.19
N VAL F 67 58.91 53.26 28.65
CA VAL F 67 58.00 52.61 27.71
C VAL F 67 56.58 53.02 28.04
N ASN F 68 55.67 52.83 27.09
CA ASN F 68 54.28 53.18 27.31
C ASN F 68 53.56 51.93 27.80
N LYS F 69 53.48 51.79 29.12
CA LYS F 69 52.84 50.63 29.73
C LYS F 69 51.45 50.31 29.21
N ASP F 70 50.68 51.35 28.92
CA ASP F 70 49.32 51.15 28.44
C ASP F 70 49.23 50.55 27.03
N ASP F 71 50.09 51.02 26.14
CA ASP F 71 50.09 50.48 24.77
C ASP F 71 50.44 49.01 24.82
N ILE F 72 51.52 48.69 25.52
CA ILE F 72 51.98 47.32 25.64
C ILE F 72 50.95 46.42 26.30
N ILE F 73 50.25 46.93 27.30
CA ILE F 73 49.24 46.12 27.97
C ILE F 73 48.12 45.74 27.00
N GLU F 74 47.74 46.67 26.13
CA GLU F 74 46.69 46.41 25.15
C GLU F 74 47.17 45.37 24.14
N TRP F 75 48.43 45.49 23.76
CA TRP F 75 49.02 44.56 22.80
C TRP F 75 48.97 43.15 23.40
N ILE F 76 49.37 43.03 24.65
CA ILE F 76 49.36 41.74 25.33
C ILE F 76 47.94 41.16 25.40
N TYR F 77 46.97 41.99 25.76
CA TYR F 77 45.60 41.51 25.86
C TYR F 77 45.03 41.09 24.51
N SER F 78 45.60 41.61 23.42
CA SER F 78 45.11 41.24 22.10
C SER F 78 45.59 39.83 21.79
N LEU F 79 46.51 39.33 22.62
CA LEU F 79 47.05 37.99 22.42
C LEU F 79 46.30 36.91 23.22
N GLN F 80 45.34 37.33 24.05
CA GLN F 80 44.59 36.36 24.84
C GLN F 80 43.54 35.62 24.02
N VAL F 81 43.56 34.30 24.12
CA VAL F 81 42.59 33.47 23.43
C VAL F 81 41.45 33.31 24.43
N LEU F 82 40.36 34.03 24.17
CA LEU F 82 39.19 33.99 25.04
C LEU F 82 38.19 32.93 24.60
N PRO F 83 37.39 32.44 25.55
CA PRO F 83 36.41 31.42 25.19
C PRO F 83 35.34 32.02 24.28
N THR F 84 34.81 31.20 23.38
CA THR F 84 33.79 31.66 22.45
C THR F 84 32.41 31.70 23.12
N GLU F 85 31.44 32.29 22.43
CA GLU F 85 30.08 32.40 22.95
C GLU F 85 29.63 31.10 23.59
N ASP F 86 29.69 30.01 22.83
CA ASP F 86 29.28 28.69 23.29
C ASP F 86 30.31 28.01 24.20
N ARG F 87 31.31 28.77 24.65
CA ARG F 87 32.35 28.24 25.52
C ARG F 87 32.82 26.84 25.12
N SER F 88 32.93 26.60 23.82
CA SER F 88 33.35 25.29 23.31
C SER F 88 34.86 25.14 23.11
N ASN F 89 35.61 26.23 23.28
CA ASN F 89 37.05 26.20 23.09
C ASN F 89 37.82 26.46 24.39
N LEU F 90 37.25 26.04 25.52
CA LEU F 90 37.92 26.28 26.80
C LEU F 90 39.30 25.64 26.90
N ASP F 91 39.42 24.41 26.42
CA ASP F 91 40.69 23.68 26.47
C ASP F 91 41.78 24.31 25.62
N ARG F 92 41.45 25.41 24.95
CA ARG F 92 42.41 26.07 24.08
C ARG F 92 42.68 27.53 24.46
N CYS F 93 42.19 27.94 25.63
CA CYS F 93 42.40 29.31 26.06
C CYS F 93 43.75 29.53 26.74
N GLY F 94 44.19 30.78 26.71
CA GLY F 94 45.45 31.16 27.29
C GLY F 94 45.96 32.33 26.45
N PHE F 95 47.26 32.40 26.20
CA PHE F 95 47.79 33.48 25.37
C PHE F 95 48.57 32.98 24.16
N ARG F 96 48.55 33.77 23.09
CA ARG F 96 49.27 33.44 21.85
C ARG F 96 50.63 34.10 21.98
N GLY F 97 51.60 33.61 21.21
CA GLY F 97 52.93 34.20 21.26
C GLY F 97 53.00 35.50 20.46
N SER F 98 52.09 35.65 19.50
CA SER F 98 52.03 36.84 18.65
C SER F 98 50.75 36.77 17.82
N SER F 99 50.64 37.68 16.86
CA SER F 99 49.47 37.74 16.00
C SER F 99 49.66 37.02 14.67
N TYR F 100 50.64 36.12 14.59
CA TYR F 100 50.91 35.41 13.35
C TYR F 100 49.76 34.69 12.67
N LEU F 101 48.65 34.45 13.37
CA LEU F 101 47.52 33.76 12.75
C LEU F 101 46.61 34.67 11.92
N GLY F 102 46.75 35.97 12.11
CA GLY F 102 45.93 36.89 11.35
C GLY F 102 44.59 37.22 11.96
N ILE F 103 44.43 36.96 13.25
CA ILE F 103 43.18 37.27 13.92
C ILE F 103 43.17 38.76 14.16
N PRO F 104 42.05 39.43 13.84
CA PRO F 104 41.92 40.88 14.02
C PRO F 104 42.22 41.37 15.44
N PHE F 105 43.03 42.42 15.53
CA PHE F 105 43.43 43.02 16.79
C PHE F 105 42.23 43.29 17.71
N ASN F 106 42.21 42.63 18.86
CA ASN F 106 41.12 42.80 19.82
C ASN F 106 41.68 42.66 21.24
N PRO F 107 42.01 43.79 21.89
CA PRO F 107 42.55 43.80 23.25
C PRO F 107 41.60 43.27 24.32
N SER F 108 41.31 41.97 24.24
CA SER F 108 40.41 41.30 25.17
C SER F 108 39.14 42.10 25.45
N LYS F 109 38.49 42.52 24.38
CA LYS F 109 37.25 43.27 24.48
C LYS F 109 36.08 42.31 24.22
N ASN F 110 35.65 42.22 22.96
CA ASN F 110 34.55 41.33 22.58
C ASN F 110 34.91 39.87 22.87
N PRO F 111 33.95 38.94 22.63
CA PRO F 111 34.21 37.51 22.87
C PRO F 111 35.29 36.98 21.94
N GLY F 112 35.33 35.66 21.77
CA GLY F 112 36.34 35.06 20.91
C GLY F 112 35.89 34.70 19.50
N THR F 113 36.58 35.22 18.49
CA THR F 113 36.26 34.94 17.09
C THR F 113 36.82 33.57 16.72
N ALA F 114 35.95 32.55 16.69
CA ALA F 114 36.32 31.18 16.38
C ALA F 114 37.30 31.02 15.21
N HIS F 115 38.31 30.19 15.42
CA HIS F 115 39.34 29.91 14.42
C HIS F 115 39.82 28.48 14.63
N PRO F 116 39.81 27.67 13.57
CA PRO F 116 40.24 26.27 13.57
C PRO F 116 41.56 25.94 14.25
N TYR F 117 42.51 26.87 14.21
CA TYR F 117 43.81 26.59 14.80
C TYR F 117 44.33 27.64 15.78
N ASP F 118 43.43 28.43 16.36
CA ASP F 118 43.87 29.44 17.32
C ASP F 118 43.74 28.92 18.74
N SER F 119 44.88 28.81 19.43
CA SER F 119 44.88 28.35 20.81
C SER F 119 46.08 28.99 21.51
N GLY F 120 46.14 28.84 22.83
CA GLY F 120 47.24 29.43 23.57
C GLY F 120 48.45 28.52 23.59
N HIS F 121 49.55 29.05 24.10
CA HIS F 121 50.80 28.31 24.21
C HIS F 121 51.24 28.53 25.67
N ILE F 122 51.45 27.43 26.38
CA ILE F 122 51.81 27.52 27.80
C ILE F 122 52.92 28.53 28.17
N ALA F 123 53.97 28.61 27.35
CA ALA F 123 55.05 29.55 27.64
C ALA F 123 54.63 30.99 27.40
N MET F 124 53.60 31.17 26.58
CA MET F 124 53.11 32.52 26.27
C MET F 124 52.11 32.95 27.33
N THR F 125 51.31 32.00 27.79
CA THR F 125 50.35 32.29 28.85
C THR F 125 51.19 32.72 30.06
N TYR F 126 52.29 32.00 30.27
CA TYR F 126 53.18 32.31 31.38
C TYR F 126 53.82 33.70 31.23
N THR F 127 54.57 33.92 30.15
CA THR F 127 55.21 35.21 29.95
C THR F 127 54.20 36.34 29.79
N GLY F 128 53.04 36.02 29.23
CA GLY F 128 52.00 37.02 29.06
C GLY F 128 51.54 37.56 30.42
N LEU F 129 51.08 36.65 31.29
CA LEU F 129 50.63 37.04 32.63
C LEU F 129 51.76 37.75 33.35
N SER F 130 52.96 37.21 33.22
CA SER F 130 54.11 37.79 33.87
C SER F 130 54.34 39.23 33.39
N CYS F 131 54.18 39.47 32.09
CA CYS F 131 54.36 40.82 31.56
C CYS F 131 53.31 41.77 32.09
N LEU F 132 52.06 41.30 32.14
CA LEU F 132 50.97 42.12 32.64
C LEU F 132 51.24 42.59 34.06
N ILE F 133 51.69 41.68 34.91
CA ILE F 133 51.99 42.02 36.30
C ILE F 133 53.12 43.04 36.38
N ILE F 134 54.15 42.85 35.56
CA ILE F 134 55.28 43.76 35.53
C ILE F 134 54.85 45.16 35.12
N LEU F 135 53.91 45.23 34.17
CA LEU F 135 53.43 46.51 33.66
C LEU F 135 52.44 47.21 34.58
N GLY F 136 52.06 46.55 35.67
CA GLY F 136 51.14 47.15 36.62
C GLY F 136 49.69 46.77 36.46
N ASP F 137 49.37 46.04 35.40
CA ASP F 137 47.97 45.64 35.17
C ASP F 137 47.51 44.77 36.34
N ASP F 138 46.19 44.72 36.57
CA ASP F 138 45.65 43.96 37.68
C ASP F 138 45.03 42.61 37.28
N LEU F 139 45.22 42.24 36.02
CA LEU F 139 44.70 40.96 35.52
C LEU F 139 43.19 40.82 35.50
N SER F 140 42.46 41.93 35.64
CA SER F 140 40.99 41.86 35.64
C SER F 140 40.46 41.40 34.29
N ARG F 141 41.17 41.72 33.21
CA ARG F 141 40.73 41.31 31.88
C ARG F 141 41.16 39.89 31.50
N VAL F 142 41.86 39.22 32.42
CA VAL F 142 42.29 37.86 32.16
C VAL F 142 41.17 36.90 32.55
N ASP F 143 40.76 36.03 31.64
CA ASP F 143 39.73 35.07 31.97
C ASP F 143 40.45 33.94 32.71
N LYS F 144 40.66 34.15 34.01
CA LYS F 144 41.36 33.18 34.84
C LYS F 144 40.85 31.75 34.72
N GLU F 145 39.55 31.55 34.76
CA GLU F 145 39.02 30.20 34.68
C GLU F 145 39.31 29.55 33.33
N ALA F 146 39.28 30.35 32.27
CA ALA F 146 39.56 29.83 30.94
C ALA F 146 41.02 29.39 30.86
N CYS F 147 41.92 30.24 31.33
CA CYS F 147 43.34 29.91 31.31
C CYS F 147 43.62 28.64 32.10
N LEU F 148 43.02 28.52 33.27
CA LEU F 148 43.21 27.35 34.12
C LEU F 148 42.68 26.09 33.47
N ALA F 149 41.57 26.22 32.75
CA ALA F 149 40.98 25.09 32.06
C ALA F 149 41.95 24.68 30.94
N GLY F 150 42.50 25.69 30.26
CA GLY F 150 43.45 25.45 29.19
C GLY F 150 44.67 24.73 29.73
N LEU F 151 45.17 25.21 30.87
CA LEU F 151 46.33 24.62 31.50
C LEU F 151 46.07 23.14 31.83
N ARG F 152 44.97 22.86 32.51
CA ARG F 152 44.62 21.48 32.87
C ARG F 152 44.67 20.53 31.68
N ALA F 153 44.16 20.99 30.54
CA ALA F 153 44.13 20.18 29.33
C ALA F 153 45.51 19.81 28.81
N LEU F 154 46.52 20.61 29.15
CA LEU F 154 47.89 20.36 28.70
C LEU F 154 48.66 19.30 29.49
N GLN F 155 48.21 18.96 30.70
CA GLN F 155 48.93 17.99 31.51
C GLN F 155 48.72 16.55 31.07
N LEU F 156 49.81 15.80 30.98
CA LEU F 156 49.76 14.41 30.57
C LEU F 156 49.62 13.47 31.77
N GLU F 157 49.39 12.19 31.48
CA GLU F 157 49.24 11.21 32.54
C GLU F 157 50.45 11.15 33.46
N ASP F 158 51.65 11.32 32.90
CA ASP F 158 52.88 11.26 33.70
C ASP F 158 53.13 12.51 34.55
N GLY F 159 52.23 13.49 34.47
CA GLY F 159 52.41 14.69 35.26
C GLY F 159 53.02 15.88 34.55
N SER F 160 53.73 15.65 33.44
CA SER F 160 54.35 16.75 32.71
C SER F 160 53.32 17.48 31.84
N PHE F 161 53.75 18.51 31.13
CA PHE F 161 52.86 19.29 30.29
C PHE F 161 53.33 19.47 28.85
N CYS F 162 52.37 19.70 27.97
CA CYS F 162 52.62 19.97 26.57
C CYS F 162 52.49 21.48 26.49
N ALA F 163 52.87 22.08 25.37
CA ALA F 163 52.77 23.54 25.25
C ALA F 163 51.44 23.99 24.63
N VAL F 164 50.89 23.17 23.75
CA VAL F 164 49.64 23.51 23.08
C VAL F 164 48.71 22.31 22.97
N PRO F 165 47.39 22.55 23.00
CA PRO F 165 46.41 21.46 22.91
C PRO F 165 46.51 20.61 21.65
N GLU F 166 47.03 21.17 20.55
CA GLU F 166 47.17 20.41 19.32
C GLU F 166 48.26 19.36 19.45
N GLY F 167 49.10 19.50 20.47
CA GLY F 167 50.17 18.54 20.66
C GLY F 167 51.56 19.13 20.47
N SER F 168 52.51 18.64 21.27
CA SER F 168 53.89 19.10 21.19
C SER F 168 54.70 18.18 22.08
N GLU F 169 56.00 18.45 22.20
CA GLU F 169 56.86 17.66 23.05
C GLU F 169 56.44 18.03 24.47
N ASN F 170 56.81 17.21 25.44
CA ASN F 170 56.46 17.49 26.83
C ASN F 170 57.69 17.28 27.70
N ASP F 171 57.95 18.22 28.61
CA ASP F 171 59.10 18.11 29.49
C ASP F 171 59.05 19.12 30.64
N MET F 172 60.11 19.14 31.43
CA MET F 172 60.22 20.02 32.58
C MET F 172 59.98 21.51 32.31
N ARG F 173 60.39 21.98 31.14
CA ARG F 173 60.19 23.40 30.80
C ARG F 173 58.73 23.82 31.01
N PHE F 174 57.82 22.99 30.52
CA PHE F 174 56.42 23.31 30.61
C PHE F 174 55.82 23.06 31.99
N VAL F 175 56.47 22.23 32.79
CA VAL F 175 56.01 21.98 34.15
C VAL F 175 56.21 23.30 34.91
N TYR F 176 57.33 23.95 34.63
CA TYR F 176 57.66 25.23 35.26
C TYR F 176 56.67 26.33 34.83
N CYS F 177 56.33 26.33 33.55
CA CYS F 177 55.38 27.32 33.02
C CYS F 177 54.05 27.15 33.73
N ALA F 178 53.61 25.89 33.86
CA ALA F 178 52.35 25.58 34.51
C ALA F 178 52.38 26.08 35.96
N SER F 179 53.48 25.80 36.66
CA SER F 179 53.63 26.23 38.05
C SER F 179 53.56 27.74 38.18
N CYS F 180 54.23 28.46 37.28
CA CYS F 180 54.21 29.92 37.32
C CYS F 180 52.80 30.46 37.08
N ILE F 181 52.10 29.89 36.12
CA ILE F 181 50.75 30.33 35.82
C ILE F 181 49.86 30.13 37.05
N CYS F 182 49.85 28.92 37.61
CA CYS F 182 49.05 28.65 38.80
C CYS F 182 49.41 29.61 39.92
N TYR F 183 50.70 29.85 40.10
CA TYR F 183 51.13 30.75 41.15
C TYR F 183 50.63 32.18 40.93
N MET F 184 50.80 32.70 39.71
CA MET F 184 50.37 34.06 39.41
C MET F 184 48.86 34.24 39.49
N LEU F 185 48.12 33.22 39.09
CA LEU F 185 46.67 33.29 39.17
C LEU F 185 46.24 32.85 40.57
N ASN F 186 47.23 32.59 41.42
CA ASN F 186 46.99 32.15 42.79
C ASN F 186 45.89 31.10 42.87
N ASN F 187 45.97 30.10 42.00
CA ASN F 187 44.98 29.03 41.94
C ASN F 187 45.63 27.80 41.32
N TRP F 188 45.79 26.73 42.10
CA TRP F 188 46.42 25.53 41.58
C TRP F 188 45.50 24.52 40.95
N SER F 189 44.28 24.92 40.64
CA SER F 189 43.34 24.00 40.01
C SER F 189 43.78 23.77 38.56
N GLY F 190 44.81 24.51 38.15
CA GLY F 190 45.32 24.41 36.80
C GLY F 190 46.12 23.14 36.55
N MET F 191 46.46 22.41 37.60
CA MET F 191 47.24 21.18 37.45
C MET F 191 46.96 20.17 38.54
N ASP F 192 47.32 18.92 38.27
CA ASP F 192 47.23 17.86 39.25
C ASP F 192 48.62 17.87 39.85
N MET F 193 48.76 18.65 40.92
CA MET F 193 50.04 18.81 41.61
C MET F 193 50.76 17.52 41.98
N LYS F 194 50.00 16.55 42.47
CA LYS F 194 50.59 15.29 42.88
C LYS F 194 51.32 14.63 41.69
N LYS F 195 50.71 14.68 40.52
CA LYS F 195 51.32 14.08 39.34
C LYS F 195 52.53 14.88 38.85
N ALA F 196 52.44 16.21 38.94
CA ALA F 196 53.55 17.04 38.52
C ALA F 196 54.76 16.76 39.41
N ILE F 197 54.49 16.64 40.72
CA ILE F 197 55.55 16.37 41.69
C ILE F 197 56.20 15.04 41.38
N SER F 198 55.38 14.07 41.01
CA SER F 198 55.89 12.76 40.66
C SER F 198 56.83 12.86 39.46
N TYR F 199 56.43 13.66 38.46
CA TYR F 199 57.23 13.83 37.27
C TYR F 199 58.59 14.43 37.65
N ILE F 200 58.55 15.45 38.50
CA ILE F 200 59.78 16.10 38.93
C ILE F 200 60.69 15.14 39.66
N ARG F 201 60.15 14.34 40.58
CA ARG F 201 61.00 13.37 41.30
C ARG F 201 61.61 12.37 40.34
N ARG F 202 60.80 11.86 39.42
CA ARG F 202 61.29 10.86 38.46
C ARG F 202 62.35 11.38 37.51
N SER F 203 62.51 12.69 37.43
CA SER F 203 63.50 13.26 36.53
C SER F 203 64.88 13.32 37.16
N MET F 204 64.97 13.02 38.45
CA MET F 204 66.26 13.05 39.12
C MET F 204 67.18 11.97 38.57
N SER F 205 68.39 12.37 38.17
CA SER F 205 69.37 11.45 37.59
C SER F 205 70.24 10.78 38.64
N TYR F 206 71.03 9.81 38.20
CA TYR F 206 71.93 9.09 39.10
C TYR F 206 73.01 10.06 39.60
N ASP F 207 73.26 11.12 38.84
CA ASP F 207 74.27 12.10 39.26
C ASP F 207 73.64 13.17 40.15
N ASN F 208 72.35 12.99 40.45
CA ASN F 208 71.63 13.87 41.34
C ASN F 208 71.07 15.22 40.84
N GLY F 209 71.34 15.54 39.57
CA GLY F 209 70.79 16.75 39.01
C GLY F 209 69.42 16.36 38.48
N LEU F 210 68.65 17.31 37.97
CA LEU F 210 67.33 17.00 37.41
C LEU F 210 67.39 17.09 35.89
N ALA F 211 66.77 16.15 35.20
CA ALA F 211 66.77 16.15 33.74
C ALA F 211 65.43 16.62 33.21
N GLN F 212 65.32 16.76 31.88
CA GLN F 212 64.07 17.20 31.26
C GLN F 212 62.97 16.15 31.50
N GLY F 213 63.40 14.92 31.73
CA GLY F 213 62.47 13.84 31.97
C GLY F 213 63.23 12.62 32.45
N ALA F 214 62.51 11.62 32.93
CA ALA F 214 63.14 10.40 33.44
C ALA F 214 64.15 9.76 32.48
N GLY F 215 65.32 9.43 33.02
CA GLY F 215 66.36 8.79 32.22
C GLY F 215 67.26 9.69 31.40
N LEU F 216 66.84 10.94 31.18
CA LEU F 216 67.64 11.88 30.40
C LEU F 216 68.78 12.48 31.22
N GLU F 217 69.75 13.07 30.54
CA GLU F 217 70.91 13.71 31.17
C GLU F 217 70.47 14.91 32.04
N SER F 218 70.89 14.95 33.30
CA SER F 218 70.51 16.05 34.17
C SER F 218 71.06 17.33 33.55
N HIS F 219 70.31 18.42 33.69
CA HIS F 219 70.68 19.68 33.06
C HIS F 219 70.34 20.89 33.94
N GLY F 220 71.16 21.93 33.85
CA GLY F 220 70.92 23.12 34.66
C GLY F 220 69.58 23.77 34.40
N GLY F 221 69.13 23.71 33.15
CA GLY F 221 67.85 24.29 32.80
C GLY F 221 66.69 23.55 33.45
N SER F 222 66.70 22.22 33.34
CA SER F 222 65.64 21.42 33.92
C SER F 222 65.71 21.36 35.45
N THR F 223 66.93 21.43 35.99
CA THR F 223 67.07 21.41 37.44
C THR F 223 66.43 22.69 37.98
N PHE F 224 66.62 23.81 37.27
CA PHE F 224 66.00 25.04 37.71
C PHE F 224 64.48 24.91 37.62
N CYS F 225 63.99 24.42 36.48
CA CYS F 225 62.55 24.28 36.31
C CYS F 225 61.90 23.39 37.37
N GLY F 226 62.57 22.29 37.71
CA GLY F 226 62.06 21.39 38.73
C GLY F 226 62.07 22.00 40.12
N ILE F 227 63.24 22.44 40.57
CA ILE F 227 63.35 23.04 41.89
C ILE F 227 62.47 24.29 42.03
N ALA F 228 62.47 25.15 41.03
CA ALA F 228 61.66 26.36 41.08
C ALA F 228 60.16 26.03 41.14
N SER F 229 59.74 25.00 40.41
CA SER F 229 58.34 24.61 40.45
C SER F 229 57.95 24.19 41.87
N LEU F 230 58.78 23.34 42.49
CA LEU F 230 58.51 22.88 43.84
C LEU F 230 58.45 24.05 44.81
N CYS F 231 59.36 25.00 44.68
CA CYS F 231 59.35 26.14 45.57
C CYS F 231 58.08 26.95 45.37
N LEU F 232 57.69 27.12 44.12
CA LEU F 232 56.46 27.86 43.84
C LEU F 232 55.27 27.15 44.48
N MET F 233 55.33 25.82 44.51
CA MET F 233 54.27 25.01 45.12
C MET F 233 54.43 25.00 46.64
N GLY F 234 55.60 25.44 47.10
CA GLY F 234 55.89 25.43 48.52
C GLY F 234 56.03 23.98 49.00
N LYS F 235 56.72 23.14 48.24
CA LYS F 235 56.87 21.75 48.63
C LYS F 235 58.26 21.17 48.49
N LEU F 236 59.28 22.02 48.41
CA LEU F 236 60.66 21.56 48.25
C LEU F 236 61.00 20.54 49.34
N GLU F 237 60.88 20.99 50.59
CA GLU F 237 61.19 20.17 51.76
C GLU F 237 60.38 18.88 51.82
N GLU F 238 59.12 18.98 51.44
CA GLU F 238 58.23 17.81 51.46
C GLU F 238 58.58 16.77 50.42
N VAL F 239 59.03 17.22 49.24
CA VAL F 239 59.34 16.30 48.15
C VAL F 239 60.71 15.65 48.21
N PHE F 240 61.73 16.42 48.58
CA PHE F 240 63.07 15.86 48.64
C PHE F 240 63.58 15.79 50.09
N SER F 241 64.24 14.69 50.42
CA SER F 241 64.77 14.50 51.75
C SER F 241 66.00 15.40 51.91
N GLU F 242 66.45 15.58 53.14
CA GLU F 242 67.63 16.40 53.38
C GLU F 242 68.82 15.84 52.62
N LYS F 243 68.93 14.51 52.60
CA LYS F 243 70.04 13.86 51.92
C LYS F 243 69.93 14.12 50.41
N GLU F 244 68.70 14.08 49.90
CA GLU F 244 68.48 14.32 48.48
C GLU F 244 68.82 15.77 48.13
N LEU F 245 68.35 16.71 48.94
CA LEU F 245 68.64 18.12 48.70
C LEU F 245 70.14 18.36 48.75
N ASN F 246 70.83 17.65 49.64
CA ASN F 246 72.28 17.81 49.73
C ASN F 246 72.95 17.36 48.44
N ARG F 247 72.45 16.29 47.86
CA ARG F 247 73.02 15.77 46.63
C ARG F 247 72.74 16.71 45.48
N ILE F 248 71.53 17.25 45.43
CA ILE F 248 71.16 18.19 44.39
C ILE F 248 72.05 19.43 44.52
N LYS F 249 72.22 19.91 45.75
CA LYS F 249 73.07 21.08 45.98
C LYS F 249 74.47 20.83 45.45
N ARG F 250 75.01 19.66 45.75
CA ARG F 250 76.35 19.31 45.29
C ARG F 250 76.43 19.36 43.77
N TRP F 251 75.44 18.80 43.10
CA TRP F 251 75.44 18.79 41.62
C TRP F 251 75.38 20.21 41.08
N CYS F 252 74.53 21.05 41.68
CA CYS F 252 74.38 22.43 41.25
C CYS F 252 75.63 23.26 41.45
N ILE F 253 76.20 23.23 42.64
CA ILE F 253 77.38 24.03 42.89
C ILE F 253 78.60 23.58 42.09
N MET F 254 78.58 22.35 41.59
CA MET F 254 79.69 21.85 40.79
C MET F 254 79.63 22.45 39.38
N ARG F 255 78.53 23.11 39.04
CA ARG F 255 78.38 23.71 37.72
C ARG F 255 79.23 24.97 37.54
N GLN F 256 79.71 25.56 38.62
CA GLN F 256 80.54 26.76 38.48
C GLN F 256 81.99 26.44 38.11
N GLN F 257 82.43 27.02 36.99
CA GLN F 257 83.80 26.87 36.50
C GLN F 257 84.49 28.22 36.69
N ASN F 258 83.73 29.29 36.42
CA ASN F 258 84.11 30.69 36.57
C ASN F 258 82.70 31.26 36.46
N GLY F 259 82.12 31.09 35.27
CA GLY F 259 80.74 31.44 35.04
C GLY F 259 80.12 30.06 35.26
N TYR F 260 78.92 29.81 34.74
CA TYR F 260 78.33 28.49 34.94
C TYR F 260 78.01 27.77 33.62
N HIS F 261 78.10 26.44 33.63
CA HIS F 261 77.73 25.68 32.43
C HIS F 261 76.44 24.94 32.77
N GLY F 262 75.78 24.38 31.78
CA GLY F 262 74.53 23.68 32.06
C GLY F 262 74.64 22.19 32.34
N ARG F 263 75.78 21.60 31.99
CA ARG F 263 76.01 20.16 32.19
C ARG F 263 77.49 19.92 32.38
N PRO F 264 77.84 18.86 33.10
CA PRO F 264 79.26 18.54 33.34
C PRO F 264 79.99 18.48 31.99
N ASN F 265 81.24 18.93 31.99
CA ASN F 265 82.09 18.93 30.79
C ASN F 265 81.63 19.74 29.59
N LYS F 266 80.76 20.72 29.81
CA LYS F 266 80.30 21.61 28.74
C LYS F 266 80.81 23.02 29.03
N PRO F 267 81.00 23.84 28.00
CA PRO F 267 81.50 25.21 28.23
C PRO F 267 80.47 26.10 28.93
N VAL F 268 80.97 27.06 29.73
CA VAL F 268 80.07 27.96 30.44
C VAL F 268 79.29 28.84 29.47
N ASP F 269 78.14 29.29 29.92
CA ASP F 269 77.23 30.13 29.14
C ASP F 269 76.55 31.07 30.13
N THR F 270 76.60 32.35 29.82
CA THR F 270 76.03 33.38 30.67
C THR F 270 74.67 33.09 31.29
N CYS F 271 73.72 32.60 30.49
CA CYS F 271 72.39 32.35 31.02
C CYS F 271 72.33 31.39 32.19
N TYR F 272 73.34 30.52 32.34
CA TYR F 272 73.36 29.60 33.46
C TYR F 272 73.68 30.27 34.79
N SER F 273 74.17 31.51 34.71
CA SER F 273 74.46 32.26 35.92
C SER F 273 73.11 32.48 36.59
N PHE F 274 72.04 32.39 35.81
CA PHE F 274 70.73 32.51 36.39
C PHE F 274 70.12 31.11 36.63
N TRP F 275 70.02 30.29 35.58
CA TRP F 275 69.42 28.97 35.73
C TRP F 275 69.99 28.23 36.95
N VAL F 276 71.31 28.10 37.01
CA VAL F 276 71.94 27.41 38.12
C VAL F 276 72.00 28.30 39.35
N GLY F 277 72.43 29.54 39.16
CA GLY F 277 72.52 30.50 40.25
C GLY F 277 71.22 30.63 41.03
N ALA F 278 70.11 30.78 40.31
CA ALA F 278 68.81 30.90 40.95
C ALA F 278 68.48 29.61 41.72
N THR F 279 68.88 28.47 41.17
CA THR F 279 68.60 27.21 41.84
C THR F 279 69.38 27.19 43.15
N LEU F 280 70.65 27.57 43.06
CA LEU F 280 71.49 27.60 44.24
C LEU F 280 70.91 28.56 45.28
N LYS F 281 70.31 29.65 44.80
CA LYS F 281 69.71 30.62 45.71
C LYS F 281 68.50 29.99 46.41
N LEU F 282 67.67 29.30 45.64
CA LEU F 282 66.51 28.65 46.21
C LEU F 282 66.92 27.58 47.22
N LEU F 283 68.08 26.96 47.00
CA LEU F 283 68.58 25.92 47.89
C LEU F 283 69.40 26.53 49.03
N LYS F 284 69.45 27.86 49.07
CA LYS F 284 70.18 28.60 50.10
C LYS F 284 71.68 28.41 50.20
N ILE F 285 72.36 28.18 49.09
CA ILE F 285 73.81 28.03 49.16
C ILE F 285 74.49 28.84 48.08
N PHE F 286 73.76 29.72 47.41
CA PHE F 286 74.39 30.55 46.38
C PHE F 286 75.44 31.41 47.06
N GLN F 287 75.19 31.72 48.33
CA GLN F 287 76.09 32.53 49.14
C GLN F 287 77.47 31.90 49.28
N TYR F 288 77.58 30.61 48.99
CA TYR F 288 78.86 29.93 49.13
C TYR F 288 79.62 29.79 47.82
N THR F 289 79.04 30.34 46.74
CA THR F 289 79.69 30.29 45.44
C THR F 289 80.71 31.41 45.34
N ASN F 290 81.53 31.39 44.30
CA ASN F 290 82.52 32.44 44.11
C ASN F 290 81.87 33.56 43.28
N PHE F 291 81.60 34.69 43.92
CA PHE F 291 80.96 35.82 43.24
C PHE F 291 81.79 36.51 42.16
N GLU F 292 83.03 36.83 42.51
CA GLU F 292 83.88 37.56 41.58
C GLU F 292 84.11 36.89 40.23
N LYS F 293 84.44 35.60 40.24
CA LYS F 293 84.65 34.90 38.98
C LYS F 293 83.39 34.83 38.14
N ASN F 294 82.24 34.71 38.81
CA ASN F 294 80.97 34.65 38.12
C ASN F 294 80.67 36.01 37.50
N ARG F 295 80.81 37.07 38.30
CA ARG F 295 80.58 38.43 37.83
C ARG F 295 81.53 38.78 36.69
N ASN F 296 82.80 38.44 36.85
CA ASN F 296 83.77 38.74 35.80
C ASN F 296 83.42 38.03 34.50
N TYR F 297 82.96 36.77 34.59
CA TYR F 297 82.60 36.05 33.38
C TYR F 297 81.42 36.71 32.70
N ILE F 298 80.36 36.99 33.46
CA ILE F 298 79.17 37.62 32.90
C ILE F 298 79.52 38.92 32.17
N LEU F 299 80.29 39.78 32.84
CA LEU F 299 80.66 41.05 32.24
C LEU F 299 81.53 40.86 31.00
N SER F 300 82.29 39.77 30.93
CA SER F 300 83.13 39.54 29.77
C SER F 300 82.29 39.25 28.53
N THR F 301 80.99 39.00 28.71
CA THR F 301 80.11 38.69 27.57
C THR F 301 79.23 39.92 27.25
N GLN F 302 79.53 41.01 27.92
CA GLN F 302 78.77 42.25 27.72
C GLN F 302 79.17 42.88 26.39
N ASP F 303 78.19 43.35 25.62
CA ASP F 303 78.51 44.01 24.34
C ASP F 303 78.54 45.51 24.66
N ARG F 304 79.75 46.04 24.81
CA ARG F 304 79.95 47.44 25.15
C ARG F 304 79.49 48.42 24.09
N LEU F 305 79.27 47.93 22.88
CA LEU F 305 78.84 48.79 21.78
C LEU F 305 77.32 48.87 21.65
N VAL F 306 76.66 47.73 21.47
CA VAL F 306 75.21 47.71 21.30
C VAL F 306 74.45 47.43 22.59
N GLY F 307 75.16 46.98 23.62
CA GLY F 307 74.51 46.66 24.88
C GLY F 307 74.07 45.21 24.91
N GLY F 308 73.48 44.78 26.01
CA GLY F 308 73.04 43.40 26.13
C GLY F 308 74.20 42.47 26.42
N PHE F 309 73.91 41.19 26.60
CA PHE F 309 74.94 40.18 26.87
C PHE F 309 74.83 39.02 25.89
N ALA F 310 75.90 38.28 25.72
CA ALA F 310 75.91 37.14 24.82
C ALA F 310 76.18 35.89 25.68
N LYS F 311 76.07 34.71 25.09
CA LYS F 311 76.32 33.51 25.87
C LYS F 311 77.81 33.40 26.15
N TRP F 312 78.61 33.84 25.19
CA TRP F 312 80.06 33.79 25.34
C TRP F 312 80.70 35.14 25.02
N PRO F 313 81.92 35.37 25.50
CA PRO F 313 82.55 36.65 25.21
C PRO F 313 82.85 36.78 23.70
N ASP F 314 82.83 38.01 23.20
CA ASP F 314 83.10 38.24 21.78
C ASP F 314 82.09 37.44 20.94
N SER F 315 80.83 37.46 21.38
CA SER F 315 79.78 36.74 20.68
C SER F 315 78.61 37.73 20.59
N HIS F 316 77.71 37.56 19.63
CA HIS F 316 76.61 38.51 19.50
C HIS F 316 75.58 38.38 20.60
N PRO F 317 75.14 39.52 21.17
CA PRO F 317 74.15 39.56 22.24
C PRO F 317 72.73 39.33 21.74
N ASP F 318 71.86 38.89 22.64
CA ASP F 318 70.46 38.67 22.33
C ASP F 318 69.64 38.99 23.57
N ALA F 319 68.32 39.11 23.39
CA ALA F 319 67.43 39.44 24.50
C ALA F 319 67.50 38.43 25.64
N LEU F 320 67.56 37.14 25.32
CA LEU F 320 67.59 36.10 26.33
C LEU F 320 68.82 36.22 27.25
N HIS F 321 70.01 36.31 26.66
CA HIS F 321 71.20 36.41 27.48
C HIS F 321 71.37 37.77 28.15
N ALA F 322 70.79 38.80 27.56
CA ALA F 322 70.86 40.12 28.15
C ALA F 322 70.05 40.05 29.44
N TYR F 323 68.86 39.47 29.37
CA TYR F 323 68.01 39.36 30.53
C TYR F 323 68.57 38.45 31.61
N PHE F 324 69.00 37.25 31.24
CA PHE F 324 69.54 36.32 32.22
C PHE F 324 70.90 36.74 32.74
N GLY F 325 71.67 37.46 31.93
CA GLY F 325 72.96 37.92 32.40
C GLY F 325 72.69 38.94 33.50
N ILE F 326 71.70 39.79 33.27
CA ILE F 326 71.32 40.80 34.24
C ILE F 326 70.76 40.14 35.50
N CYS F 327 69.92 39.12 35.35
CA CYS F 327 69.39 38.42 36.51
C CYS F 327 70.52 37.71 37.26
N GLY F 328 71.51 37.22 36.52
CA GLY F 328 72.63 36.55 37.16
C GLY F 328 73.39 37.53 38.04
N LEU F 329 73.58 38.74 37.54
CA LEU F 329 74.25 39.80 38.27
C LEU F 329 73.42 40.18 39.50
N SER F 330 72.11 40.23 39.30
CA SER F 330 71.17 40.57 40.36
C SER F 330 71.30 39.63 41.56
N LEU F 331 71.49 38.34 41.29
CA LEU F 331 71.64 37.36 42.34
C LEU F 331 72.73 37.77 43.32
N MET F 332 73.71 38.54 42.84
CA MET F 332 74.79 38.98 43.70
C MET F 332 74.62 40.44 44.14
N GLU F 333 73.45 40.97 43.87
CA GLU F 333 73.10 42.35 44.21
C GLU F 333 73.99 43.43 43.59
N GLU F 334 74.06 43.38 42.26
CA GLU F 334 74.80 44.33 41.45
C GLU F 334 74.27 45.73 41.75
N SER F 335 75.17 46.68 41.91
CA SER F 335 74.76 48.05 42.17
C SER F 335 74.02 48.58 40.95
N GLY F 336 72.70 48.78 41.08
CA GLY F 336 71.92 49.28 39.97
C GLY F 336 70.91 48.32 39.39
N ILE F 337 70.89 47.08 39.89
CA ILE F 337 69.94 46.09 39.41
C ILE F 337 69.07 45.59 40.53
N CYS F 338 67.76 45.58 40.32
CA CYS F 338 66.83 45.08 41.33
C CYS F 338 67.15 43.62 41.62
N LYS F 339 66.69 43.14 42.77
CA LYS F 339 66.91 41.76 43.17
C LYS F 339 65.84 40.94 42.49
N VAL F 340 66.23 39.88 41.80
CA VAL F 340 65.27 39.04 41.11
C VAL F 340 64.67 38.01 42.07
N HIS F 341 63.41 37.66 41.86
CA HIS F 341 62.80 36.63 42.68
C HIS F 341 63.24 35.37 41.95
N PRO F 342 64.12 34.57 42.56
CA PRO F 342 64.68 33.33 42.01
C PRO F 342 63.74 32.26 41.48
N ALA F 343 62.55 32.15 42.04
CA ALA F 343 61.66 31.12 41.56
C ALA F 343 60.65 31.64 40.56
N LEU F 344 60.16 32.86 40.79
CA LEU F 344 59.15 33.45 39.92
C LEU F 344 59.74 34.10 38.67
N ASN F 345 61.00 34.50 38.74
CA ASN F 345 61.66 35.11 37.60
C ASN F 345 61.11 36.49 37.21
N VAL F 346 61.00 37.36 38.21
CA VAL F 346 60.55 38.74 38.06
C VAL F 346 61.24 39.47 39.19
N SER F 347 61.26 40.79 39.15
CA SER F 347 61.92 41.53 40.22
C SER F 347 61.11 41.28 41.48
N THR F 348 61.79 41.21 42.63
CA THR F 348 61.09 40.98 43.88
C THR F 348 60.03 42.09 44.07
N ARG F 349 60.37 43.29 43.62
CA ARG F 349 59.45 44.41 43.68
C ARG F 349 58.14 43.97 43.01
N THR F 350 58.26 43.34 41.84
CA THR F 350 57.09 42.88 41.11
C THR F 350 56.41 41.72 41.80
N SER F 351 57.16 40.86 42.46
CA SER F 351 56.54 39.74 43.15
C SER F 351 55.72 40.24 44.33
N GLU F 352 56.13 41.37 44.90
CA GLU F 352 55.40 41.98 46.02
C GLU F 352 54.12 42.61 45.49
N ARG F 353 54.25 43.31 44.37
CA ARG F 353 53.11 43.95 43.72
C ARG F 353 52.10 42.82 43.45
N LEU F 354 52.62 41.64 43.13
CA LEU F 354 51.76 40.48 42.86
C LEU F 354 51.11 40.02 44.16
N ARG F 355 51.88 40.04 45.25
CA ARG F 355 51.37 39.64 46.55
C ARG F 355 50.17 40.52 46.95
N ASP F 356 50.32 41.84 46.78
CA ASP F 356 49.24 42.76 47.11
C ASP F 356 48.04 42.44 46.26
N LEU F 357 48.28 42.40 44.96
CA LEU F 357 47.26 42.10 43.98
C LEU F 357 46.49 40.83 44.35
N HIS F 358 47.17 39.90 45.01
CA HIS F 358 46.54 38.64 45.43
C HIS F 358 45.65 38.89 46.64
N GLN F 359 46.16 39.66 47.59
CA GLN F 359 45.40 39.98 48.80
C GLN F 359 44.10 40.65 48.39
N SER F 360 44.19 41.64 47.51
CA SER F 360 43.01 42.36 47.05
C SER F 360 41.94 41.41 46.52
N TRP F 361 42.35 40.34 45.85
CA TRP F 361 41.40 39.38 45.32
C TRP F 361 40.63 38.68 46.44
N LYS F 362 41.31 38.43 47.56
CA LYS F 362 40.67 37.78 48.70
C LYS F 362 39.70 38.74 49.39
N THR F 363 38.46 38.77 48.91
CA THR F 363 37.43 39.64 49.46
C THR F 363 36.04 39.08 49.19
N PHE G 55 -78.01 11.06 -42.37
CA PHE G 55 -79.03 12.08 -42.80
C PHE G 55 -80.21 11.47 -43.55
N LEU G 56 -80.10 11.37 -44.87
CA LEU G 56 -81.16 10.83 -45.70
C LEU G 56 -81.19 9.30 -45.70
N SER G 57 -82.19 8.74 -45.03
CA SER G 57 -82.33 7.28 -44.95
C SER G 57 -82.69 6.57 -46.26
N LEU G 58 -82.33 5.30 -46.35
CA LEU G 58 -82.59 4.48 -47.55
C LEU G 58 -84.04 4.14 -47.85
N ASP G 59 -84.92 4.36 -46.87
CA ASP G 59 -86.33 4.07 -47.04
C ASP G 59 -87.15 5.35 -46.87
N SER G 60 -86.48 6.49 -46.85
CA SER G 60 -87.16 7.77 -46.70
C SER G 60 -87.92 8.08 -47.98
N PRO G 61 -89.11 8.69 -47.86
CA PRO G 61 -89.89 9.03 -49.05
C PRO G 61 -89.05 9.90 -49.97
N THR G 62 -88.20 10.74 -49.37
CA THR G 62 -87.35 11.66 -50.12
C THR G 62 -85.94 11.18 -50.44
N TYR G 63 -85.71 9.88 -50.38
CA TYR G 63 -84.41 9.33 -50.68
C TYR G 63 -84.10 9.52 -52.17
N VAL G 64 -82.87 9.90 -52.47
CA VAL G 64 -82.45 10.13 -53.84
C VAL G 64 -81.20 9.32 -54.14
N LEU G 65 -81.20 8.59 -55.24
CA LEU G 65 -80.03 7.81 -55.61
C LEU G 65 -78.82 8.73 -55.67
N TYR G 66 -77.63 8.17 -55.51
CA TYR G 66 -76.42 8.96 -55.54
C TYR G 66 -76.17 9.48 -56.95
N ARG G 67 -76.70 8.78 -57.95
CA ARG G 67 -76.52 9.19 -59.33
C ARG G 67 -77.29 10.50 -59.59
N ASP G 68 -78.26 10.82 -58.73
CA ASP G 68 -79.06 12.03 -58.90
C ASP G 68 -78.73 13.10 -57.87
N ARG G 69 -77.61 12.95 -57.17
CA ARG G 69 -77.23 13.94 -56.17
C ARG G 69 -76.16 14.88 -56.72
N ALA G 70 -76.41 16.18 -56.55
CA ALA G 70 -75.50 17.20 -57.02
C ALA G 70 -74.12 17.09 -56.38
N GLU G 71 -74.08 16.86 -55.06
CA GLU G 71 -72.82 16.75 -54.35
C GLU G 71 -71.96 15.60 -54.87
N TRP G 72 -72.56 14.69 -55.63
CA TRP G 72 -71.83 13.54 -56.15
C TRP G 72 -71.64 13.57 -57.66
N ALA G 73 -71.91 14.72 -58.27
CA ALA G 73 -71.79 14.87 -59.71
C ALA G 73 -70.38 14.66 -60.25
N ASP G 74 -69.38 15.14 -59.51
CA ASP G 74 -67.98 15.03 -59.94
C ASP G 74 -67.41 13.61 -59.87
N ILE G 75 -68.12 12.71 -59.22
CA ILE G 75 -67.67 11.34 -59.07
C ILE G 75 -68.23 10.39 -60.12
N ASP G 76 -67.37 9.56 -60.67
CA ASP G 76 -67.76 8.56 -61.66
C ASP G 76 -67.94 7.22 -60.96
N PRO G 77 -69.18 6.73 -60.88
CA PRO G 77 -69.44 5.45 -60.21
C PRO G 77 -68.64 4.32 -60.82
N VAL G 78 -68.18 3.40 -59.98
CA VAL G 78 -67.40 2.26 -60.43
C VAL G 78 -68.26 1.01 -60.29
N PRO G 79 -68.56 0.35 -61.42
CA PRO G 79 -69.38 -0.86 -61.41
C PRO G 79 -68.58 -2.12 -61.11
N GLN G 80 -69.28 -3.14 -60.62
CA GLN G 80 -68.68 -4.43 -60.30
C GLN G 80 -68.80 -5.33 -61.52
N ASN G 81 -67.70 -5.93 -61.94
CA ASN G 81 -67.70 -6.81 -63.10
C ASN G 81 -67.14 -8.21 -62.83
N ASP G 82 -68.01 -9.21 -62.92
CA ASP G 82 -67.62 -10.60 -62.66
C ASP G 82 -67.18 -11.35 -63.92
N GLY G 83 -66.85 -10.62 -64.98
CA GLY G 83 -66.43 -11.26 -66.21
C GLY G 83 -67.56 -11.87 -67.03
N PRO G 84 -67.24 -12.54 -68.14
CA PRO G 84 -68.20 -13.19 -69.03
C PRO G 84 -69.18 -14.19 -68.40
N SER G 85 -68.66 -15.06 -67.55
CA SER G 85 -69.50 -16.08 -66.90
C SER G 85 -69.44 -15.95 -65.39
N PRO G 86 -70.30 -15.11 -64.80
CA PRO G 86 -70.36 -14.89 -63.36
C PRO G 86 -70.84 -16.10 -62.53
N VAL G 87 -70.17 -16.34 -61.40
CA VAL G 87 -70.51 -17.44 -60.51
C VAL G 87 -71.17 -16.90 -59.24
N VAL G 88 -72.11 -17.66 -58.67
CA VAL G 88 -72.82 -17.25 -57.47
C VAL G 88 -73.06 -15.75 -57.46
N GLN G 89 -73.64 -15.26 -58.54
CA GLN G 89 -73.92 -13.84 -58.71
C GLN G 89 -75.23 -13.47 -58.00
N ILE G 90 -75.16 -12.44 -57.16
CA ILE G 90 -76.32 -11.97 -56.42
C ILE G 90 -76.98 -10.83 -57.21
N ILE G 91 -78.31 -10.86 -57.33
CA ILE G 91 -78.99 -9.79 -58.06
C ILE G 91 -79.25 -8.63 -57.11
N TYR G 92 -78.89 -7.43 -57.56
CA TYR G 92 -79.05 -6.24 -56.75
C TYR G 92 -80.07 -5.24 -57.27
N SER G 93 -80.79 -4.62 -56.35
CA SER G 93 -81.78 -3.62 -56.71
C SER G 93 -81.03 -2.39 -57.21
N GLU G 94 -81.74 -1.51 -57.92
CA GLU G 94 -81.14 -0.30 -58.45
C GLU G 94 -80.52 0.52 -57.32
N LYS G 95 -81.25 0.64 -56.24
CA LYS G 95 -80.83 1.41 -55.09
C LYS G 95 -79.52 0.84 -54.50
N PHE G 96 -79.49 -0.48 -54.34
CA PHE G 96 -78.34 -1.18 -53.78
C PHE G 96 -77.10 -0.99 -54.64
N ARG G 97 -77.23 -1.30 -55.92
CA ARG G 97 -76.13 -1.16 -56.86
C ARG G 97 -75.65 0.29 -56.95
N ASP G 98 -76.57 1.24 -56.80
CA ASP G 98 -76.22 2.65 -56.87
C ASP G 98 -75.30 3.03 -55.72
N VAL G 99 -75.66 2.65 -54.50
CA VAL G 99 -74.83 2.96 -53.34
C VAL G 99 -73.42 2.36 -53.49
N TYR G 100 -73.35 1.08 -53.84
CA TYR G 100 -72.06 0.43 -53.98
C TYR G 100 -71.24 0.85 -55.18
N ASP G 101 -71.89 1.34 -56.23
CA ASP G 101 -71.13 1.78 -57.40
C ASP G 101 -70.36 3.03 -57.01
N TYR G 102 -70.92 3.79 -56.08
CA TYR G 102 -70.25 5.00 -55.61
C TYR G 102 -69.27 4.68 -54.51
N PHE G 103 -69.56 3.64 -53.73
CA PHE G 103 -68.66 3.23 -52.67
C PHE G 103 -67.35 2.79 -53.32
N ARG G 104 -67.45 2.01 -54.39
CA ARG G 104 -66.26 1.53 -55.09
C ARG G 104 -65.44 2.70 -55.60
N ALA G 105 -66.14 3.73 -56.11
CA ALA G 105 -65.47 4.91 -56.64
C ALA G 105 -64.68 5.61 -55.54
N VAL G 106 -65.35 5.90 -54.43
CA VAL G 106 -64.69 6.55 -53.31
C VAL G 106 -63.53 5.70 -52.75
N LEU G 107 -63.75 4.39 -52.64
CA LEU G 107 -62.75 3.46 -52.13
C LEU G 107 -61.53 3.47 -53.03
N GLN G 108 -61.76 3.30 -54.32
CA GLN G 108 -60.69 3.26 -55.30
C GLN G 108 -59.80 4.51 -55.29
N ARG G 109 -60.38 5.63 -54.89
CA ARG G 109 -59.62 6.87 -54.85
C ARG G 109 -59.19 7.22 -53.43
N ASP G 110 -59.52 6.34 -52.49
CA ASP G 110 -59.17 6.56 -51.10
C ASP G 110 -59.51 7.99 -50.68
N GLU G 111 -60.70 8.45 -51.08
CA GLU G 111 -61.16 9.79 -50.76
C GLU G 111 -61.55 9.88 -49.29
N ARG G 112 -60.77 10.61 -48.50
CA ARG G 112 -61.06 10.77 -47.08
C ARG G 112 -61.99 11.94 -46.84
N SER G 113 -63.17 11.90 -47.47
CA SER G 113 -64.14 12.99 -47.35
C SER G 113 -65.30 12.74 -46.40
N GLU G 114 -66.02 13.80 -46.07
CA GLU G 114 -67.16 13.71 -45.19
C GLU G 114 -68.31 13.05 -45.95
N ARG G 115 -68.36 13.24 -47.26
CA ARG G 115 -69.42 12.64 -48.05
C ARG G 115 -69.20 11.13 -48.12
N ALA G 116 -67.95 10.71 -48.16
CA ALA G 116 -67.62 9.28 -48.22
C ALA G 116 -68.03 8.65 -46.88
N PHE G 117 -67.77 9.36 -45.78
CA PHE G 117 -68.13 8.86 -44.47
C PHE G 117 -69.62 8.58 -44.40
N LYS G 118 -70.42 9.53 -44.90
CA LYS G 118 -71.88 9.35 -44.89
C LYS G 118 -72.27 8.21 -45.81
N LEU G 119 -71.53 8.03 -46.89
CA LEU G 119 -71.81 6.96 -47.82
C LEU G 119 -71.65 5.60 -47.16
N THR G 120 -70.66 5.47 -46.28
CA THR G 120 -70.44 4.18 -45.61
C THR G 120 -71.64 3.80 -44.76
N ARG G 121 -72.31 4.79 -44.19
CA ARG G 121 -73.47 4.49 -43.35
C ARG G 121 -74.53 3.77 -44.17
N ASP G 122 -74.67 4.16 -45.43
CA ASP G 122 -75.65 3.55 -46.31
C ASP G 122 -75.20 2.17 -46.76
N ALA G 123 -73.92 2.06 -47.11
CA ALA G 123 -73.35 0.80 -47.56
C ALA G 123 -73.50 -0.24 -46.43
N ILE G 124 -73.35 0.23 -45.20
CA ILE G 124 -73.48 -0.66 -44.05
C ILE G 124 -74.92 -1.07 -43.84
N GLU G 125 -75.85 -0.16 -44.06
CA GLU G 125 -77.26 -0.52 -43.88
C GLU G 125 -77.62 -1.58 -44.92
N LEU G 126 -77.05 -1.48 -46.10
CA LEU G 126 -77.32 -2.45 -47.15
C LEU G 126 -76.64 -3.79 -46.90
N ASN G 127 -75.45 -3.77 -46.31
CA ASN G 127 -74.71 -5.00 -46.01
C ASN G 127 -73.69 -4.80 -44.90
N ALA G 128 -74.10 -5.07 -43.66
CA ALA G 128 -73.22 -4.91 -42.52
C ALA G 128 -72.10 -5.95 -42.45
N ALA G 129 -72.11 -6.91 -43.36
CA ALA G 129 -71.08 -7.95 -43.33
C ALA G 129 -69.91 -7.62 -44.24
N ASN G 130 -69.96 -6.47 -44.90
CA ASN G 130 -68.85 -6.10 -45.78
C ASN G 130 -67.71 -5.51 -44.94
N TYR G 131 -66.75 -6.36 -44.57
CA TYR G 131 -65.63 -5.93 -43.74
C TYR G 131 -64.82 -4.78 -44.33
N THR G 132 -64.72 -4.70 -45.64
CA THR G 132 -63.96 -3.61 -46.26
C THR G 132 -64.63 -2.27 -45.95
N VAL G 133 -65.97 -2.24 -45.99
CA VAL G 133 -66.68 -1.02 -45.70
C VAL G 133 -66.36 -0.57 -44.29
N TRP G 134 -66.38 -1.50 -43.34
CA TRP G 134 -66.07 -1.16 -41.95
C TRP G 134 -64.63 -0.67 -41.78
N HIS G 135 -63.70 -1.25 -42.51
CA HIS G 135 -62.32 -0.83 -42.42
C HIS G 135 -62.20 0.60 -42.92
N PHE G 136 -62.76 0.87 -44.09
CA PHE G 136 -62.70 2.21 -44.66
C PHE G 136 -63.35 3.21 -43.70
N ARG G 137 -64.47 2.83 -43.11
CA ARG G 137 -65.14 3.73 -42.21
C ARG G 137 -64.21 4.06 -41.04
N ARG G 138 -63.43 3.08 -40.60
CA ARG G 138 -62.49 3.33 -39.51
C ARG G 138 -61.39 4.27 -39.98
N VAL G 139 -60.94 4.10 -41.22
CA VAL G 139 -59.93 4.99 -41.78
C VAL G 139 -60.46 6.41 -41.71
N LEU G 140 -61.71 6.59 -42.15
CA LEU G 140 -62.35 7.90 -42.15
C LEU G 140 -62.55 8.45 -40.74
N LEU G 141 -62.92 7.59 -39.80
CA LEU G 141 -63.11 8.05 -38.43
C LEU G 141 -61.83 8.73 -37.94
N ARG G 142 -60.69 8.19 -38.32
CA ARG G 142 -59.40 8.75 -37.94
C ARG G 142 -59.10 10.02 -38.75
N SER G 143 -59.07 9.89 -40.07
CA SER G 143 -58.80 11.04 -40.95
C SER G 143 -59.61 12.27 -40.58
N LEU G 144 -60.92 12.10 -40.44
CA LEU G 144 -61.80 13.22 -40.12
C LEU G 144 -61.90 13.47 -38.61
N GLN G 145 -61.15 12.72 -37.82
CA GLN G 145 -61.18 12.89 -36.37
C GLN G 145 -62.62 13.03 -35.86
N LYS G 146 -63.46 12.06 -36.20
CA LYS G 146 -64.86 12.06 -35.80
C LYS G 146 -65.01 11.77 -34.31
N ASP G 147 -66.16 12.17 -33.77
CA ASP G 147 -66.46 11.96 -32.35
C ASP G 147 -66.67 10.45 -32.13
N LEU G 148 -65.71 9.80 -31.47
CA LEU G 148 -65.80 8.36 -31.22
C LEU G 148 -66.90 7.96 -30.27
N GLN G 149 -67.31 8.89 -29.40
CA GLN G 149 -68.37 8.57 -28.46
C GLN G 149 -69.67 8.44 -29.25
N GLU G 150 -69.73 9.15 -30.37
CA GLU G 150 -70.90 9.11 -31.22
C GLU G 150 -70.91 7.79 -31.99
N GLU G 151 -69.74 7.36 -32.44
CA GLU G 151 -69.62 6.10 -33.16
C GLU G 151 -70.02 4.96 -32.23
N MET G 152 -69.76 5.11 -30.93
CA MET G 152 -70.13 4.08 -29.96
C MET G 152 -71.64 3.90 -29.94
N ASN G 153 -72.38 4.99 -29.99
CA ASN G 153 -73.83 4.90 -30.00
C ASN G 153 -74.28 4.19 -31.28
N TYR G 154 -73.62 4.51 -32.38
CA TYR G 154 -73.93 3.92 -33.67
C TYR G 154 -73.75 2.41 -33.65
N ILE G 155 -72.54 1.97 -33.34
CA ILE G 155 -72.25 0.54 -33.30
C ILE G 155 -73.10 -0.17 -32.25
N ILE G 156 -73.47 0.53 -31.18
CA ILE G 156 -74.31 -0.08 -30.16
C ILE G 156 -75.67 -0.46 -30.76
N ALA G 157 -76.22 0.41 -31.61
CA ALA G 157 -77.50 0.13 -32.23
C ALA G 157 -77.34 -0.93 -33.32
N ILE G 158 -76.28 -0.84 -34.10
CA ILE G 158 -76.03 -1.81 -35.17
C ILE G 158 -75.94 -3.23 -34.62
N ILE G 159 -75.18 -3.42 -33.55
CA ILE G 159 -75.02 -4.73 -32.96
C ILE G 159 -76.33 -5.29 -32.43
N GLU G 160 -77.15 -4.45 -31.82
CA GLU G 160 -78.43 -4.92 -31.30
C GLU G 160 -79.28 -5.52 -32.42
N GLU G 161 -79.18 -4.96 -33.61
CA GLU G 161 -79.94 -5.44 -34.77
C GLU G 161 -79.28 -6.64 -35.45
N GLN G 162 -77.97 -6.76 -35.31
CA GLN G 162 -77.25 -7.87 -35.94
C GLN G 162 -76.21 -8.42 -34.98
N PRO G 163 -76.66 -9.01 -33.86
CA PRO G 163 -75.77 -9.57 -32.84
C PRO G 163 -74.90 -10.76 -33.22
N LYS G 164 -75.11 -11.32 -34.40
CA LYS G 164 -74.31 -12.48 -34.82
C LYS G 164 -73.37 -12.17 -35.96
N ASN G 165 -73.13 -10.90 -36.20
CA ASN G 165 -72.25 -10.46 -37.28
C ASN G 165 -70.84 -10.27 -36.71
N TYR G 166 -69.83 -10.84 -37.37
CA TYR G 166 -68.45 -10.72 -36.91
C TYR G 166 -67.87 -9.31 -37.02
N GLN G 167 -68.13 -8.65 -38.15
CA GLN G 167 -67.61 -7.32 -38.39
C GLN G 167 -68.02 -6.27 -37.36
N VAL G 168 -69.28 -6.30 -36.93
CA VAL G 168 -69.74 -5.30 -35.99
C VAL G 168 -69.11 -5.46 -34.60
N TRP G 169 -68.84 -6.69 -34.18
CA TRP G 169 -68.21 -6.88 -32.87
C TRP G 169 -66.75 -6.47 -32.96
N HIS G 170 -66.11 -6.73 -34.10
CA HIS G 170 -64.73 -6.34 -34.27
C HIS G 170 -64.61 -4.82 -34.25
N HIS G 171 -65.55 -4.16 -34.91
CA HIS G 171 -65.55 -2.70 -34.97
C HIS G 171 -65.65 -2.12 -33.57
N ARG G 172 -66.58 -2.64 -32.77
CA ARG G 172 -66.75 -2.13 -31.41
C ARG G 172 -65.50 -2.34 -30.57
N ARG G 173 -64.82 -3.46 -30.78
CA ARG G 173 -63.62 -3.73 -30.01
C ARG G 173 -62.53 -2.73 -30.37
N VAL G 174 -62.39 -2.42 -31.65
CA VAL G 174 -61.38 -1.46 -32.06
C VAL G 174 -61.68 -0.11 -31.40
N LEU G 175 -62.95 0.28 -31.37
CA LEU G 175 -63.35 1.55 -30.76
C LEU G 175 -62.99 1.61 -29.29
N VAL G 176 -63.34 0.56 -28.55
CA VAL G 176 -63.05 0.53 -27.13
C VAL G 176 -61.55 0.62 -26.91
N GLU G 177 -60.77 0.01 -27.79
CA GLU G 177 -59.31 0.08 -27.69
C GLU G 177 -58.86 1.53 -27.91
N TRP G 178 -59.43 2.18 -28.93
CA TRP G 178 -59.10 3.57 -29.22
C TRP G 178 -59.40 4.48 -28.05
N LEU G 179 -60.60 4.35 -27.49
CA LEU G 179 -61.01 5.18 -26.38
C LEU G 179 -60.41 4.77 -25.04
N LYS G 180 -59.90 3.54 -24.95
CA LYS G 180 -59.37 3.03 -23.68
C LYS G 180 -60.44 3.24 -22.62
N ASP G 181 -61.70 3.17 -23.04
CA ASP G 181 -62.83 3.36 -22.15
C ASP G 181 -63.77 2.16 -22.18
N PRO G 182 -63.74 1.32 -21.14
CA PRO G 182 -64.62 0.15 -21.10
C PRO G 182 -65.87 0.36 -20.25
N SER G 183 -66.09 1.60 -19.82
CA SER G 183 -67.23 1.92 -18.95
C SER G 183 -68.63 1.47 -19.39
N GLN G 184 -68.86 1.37 -20.70
CA GLN G 184 -70.18 0.94 -21.17
C GLN G 184 -70.27 -0.56 -21.46
N GLU G 185 -69.12 -1.19 -21.69
CA GLU G 185 -69.07 -2.60 -22.06
C GLU G 185 -69.88 -3.65 -21.29
N LEU G 186 -69.60 -3.84 -20.00
CA LEU G 186 -70.32 -4.85 -19.25
C LEU G 186 -71.85 -4.73 -19.29
N GLU G 187 -72.36 -3.51 -19.26
CA GLU G 187 -73.81 -3.32 -19.30
C GLU G 187 -74.35 -3.62 -20.70
N PHE G 188 -73.65 -3.16 -21.72
CA PHE G 188 -74.07 -3.39 -23.09
C PHE G 188 -74.14 -4.88 -23.38
N ILE G 189 -73.09 -5.61 -23.00
CA ILE G 189 -73.04 -7.04 -23.21
C ILE G 189 -74.16 -7.74 -22.45
N ALA G 190 -74.41 -7.31 -21.22
CA ALA G 190 -75.48 -7.91 -20.43
C ALA G 190 -76.82 -7.77 -21.16
N ASP G 191 -77.01 -6.66 -21.87
CA ASP G 191 -78.25 -6.45 -22.61
C ASP G 191 -78.34 -7.39 -23.79
N ILE G 192 -77.23 -7.56 -24.50
CA ILE G 192 -77.21 -8.46 -25.64
C ILE G 192 -77.45 -9.89 -25.13
N LEU G 193 -76.78 -10.24 -24.04
CA LEU G 193 -76.94 -11.58 -23.47
C LEU G 193 -78.36 -11.77 -23.01
N ASN G 194 -79.12 -10.68 -22.94
CA ASN G 194 -80.49 -10.81 -22.51
C ASN G 194 -81.36 -11.33 -23.63
N GLN G 195 -81.00 -11.04 -24.87
CA GLN G 195 -81.78 -11.55 -25.99
C GLN G 195 -81.28 -12.94 -26.39
N ASP G 196 -80.03 -13.26 -26.06
CA ASP G 196 -79.43 -14.57 -26.36
C ASP G 196 -78.29 -14.83 -25.37
N ALA G 197 -78.62 -15.51 -24.28
CA ALA G 197 -77.66 -15.81 -23.22
C ALA G 197 -76.47 -16.69 -23.64
N LYS G 198 -76.46 -17.16 -24.87
CA LYS G 198 -75.37 -18.03 -25.33
C LYS G 198 -74.63 -17.48 -26.54
N ASN G 199 -74.90 -16.22 -26.88
CA ASN G 199 -74.25 -15.57 -28.01
C ASN G 199 -72.74 -15.62 -27.85
N TYR G 200 -72.08 -16.42 -28.67
CA TYR G 200 -70.63 -16.58 -28.57
C TYR G 200 -69.88 -15.26 -28.72
N HIS G 201 -70.35 -14.41 -29.62
CA HIS G 201 -69.69 -13.12 -29.84
C HIS G 201 -69.71 -12.27 -28.57
N ALA G 202 -70.86 -12.24 -27.91
CA ALA G 202 -71.00 -11.47 -26.69
C ALA G 202 -70.06 -11.95 -25.59
N TRP G 203 -70.03 -13.26 -25.33
CA TRP G 203 -69.15 -13.79 -24.31
C TRP G 203 -67.68 -13.55 -24.65
N GLN G 204 -67.35 -13.63 -25.93
CA GLN G 204 -65.98 -13.42 -26.33
C GLN G 204 -65.60 -11.97 -26.05
N HIS G 205 -66.48 -11.06 -26.40
CA HIS G 205 -66.22 -9.65 -26.18
C HIS G 205 -66.12 -9.37 -24.68
N ARG G 206 -67.00 -9.99 -23.90
CA ARG G 206 -66.99 -9.77 -22.47
C ARG G 206 -65.68 -10.23 -21.84
N GLN G 207 -65.15 -11.38 -22.27
CA GLN G 207 -63.90 -11.86 -21.70
C GLN G 207 -62.75 -10.94 -22.08
N TRP G 208 -62.80 -10.41 -23.31
CA TRP G 208 -61.75 -9.50 -23.77
C TRP G 208 -61.75 -8.24 -22.91
N VAL G 209 -62.92 -7.62 -22.76
CA VAL G 209 -63.03 -6.41 -21.97
C VAL G 209 -62.52 -6.62 -20.55
N ILE G 210 -63.03 -7.66 -19.88
CA ILE G 210 -62.63 -7.95 -18.50
C ILE G 210 -61.13 -8.16 -18.35
N GLN G 211 -60.53 -8.91 -19.25
CA GLN G 211 -59.11 -9.18 -19.20
C GLN G 211 -58.26 -7.95 -19.51
N GLU G 212 -58.63 -7.24 -20.57
CA GLU G 212 -57.91 -6.05 -21.02
C GLU G 212 -57.94 -4.88 -20.03
N PHE G 213 -59.03 -4.69 -19.32
CA PHE G 213 -59.13 -3.58 -18.37
C PHE G 213 -59.25 -4.06 -16.93
N ARG G 214 -58.91 -5.32 -16.69
CA ARG G 214 -59.00 -5.91 -15.36
C ARG G 214 -60.29 -5.56 -14.61
N LEU G 215 -61.43 -5.99 -15.14
CA LEU G 215 -62.73 -5.72 -14.53
C LEU G 215 -63.28 -7.01 -13.94
N TRP G 216 -62.49 -7.66 -13.10
CA TRP G 216 -62.90 -8.91 -12.47
C TRP G 216 -63.82 -8.79 -11.28
N ASP G 217 -63.75 -7.66 -10.58
CA ASP G 217 -64.53 -7.42 -9.37
C ASP G 217 -65.97 -7.93 -9.25
N ASN G 218 -66.79 -7.75 -10.27
CA ASN G 218 -68.17 -8.19 -10.15
C ASN G 218 -68.63 -9.35 -11.03
N GLU G 219 -67.72 -9.90 -11.83
CA GLU G 219 -68.10 -10.99 -12.72
C GLU G 219 -68.58 -12.27 -12.05
N LEU G 220 -67.94 -12.68 -10.96
CA LEU G 220 -68.37 -13.90 -10.28
C LEU G 220 -69.81 -13.77 -9.78
N GLN G 221 -70.20 -12.55 -9.43
CA GLN G 221 -71.55 -12.32 -8.96
C GLN G 221 -72.52 -12.35 -10.15
N TYR G 222 -72.04 -11.86 -11.29
CA TYR G 222 -72.85 -11.83 -12.51
C TYR G 222 -73.12 -13.28 -12.93
N VAL G 223 -72.07 -14.10 -12.83
CA VAL G 223 -72.16 -15.52 -13.17
C VAL G 223 -73.17 -16.21 -12.25
N ASP G 224 -73.11 -15.91 -10.96
CA ASP G 224 -74.02 -16.49 -9.98
C ASP G 224 -75.47 -16.17 -10.32
N GLN G 225 -75.70 -14.95 -10.78
CA GLN G 225 -77.04 -14.49 -11.14
C GLN G 225 -77.57 -15.21 -12.37
N LEU G 226 -76.73 -15.36 -13.38
CA LEU G 226 -77.16 -16.03 -14.60
C LEU G 226 -77.38 -17.52 -14.40
N LEU G 227 -76.58 -18.15 -13.55
CA LEU G 227 -76.76 -19.57 -13.31
C LEU G 227 -78.10 -19.82 -12.62
N LYS G 228 -78.59 -18.82 -11.91
CA LYS G 228 -79.88 -18.96 -11.24
C LYS G 228 -80.98 -18.90 -12.30
N GLU G 229 -80.76 -18.09 -13.33
CA GLU G 229 -81.74 -17.95 -14.41
C GLU G 229 -81.81 -19.20 -15.30
N ASP G 230 -80.69 -19.90 -15.44
CA ASP G 230 -80.62 -21.09 -16.27
C ASP G 230 -79.35 -21.84 -15.95
N VAL G 231 -79.43 -22.76 -14.99
CA VAL G 231 -78.29 -23.54 -14.56
C VAL G 231 -77.70 -24.40 -15.68
N ARG G 232 -78.42 -24.50 -16.80
CA ARG G 232 -77.96 -25.29 -17.92
C ARG G 232 -77.17 -24.50 -18.96
N ASN G 233 -77.03 -23.19 -18.78
CA ASN G 233 -76.29 -22.39 -19.74
C ASN G 233 -74.79 -22.71 -19.67
N ASN G 234 -74.31 -23.50 -20.62
CA ASN G 234 -72.90 -23.90 -20.66
C ASN G 234 -71.94 -22.72 -20.72
N SER G 235 -72.38 -21.61 -21.32
CA SER G 235 -71.55 -20.41 -21.45
C SER G 235 -71.24 -19.76 -20.10
N VAL G 236 -72.22 -19.77 -19.21
CA VAL G 236 -72.06 -19.20 -17.89
C VAL G 236 -71.10 -20.03 -17.04
N TRP G 237 -71.19 -21.36 -17.14
CA TRP G 237 -70.28 -22.21 -16.39
C TRP G 237 -68.87 -21.94 -16.88
N ASN G 238 -68.71 -21.68 -18.17
CA ASN G 238 -67.39 -21.40 -18.70
C ASN G 238 -66.88 -20.09 -18.14
N GLN G 239 -67.78 -19.11 -18.02
CA GLN G 239 -67.41 -17.80 -17.50
C GLN G 239 -66.96 -17.92 -16.05
N ARG G 240 -67.66 -18.77 -15.30
CA ARG G 240 -67.32 -18.97 -13.91
C ARG G 240 -65.88 -19.46 -13.79
N HIS G 241 -65.50 -20.43 -14.60
CA HIS G 241 -64.14 -20.95 -14.56
C HIS G 241 -63.13 -19.89 -15.01
N PHE G 242 -63.58 -19.05 -15.94
CA PHE G 242 -62.75 -17.98 -16.49
C PHE G 242 -62.43 -16.98 -15.38
N VAL G 243 -63.44 -16.55 -14.64
CA VAL G 243 -63.26 -15.62 -13.56
C VAL G 243 -62.33 -16.15 -12.48
N ILE G 244 -62.69 -17.30 -11.92
CA ILE G 244 -61.91 -17.91 -10.85
C ILE G 244 -60.47 -18.23 -11.20
N SER G 245 -60.23 -18.89 -12.31
CA SER G 245 -58.85 -19.22 -12.65
C SER G 245 -58.01 -18.00 -12.96
N ASN G 246 -58.65 -16.86 -13.20
CA ASN G 246 -57.92 -15.63 -13.50
C ASN G 246 -57.80 -14.72 -12.30
N THR G 247 -58.45 -15.08 -11.21
CA THR G 247 -58.35 -14.28 -10.00
C THR G 247 -57.65 -15.13 -8.94
N THR G 248 -58.41 -15.75 -8.06
CA THR G 248 -57.85 -16.58 -7.00
C THR G 248 -57.14 -17.84 -7.50
N GLY G 249 -57.69 -18.48 -8.52
CA GLY G 249 -57.10 -19.71 -9.01
C GLY G 249 -57.79 -20.81 -8.21
N TYR G 250 -57.42 -22.07 -8.44
CA TYR G 250 -58.06 -23.17 -7.70
C TYR G 250 -57.12 -23.91 -6.75
N SER G 251 -55.88 -23.44 -6.63
CA SER G 251 -54.92 -24.09 -5.75
C SER G 251 -55.24 -23.84 -4.27
N ASP G 252 -56.06 -22.83 -4.00
CA ASP G 252 -56.45 -22.53 -2.63
C ASP G 252 -57.53 -23.54 -2.23
N ARG G 253 -57.16 -24.51 -1.40
CA ARG G 253 -58.11 -25.53 -0.96
C ARG G 253 -59.46 -25.01 -0.50
N ALA G 254 -59.49 -23.79 0.00
CA ALA G 254 -60.74 -23.20 0.45
C ALA G 254 -61.60 -22.83 -0.75
N VAL G 255 -60.94 -22.43 -1.84
CA VAL G 255 -61.65 -22.06 -3.05
C VAL G 255 -62.17 -23.32 -3.74
N LEU G 256 -61.30 -24.32 -3.86
CA LEU G 256 -61.66 -25.58 -4.48
C LEU G 256 -62.86 -26.16 -3.76
N GLU G 257 -62.81 -26.13 -2.43
CA GLU G 257 -63.91 -26.69 -1.66
C GLU G 257 -65.20 -25.92 -1.89
N ARG G 258 -65.11 -24.60 -1.93
CA ARG G 258 -66.29 -23.78 -2.15
C ARG G 258 -66.90 -24.12 -3.50
N GLU G 259 -66.07 -24.21 -4.52
CA GLU G 259 -66.52 -24.53 -5.87
C GLU G 259 -67.11 -25.92 -6.00
N VAL G 260 -66.40 -26.93 -5.47
CA VAL G 260 -66.92 -28.29 -5.55
C VAL G 260 -68.28 -28.36 -4.85
N GLN G 261 -68.36 -27.73 -3.69
CA GLN G 261 -69.61 -27.73 -2.93
C GLN G 261 -70.71 -27.02 -3.70
N TYR G 262 -70.37 -25.89 -4.31
CA TYR G 262 -71.31 -25.11 -5.10
C TYR G 262 -71.89 -25.90 -6.26
N THR G 263 -71.01 -26.61 -6.95
CA THR G 263 -71.41 -27.42 -8.09
C THR G 263 -72.31 -28.58 -7.66
N LEU G 264 -71.95 -29.26 -6.58
CA LEU G 264 -72.78 -30.37 -6.09
C LEU G 264 -74.18 -29.85 -5.75
N GLU G 265 -74.26 -28.64 -5.22
CA GLU G 265 -75.56 -28.07 -4.89
C GLU G 265 -76.36 -27.89 -6.17
N MET G 266 -75.70 -27.40 -7.22
CA MET G 266 -76.36 -27.18 -8.50
C MET G 266 -76.77 -28.50 -9.14
N ILE G 267 -75.91 -29.51 -9.00
CA ILE G 267 -76.20 -30.81 -9.55
C ILE G 267 -77.43 -31.38 -8.84
N LYS G 268 -77.54 -31.16 -7.54
CA LYS G 268 -78.67 -31.66 -6.78
C LYS G 268 -79.98 -31.01 -7.26
N LEU G 269 -79.91 -29.75 -7.69
CA LEU G 269 -81.11 -29.06 -8.18
C LEU G 269 -81.56 -29.57 -9.54
N VAL G 270 -80.59 -29.86 -10.40
CA VAL G 270 -80.87 -30.37 -11.75
C VAL G 270 -79.77 -31.37 -12.08
N PRO G 271 -79.92 -32.61 -11.61
CA PRO G 271 -78.97 -33.70 -11.81
C PRO G 271 -78.57 -33.99 -13.25
N HIS G 272 -79.49 -33.79 -14.18
CA HIS G 272 -79.17 -34.05 -15.59
C HIS G 272 -78.69 -32.76 -16.25
N ASN G 273 -77.44 -32.40 -15.99
CA ASN G 273 -76.86 -31.18 -16.54
C ASN G 273 -75.37 -31.42 -16.83
N GLU G 274 -75.06 -31.67 -18.09
CA GLU G 274 -73.68 -31.94 -18.48
C GLU G 274 -72.73 -30.81 -18.07
N SER G 275 -73.17 -29.56 -18.22
CA SER G 275 -72.35 -28.40 -17.88
C SER G 275 -71.84 -28.44 -16.44
N ALA G 276 -72.73 -28.66 -15.49
CA ALA G 276 -72.34 -28.71 -14.09
C ALA G 276 -71.33 -29.84 -13.87
N TRP G 277 -71.63 -31.01 -14.41
CA TRP G 277 -70.73 -32.15 -14.26
C TRP G 277 -69.37 -31.93 -14.92
N ASN G 278 -69.36 -31.26 -16.06
CA ASN G 278 -68.10 -31.00 -16.73
C ASN G 278 -67.24 -30.06 -15.91
N TYR G 279 -67.89 -29.10 -15.25
CA TYR G 279 -67.17 -28.14 -14.41
C TYR G 279 -66.53 -28.89 -13.24
N LEU G 280 -67.35 -29.67 -12.53
CA LEU G 280 -66.87 -30.44 -11.39
C LEU G 280 -65.66 -31.29 -11.78
N LYS G 281 -65.76 -32.01 -12.89
CA LYS G 281 -64.66 -32.86 -13.33
C LYS G 281 -63.49 -32.00 -13.79
N GLY G 282 -63.81 -30.87 -14.42
CA GLY G 282 -62.77 -30.00 -14.92
C GLY G 282 -61.85 -29.44 -13.86
N ILE G 283 -62.41 -29.01 -12.73
CA ILE G 283 -61.57 -28.44 -11.68
C ILE G 283 -60.88 -29.47 -10.81
N LEU G 284 -61.14 -30.76 -11.04
CA LEU G 284 -60.52 -31.80 -10.24
C LEU G 284 -59.66 -32.80 -11.01
N GLN G 285 -59.96 -32.98 -12.29
CA GLN G 285 -59.25 -33.97 -13.11
C GLN G 285 -57.72 -33.88 -13.11
N ASP G 286 -57.18 -32.66 -13.07
CA ASP G 286 -55.73 -32.54 -13.07
C ASP G 286 -55.10 -32.70 -11.69
N ARG G 287 -55.90 -32.53 -10.64
CA ARG G 287 -55.39 -32.71 -9.29
C ARG G 287 -55.35 -34.23 -9.04
N GLY G 288 -56.23 -34.96 -9.74
CA GLY G 288 -56.31 -36.40 -9.59
C GLY G 288 -57.63 -36.73 -8.90
N LEU G 289 -58.59 -37.24 -9.66
CA LEU G 289 -59.89 -37.57 -9.10
C LEU G 289 -59.85 -38.58 -7.95
N SER G 290 -58.91 -39.51 -7.99
CA SER G 290 -58.84 -40.51 -6.94
C SER G 290 -58.28 -39.97 -5.61
N ARG G 291 -57.81 -38.73 -5.59
CA ARG G 291 -57.25 -38.14 -4.38
C ARG G 291 -58.34 -37.57 -3.46
N TYR G 292 -59.61 -37.73 -3.85
CA TYR G 292 -60.71 -37.19 -3.05
C TYR G 292 -61.68 -38.26 -2.56
N PRO G 293 -61.25 -39.08 -1.59
CA PRO G 293 -62.05 -40.18 -1.00
C PRO G 293 -63.48 -39.83 -0.60
N ASN G 294 -63.71 -38.64 -0.04
CA ASN G 294 -65.05 -38.28 0.36
C ASN G 294 -65.96 -38.02 -0.83
N LEU G 295 -65.38 -37.54 -1.92
CA LEU G 295 -66.15 -37.27 -3.12
C LEU G 295 -66.71 -38.58 -3.66
N LEU G 296 -65.86 -39.60 -3.75
CA LEU G 296 -66.29 -40.90 -4.26
C LEU G 296 -67.50 -41.41 -3.48
N ASN G 297 -67.41 -41.38 -2.16
CA ASN G 297 -68.51 -41.85 -1.33
C ASN G 297 -69.75 -41.01 -1.51
N GLN G 298 -69.60 -39.71 -1.58
CA GLN G 298 -70.75 -38.84 -1.75
C GLN G 298 -71.46 -39.10 -3.05
N LEU G 299 -70.70 -39.38 -4.11
CA LEU G 299 -71.30 -39.64 -5.42
C LEU G 299 -71.99 -40.99 -5.39
N LEU G 300 -71.37 -41.99 -4.76
CA LEU G 300 -71.98 -43.30 -4.68
C LEU G 300 -73.32 -43.18 -3.95
N ASP G 301 -73.39 -42.27 -2.98
CA ASP G 301 -74.62 -42.07 -2.24
C ASP G 301 -75.70 -41.40 -3.07
N LEU G 302 -75.28 -40.60 -4.04
CA LEU G 302 -76.23 -39.91 -4.91
C LEU G 302 -76.87 -40.88 -5.91
N GLN G 303 -76.07 -41.84 -6.38
CA GLN G 303 -76.51 -42.81 -7.37
C GLN G 303 -77.96 -43.29 -7.18
N PRO G 304 -78.33 -43.71 -5.97
CA PRO G 304 -79.70 -44.18 -5.69
C PRO G 304 -80.81 -43.32 -6.30
N SER G 305 -80.83 -42.02 -5.97
CA SER G 305 -81.85 -41.14 -6.50
C SER G 305 -81.39 -40.23 -7.64
N HIS G 306 -80.34 -39.45 -7.37
CA HIS G 306 -79.79 -38.50 -8.34
C HIS G 306 -78.92 -39.08 -9.46
N SER G 307 -79.17 -40.32 -9.86
CA SER G 307 -78.37 -40.93 -10.92
C SER G 307 -78.60 -40.26 -12.28
N SER G 308 -77.60 -40.42 -13.15
CA SER G 308 -77.63 -39.87 -14.50
C SER G 308 -76.37 -40.44 -15.13
N PRO G 309 -76.29 -40.43 -16.47
CA PRO G 309 -75.09 -40.97 -17.11
C PRO G 309 -73.82 -40.18 -16.73
N TYR G 310 -74.01 -38.91 -16.45
CA TYR G 310 -72.90 -38.04 -16.07
C TYR G 310 -72.26 -38.50 -14.77
N LEU G 311 -73.09 -38.89 -13.81
CA LEU G 311 -72.60 -39.38 -12.53
C LEU G 311 -71.84 -40.70 -12.73
N ILE G 312 -72.43 -41.63 -13.47
CA ILE G 312 -71.79 -42.94 -13.73
C ILE G 312 -70.45 -42.75 -14.42
N ALA G 313 -70.40 -41.81 -15.37
CA ALA G 313 -69.16 -41.55 -16.09
C ALA G 313 -68.11 -41.00 -15.14
N PHE G 314 -68.55 -40.18 -14.18
CA PHE G 314 -67.63 -39.59 -13.23
C PHE G 314 -67.01 -40.73 -12.43
N LEU G 315 -67.85 -41.63 -11.94
CA LEU G 315 -67.39 -42.77 -11.17
C LEU G 315 -66.37 -43.57 -11.99
N VAL G 316 -66.69 -43.82 -13.26
CA VAL G 316 -65.76 -44.56 -14.11
C VAL G 316 -64.41 -43.85 -14.13
N ASP G 317 -64.47 -42.53 -14.33
CA ASP G 317 -63.26 -41.71 -14.39
C ASP G 317 -62.48 -41.70 -13.09
N ILE G 318 -63.20 -41.76 -11.97
CA ILE G 318 -62.54 -41.80 -10.66
C ILE G 318 -61.82 -43.14 -10.59
N TYR G 319 -62.53 -44.22 -10.91
CA TYR G 319 -61.94 -45.56 -10.85
C TYR G 319 -60.73 -45.64 -11.77
N GLU G 320 -60.83 -45.04 -12.95
CA GLU G 320 -59.71 -45.07 -13.88
C GLU G 320 -58.49 -44.38 -13.30
N ASP G 321 -58.69 -43.27 -12.62
CA ASP G 321 -57.58 -42.53 -12.03
C ASP G 321 -56.91 -43.39 -10.96
N MET G 322 -57.72 -44.18 -10.24
CA MET G 322 -57.18 -45.07 -9.23
C MET G 322 -56.28 -46.10 -9.90
N LEU G 323 -56.83 -46.81 -10.89
CA LEU G 323 -56.07 -47.81 -11.63
C LEU G 323 -54.78 -47.19 -12.18
N GLU G 324 -54.86 -45.91 -12.49
CA GLU G 324 -53.71 -45.18 -13.03
C GLU G 324 -52.66 -44.93 -11.96
N ASN G 325 -53.09 -44.92 -10.70
CA ASN G 325 -52.18 -44.69 -9.60
C ASN G 325 -51.96 -45.92 -8.73
N GLN G 326 -51.62 -47.04 -9.38
CA GLN G 326 -51.36 -48.31 -8.69
C GLN G 326 -52.10 -48.43 -7.36
N CYS G 327 -53.43 -48.40 -7.40
CA CYS G 327 -54.24 -48.49 -6.17
C CYS G 327 -54.29 -49.91 -5.60
N ASP G 328 -54.94 -50.05 -4.45
CA ASP G 328 -55.06 -51.36 -3.81
C ASP G 328 -56.34 -52.00 -4.36
N ASN G 329 -56.29 -53.31 -4.63
CA ASN G 329 -57.44 -54.04 -5.17
C ASN G 329 -57.65 -53.69 -6.64
N LYS G 330 -56.53 -53.51 -7.35
CA LYS G 330 -56.58 -53.15 -8.76
C LYS G 330 -57.65 -53.93 -9.55
N GLU G 331 -57.52 -55.25 -9.58
CA GLU G 331 -58.48 -56.07 -10.31
C GLU G 331 -59.92 -55.85 -9.85
N ASP G 332 -60.13 -55.57 -8.56
CA ASP G 332 -61.48 -55.36 -8.06
C ASP G 332 -62.01 -54.01 -8.55
N ILE G 333 -61.13 -53.01 -8.56
CA ILE G 333 -61.50 -51.67 -9.00
C ILE G 333 -61.85 -51.75 -10.49
N LEU G 334 -60.99 -52.42 -11.25
CA LEU G 334 -61.20 -52.56 -12.68
C LEU G 334 -62.58 -53.11 -12.99
N ASN G 335 -63.04 -54.06 -12.18
CA ASN G 335 -64.36 -54.64 -12.39
C ASN G 335 -65.47 -53.68 -12.04
N LYS G 336 -65.24 -52.81 -11.07
CA LYS G 336 -66.25 -51.82 -10.67
C LYS G 336 -66.45 -50.88 -11.86
N ALA G 337 -65.33 -50.55 -12.51
CA ALA G 337 -65.35 -49.67 -13.67
C ALA G 337 -66.10 -50.34 -14.81
N LEU G 338 -65.60 -51.52 -15.22
CA LEU G 338 -66.20 -52.30 -16.30
C LEU G 338 -67.68 -52.47 -16.07
N GLU G 339 -68.06 -52.70 -14.82
CA GLU G 339 -69.46 -52.88 -14.50
C GLU G 339 -70.23 -51.64 -14.90
N LEU G 340 -69.66 -50.47 -14.59
CA LEU G 340 -70.29 -49.19 -14.92
C LEU G 340 -70.31 -48.92 -16.42
N CYS G 341 -69.21 -49.20 -17.10
CA CYS G 341 -69.16 -48.99 -18.55
C CYS G 341 -70.33 -49.74 -19.20
N GLU G 342 -70.55 -50.98 -18.76
CA GLU G 342 -71.62 -51.80 -19.31
C GLU G 342 -72.99 -51.24 -18.95
N ILE G 343 -73.12 -50.68 -17.76
CA ILE G 343 -74.40 -50.10 -17.35
C ILE G 343 -74.71 -48.90 -18.24
N LEU G 344 -73.66 -48.15 -18.58
CA LEU G 344 -73.81 -47.00 -19.45
C LEU G 344 -74.24 -47.49 -20.83
N ALA G 345 -73.50 -48.45 -21.38
CA ALA G 345 -73.76 -49.02 -22.70
C ALA G 345 -75.12 -49.69 -22.84
N LYS G 346 -75.50 -50.47 -21.84
CA LYS G 346 -76.77 -51.20 -21.87
C LYS G 346 -78.04 -50.43 -21.49
N GLU G 347 -77.94 -49.41 -20.64
CA GLU G 347 -79.17 -48.72 -20.27
C GLU G 347 -79.13 -47.23 -19.94
N LYS G 348 -78.01 -46.72 -19.44
CA LYS G 348 -77.93 -45.32 -19.06
C LYS G 348 -77.60 -44.34 -20.18
N ASP G 349 -76.66 -44.73 -21.05
CA ASP G 349 -76.22 -43.89 -22.16
C ASP G 349 -76.11 -44.74 -23.43
N THR G 350 -77.21 -45.40 -23.77
CA THR G 350 -77.24 -46.30 -24.92
C THR G 350 -76.75 -45.74 -26.26
N ILE G 351 -77.07 -44.49 -26.56
CA ILE G 351 -76.64 -43.92 -27.82
C ILE G 351 -75.13 -44.01 -28.01
N ARG G 352 -74.39 -44.07 -26.90
CA ARG G 352 -72.93 -44.17 -26.96
C ARG G 352 -72.49 -45.59 -26.60
N LYS G 353 -73.43 -46.52 -26.73
CA LYS G 353 -73.20 -47.93 -26.45
C LYS G 353 -71.84 -48.45 -26.92
N GLU G 354 -71.54 -48.27 -28.21
CA GLU G 354 -70.27 -48.75 -28.73
C GLU G 354 -69.07 -48.03 -28.13
N TYR G 355 -69.25 -46.76 -27.78
CA TYR G 355 -68.17 -45.97 -27.18
C TYR G 355 -67.81 -46.52 -25.79
N TRP G 356 -68.83 -46.71 -24.96
CA TRP G 356 -68.61 -47.22 -23.62
C TRP G 356 -67.99 -48.61 -23.62
N ARG G 357 -68.46 -49.47 -24.51
CA ARG G 357 -67.88 -50.82 -24.60
C ARG G 357 -66.45 -50.71 -25.06
N TYR G 358 -66.18 -49.72 -25.90
CA TYR G 358 -64.84 -49.45 -26.41
C TYR G 358 -63.95 -48.98 -25.24
N ILE G 359 -64.55 -48.21 -24.32
CA ILE G 359 -63.81 -47.73 -23.16
C ILE G 359 -63.54 -48.93 -22.25
N GLY G 360 -64.54 -49.79 -22.09
CA GLY G 360 -64.37 -50.98 -21.28
C GLY G 360 -63.20 -51.80 -21.79
N ARG G 361 -63.22 -52.12 -23.09
CA ARG G 361 -62.14 -52.89 -23.67
C ARG G 361 -60.80 -52.25 -23.34
N SER G 362 -60.74 -50.94 -23.48
CA SER G 362 -59.52 -50.19 -23.21
C SER G 362 -59.02 -50.35 -21.80
N LEU G 363 -59.94 -50.36 -20.85
CA LEU G 363 -59.56 -50.50 -19.45
C LEU G 363 -59.00 -51.91 -19.20
N GLN G 364 -59.69 -52.94 -19.67
CA GLN G 364 -59.25 -54.31 -19.48
C GLN G 364 -57.86 -54.54 -20.02
N SER G 365 -57.62 -54.13 -21.26
CA SER G 365 -56.32 -54.33 -21.87
C SER G 365 -55.23 -53.46 -21.28
N LYS G 366 -55.61 -52.53 -20.39
CA LYS G 366 -54.62 -51.66 -19.79
C LYS G 366 -54.31 -52.01 -18.35
N HIS G 367 -55.23 -52.71 -17.70
CA HIS G 367 -55.04 -53.07 -16.30
C HIS G 367 -55.41 -54.53 -15.98
N SER G 368 -54.50 -55.47 -16.27
CA SER G 368 -54.75 -56.89 -16.00
C SER G 368 -53.47 -57.72 -15.95
N LEU H 18 -87.14 -41.54 -44.46
CA LEU H 18 -87.09 -40.93 -45.82
C LEU H 18 -85.70 -41.10 -46.43
N ASP H 19 -85.61 -40.97 -47.75
CA ASP H 19 -84.33 -41.17 -48.44
C ASP H 19 -83.59 -39.93 -48.93
N PHE H 20 -82.40 -40.19 -49.45
CA PHE H 20 -81.49 -39.15 -49.96
C PHE H 20 -81.80 -38.77 -51.41
N LEU H 21 -82.38 -37.58 -51.59
CA LEU H 21 -82.74 -37.07 -52.91
C LEU H 21 -81.54 -36.51 -53.66
N ARG H 22 -80.59 -37.37 -54.00
CA ARG H 22 -79.39 -36.96 -54.69
C ARG H 22 -79.53 -35.97 -55.85
N ASP H 23 -80.39 -36.27 -56.81
CA ASP H 23 -80.56 -35.38 -57.95
C ASP H 23 -80.98 -33.98 -57.53
N ARG H 24 -81.96 -33.91 -56.64
CA ARG H 24 -82.43 -32.61 -56.16
C ARG H 24 -81.28 -31.77 -55.60
N HIS H 25 -80.35 -32.42 -54.91
CA HIS H 25 -79.22 -31.70 -54.34
C HIS H 25 -78.26 -31.27 -55.43
N VAL H 26 -78.13 -32.09 -56.48
CA VAL H 26 -77.23 -31.73 -57.58
C VAL H 26 -77.73 -30.44 -58.21
N ARG H 27 -79.05 -30.34 -58.41
CA ARG H 27 -79.64 -29.16 -59.00
C ARG H 27 -79.47 -27.97 -58.05
N PHE H 28 -79.74 -28.20 -56.77
CA PHE H 28 -79.62 -27.17 -55.76
C PHE H 28 -78.24 -26.50 -55.86
N PHE H 29 -77.20 -27.30 -55.96
CA PHE H 29 -75.85 -26.76 -56.07
C PHE H 29 -75.65 -26.04 -57.40
N GLN H 30 -76.28 -26.54 -58.46
CA GLN H 30 -76.15 -25.90 -59.77
C GLN H 30 -76.73 -24.51 -59.69
N ARG H 31 -77.90 -24.41 -59.05
CA ARG H 31 -78.57 -23.14 -58.89
C ARG H 31 -77.69 -22.14 -58.14
N CYS H 32 -77.04 -22.62 -57.08
CA CYS H 32 -76.16 -21.75 -56.30
C CYS H 32 -75.06 -21.16 -57.16
N LEU H 33 -74.48 -21.96 -58.05
CA LEU H 33 -73.41 -21.45 -58.91
C LEU H 33 -73.89 -20.46 -59.95
N GLN H 34 -75.20 -20.44 -60.19
CA GLN H 34 -75.74 -19.55 -61.21
C GLN H 34 -76.10 -18.15 -60.73
N VAL H 35 -77.26 -18.01 -60.10
CA VAL H 35 -77.68 -16.72 -59.61
C VAL H 35 -78.31 -16.81 -58.23
N LEU H 36 -78.01 -15.82 -57.39
CA LEU H 36 -78.55 -15.77 -56.03
C LEU H 36 -79.45 -14.55 -55.90
N PRO H 37 -80.53 -14.67 -55.13
CA PRO H 37 -81.50 -13.58 -54.91
C PRO H 37 -80.88 -12.43 -54.10
N GLU H 38 -81.39 -11.22 -54.32
CA GLU H 38 -80.88 -10.03 -53.61
C GLU H 38 -80.82 -10.27 -52.10
N ARG H 39 -81.54 -11.28 -51.63
CA ARG H 39 -81.59 -11.58 -50.22
C ARG H 39 -80.32 -12.23 -49.67
N TYR H 40 -79.35 -12.51 -50.54
CA TYR H 40 -78.10 -13.13 -50.11
C TYR H 40 -76.93 -12.20 -50.31
N SER H 41 -77.24 -10.91 -50.36
CA SER H 41 -76.25 -9.86 -50.55
C SER H 41 -75.20 -9.84 -49.43
N SER H 42 -75.61 -10.29 -48.25
CA SER H 42 -74.69 -10.30 -47.11
C SER H 42 -73.55 -11.30 -47.28
N LEU H 43 -73.58 -12.05 -48.38
CA LEU H 43 -72.56 -13.06 -48.67
C LEU H 43 -71.63 -12.58 -49.78
N GLU H 44 -71.87 -11.38 -50.26
CA GLU H 44 -71.07 -10.82 -51.35
C GLU H 44 -69.56 -10.99 -51.18
N THR H 45 -69.01 -10.57 -50.04
CA THR H 45 -67.57 -10.67 -49.84
C THR H 45 -67.06 -12.08 -49.58
N SER H 46 -67.95 -13.06 -49.55
CA SER H 46 -67.51 -14.43 -49.35
C SER H 46 -68.17 -15.36 -50.38
N ARG H 47 -68.45 -14.84 -51.58
CA ARG H 47 -69.08 -15.62 -52.64
C ARG H 47 -68.22 -16.83 -53.01
N LEU H 48 -66.90 -16.67 -52.89
CA LEU H 48 -65.99 -17.77 -53.21
C LEU H 48 -66.22 -18.98 -52.30
N THR H 49 -66.59 -18.74 -51.03
CA THR H 49 -66.84 -19.88 -50.14
C THR H 49 -68.18 -20.50 -50.51
N ILE H 50 -69.09 -19.72 -51.09
CA ILE H 50 -70.38 -20.26 -51.50
C ILE H 50 -70.12 -21.15 -52.72
N ALA H 51 -69.21 -20.70 -53.58
CA ALA H 51 -68.85 -21.47 -54.75
C ALA H 51 -68.23 -22.80 -54.28
N PHE H 52 -67.35 -22.71 -53.29
CA PHE H 52 -66.71 -23.89 -52.71
C PHE H 52 -67.76 -24.89 -52.24
N PHE H 53 -68.73 -24.43 -51.46
CA PHE H 53 -69.77 -25.32 -50.97
C PHE H 53 -70.47 -26.03 -52.12
N ALA H 54 -70.72 -25.30 -53.19
CA ALA H 54 -71.42 -25.84 -54.36
C ALA H 54 -70.55 -26.79 -55.18
N LEU H 55 -69.34 -26.36 -55.50
CA LEU H 55 -68.43 -27.18 -56.28
C LEU H 55 -68.02 -28.43 -55.52
N SER H 56 -67.55 -28.26 -54.29
CA SER H 56 -67.14 -29.38 -53.46
C SER H 56 -68.33 -30.30 -53.20
N GLY H 57 -69.52 -29.71 -53.11
CA GLY H 57 -70.71 -30.50 -52.89
C GLY H 57 -71.00 -31.35 -54.12
N LEU H 58 -70.84 -30.74 -55.30
CA LEU H 58 -71.07 -31.45 -56.56
C LEU H 58 -70.03 -32.54 -56.71
N ASP H 59 -68.80 -32.23 -56.29
CA ASP H 59 -67.71 -33.19 -56.36
C ASP H 59 -68.05 -34.38 -55.48
N MET H 60 -68.54 -34.09 -54.27
CA MET H 60 -68.91 -35.13 -53.33
C MET H 60 -70.04 -36.00 -53.91
N LEU H 61 -70.85 -35.42 -54.79
CA LEU H 61 -71.93 -36.16 -55.42
C LEU H 61 -71.51 -36.70 -56.79
N ASP H 62 -70.25 -36.47 -57.15
CA ASP H 62 -69.72 -36.93 -58.42
C ASP H 62 -70.54 -36.35 -59.60
N SER H 63 -70.73 -35.04 -59.60
CA SER H 63 -71.50 -34.37 -60.65
C SER H 63 -70.84 -33.11 -61.18
N LEU H 64 -69.52 -33.02 -61.05
CA LEU H 64 -68.80 -31.84 -61.53
C LEU H 64 -68.96 -31.64 -63.03
N ASP H 65 -69.41 -32.68 -63.72
CA ASP H 65 -69.60 -32.61 -65.17
C ASP H 65 -70.61 -31.53 -65.55
N VAL H 66 -71.63 -31.36 -64.72
CA VAL H 66 -72.69 -30.38 -64.99
C VAL H 66 -72.27 -28.92 -64.95
N VAL H 67 -70.98 -28.65 -64.86
CA VAL H 67 -70.51 -27.27 -64.83
C VAL H 67 -69.32 -27.06 -65.77
N ASN H 68 -69.13 -25.82 -66.22
CA ASN H 68 -68.02 -25.54 -67.10
C ASN H 68 -66.81 -25.25 -66.24
N LYS H 69 -66.05 -26.30 -65.93
CA LYS H 69 -64.87 -26.17 -65.11
C LYS H 69 -63.94 -25.03 -65.55
N ASP H 70 -63.82 -24.82 -66.86
CA ASP H 70 -62.92 -23.78 -67.35
C ASP H 70 -63.40 -22.35 -67.08
N ASP H 71 -64.70 -22.12 -67.20
CA ASP H 71 -65.24 -20.80 -66.94
C ASP H 71 -65.01 -20.46 -65.48
N ILE H 72 -65.39 -21.38 -64.60
CA ILE H 72 -65.24 -21.19 -63.17
C ILE H 72 -63.79 -21.00 -62.76
N ILE H 73 -62.88 -21.73 -63.39
CA ILE H 73 -61.47 -21.60 -63.07
C ILE H 73 -60.96 -20.20 -63.38
N GLU H 74 -61.43 -19.61 -64.48
CA GLU H 74 -61.02 -18.27 -64.87
C GLU H 74 -61.58 -17.25 -63.89
N TRP H 75 -62.82 -17.49 -63.46
CA TRP H 75 -63.47 -16.61 -62.50
C TRP H 75 -62.67 -16.59 -61.21
N ILE H 76 -62.29 -17.78 -60.74
CA ILE H 76 -61.51 -17.89 -59.52
C ILE H 76 -60.19 -17.17 -59.65
N TYR H 77 -59.50 -17.37 -60.76
CA TYR H 77 -58.22 -16.72 -60.96
C TYR H 77 -58.33 -15.20 -61.05
N SER H 78 -59.52 -14.70 -61.39
CA SER H 78 -59.69 -13.26 -61.48
C SER H 78 -59.77 -12.70 -60.06
N LEU H 79 -59.90 -13.59 -59.09
CA LEU H 79 -60.00 -13.19 -57.68
C LEU H 79 -58.65 -13.17 -56.98
N GLN H 80 -57.60 -13.62 -57.66
CA GLN H 80 -56.28 -13.64 -57.04
C GLN H 80 -55.63 -12.26 -56.99
N VAL H 81 -55.17 -11.89 -55.80
CA VAL H 81 -54.48 -10.62 -55.61
C VAL H 81 -53.01 -10.91 -55.86
N LEU H 82 -52.53 -10.51 -57.02
CA LEU H 82 -51.15 -10.73 -57.40
C LEU H 82 -50.24 -9.59 -56.98
N PRO H 83 -48.95 -9.88 -56.79
CA PRO H 83 -48.03 -8.81 -56.39
C PRO H 83 -47.86 -7.81 -57.54
N THR H 84 -47.65 -6.54 -57.19
CA THR H 84 -47.49 -5.49 -58.18
C THR H 84 -46.07 -5.52 -58.75
N GLU H 85 -45.86 -4.73 -59.81
CA GLU H 85 -44.55 -4.65 -60.46
C GLU H 85 -43.43 -4.54 -59.42
N ASP H 86 -43.54 -3.55 -58.55
CA ASP H 86 -42.54 -3.31 -57.51
C ASP H 86 -42.66 -4.27 -56.31
N ARG H 87 -43.47 -5.31 -56.45
CA ARG H 87 -43.66 -6.30 -55.39
C ARG H 87 -43.78 -5.66 -54.00
N SER H 88 -44.47 -4.52 -53.93
CA SER H 88 -44.64 -3.80 -52.67
C SER H 88 -45.87 -4.21 -51.87
N ASN H 89 -46.72 -5.05 -52.47
CA ASN H 89 -47.95 -5.47 -51.81
C ASN H 89 -47.96 -6.97 -51.51
N LEU H 90 -46.79 -7.55 -51.24
CA LEU H 90 -46.72 -8.98 -50.96
C LEU H 90 -47.54 -9.41 -49.75
N ASP H 91 -47.49 -8.62 -48.68
CA ASP H 91 -48.22 -8.93 -47.44
C ASP H 91 -49.73 -8.90 -47.63
N ARG H 92 -50.18 -8.56 -48.83
CA ARG H 92 -51.60 -8.48 -49.11
C ARG H 92 -52.09 -9.43 -50.19
N CYS H 93 -51.23 -10.34 -50.61
CA CYS H 93 -51.62 -11.27 -51.66
C CYS H 93 -52.41 -12.48 -51.16
N GLY H 94 -53.18 -13.06 -52.06
CA GLY H 94 -54.01 -14.21 -51.74
C GLY H 94 -55.21 -14.11 -52.65
N PHE H 95 -56.39 -14.45 -52.17
CA PHE H 95 -57.58 -14.35 -53.00
C PHE H 95 -58.68 -13.49 -52.38
N ARG H 96 -59.48 -12.85 -53.24
CA ARG H 96 -60.58 -12.01 -52.78
C ARG H 96 -61.80 -12.91 -52.72
N GLY H 97 -62.82 -12.50 -51.97
CA GLY H 97 -64.03 -13.29 -51.86
C GLY H 97 -64.93 -13.10 -53.07
N SER H 98 -64.76 -11.99 -53.76
CA SER H 98 -65.54 -11.66 -54.95
C SER H 98 -64.95 -10.41 -55.58
N SER H 99 -65.65 -9.86 -56.55
CA SER H 99 -65.20 -8.66 -57.27
C SER H 99 -65.82 -7.37 -56.74
N TYR H 100 -66.35 -7.41 -55.52
CA TYR H 100 -67.00 -6.22 -54.95
C TYR H 100 -66.18 -4.92 -54.95
N LEU H 101 -64.87 -4.98 -55.13
CA LEU H 101 -64.07 -3.76 -55.13
C LEU H 101 -64.10 -3.02 -56.45
N GLY H 102 -64.53 -3.69 -57.51
CA GLY H 102 -64.60 -3.04 -58.80
C GLY H 102 -63.33 -3.12 -59.63
N ILE H 103 -62.42 -4.02 -59.27
CA ILE H 103 -61.20 -4.16 -60.03
C ILE H 103 -61.55 -4.89 -61.32
N PRO H 104 -61.05 -4.39 -62.46
CA PRO H 104 -61.32 -5.00 -63.77
C PRO H 104 -60.95 -6.48 -63.87
N PHE H 105 -61.89 -7.27 -64.40
CA PHE H 105 -61.72 -8.70 -64.57
C PHE H 105 -60.39 -9.07 -65.22
N ASN H 106 -59.56 -9.82 -64.49
CA ASN H 106 -58.27 -10.24 -65.00
C ASN H 106 -57.92 -11.61 -64.41
N PRO H 107 -58.20 -12.68 -65.16
CA PRO H 107 -57.93 -14.06 -64.72
C PRO H 107 -56.44 -14.37 -64.55
N SER H 108 -55.83 -13.74 -63.55
CA SER H 108 -54.42 -13.92 -63.24
C SER H 108 -53.53 -13.90 -64.47
N LYS H 109 -53.72 -12.87 -65.30
CA LYS H 109 -52.93 -12.70 -66.51
C LYS H 109 -51.83 -11.67 -66.23
N ASN H 110 -52.13 -10.40 -66.53
CA ASN H 110 -51.17 -9.32 -66.30
C ASN H 110 -50.83 -9.19 -64.82
N PRO H 111 -49.89 -8.28 -64.47
CA PRO H 111 -49.50 -8.08 -63.07
C PRO H 111 -50.67 -7.56 -62.23
N GLY H 112 -50.36 -6.97 -61.08
CA GLY H 112 -51.42 -6.46 -60.23
C GLY H 112 -51.67 -4.97 -60.32
N THR H 113 -52.92 -4.59 -60.59
CA THR H 113 -53.31 -3.19 -60.69
C THR H 113 -53.50 -2.62 -59.27
N ALA H 114 -52.50 -1.88 -58.80
CA ALA H 114 -52.51 -1.28 -57.46
C ALA H 114 -53.83 -0.66 -57.05
N HIS H 115 -54.25 -0.95 -55.82
CA HIS H 115 -55.50 -0.43 -55.26
C HIS H 115 -55.31 -0.31 -53.75
N PRO H 116 -55.60 0.87 -53.19
CA PRO H 116 -55.47 1.18 -51.77
C PRO H 116 -56.04 0.18 -50.78
N TYR H 117 -57.13 -0.49 -51.16
CA TYR H 117 -57.79 -1.42 -50.26
C TYR H 117 -58.02 -2.83 -50.79
N ASP H 118 -57.25 -3.24 -51.79
CA ASP H 118 -57.41 -4.57 -52.35
C ASP H 118 -56.39 -5.55 -51.76
N SER H 119 -56.89 -6.55 -51.04
CA SER H 119 -56.03 -7.55 -50.45
C SER H 119 -56.81 -8.85 -50.34
N GLY H 120 -56.10 -9.94 -50.04
CA GLY H 120 -56.77 -11.22 -49.92
C GLY H 120 -57.43 -11.42 -48.57
N HIS H 121 -58.19 -12.50 -48.46
CA HIS H 121 -58.88 -12.86 -47.22
C HIS H 121 -58.53 -14.32 -47.02
N ILE H 122 -57.96 -14.63 -45.86
CA ILE H 122 -57.54 -16.01 -45.56
C ILE H 122 -58.54 -17.11 -45.88
N ALA H 123 -59.82 -16.90 -45.59
CA ALA H 123 -60.83 -17.92 -45.87
C ALA H 123 -61.10 -18.04 -47.37
N MET H 124 -60.78 -16.99 -48.13
CA MET H 124 -60.98 -16.99 -49.57
C MET H 124 -59.78 -17.62 -50.26
N THR H 125 -58.59 -17.36 -49.72
CA THR H 125 -57.39 -17.96 -50.28
C THR H 125 -57.55 -19.47 -50.09
N TYR H 126 -58.07 -19.85 -48.92
CA TYR H 126 -58.30 -21.26 -48.63
C TYR H 126 -59.34 -21.88 -49.58
N THR H 127 -60.56 -21.37 -49.57
CA THR H 127 -61.60 -21.93 -50.46
C THR H 127 -61.25 -21.76 -51.93
N GLY H 128 -60.51 -20.71 -52.26
CA GLY H 128 -60.11 -20.49 -53.64
C GLY H 128 -59.22 -21.61 -54.13
N LEU H 129 -58.11 -21.84 -53.42
CA LEU H 129 -57.18 -22.90 -53.78
C LEU H 129 -57.92 -24.22 -53.79
N SER H 130 -58.75 -24.43 -52.78
CA SER H 130 -59.52 -25.65 -52.67
C SER H 130 -60.41 -25.85 -53.91
N CYS H 131 -61.05 -24.78 -54.36
CA CYS H 131 -61.91 -24.85 -55.54
C CYS H 131 -61.11 -25.20 -56.79
N LEU H 132 -59.95 -24.57 -56.95
CA LEU H 132 -59.10 -24.82 -58.10
C LEU H 132 -58.71 -26.30 -58.19
N ILE H 133 -58.34 -26.89 -57.05
CA ILE H 133 -57.96 -28.28 -57.00
C ILE H 133 -59.13 -29.16 -57.36
N ILE H 134 -60.32 -28.84 -56.85
CA ILE H 134 -61.52 -29.61 -57.15
C ILE H 134 -61.86 -29.56 -58.64
N LEU H 135 -61.62 -28.42 -59.27
CA LEU H 135 -61.91 -28.25 -60.69
C LEU H 135 -60.86 -28.86 -61.62
N GLY H 136 -59.80 -29.39 -61.05
CA GLY H 136 -58.77 -30.00 -61.85
C GLY H 136 -57.60 -29.13 -62.21
N ASP H 137 -57.66 -27.85 -61.86
CA ASP H 137 -56.55 -26.96 -62.19
C ASP H 137 -55.30 -27.44 -61.48
N ASP H 138 -54.13 -27.09 -62.00
CA ASP H 138 -52.87 -27.51 -61.43
C ASP H 138 -52.15 -26.46 -60.59
N LEU H 139 -52.83 -25.33 -60.34
CA LEU H 139 -52.27 -24.25 -59.53
C LEU H 139 -51.03 -23.56 -60.09
N SER H 140 -50.75 -23.77 -61.36
CA SER H 140 -49.58 -23.15 -61.98
C SER H 140 -49.70 -21.62 -62.01
N ARG H 141 -50.93 -21.13 -62.12
CA ARG H 141 -51.15 -19.68 -62.17
C ARG H 141 -51.22 -19.03 -60.78
N VAL H 142 -51.11 -19.85 -59.74
CA VAL H 142 -51.13 -19.34 -58.37
C VAL H 142 -49.74 -18.88 -57.98
N ASP H 143 -49.61 -17.63 -57.53
CA ASP H 143 -48.30 -17.14 -57.12
C ASP H 143 -48.12 -17.67 -55.69
N LYS H 144 -47.66 -18.91 -55.59
CA LYS H 144 -47.48 -19.57 -54.31
C LYS H 144 -46.68 -18.76 -53.30
N GLU H 145 -45.54 -18.21 -53.71
CA GLU H 145 -44.74 -17.42 -52.79
C GLU H 145 -45.47 -16.20 -52.28
N ALA H 146 -46.26 -15.56 -53.14
CA ALA H 146 -47.01 -14.38 -52.75
C ALA H 146 -48.05 -14.76 -51.70
N CYS H 147 -48.78 -15.84 -51.96
CA CYS H 147 -49.81 -16.29 -51.03
C CYS H 147 -49.21 -16.61 -49.66
N LEU H 148 -48.09 -17.32 -49.66
CA LEU H 148 -47.42 -17.70 -48.42
C LEU H 148 -46.94 -16.47 -47.65
N ALA H 149 -46.46 -15.46 -48.37
CA ALA H 149 -45.99 -14.24 -47.74
C ALA H 149 -47.19 -13.55 -47.12
N GLY H 150 -48.31 -13.57 -47.84
CA GLY H 150 -49.53 -12.97 -47.34
C GLY H 150 -49.99 -13.70 -46.10
N LEU H 151 -49.91 -15.02 -46.13
CA LEU H 151 -50.32 -15.83 -44.98
C LEU H 151 -49.48 -15.47 -43.75
N ARG H 152 -48.17 -15.48 -43.91
CA ARG H 152 -47.27 -15.15 -42.80
C ARG H 152 -47.63 -13.84 -42.12
N ALA H 153 -47.97 -12.85 -42.92
CA ALA H 153 -48.30 -11.54 -42.39
C ALA H 153 -49.56 -11.53 -41.53
N LEU H 154 -50.41 -12.54 -41.69
CA LEU H 154 -51.64 -12.63 -40.92
C LEU H 154 -51.52 -13.24 -39.52
N GLN H 155 -50.41 -13.96 -39.27
CA GLN H 155 -50.26 -14.59 -37.97
C GLN H 155 -49.86 -13.62 -36.86
N LEU H 156 -50.51 -13.75 -35.72
CA LEU H 156 -50.23 -12.88 -34.58
C LEU H 156 -49.19 -13.50 -33.66
N GLU H 157 -48.73 -12.72 -32.68
CA GLU H 157 -47.73 -13.20 -31.75
C GLU H 157 -48.20 -14.47 -31.03
N ASP H 158 -49.48 -14.54 -30.68
CA ASP H 158 -50.00 -15.71 -29.97
C ASP H 158 -50.17 -16.95 -30.85
N GLY H 159 -49.82 -16.85 -32.12
CA GLY H 159 -49.94 -18.01 -32.98
C GLY H 159 -51.20 -18.10 -33.82
N SER H 160 -52.25 -17.37 -33.45
CA SER H 160 -53.48 -17.41 -34.24
C SER H 160 -53.35 -16.51 -35.47
N PHE H 161 -54.40 -16.46 -36.29
CA PHE H 161 -54.39 -15.63 -37.51
C PHE H 161 -55.58 -14.68 -37.64
N CYS H 162 -55.36 -13.63 -38.40
CA CYS H 162 -56.39 -12.65 -38.73
C CYS H 162 -56.81 -13.06 -40.14
N ALA H 163 -57.89 -12.49 -40.66
CA ALA H 163 -58.34 -12.86 -41.99
C ALA H 163 -57.78 -11.95 -43.08
N VAL H 164 -57.56 -10.68 -42.74
CA VAL H 164 -57.02 -9.72 -43.70
C VAL H 164 -55.95 -8.83 -43.07
N PRO H 165 -54.97 -8.40 -43.89
CA PRO H 165 -53.89 -7.54 -43.41
C PRO H 165 -54.36 -6.21 -42.79
N GLU H 166 -55.51 -5.71 -43.20
CA GLU H 166 -56.02 -4.46 -42.65
C GLU H 166 -56.47 -4.63 -41.20
N GLY H 167 -56.67 -5.89 -40.80
CA GLY H 167 -57.10 -6.16 -39.44
C GLY H 167 -58.47 -6.79 -39.33
N SER H 168 -58.63 -7.68 -38.36
CA SER H 168 -59.90 -8.35 -38.13
C SER H 168 -59.78 -9.11 -36.83
N GLU H 169 -60.83 -9.84 -36.48
CA GLU H 169 -60.81 -10.64 -35.27
C GLU H 169 -59.85 -11.80 -35.58
N ASN H 170 -59.36 -12.48 -34.55
CA ASN H 170 -58.45 -13.60 -34.76
C ASN H 170 -58.91 -14.77 -33.89
N ASP H 171 -58.93 -15.96 -34.47
CA ASP H 171 -59.34 -17.14 -33.74
C ASP H 171 -59.03 -18.44 -34.48
N MET H 172 -59.48 -19.55 -33.90
CA MET H 172 -59.24 -20.87 -34.46
C MET H 172 -59.67 -21.06 -35.91
N ARG H 173 -60.77 -20.41 -36.31
CA ARG H 173 -61.25 -20.54 -37.70
C ARG H 173 -60.14 -20.25 -38.69
N PHE H 174 -59.40 -19.18 -38.45
CA PHE H 174 -58.34 -18.79 -39.37
C PHE H 174 -57.06 -19.63 -39.22
N VAL H 175 -56.89 -20.28 -38.08
CA VAL H 175 -55.72 -21.14 -37.87
C VAL H 175 -55.93 -22.32 -38.84
N TYR H 176 -57.18 -22.79 -38.92
CA TYR H 176 -57.50 -23.89 -39.81
C TYR H 176 -57.30 -23.50 -41.28
N CYS H 177 -57.69 -22.28 -41.64
CA CYS H 177 -57.54 -21.79 -43.01
C CYS H 177 -56.07 -21.77 -43.36
N ALA H 178 -55.27 -21.26 -42.45
CA ALA H 178 -53.82 -21.18 -42.66
C ALA H 178 -53.25 -22.58 -42.88
N SER H 179 -53.67 -23.53 -42.04
CA SER H 179 -53.21 -24.90 -42.13
C SER H 179 -53.57 -25.52 -43.49
N CYS H 180 -54.80 -25.30 -43.94
CA CYS H 180 -55.24 -25.84 -45.23
C CYS H 180 -54.43 -25.25 -46.38
N ILE H 181 -54.19 -23.95 -46.31
CA ILE H 181 -53.43 -23.28 -47.35
C ILE H 181 -52.04 -23.88 -47.42
N CYS H 182 -51.35 -23.94 -46.28
CA CYS H 182 -50.00 -24.50 -46.24
C CYS H 182 -49.99 -25.92 -46.76
N TYR H 183 -51.00 -26.69 -46.39
CA TYR H 183 -51.09 -28.07 -46.82
C TYR H 183 -51.27 -28.19 -48.34
N MET H 184 -52.20 -27.42 -48.90
CA MET H 184 -52.47 -27.48 -50.33
C MET H 184 -51.28 -26.99 -51.15
N LEU H 185 -50.58 -25.98 -50.64
CA LEU H 185 -49.42 -25.46 -51.36
C LEU H 185 -48.21 -26.29 -50.97
N ASN H 186 -48.46 -27.32 -50.18
CA ASN H 186 -47.41 -28.22 -49.72
C ASN H 186 -46.16 -27.46 -49.27
N ASN H 187 -46.35 -26.40 -48.49
CA ASN H 187 -45.26 -25.57 -48.01
C ASN H 187 -45.71 -24.90 -46.71
N TRP H 188 -45.07 -25.24 -45.59
CA TRP H 188 -45.47 -24.65 -44.32
C TRP H 188 -44.73 -23.38 -43.93
N SER H 189 -44.06 -22.75 -44.88
CA SER H 189 -43.34 -21.52 -44.58
C SER H 189 -44.37 -20.40 -44.42
N GLY H 190 -45.64 -20.75 -44.65
CA GLY H 190 -46.69 -19.76 -44.52
C GLY H 190 -47.05 -19.46 -43.08
N MET H 191 -46.53 -20.24 -42.13
CA MET H 191 -46.82 -20.02 -40.72
C MET H 191 -45.71 -20.46 -39.81
N ASP H 192 -45.74 -19.96 -38.58
CA ASP H 192 -44.79 -20.35 -37.54
C ASP H 192 -45.57 -21.45 -36.84
N MET H 193 -45.39 -22.68 -37.30
CA MET H 193 -46.10 -23.84 -36.77
C MET H 193 -46.05 -24.00 -35.25
N LYS H 194 -44.88 -23.74 -34.67
CA LYS H 194 -44.73 -23.88 -33.22
C LYS H 194 -45.70 -22.97 -32.48
N LYS H 195 -45.87 -21.74 -32.96
CA LYS H 195 -46.77 -20.79 -32.33
C LYS H 195 -48.23 -21.16 -32.56
N ALA H 196 -48.54 -21.67 -33.75
CA ALA H 196 -49.91 -22.07 -34.05
C ALA H 196 -50.29 -23.23 -33.12
N ILE H 197 -49.37 -24.18 -32.96
CA ILE H 197 -49.61 -25.32 -32.10
C ILE H 197 -49.86 -24.85 -30.67
N SER H 198 -49.07 -23.88 -30.25
CA SER H 198 -49.23 -23.34 -28.91
C SER H 198 -50.63 -22.72 -28.74
N TYR H 199 -51.09 -22.02 -29.76
CA TYR H 199 -52.41 -21.41 -29.72
C TYR H 199 -53.48 -22.51 -29.58
N ILE H 200 -53.33 -23.56 -30.36
CA ILE H 200 -54.28 -24.67 -30.32
C ILE H 200 -54.31 -25.33 -28.93
N ARG H 201 -53.14 -25.57 -28.35
CA ARG H 201 -53.12 -26.18 -27.03
C ARG H 201 -53.81 -25.28 -26.01
N ARG H 202 -53.47 -24.00 -26.03
CA ARG H 202 -54.04 -23.05 -25.08
C ARG H 202 -55.54 -22.86 -25.19
N SER H 203 -56.12 -23.32 -26.30
CA SER H 203 -57.56 -23.17 -26.48
C SER H 203 -58.34 -24.29 -25.79
N MET H 204 -57.63 -25.30 -25.31
CA MET H 204 -58.32 -26.42 -24.64
C MET H 204 -58.97 -25.94 -23.34
N SER H 205 -60.25 -26.23 -23.20
CA SER H 205 -61.02 -25.83 -22.03
C SER H 205 -60.93 -26.84 -20.90
N TYR H 206 -61.47 -26.47 -19.75
CA TYR H 206 -61.49 -27.35 -18.58
C TYR H 206 -62.40 -28.55 -18.86
N ASP H 207 -63.36 -28.39 -19.79
CA ASP H 207 -64.24 -29.50 -20.13
C ASP H 207 -63.64 -30.37 -21.23
N ASN H 208 -62.41 -30.04 -21.62
CA ASN H 208 -61.65 -30.78 -22.62
C ASN H 208 -61.93 -30.59 -24.10
N GLY H 209 -62.89 -29.75 -24.44
CA GLY H 209 -63.13 -29.47 -25.84
C GLY H 209 -62.20 -28.32 -26.19
N LEU H 210 -62.17 -27.93 -27.45
CA LEU H 210 -61.32 -26.81 -27.87
C LEU H 210 -62.21 -25.60 -28.14
N ALA H 211 -61.77 -24.43 -27.69
CA ALA H 211 -62.54 -23.19 -27.90
C ALA H 211 -61.92 -22.37 -29.01
N GLN H 212 -62.55 -21.23 -29.33
CA GLN H 212 -62.04 -20.36 -30.38
C GLN H 212 -60.71 -19.74 -29.95
N GLY H 213 -60.51 -19.69 -28.65
CA GLY H 213 -59.30 -19.13 -28.08
C GLY H 213 -59.26 -19.42 -26.60
N ALA H 214 -58.12 -19.19 -25.97
CA ALA H 214 -57.94 -19.46 -24.54
C ALA H 214 -59.04 -18.84 -23.66
N GLY H 215 -59.58 -19.64 -22.76
CA GLY H 215 -60.60 -19.17 -21.85
C GLY H 215 -62.04 -19.20 -22.34
N LEU H 216 -62.23 -19.24 -23.65
CA LEU H 216 -63.57 -19.26 -24.23
C LEU H 216 -64.23 -20.63 -24.13
N GLU H 217 -65.55 -20.66 -24.31
CA GLU H 217 -66.33 -21.89 -24.24
C GLU H 217 -65.91 -22.85 -25.36
N SER H 218 -65.61 -24.10 -25.02
CA SER H 218 -65.21 -25.06 -26.05
C SER H 218 -66.39 -25.20 -27.01
N HIS H 219 -66.07 -25.43 -28.29
CA HIS H 219 -67.11 -25.49 -29.31
C HIS H 219 -66.79 -26.51 -30.41
N GLY H 220 -67.82 -27.15 -30.95
CA GLY H 220 -67.61 -28.13 -32.00
C GLY H 220 -66.88 -27.58 -33.22
N GLY H 221 -67.16 -26.32 -33.55
CA GLY H 221 -66.51 -25.71 -34.69
C GLY H 221 -65.02 -25.50 -34.47
N SER H 222 -64.66 -24.95 -33.32
CA SER H 222 -63.25 -24.71 -33.03
C SER H 222 -62.49 -26.01 -32.72
N THR H 223 -63.19 -26.99 -32.15
CA THR H 223 -62.54 -28.26 -31.87
C THR H 223 -62.16 -28.91 -33.21
N PHE H 224 -63.04 -28.80 -34.20
CA PHE H 224 -62.73 -29.34 -35.51
C PHE H 224 -61.54 -28.59 -36.09
N CYS H 225 -61.59 -27.26 -36.04
CA CYS H 225 -60.50 -26.47 -36.60
C CYS H 225 -59.16 -26.78 -35.95
N GLY H 226 -59.16 -26.97 -34.64
CA GLY H 226 -57.92 -27.27 -33.96
C GLY H 226 -57.40 -28.67 -34.29
N ILE H 227 -58.25 -29.68 -34.09
CA ILE H 227 -57.84 -31.04 -34.37
C ILE H 227 -57.45 -31.24 -35.85
N ALA H 228 -58.26 -30.70 -36.77
CA ALA H 228 -57.97 -30.84 -38.19
C ALA H 228 -56.65 -30.17 -38.56
N SER H 229 -56.37 -29.03 -37.95
CA SER H 229 -55.11 -28.34 -38.25
C SER H 229 -53.93 -29.21 -37.85
N LEU H 230 -53.99 -29.78 -36.64
CA LEU H 230 -52.92 -30.63 -36.16
C LEU H 230 -52.74 -31.84 -37.08
N CYS H 231 -53.85 -32.44 -37.52
CA CYS H 231 -53.75 -33.59 -38.41
C CYS H 231 -53.10 -33.17 -39.72
N LEU H 232 -53.50 -32.02 -40.25
CA LEU H 232 -52.94 -31.53 -41.49
C LEU H 232 -51.43 -31.32 -41.31
N MET H 233 -51.03 -30.91 -40.10
CA MET H 233 -49.61 -30.69 -39.80
C MET H 233 -48.93 -32.03 -39.48
N GLY H 234 -49.75 -33.06 -39.28
CA GLY H 234 -49.23 -34.37 -38.93
C GLY H 234 -48.61 -34.33 -37.54
N LYS H 235 -49.29 -33.69 -36.58
CA LYS H 235 -48.76 -33.58 -35.24
C LYS H 235 -49.76 -33.82 -34.11
N LEU H 236 -50.86 -34.48 -34.42
CA LEU H 236 -51.87 -34.77 -33.42
C LEU H 236 -51.27 -35.46 -32.21
N GLU H 237 -50.64 -36.62 -32.46
CA GLU H 237 -50.01 -37.43 -31.44
C GLU H 237 -48.94 -36.69 -30.67
N GLU H 238 -48.16 -35.89 -31.38
CA GLU H 238 -47.09 -35.14 -30.76
C GLU H 238 -47.56 -34.03 -29.83
N VAL H 239 -48.67 -33.39 -30.18
CA VAL H 239 -49.19 -32.26 -29.40
C VAL H 239 -50.03 -32.65 -28.19
N PHE H 240 -50.89 -33.65 -28.35
CA PHE H 240 -51.73 -34.08 -27.25
C PHE H 240 -51.34 -35.48 -26.76
N SER H 241 -51.32 -35.64 -25.44
CA SER H 241 -50.98 -36.91 -24.83
C SER H 241 -52.17 -37.85 -25.03
N GLU H 242 -51.95 -39.14 -24.80
CA GLU H 242 -53.02 -40.12 -24.96
C GLU H 242 -54.16 -39.77 -24.02
N LYS H 243 -53.83 -39.36 -22.80
CA LYS H 243 -54.85 -39.01 -21.82
C LYS H 243 -55.64 -37.80 -22.34
N GLU H 244 -54.93 -36.84 -22.90
CA GLU H 244 -55.56 -35.65 -23.44
C GLU H 244 -56.48 -36.02 -24.60
N LEU H 245 -55.99 -36.82 -25.52
CA LEU H 245 -56.81 -37.24 -26.66
C LEU H 245 -58.05 -37.99 -26.18
N ASN H 246 -57.91 -38.75 -25.10
CA ASN H 246 -59.05 -39.49 -24.56
C ASN H 246 -60.11 -38.54 -24.06
N ARG H 247 -59.67 -37.46 -23.41
CA ARG H 247 -60.59 -36.46 -22.89
C ARG H 247 -61.30 -35.71 -24.02
N ILE H 248 -60.54 -35.36 -25.05
CA ILE H 248 -61.10 -34.66 -26.19
C ILE H 248 -62.12 -35.56 -26.86
N LYS H 249 -61.77 -36.84 -27.01
CA LYS H 249 -62.70 -37.80 -27.63
C LYS H 249 -64.01 -37.85 -26.84
N ARG H 250 -63.89 -37.92 -25.53
CA ARG H 250 -65.08 -37.97 -24.68
C ARG H 250 -65.95 -36.75 -24.90
N TRP H 251 -65.32 -35.57 -24.96
CA TRP H 251 -66.08 -34.34 -25.15
C TRP H 251 -66.80 -34.37 -26.50
N CYS H 252 -66.08 -34.76 -27.54
CA CYS H 252 -66.66 -34.82 -28.87
C CYS H 252 -67.82 -35.81 -29.01
N ILE H 253 -67.62 -37.05 -28.56
CA ILE H 253 -68.69 -38.03 -28.69
C ILE H 253 -69.91 -37.71 -27.84
N MET H 254 -69.75 -36.83 -26.86
CA MET H 254 -70.88 -36.46 -26.01
C MET H 254 -71.76 -35.45 -26.77
N ARG H 255 -71.27 -34.96 -27.91
CA ARG H 255 -72.05 -34.00 -28.69
C ARG H 255 -73.24 -34.62 -29.42
N GLN H 256 -73.26 -35.94 -29.57
CA GLN H 256 -74.39 -36.57 -30.27
C GLN H 256 -75.62 -36.75 -29.39
N GLN H 257 -76.73 -36.19 -29.86
CA GLN H 257 -78.01 -36.27 -29.16
C GLN H 257 -78.90 -37.20 -30.01
N ASN H 258 -78.76 -37.06 -31.32
CA ASN H 258 -79.42 -37.83 -32.37
C ASN H 258 -78.55 -37.35 -33.52
N GLY H 259 -78.66 -36.05 -33.78
CA GLY H 259 -77.81 -35.40 -34.74
C GLY H 259 -76.76 -34.86 -33.78
N TYR H 260 -75.98 -33.86 -34.18
CA TYR H 260 -74.98 -33.30 -33.28
C TYR H 260 -75.20 -31.82 -33.01
N HIS H 261 -74.85 -31.38 -31.79
CA HIS H 261 -74.94 -29.96 -31.46
C HIS H 261 -73.50 -29.46 -31.34
N GLY H 262 -73.31 -28.15 -31.30
CA GLY H 262 -71.96 -27.61 -31.21
C GLY H 262 -71.43 -27.37 -29.81
N ARG H 263 -72.31 -27.35 -28.82
CA ARG H 263 -71.93 -27.11 -27.45
C ARG H 263 -72.91 -27.80 -26.53
N PRO H 264 -72.47 -28.19 -25.32
CA PRO H 264 -73.36 -28.84 -24.35
C PRO H 264 -74.61 -28.01 -24.17
N ASN H 265 -75.74 -28.68 -23.98
CA ASN H 265 -77.02 -28.02 -23.77
C ASN H 265 -77.56 -27.09 -24.86
N LYS H 266 -77.09 -27.28 -26.09
CA LYS H 266 -77.56 -26.50 -27.24
C LYS H 266 -78.27 -27.46 -28.21
N PRO H 267 -79.26 -26.97 -28.97
CA PRO H 267 -79.96 -27.83 -29.92
C PRO H 267 -79.08 -28.32 -31.07
N VAL H 268 -79.36 -29.51 -31.58
CA VAL H 268 -78.57 -30.06 -32.67
C VAL H 268 -78.73 -29.23 -33.94
N ASP H 269 -77.73 -29.31 -34.81
CA ASP H 269 -77.71 -28.57 -36.05
C ASP H 269 -76.96 -29.45 -37.05
N THR H 270 -77.58 -29.66 -38.20
CA THR H 270 -77.01 -30.49 -39.26
C THR H 270 -75.52 -30.33 -39.52
N CYS H 271 -75.04 -29.10 -39.65
CA CYS H 271 -73.63 -28.92 -39.97
C CYS H 271 -72.66 -29.54 -38.98
N TYR H 272 -73.11 -29.79 -37.75
CA TYR H 272 -72.23 -30.40 -36.75
C TYR H 272 -72.00 -31.88 -37.00
N SER H 273 -72.84 -32.47 -37.86
CA SER H 273 -72.68 -33.87 -38.22
C SER H 273 -71.33 -33.94 -38.93
N PHE H 274 -70.87 -32.81 -39.46
CA PHE H 274 -69.56 -32.80 -40.08
C PHE H 274 -68.50 -32.26 -39.12
N TRP H 275 -68.72 -31.06 -38.58
CA TRP H 275 -67.73 -30.46 -37.66
C TRP H 275 -67.30 -31.45 -36.59
N VAL H 276 -68.26 -32.01 -35.86
CA VAL H 276 -67.97 -32.97 -34.81
C VAL H 276 -67.67 -34.33 -35.41
N GLY H 277 -68.52 -34.77 -36.34
CA GLY H 277 -68.32 -36.07 -36.96
C GLY H 277 -66.93 -36.23 -37.54
N ALA H 278 -66.49 -35.24 -38.30
CA ALA H 278 -65.17 -35.28 -38.90
C ALA H 278 -64.08 -35.33 -37.84
N THR H 279 -64.30 -34.65 -36.71
CA THR H 279 -63.33 -34.64 -35.63
C THR H 279 -63.25 -36.05 -35.07
N LEU H 280 -64.43 -36.63 -34.83
CA LEU H 280 -64.50 -37.99 -34.31
C LEU H 280 -63.80 -38.95 -35.28
N LYS H 281 -63.95 -38.71 -36.57
CA LYS H 281 -63.31 -39.55 -37.57
C LYS H 281 -61.80 -39.40 -37.47
N LEU H 282 -61.33 -38.17 -37.32
CA LEU H 282 -59.89 -37.95 -37.22
C LEU H 282 -59.33 -38.59 -35.95
N LEU H 283 -60.17 -38.69 -34.92
CA LEU H 283 -59.76 -39.30 -33.66
C LEU H 283 -60.00 -40.80 -33.66
N LYS H 284 -60.45 -41.31 -34.81
CA LYS H 284 -60.71 -42.74 -35.01
C LYS H 284 -61.78 -43.39 -34.15
N ILE H 285 -62.80 -42.64 -33.75
CA ILE H 285 -63.86 -43.23 -32.95
C ILE H 285 -65.24 -42.89 -33.49
N PHE H 286 -65.30 -42.35 -34.71
CA PHE H 286 -66.59 -42.01 -35.29
C PHE H 286 -67.34 -43.33 -35.45
N GLN H 287 -66.58 -44.38 -35.70
CA GLN H 287 -67.12 -45.72 -35.87
C GLN H 287 -67.96 -46.18 -34.68
N TYR H 288 -67.75 -45.57 -33.52
CA TYR H 288 -68.49 -45.97 -32.32
C TYR H 288 -69.73 -45.13 -32.05
N THR H 289 -70.03 -44.19 -32.95
CA THR H 289 -71.21 -43.34 -32.77
C THR H 289 -72.43 -44.08 -33.31
N ASN H 290 -73.61 -43.52 -33.07
CA ASN H 290 -74.85 -44.12 -33.57
C ASN H 290 -75.14 -43.56 -34.97
N PHE H 291 -74.94 -44.38 -36.00
CA PHE H 291 -75.16 -43.95 -37.38
C PHE H 291 -76.60 -43.65 -37.76
N GLU H 292 -77.50 -44.55 -37.41
CA GLU H 292 -78.91 -44.38 -37.76
C GLU H 292 -79.55 -43.08 -37.28
N LYS H 293 -79.40 -42.78 -36.00
CA LYS H 293 -80.01 -41.56 -35.47
C LYS H 293 -79.41 -40.31 -36.10
N ASN H 294 -78.13 -40.35 -36.44
CA ASN H 294 -77.48 -39.21 -37.06
C ASN H 294 -78.01 -39.06 -38.48
N ARG H 295 -78.03 -40.17 -39.22
CA ARG H 295 -78.54 -40.16 -40.60
C ARG H 295 -79.99 -39.71 -40.62
N ASN H 296 -80.79 -40.26 -39.71
CA ASN H 296 -82.19 -39.90 -39.64
C ASN H 296 -82.36 -38.40 -39.41
N TYR H 297 -81.57 -37.83 -38.50
CA TYR H 297 -81.67 -36.41 -38.22
C TYR H 297 -81.29 -35.57 -39.44
N ILE H 298 -80.16 -35.88 -40.05
CA ILE H 298 -79.70 -35.14 -41.23
C ILE H 298 -80.78 -35.11 -42.32
N LEU H 299 -81.32 -36.29 -42.64
CA LEU H 299 -82.35 -36.38 -43.67
C LEU H 299 -83.62 -35.62 -43.28
N SER H 300 -83.89 -35.50 -41.98
CA SER H 300 -85.09 -34.79 -41.54
C SER H 300 -84.97 -33.29 -41.83
N THR H 301 -83.79 -32.83 -42.22
CA THR H 301 -83.60 -31.40 -42.51
C THR H 301 -83.46 -31.20 -44.02
N GLN H 302 -83.67 -32.27 -44.76
CA GLN H 302 -83.58 -32.25 -46.21
C GLN H 302 -84.80 -31.52 -46.77
N ASP H 303 -84.58 -30.63 -47.74
CA ASP H 303 -85.70 -29.94 -48.35
C ASP H 303 -86.07 -30.73 -49.59
N ARG H 304 -87.12 -31.53 -49.49
CA ARG H 304 -87.57 -32.38 -50.60
C ARG H 304 -88.06 -31.64 -51.84
N LEU H 305 -88.39 -30.37 -51.67
CA LEU H 305 -88.90 -29.55 -52.76
C LEU H 305 -87.80 -28.84 -53.55
N VAL H 306 -87.01 -28.00 -52.87
CA VAL H 306 -85.94 -27.26 -53.53
C VAL H 306 -84.57 -27.94 -53.46
N GLY H 307 -84.43 -28.94 -52.60
CA GLY H 307 -83.16 -29.62 -52.46
C GLY H 307 -82.33 -28.96 -51.37
N GLY H 308 -81.14 -29.52 -51.11
CA GLY H 308 -80.29 -28.96 -50.08
C GLY H 308 -80.76 -29.35 -48.69
N PHE H 309 -80.02 -28.93 -47.66
CA PHE H 309 -80.36 -29.22 -46.28
C PHE H 309 -80.39 -27.94 -45.45
N ALA H 310 -81.11 -27.97 -44.33
CA ALA H 310 -81.20 -26.82 -43.43
C ALA H 310 -80.54 -27.21 -42.12
N LYS H 311 -80.41 -26.27 -41.19
CA LYS H 311 -79.79 -26.61 -39.92
C LYS H 311 -80.79 -27.43 -39.10
N TRP H 312 -82.07 -27.10 -39.24
CA TRP H 312 -83.12 -27.81 -38.52
C TRP H 312 -84.22 -28.27 -39.48
N PRO H 313 -85.00 -29.28 -39.07
CA PRO H 313 -86.08 -29.74 -39.95
C PRO H 313 -87.13 -28.63 -40.12
N ASP H 314 -87.80 -28.63 -41.26
CA ASP H 314 -88.82 -27.62 -41.56
C ASP H 314 -88.22 -26.23 -41.42
N SER H 315 -87.02 -26.07 -41.95
CA SER H 315 -86.31 -24.81 -41.91
C SER H 315 -85.76 -24.60 -43.32
N HIS H 316 -85.48 -23.37 -43.72
CA HIS H 316 -84.98 -23.11 -45.06
C HIS H 316 -83.55 -23.56 -45.28
N PRO H 317 -83.29 -24.27 -46.38
CA PRO H 317 -81.96 -24.77 -46.73
C PRO H 317 -81.02 -23.70 -47.25
N ASP H 318 -79.72 -23.95 -47.13
CA ASP H 318 -78.70 -23.03 -47.63
C ASP H 318 -77.51 -23.84 -48.11
N ALA H 319 -76.61 -23.20 -48.83
CA ALA H 319 -75.43 -23.87 -49.37
C ALA H 319 -74.55 -24.50 -48.30
N LEU H 320 -74.35 -23.80 -47.18
CA LEU H 320 -73.51 -24.32 -46.11
C LEU H 320 -74.04 -25.63 -45.52
N HIS H 321 -75.31 -25.66 -45.14
CA HIS H 321 -75.87 -26.87 -44.57
C HIS H 321 -76.10 -27.98 -45.59
N ALA H 322 -76.25 -27.60 -46.85
CA ALA H 322 -76.45 -28.59 -47.89
C ALA H 322 -75.13 -29.33 -48.03
N TYR H 323 -74.04 -28.57 -48.07
CA TYR H 323 -72.73 -29.16 -48.19
C TYR H 323 -72.30 -29.98 -46.97
N PHE H 324 -72.45 -29.41 -45.78
CA PHE H 324 -72.05 -30.14 -44.58
C PHE H 324 -72.99 -31.30 -44.26
N GLY H 325 -74.25 -31.18 -44.65
CA GLY H 325 -75.17 -32.28 -44.41
C GLY H 325 -74.72 -33.46 -45.26
N ILE H 326 -74.33 -33.15 -46.50
CA ILE H 326 -73.86 -34.18 -47.42
C ILE H 326 -72.56 -34.77 -46.89
N CYS H 327 -71.65 -33.94 -46.41
CA CYS H 327 -70.39 -34.44 -45.88
C CYS H 327 -70.66 -35.29 -44.64
N GLY H 328 -71.68 -34.91 -43.88
CA GLY H 328 -72.03 -35.65 -42.69
C GLY H 328 -72.44 -37.06 -43.08
N LEU H 329 -73.28 -37.15 -44.10
CA LEU H 329 -73.76 -38.43 -44.62
C LEU H 329 -72.56 -39.23 -45.14
N SER H 330 -71.64 -38.53 -45.82
CA SER H 330 -70.44 -39.16 -46.35
C SER H 330 -69.60 -39.91 -45.30
N LEU H 331 -69.48 -39.38 -44.09
CA LEU H 331 -68.69 -40.04 -43.04
C LEU H 331 -69.25 -41.43 -42.73
N MET H 332 -70.57 -41.58 -42.86
CA MET H 332 -71.24 -42.85 -42.60
C MET H 332 -71.35 -43.66 -43.90
N GLU H 333 -70.86 -43.07 -44.99
CA GLU H 333 -70.90 -43.70 -46.30
C GLU H 333 -72.35 -43.90 -46.74
N GLU H 334 -72.88 -42.89 -47.41
CA GLU H 334 -74.26 -42.95 -47.88
C GLU H 334 -74.21 -43.29 -49.36
N SER H 335 -75.17 -44.10 -49.79
CA SER H 335 -75.24 -44.52 -51.18
C SER H 335 -75.17 -43.30 -52.10
N GLY H 336 -74.15 -43.29 -52.95
CA GLY H 336 -73.98 -42.19 -53.90
C GLY H 336 -73.13 -41.01 -53.47
N ILE H 337 -72.55 -41.07 -52.29
CA ILE H 337 -71.74 -39.97 -51.80
C ILE H 337 -70.27 -40.35 -51.64
N CYS H 338 -69.41 -39.68 -52.39
CA CYS H 338 -67.98 -39.95 -52.32
C CYS H 338 -67.46 -39.75 -50.89
N LYS H 339 -66.42 -40.49 -50.54
CA LYS H 339 -65.81 -40.40 -49.21
C LYS H 339 -65.11 -39.06 -49.11
N VAL H 340 -65.29 -38.39 -47.97
CA VAL H 340 -64.66 -37.08 -47.76
C VAL H 340 -63.41 -37.17 -46.90
N HIS H 341 -62.39 -36.41 -47.27
CA HIS H 341 -61.14 -36.36 -46.52
C HIS H 341 -61.45 -35.42 -45.34
N PRO H 342 -61.75 -35.99 -44.16
CA PRO H 342 -62.10 -35.30 -42.91
C PRO H 342 -61.28 -34.11 -42.42
N ALA H 343 -60.03 -33.99 -42.85
CA ALA H 343 -59.24 -32.86 -42.38
C ALA H 343 -59.08 -31.76 -43.41
N LEU H 344 -59.01 -32.13 -44.68
CA LEU H 344 -58.84 -31.15 -45.74
C LEU H 344 -60.19 -30.60 -46.18
N ASN H 345 -61.25 -31.32 -45.86
CA ASN H 345 -62.59 -30.91 -46.21
C ASN H 345 -62.82 -30.90 -47.72
N VAL H 346 -62.36 -31.96 -48.38
CA VAL H 346 -62.52 -32.12 -49.83
C VAL H 346 -62.75 -33.60 -50.05
N SER H 347 -63.27 -33.96 -51.23
CA SER H 347 -63.48 -35.36 -51.55
C SER H 347 -62.14 -36.07 -51.60
N THR H 348 -62.13 -37.37 -51.38
CA THR H 348 -60.90 -38.15 -51.43
C THR H 348 -60.32 -38.05 -52.84
N ARG H 349 -61.20 -38.08 -53.84
CA ARG H 349 -60.76 -37.98 -55.22
C ARG H 349 -59.89 -36.74 -55.37
N THR H 350 -60.35 -35.63 -54.77
CA THR H 350 -59.62 -34.38 -54.84
C THR H 350 -58.31 -34.48 -54.06
N SER H 351 -58.36 -35.06 -52.86
CA SER H 351 -57.14 -35.21 -52.08
C SER H 351 -56.17 -36.09 -52.85
N GLU H 352 -56.73 -36.93 -53.72
CA GLU H 352 -55.95 -37.83 -54.58
C GLU H 352 -55.11 -36.98 -55.53
N ARG H 353 -55.81 -36.13 -56.29
CA ARG H 353 -55.17 -35.25 -57.24
C ARG H 353 -54.13 -34.39 -56.54
N LEU H 354 -54.50 -33.87 -55.36
CA LEU H 354 -53.57 -33.03 -54.62
C LEU H 354 -52.33 -33.85 -54.32
N ARG H 355 -52.52 -35.14 -54.06
CA ARG H 355 -51.40 -36.03 -53.78
C ARG H 355 -50.52 -36.08 -55.03
N ASP H 356 -51.13 -36.46 -56.15
CA ASP H 356 -50.42 -36.55 -57.41
C ASP H 356 -49.74 -35.23 -57.72
N LEU H 357 -50.52 -34.15 -57.61
CA LEU H 357 -50.03 -32.81 -57.89
C LEU H 357 -48.78 -32.48 -57.07
N HIS H 358 -48.79 -32.83 -55.80
CA HIS H 358 -47.63 -32.55 -54.95
C HIS H 358 -46.39 -33.31 -55.42
N GLN H 359 -46.57 -34.59 -55.71
CA GLN H 359 -45.46 -35.43 -56.17
C GLN H 359 -44.86 -34.86 -57.45
N SER H 360 -45.73 -34.40 -58.36
CA SER H 360 -45.28 -33.84 -59.61
C SER H 360 -44.48 -32.55 -59.46
N TRP H 361 -44.64 -31.87 -58.33
CA TRP H 361 -43.90 -30.63 -58.09
C TRP H 361 -42.46 -30.96 -57.72
N LYS H 362 -42.22 -32.19 -57.26
CA LYS H 362 -40.88 -32.60 -56.87
C LYS H 362 -40.02 -33.00 -58.08
N THR H 363 -39.33 -32.02 -58.65
CA THR H 363 -38.47 -32.26 -59.81
C THR H 363 -37.24 -31.36 -59.74
N PHE I 55 35.23 9.55 -12.82
CA PHE I 55 35.11 9.04 -11.42
C PHE I 55 33.77 8.37 -11.12
N LEU I 56 32.81 9.13 -10.59
CA LEU I 56 31.51 8.58 -10.23
C LEU I 56 30.59 8.36 -11.43
N SER I 57 30.39 7.10 -11.79
CA SER I 57 29.53 6.74 -12.92
C SER I 57 28.07 7.14 -12.76
N LEU I 58 27.40 7.41 -13.88
CA LEU I 58 25.99 7.80 -13.86
C LEU I 58 25.05 6.68 -13.46
N ASP I 59 25.49 5.43 -13.58
CA ASP I 59 24.62 4.33 -13.18
C ASP I 59 25.17 3.59 -11.96
N SER I 60 26.09 4.24 -11.26
CA SER I 60 26.67 3.65 -10.05
C SER I 60 25.62 3.68 -8.95
N PRO I 61 25.68 2.69 -8.02
CA PRO I 61 24.71 2.65 -6.91
C PRO I 61 24.85 3.88 -6.02
N THR I 62 26.06 4.40 -5.93
CA THR I 62 26.31 5.56 -5.10
C THR I 62 26.35 6.89 -5.86
N TYR I 63 25.82 6.92 -7.08
CA TYR I 63 25.81 8.17 -7.85
C TYR I 63 25.03 9.21 -7.06
N VAL I 64 25.44 10.46 -7.17
CA VAL I 64 24.77 11.55 -6.47
C VAL I 64 24.54 12.73 -7.40
N LEU I 65 23.31 13.20 -7.49
CA LEU I 65 22.99 14.33 -8.34
C LEU I 65 23.94 15.46 -8.01
N TYR I 66 24.23 16.30 -9.01
CA TYR I 66 25.13 17.42 -8.78
C TYR I 66 24.53 18.41 -7.78
N ARG I 67 23.20 18.46 -7.73
CA ARG I 67 22.56 19.39 -6.80
C ARG I 67 22.78 18.99 -5.34
N ASP I 68 23.19 17.74 -5.12
CA ASP I 68 23.43 17.25 -3.76
C ASP I 68 24.91 17.02 -3.46
N ARG I 69 25.79 17.55 -4.31
CA ARG I 69 27.22 17.38 -4.10
C ARG I 69 27.80 18.61 -3.43
N ALA I 70 28.57 18.40 -2.38
CA ALA I 70 29.16 19.50 -1.64
C ALA I 70 30.07 20.36 -2.51
N GLU I 71 30.93 19.73 -3.30
CA GLU I 71 31.86 20.48 -4.15
C GLU I 71 31.17 21.37 -5.17
N TRP I 72 29.86 21.23 -5.33
CA TRP I 72 29.14 22.04 -6.30
C TRP I 72 28.14 22.96 -5.64
N ALA I 73 28.21 23.03 -4.31
CA ALA I 73 27.31 23.87 -3.52
C ALA I 73 27.35 25.35 -3.89
N ASP I 74 28.53 25.85 -4.24
CA ASP I 74 28.67 27.25 -4.60
C ASP I 74 28.07 27.63 -5.95
N ILE I 75 27.85 26.64 -6.81
CA ILE I 75 27.30 26.91 -8.13
C ILE I 75 25.79 26.92 -8.18
N ASP I 76 25.24 27.89 -8.92
CA ASP I 76 23.80 28.02 -9.11
C ASP I 76 23.44 27.45 -10.47
N PRO I 77 22.82 26.25 -10.51
CA PRO I 77 22.45 25.65 -11.78
C PRO I 77 21.64 26.57 -12.68
N VAL I 78 21.84 26.46 -13.98
CA VAL I 78 21.13 27.27 -14.96
C VAL I 78 20.19 26.38 -15.78
N PRO I 79 18.88 26.64 -15.70
CA PRO I 79 17.87 25.87 -16.42
C PRO I 79 17.72 26.27 -17.87
N GLN I 80 17.15 25.36 -18.65
CA GLN I 80 16.90 25.60 -20.05
C GLN I 80 15.45 26.04 -20.16
N ASN I 81 15.19 27.13 -20.86
CA ASN I 81 13.82 27.61 -21.00
C ASN I 81 13.43 27.85 -22.45
N ASP I 82 12.45 27.10 -22.93
CA ASP I 82 11.97 27.20 -24.30
C ASP I 82 10.81 28.19 -24.44
N GLY I 83 10.62 29.04 -23.43
CA GLY I 83 9.54 30.02 -23.49
C GLY I 83 8.15 29.46 -23.21
N PRO I 84 7.11 30.25 -23.51
CA PRO I 84 5.71 29.87 -23.30
C PRO I 84 5.24 28.66 -24.09
N SER I 85 5.57 28.62 -25.37
CA SER I 85 5.14 27.50 -26.22
C SER I 85 6.32 26.79 -26.87
N PRO I 86 6.90 25.79 -26.17
CA PRO I 86 8.04 25.04 -26.69
C PRO I 86 7.72 24.14 -27.89
N VAL I 87 8.65 24.10 -28.85
CA VAL I 87 8.50 23.29 -30.06
C VAL I 87 9.52 22.14 -29.99
N VAL I 88 9.15 21.00 -30.55
CA VAL I 88 10.01 19.80 -30.54
C VAL I 88 10.80 19.66 -29.23
N GLN I 89 10.09 19.80 -28.12
CA GLN I 89 10.70 19.70 -26.81
C GLN I 89 10.95 18.27 -26.39
N ILE I 90 12.18 18.00 -25.98
CA ILE I 90 12.57 16.66 -25.55
C ILE I 90 12.40 16.57 -24.04
N ILE I 91 11.78 15.47 -23.57
CA ILE I 91 11.62 15.31 -22.13
C ILE I 91 12.86 14.69 -21.53
N TYR I 92 13.37 15.30 -20.46
CA TYR I 92 14.58 14.83 -19.81
C TYR I 92 14.38 14.27 -18.41
N SER I 93 15.13 13.22 -18.10
CA SER I 93 15.06 12.60 -16.79
C SER I 93 15.68 13.57 -15.80
N GLU I 94 15.41 13.36 -14.52
CA GLU I 94 15.93 14.22 -13.45
C GLU I 94 17.45 14.25 -13.52
N LYS I 95 18.04 13.06 -13.70
CA LYS I 95 19.49 12.91 -13.76
C LYS I 95 20.08 13.70 -14.93
N PHE I 96 19.47 13.56 -16.11
CA PHE I 96 19.91 14.24 -17.32
C PHE I 96 19.88 15.75 -17.15
N ARG I 97 18.72 16.27 -16.76
CA ARG I 97 18.52 17.69 -16.55
C ARG I 97 19.46 18.24 -15.47
N ASP I 98 19.77 17.42 -14.48
CA ASP I 98 20.65 17.85 -13.40
C ASP I 98 22.07 18.09 -13.93
N VAL I 99 22.59 17.15 -14.72
CA VAL I 99 23.93 17.31 -15.28
C VAL I 99 24.01 18.55 -16.17
N TYR I 100 23.05 18.71 -17.07
CA TYR I 100 23.08 19.84 -17.97
C TYR I 100 22.75 21.18 -17.35
N ASP I 101 22.04 21.18 -16.23
CA ASP I 101 21.73 22.44 -15.56
C ASP I 101 23.02 22.99 -14.97
N TYR I 102 23.93 22.09 -14.59
CA TYR I 102 25.20 22.53 -14.06
C TYR I 102 26.19 22.79 -15.19
N PHE I 103 26.05 22.07 -16.30
CA PHE I 103 26.93 22.29 -17.43
C PHE I 103 26.71 23.74 -17.89
N ARG I 104 25.45 24.13 -18.03
CA ARG I 104 25.11 25.49 -18.46
C ARG I 104 25.73 26.52 -17.54
N ALA I 105 25.70 26.24 -16.24
CA ALA I 105 26.24 27.15 -15.25
C ALA I 105 27.74 27.32 -15.47
N VAL I 106 28.46 26.21 -15.53
CA VAL I 106 29.90 26.26 -15.74
C VAL I 106 30.26 26.92 -17.08
N LEU I 107 29.49 26.62 -18.12
CA LEU I 107 29.71 27.17 -19.45
C LEU I 107 29.53 28.68 -19.43
N GLN I 108 28.40 29.12 -18.88
CA GLN I 108 28.06 30.53 -18.79
C GLN I 108 29.12 31.36 -18.07
N ARG I 109 29.86 30.73 -17.17
CA ARG I 109 30.89 31.43 -16.42
C ARG I 109 32.28 31.10 -16.94
N ASP I 110 32.34 30.32 -18.01
CA ASP I 110 33.61 29.92 -18.59
C ASP I 110 34.60 29.51 -17.50
N GLU I 111 34.11 28.71 -16.55
CA GLU I 111 34.94 28.23 -15.46
C GLU I 111 35.90 27.17 -15.95
N ARG I 112 37.19 27.48 -15.97
CA ARG I 112 38.19 26.52 -16.43
C ARG I 112 38.68 25.66 -15.27
N SER I 113 37.75 24.96 -14.62
CA SER I 113 38.10 24.13 -13.47
C SER I 113 38.21 22.63 -13.74
N GLU I 114 38.79 21.91 -12.80
CA GLU I 114 38.93 20.47 -12.90
C GLU I 114 37.57 19.82 -12.71
N ARG I 115 36.71 20.46 -11.93
CA ARG I 115 35.39 19.89 -11.70
C ARG I 115 34.54 20.04 -12.97
N ALA I 116 34.77 21.12 -13.72
CA ALA I 116 34.03 21.34 -14.96
C ALA I 116 34.48 20.29 -15.97
N PHE I 117 35.77 19.99 -15.98
CA PHE I 117 36.30 19.01 -16.90
C PHE I 117 35.61 17.66 -16.66
N LYS I 118 35.51 17.26 -15.39
CA LYS I 118 34.86 16.01 -15.06
C LYS I 118 33.38 16.06 -15.40
N LEU I 119 32.78 17.23 -15.28
CA LEU I 119 31.37 17.38 -15.63
C LEU I 119 31.13 17.11 -17.13
N THR I 120 32.08 17.52 -17.98
CA THR I 120 31.90 17.31 -19.42
C THR I 120 31.84 15.82 -19.75
N ARG I 121 32.58 15.01 -19.00
CA ARG I 121 32.58 13.58 -19.22
C ARG I 121 31.16 13.03 -19.07
N ASP I 122 30.42 13.56 -18.09
CA ASP I 122 29.06 13.13 -17.84
C ASP I 122 28.13 13.65 -18.93
N ALA I 123 28.28 14.92 -19.27
CA ALA I 123 27.45 15.54 -20.30
C ALA I 123 27.62 14.79 -21.62
N ILE I 124 28.85 14.36 -21.89
CA ILE I 124 29.13 13.63 -23.12
C ILE I 124 28.49 12.24 -23.08
N GLU I 125 28.50 11.60 -21.92
CA GLU I 125 27.89 10.29 -21.85
C GLU I 125 26.40 10.41 -22.09
N LEU I 126 25.81 11.51 -21.64
CA LEU I 126 24.38 11.73 -21.84
C LEU I 126 24.05 12.09 -23.28
N ASN I 127 24.94 12.84 -23.94
CA ASN I 127 24.71 13.25 -25.32
C ASN I 127 26.02 13.60 -26.02
N ALA I 128 26.60 12.62 -26.69
CA ALA I 128 27.86 12.81 -27.40
C ALA I 128 27.74 13.68 -28.65
N ALA I 129 26.53 14.06 -29.02
CA ALA I 129 26.33 14.87 -30.20
C ALA I 129 26.29 16.36 -29.89
N ASN I 130 26.50 16.72 -28.64
CA ASN I 130 26.49 18.13 -28.27
C ASN I 130 27.87 18.73 -28.56
N TYR I 131 28.01 19.33 -29.74
CA TYR I 131 29.30 19.93 -30.14
C TYR I 131 29.84 20.98 -29.19
N THR I 132 28.96 21.74 -28.54
CA THR I 132 29.42 22.76 -27.61
C THR I 132 30.16 22.11 -26.44
N VAL I 133 29.65 20.98 -25.95
CA VAL I 133 30.29 20.28 -24.85
C VAL I 133 31.70 19.86 -25.25
N TRP I 134 31.85 19.32 -26.46
CA TRP I 134 33.18 18.91 -26.93
C TRP I 134 34.13 20.11 -27.08
N HIS I 135 33.59 21.24 -27.52
CA HIS I 135 34.43 22.42 -27.68
C HIS I 135 34.95 22.86 -26.31
N PHE I 136 34.04 22.98 -25.36
CA PHE I 136 34.40 23.39 -24.02
C PHE I 136 35.42 22.41 -23.45
N ARG I 137 35.19 21.12 -23.67
CA ARG I 137 36.13 20.15 -23.15
C ARG I 137 37.53 20.40 -23.74
N ARG I 138 37.58 20.82 -25.01
CA ARG I 138 38.86 21.09 -25.63
C ARG I 138 39.49 22.32 -24.99
N VAL I 139 38.68 23.32 -24.70
CA VAL I 139 39.16 24.53 -24.04
C VAL I 139 39.83 24.11 -22.72
N LEU I 140 39.13 23.27 -21.96
CA LEU I 140 39.64 22.79 -20.68
C LEU I 140 40.89 21.94 -20.83
N LEU I 141 40.95 21.10 -21.85
CA LEU I 141 42.14 20.26 -22.06
C LEU I 141 43.37 21.17 -22.14
N ARG I 142 43.20 22.31 -22.80
CA ARG I 142 44.30 23.28 -22.94
C ARG I 142 44.55 23.99 -21.62
N SER I 143 43.54 24.69 -21.11
CA SER I 143 43.67 25.42 -19.86
C SER I 143 44.31 24.62 -18.74
N LEU I 144 43.84 23.40 -18.52
CA LEU I 144 44.38 22.55 -17.47
C LEU I 144 45.57 21.73 -17.93
N GLN I 145 45.98 21.93 -19.17
CA GLN I 145 47.12 21.18 -19.70
C GLN I 145 47.02 19.69 -19.36
N LYS I 146 45.89 19.08 -19.73
CA LYS I 146 45.66 17.67 -19.45
C LYS I 146 46.52 16.77 -20.34
N ASP I 147 46.74 15.54 -19.89
CA ASP I 147 47.51 14.57 -20.65
C ASP I 147 46.73 14.18 -21.90
N LEU I 148 47.20 14.63 -23.07
CA LEU I 148 46.52 14.35 -24.32
C LEU I 148 46.56 12.88 -24.72
N GLN I 149 47.56 12.15 -24.27
CA GLN I 149 47.65 10.74 -24.61
C GLN I 149 46.50 10.02 -23.93
N GLU I 150 46.08 10.56 -22.79
CA GLU I 150 44.99 9.97 -22.04
C GLU I 150 43.67 10.27 -22.75
N GLU I 151 43.55 11.49 -23.27
CA GLU I 151 42.36 11.88 -24.00
C GLU I 151 42.22 11.01 -25.26
N MET I 152 43.33 10.59 -25.83
CA MET I 152 43.29 9.73 -27.01
C MET I 152 42.63 8.41 -26.66
N ASN I 153 42.96 7.86 -25.48
CA ASN I 153 42.36 6.60 -25.07
C ASN I 153 40.86 6.81 -24.92
N TYR I 154 40.48 7.93 -24.32
CA TYR I 154 39.09 8.29 -24.09
C TYR I 154 38.30 8.35 -25.40
N ILE I 155 38.74 9.20 -26.33
CA ILE I 155 38.07 9.34 -27.60
C ILE I 155 38.09 8.04 -28.41
N ILE I 156 39.12 7.22 -28.19
CA ILE I 156 39.18 5.96 -28.92
C ILE I 156 38.00 5.07 -28.49
N ALA I 157 37.68 5.07 -27.21
CA ALA I 157 36.58 4.26 -26.71
C ALA I 157 35.23 4.87 -27.11
N ILE I 158 35.14 6.19 -27.04
CA ILE I 158 33.90 6.87 -27.40
C ILE I 158 33.53 6.58 -28.86
N ILE I 159 34.49 6.70 -29.77
CA ILE I 159 34.22 6.48 -31.18
C ILE I 159 33.79 5.04 -31.48
N GLU I 160 34.38 4.08 -30.78
CA GLU I 160 34.00 2.70 -31.00
C GLU I 160 32.54 2.48 -30.67
N GLU I 161 32.04 3.22 -29.69
CA GLU I 161 30.65 3.11 -29.26
C GLU I 161 29.71 3.93 -30.17
N GLN I 162 30.24 4.98 -30.78
CA GLN I 162 29.42 5.86 -31.63
C GLN I 162 30.20 6.26 -32.87
N PRO I 163 30.53 5.28 -33.71
CA PRO I 163 31.29 5.49 -34.94
C PRO I 163 30.67 6.36 -36.03
N LYS I 164 29.39 6.70 -35.90
CA LYS I 164 28.74 7.53 -36.91
C LYS I 164 28.43 8.95 -36.42
N ASN I 165 29.07 9.34 -35.33
CA ASN I 165 28.87 10.67 -34.75
C ASN I 165 29.94 11.63 -35.32
N TYR I 166 29.51 12.79 -35.81
CA TYR I 166 30.42 13.77 -36.39
C TYR I 166 31.36 14.42 -35.37
N GLN I 167 30.82 14.79 -34.21
CA GLN I 167 31.60 15.45 -33.17
C GLN I 167 32.81 14.64 -32.66
N VAL I 168 32.62 13.33 -32.47
CA VAL I 168 33.72 12.54 -31.95
C VAL I 168 34.88 12.39 -32.93
N TRP I 169 34.58 12.32 -34.23
CA TRP I 169 35.67 12.20 -35.20
C TRP I 169 36.40 13.54 -35.30
N HIS I 170 35.67 14.64 -35.18
CA HIS I 170 36.29 15.95 -35.25
C HIS I 170 37.23 16.13 -34.05
N HIS I 171 36.77 15.71 -32.89
CA HIS I 171 37.56 15.80 -31.68
C HIS I 171 38.87 15.05 -31.85
N ARG I 172 38.79 13.82 -32.34
CA ARG I 172 39.99 13.02 -32.52
C ARG I 172 40.97 13.68 -33.49
N ARG I 173 40.44 14.29 -34.54
CA ARG I 173 41.31 14.93 -35.50
C ARG I 173 42.05 16.10 -34.87
N VAL I 174 41.34 16.89 -34.07
CA VAL I 174 41.98 18.02 -33.41
C VAL I 174 43.12 17.49 -32.52
N LEU I 175 42.86 16.42 -31.78
CA LEU I 175 43.87 15.83 -30.90
C LEU I 175 45.11 15.42 -31.67
N VAL I 176 44.93 14.66 -32.74
CA VAL I 176 46.06 14.20 -33.53
C VAL I 176 46.84 15.41 -34.03
N GLU I 177 46.14 16.48 -34.41
CA GLU I 177 46.82 17.68 -34.87
C GLU I 177 47.65 18.26 -33.72
N TRP I 178 47.06 18.35 -32.53
CA TRP I 178 47.78 18.87 -31.38
C TRP I 178 49.03 18.07 -31.07
N LEU I 179 48.89 16.75 -31.06
CA LEU I 179 50.02 15.88 -30.76
C LEU I 179 51.00 15.71 -31.91
N LYS I 180 50.60 16.05 -33.13
CA LYS I 180 51.48 15.86 -34.28
C LYS I 180 51.91 14.39 -34.27
N ASP I 181 51.06 13.52 -33.74
CA ASP I 181 51.36 12.09 -33.64
C ASP I 181 50.28 11.24 -34.31
N PRO I 182 50.58 10.69 -35.49
CA PRO I 182 49.61 9.85 -36.20
C PRO I 182 49.86 8.36 -36.04
N SER I 183 50.79 8.01 -35.15
CA SER I 183 51.18 6.61 -34.94
C SER I 183 50.07 5.60 -34.63
N GLN I 184 48.98 6.04 -34.01
CA GLN I 184 47.88 5.11 -33.69
C GLN I 184 46.78 5.09 -34.76
N GLU I 185 46.69 6.15 -35.55
CA GLU I 185 45.62 6.30 -36.54
C GLU I 185 45.27 5.16 -37.50
N LEU I 186 46.22 4.72 -38.32
CA LEU I 186 45.91 3.66 -39.28
C LEU I 186 45.36 2.38 -38.67
N GLU I 187 45.88 2.00 -37.51
CA GLU I 187 45.42 0.78 -36.86
C GLU I 187 44.02 0.99 -36.27
N PHE I 188 43.83 2.13 -35.63
CA PHE I 188 42.53 2.45 -35.03
C PHE I 188 41.43 2.44 -36.10
N ILE I 189 41.70 3.12 -37.22
CA ILE I 189 40.74 3.18 -38.31
C ILE I 189 40.46 1.79 -38.87
N ALA I 190 41.50 0.98 -39.01
CA ALA I 190 41.32 -0.36 -39.53
C ALA I 190 40.37 -1.16 -38.63
N ASP I 191 40.42 -0.90 -37.32
CA ASP I 191 39.54 -1.59 -36.39
C ASP I 191 38.11 -1.13 -36.59
N ILE I 192 37.90 0.17 -36.74
CA ILE I 192 36.57 0.71 -36.96
C ILE I 192 36.04 0.17 -38.29
N LEU I 193 36.90 0.15 -39.31
CA LEU I 193 36.48 -0.34 -40.62
C LEU I 193 36.16 -1.83 -40.56
N ASN I 194 36.57 -2.47 -39.47
CA ASN I 194 36.27 -3.87 -39.29
C ASN I 194 34.82 -4.08 -38.88
N GLN I 195 34.23 -3.11 -38.19
CA GLN I 195 32.82 -3.24 -37.83
C GLN I 195 31.93 -2.71 -38.96
N ASP I 196 32.46 -1.79 -39.77
CA ASP I 196 31.73 -1.23 -40.91
C ASP I 196 32.73 -0.74 -41.94
N ALA I 197 33.01 -1.59 -42.92
CA ALA I 197 33.97 -1.30 -43.96
C ALA I 197 33.61 -0.13 -44.87
N LYS I 198 32.42 0.45 -44.68
CA LYS I 198 32.02 1.57 -45.53
C LYS I 198 31.77 2.85 -44.75
N ASN I 199 32.14 2.86 -43.48
CA ASN I 199 31.94 4.03 -42.63
C ASN I 199 32.59 5.26 -43.27
N TYR I 200 31.78 6.19 -43.76
CA TYR I 200 32.31 7.38 -44.42
C TYR I 200 33.24 8.20 -43.52
N HIS I 201 32.90 8.32 -42.24
CA HIS I 201 33.74 9.07 -41.30
C HIS I 201 35.14 8.46 -41.20
N ALA I 202 35.20 7.13 -41.12
CA ALA I 202 36.48 6.45 -40.99
C ALA I 202 37.36 6.66 -42.22
N TRP I 203 36.79 6.51 -43.41
CA TRP I 203 37.57 6.71 -44.62
C TRP I 203 38.02 8.16 -44.74
N GLN I 204 37.18 9.09 -44.31
CA GLN I 204 37.54 10.50 -44.40
C GLN I 204 38.72 10.77 -43.46
N HIS I 205 38.66 10.24 -42.26
CA HIS I 205 39.72 10.43 -41.29
C HIS I 205 41.01 9.76 -41.81
N ARG I 206 40.87 8.60 -42.42
CA ARG I 206 42.02 7.86 -42.93
C ARG I 206 42.72 8.65 -44.04
N GLN I 207 41.95 9.27 -44.93
CA GLN I 207 42.58 10.04 -46.00
C GLN I 207 43.23 11.29 -45.41
N TRP I 208 42.65 11.86 -44.38
CA TRP I 208 43.23 13.05 -43.78
C TRP I 208 44.57 12.69 -43.17
N VAL I 209 44.59 11.65 -42.34
CA VAL I 209 45.82 11.24 -41.70
C VAL I 209 46.92 10.96 -42.72
N ILE I 210 46.62 10.14 -43.71
CA ILE I 210 47.59 9.77 -44.72
C ILE I 210 48.17 10.97 -45.46
N GLN I 211 47.30 11.89 -45.86
CA GLN I 211 47.74 13.07 -46.59
C GLN I 211 48.54 14.02 -45.69
N GLU I 212 48.02 14.29 -44.50
CA GLU I 212 48.66 15.20 -43.56
C GLU I 212 50.03 14.77 -43.05
N PHE I 213 50.22 13.46 -42.84
CA PHE I 213 51.49 12.97 -42.34
C PHE I 213 52.24 12.12 -43.36
N ARG I 214 51.81 12.21 -44.61
CA ARG I 214 52.42 11.45 -45.71
C ARG I 214 52.67 9.99 -45.35
N LEU I 215 51.60 9.24 -45.06
CA LEU I 215 51.72 7.83 -44.73
C LEU I 215 51.23 6.97 -45.88
N TRP I 216 51.78 7.19 -47.06
CA TRP I 216 51.36 6.47 -48.25
C TRP I 216 51.94 5.06 -48.42
N ASP I 217 53.10 4.84 -47.82
CA ASP I 217 53.81 3.58 -47.96
C ASP I 217 53.07 2.25 -47.97
N ASN I 218 52.10 2.07 -47.08
CA ASN I 218 51.39 0.79 -47.04
C ASN I 218 49.93 0.77 -47.41
N GLU I 219 49.38 1.92 -47.81
CA GLU I 219 47.97 1.98 -48.13
C GLU I 219 47.54 1.15 -49.34
N LEU I 220 48.35 1.13 -50.40
CA LEU I 220 47.97 0.34 -51.57
C LEU I 220 47.87 -1.14 -51.24
N GLN I 221 48.65 -1.58 -50.26
CA GLN I 221 48.62 -2.96 -49.85
C GLN I 221 47.39 -3.19 -49.00
N TYR I 222 47.02 -2.19 -48.21
CA TYR I 222 45.83 -2.28 -47.36
C TYR I 222 44.60 -2.38 -48.28
N VAL I 223 44.60 -1.56 -49.32
CA VAL I 223 43.53 -1.56 -50.30
C VAL I 223 43.39 -2.93 -50.95
N ASP I 224 44.51 -3.52 -51.34
CA ASP I 224 44.50 -4.82 -51.99
C ASP I 224 43.92 -5.89 -51.09
N GLN I 225 44.20 -5.78 -49.80
CA GLN I 225 43.70 -6.75 -48.83
C GLN I 225 42.20 -6.64 -48.65
N LEU I 226 41.69 -5.41 -48.58
CA LEU I 226 40.26 -5.19 -48.41
C LEU I 226 39.46 -5.58 -49.63
N LEU I 227 40.03 -5.35 -50.82
CA LEU I 227 39.32 -5.71 -52.04
C LEU I 227 39.16 -7.23 -52.11
N LYS I 228 40.07 -7.96 -51.48
CA LYS I 228 39.98 -9.42 -51.48
C LYS I 228 38.85 -9.84 -50.56
N GLU I 229 38.62 -9.06 -49.49
CA GLU I 229 37.56 -9.37 -48.55
C GLU I 229 36.18 -9.07 -49.13
N ASP I 230 36.10 -8.05 -49.98
CA ASP I 230 34.84 -7.66 -50.60
C ASP I 230 35.13 -6.76 -51.78
N VAL I 231 35.28 -7.37 -52.95
CA VAL I 231 35.58 -6.64 -54.17
C VAL I 231 34.48 -5.65 -54.55
N ARG I 232 33.35 -5.71 -53.86
CA ARG I 232 32.25 -4.78 -54.15
C ARG I 232 32.26 -3.52 -53.29
N ASN I 233 33.18 -3.43 -52.34
CA ASN I 233 33.23 -2.25 -51.48
C ASN I 233 33.68 -1.01 -52.26
N ASN I 234 32.73 -0.16 -52.62
CA ASN I 234 33.00 1.04 -53.40
C ASN I 234 33.99 2.00 -52.71
N SER I 235 34.02 1.96 -51.38
CA SER I 235 34.91 2.82 -50.60
C SER I 235 36.38 2.46 -50.82
N VAL I 236 36.64 1.15 -50.92
CA VAL I 236 38.00 0.67 -51.11
C VAL I 236 38.50 1.01 -52.51
N TRP I 237 37.62 0.91 -53.52
CA TRP I 237 38.04 1.26 -54.86
C TRP I 237 38.37 2.75 -54.89
N ASN I 238 37.66 3.55 -54.10
CA ASN I 238 37.94 4.98 -54.06
C ASN I 238 39.32 5.20 -53.42
N GLN I 239 39.60 4.42 -52.37
CA GLN I 239 40.87 4.55 -51.67
C GLN I 239 42.02 4.21 -52.62
N ARG I 240 41.83 3.18 -53.43
CA ARG I 240 42.85 2.76 -54.38
C ARG I 240 43.21 3.92 -55.31
N HIS I 241 42.21 4.59 -55.85
CA HIS I 241 42.48 5.71 -56.74
C HIS I 241 43.11 6.87 -56.00
N PHE I 242 42.77 7.01 -54.72
CA PHE I 242 43.30 8.06 -53.88
C PHE I 242 44.80 7.84 -53.69
N VAL I 243 45.17 6.62 -53.33
CA VAL I 243 46.57 6.29 -53.12
C VAL I 243 47.41 6.50 -54.37
N ILE I 244 47.01 5.86 -55.46
CA ILE I 244 47.74 5.96 -56.70
C ILE I 244 47.86 7.34 -57.29
N SER I 245 46.76 8.08 -57.40
CA SER I 245 46.85 9.41 -57.98
C SER I 245 47.69 10.36 -57.11
N ASN I 246 47.89 10.01 -55.84
CA ASN I 246 48.68 10.86 -54.95
C ASN I 246 50.11 10.41 -54.79
N THR I 247 50.44 9.26 -55.38
CA THR I 247 51.80 8.79 -55.30
C THR I 247 52.38 8.81 -56.72
N THR I 248 52.32 7.68 -57.41
CA THR I 248 52.84 7.60 -58.78
C THR I 248 52.01 8.36 -59.82
N GLY I 249 50.70 8.38 -59.67
CA GLY I 249 49.87 9.06 -60.65
C GLY I 249 49.57 8.02 -61.71
N TYR I 250 48.81 8.38 -62.74
CA TYR I 250 48.47 7.42 -63.78
C TYR I 250 49.11 7.70 -65.14
N SER I 251 49.94 8.73 -65.22
CA SER I 251 50.57 9.09 -66.48
C SER I 251 51.65 8.08 -66.88
N ASP I 252 52.12 7.30 -65.92
CA ASP I 252 53.12 6.29 -66.22
C ASP I 252 52.41 5.11 -66.86
N ARG I 253 52.59 4.94 -68.17
CA ARG I 253 51.97 3.86 -68.91
C ARG I 253 52.08 2.50 -68.24
N ALA I 254 53.15 2.28 -67.48
CA ALA I 254 53.32 1.01 -66.81
C ALA I 254 52.34 0.90 -65.65
N VAL I 255 52.06 2.02 -65.00
CA VAL I 255 51.10 2.03 -63.89
C VAL I 255 49.69 1.85 -64.45
N LEU I 256 49.35 2.63 -65.47
CA LEU I 256 48.04 2.56 -66.09
C LEU I 256 47.75 1.14 -66.53
N GLU I 257 48.74 0.49 -67.15
CA GLU I 257 48.56 -0.87 -67.61
C GLU I 257 48.35 -1.83 -66.45
N ARG I 258 49.13 -1.65 -65.39
CA ARG I 258 48.99 -2.52 -64.22
C ARG I 258 47.58 -2.40 -63.66
N GLU I 259 47.11 -1.16 -63.53
CA GLU I 259 45.79 -0.89 -63.00
C GLU I 259 44.68 -1.42 -63.89
N VAL I 260 44.74 -1.12 -65.17
CA VAL I 260 43.71 -1.60 -66.09
C VAL I 260 43.65 -3.13 -66.03
N GLN I 261 44.81 -3.76 -66.02
CA GLN I 261 44.88 -5.21 -65.98
C GLN I 261 44.30 -5.73 -64.67
N TYR I 262 44.62 -5.07 -63.57
CA TYR I 262 44.15 -5.46 -62.25
C TYR I 262 42.62 -5.42 -62.17
N THR I 263 42.06 -4.35 -62.72
CA THR I 263 40.62 -4.16 -62.71
C THR I 263 39.92 -5.23 -63.56
N LEU I 264 40.44 -5.50 -64.74
CA LEU I 264 39.85 -6.52 -65.60
C LEU I 264 39.86 -7.87 -64.89
N GLU I 265 40.92 -8.15 -64.13
CA GLU I 265 40.98 -9.41 -63.40
C GLU I 265 39.86 -9.43 -62.35
N MET I 266 39.63 -8.30 -61.69
CA MET I 266 38.58 -8.21 -60.67
C MET I 266 37.21 -8.31 -61.32
N ILE I 267 37.06 -7.70 -62.49
CA ILE I 267 35.79 -7.77 -63.20
C ILE I 267 35.51 -9.21 -63.62
N LYS I 268 36.55 -9.96 -63.98
CA LYS I 268 36.36 -11.34 -64.38
C LYS I 268 35.89 -12.18 -63.19
N LEU I 269 36.34 -11.84 -61.98
CA LEU I 269 35.93 -12.59 -60.80
C LEU I 269 34.47 -12.32 -60.42
N VAL I 270 34.05 -11.06 -60.56
CA VAL I 270 32.68 -10.67 -60.24
C VAL I 270 32.28 -9.61 -61.26
N PRO I 271 31.86 -10.05 -62.45
CA PRO I 271 31.44 -9.18 -63.55
C PRO I 271 30.38 -8.14 -63.26
N HIS I 272 29.47 -8.44 -62.34
CA HIS I 272 28.43 -7.47 -62.01
C HIS I 272 28.86 -6.66 -60.78
N ASN I 273 29.75 -5.70 -61.01
CA ASN I 273 30.28 -4.86 -59.95
C ASN I 273 30.49 -3.45 -60.48
N GLU I 274 29.55 -2.57 -60.21
CA GLU I 274 29.66 -1.20 -60.70
C GLU I 274 30.96 -0.51 -60.29
N SER I 275 31.39 -0.75 -59.05
CA SER I 275 32.62 -0.12 -58.54
C SER I 275 33.83 -0.41 -59.41
N ALA I 276 34.04 -1.68 -59.75
CA ALA I 276 35.19 -2.04 -60.60
C ALA I 276 35.06 -1.33 -61.95
N TRP I 277 33.89 -1.41 -62.56
CA TRP I 277 33.69 -0.76 -63.86
C TRP I 277 33.88 0.75 -63.80
N ASN I 278 33.44 1.38 -62.72
CA ASN I 278 33.59 2.83 -62.60
C ASN I 278 35.06 3.22 -62.50
N TYR I 279 35.85 2.37 -61.83
CA TYR I 279 37.27 2.63 -61.68
C TYR I 279 37.93 2.55 -63.05
N LEU I 280 37.67 1.45 -63.76
CA LEU I 280 38.22 1.25 -65.09
C LEU I 280 37.93 2.43 -66.00
N LYS I 281 36.67 2.86 -66.03
CA LYS I 281 36.32 3.98 -66.87
C LYS I 281 36.91 5.28 -66.34
N GLY I 282 37.00 5.36 -65.01
CA GLY I 282 37.53 6.56 -64.39
C GLY I 282 38.96 6.87 -64.75
N ILE I 283 39.80 5.84 -64.76
CA ILE I 283 41.21 6.07 -65.07
C ILE I 283 41.52 6.18 -66.55
N LEU I 284 40.50 6.00 -67.41
CA LEU I 284 40.72 6.07 -68.84
C LEU I 284 39.91 7.14 -69.55
N GLN I 285 38.76 7.51 -68.99
CA GLN I 285 37.91 8.48 -69.66
C GLN I 285 38.54 9.79 -70.08
N ASP I 286 39.47 10.31 -69.30
CA ASP I 286 40.10 11.56 -69.67
C ASP I 286 41.23 11.40 -70.68
N ARG I 287 41.79 10.21 -70.77
CA ARG I 287 42.86 9.94 -71.73
C ARG I 287 42.19 9.77 -73.08
N GLY I 288 40.93 9.32 -73.06
CA GLY I 288 40.18 9.09 -74.28
C GLY I 288 39.96 7.59 -74.43
N LEU I 289 38.74 7.13 -74.19
CA LEU I 289 38.43 5.71 -74.28
C LEU I 289 38.69 5.08 -75.65
N SER I 290 38.49 5.86 -76.72
CA SER I 290 38.69 5.33 -78.06
C SER I 290 40.16 5.20 -78.45
N ARG I 291 41.06 5.69 -77.60
CA ARG I 291 42.48 5.59 -77.88
C ARG I 291 43.03 4.23 -77.48
N TYR I 292 42.16 3.34 -77.01
CA TYR I 292 42.59 2.01 -76.57
C TYR I 292 41.89 0.89 -77.34
N PRO I 293 42.30 0.68 -78.61
CA PRO I 293 41.74 -0.35 -79.50
C PRO I 293 41.67 -1.77 -78.95
N ASN I 294 42.67 -2.20 -78.18
CA ASN I 294 42.63 -3.55 -77.62
C ASN I 294 41.58 -3.70 -76.52
N LEU I 295 41.28 -2.60 -75.83
CA LEU I 295 40.29 -2.64 -74.77
C LEU I 295 38.93 -2.95 -75.39
N LEU I 296 38.59 -2.20 -76.45
CA LEU I 296 37.33 -2.38 -77.16
C LEU I 296 37.12 -3.81 -77.59
N ASN I 297 38.17 -4.44 -78.10
CA ASN I 297 38.03 -5.81 -78.54
C ASN I 297 38.00 -6.78 -77.38
N GLN I 298 38.74 -6.49 -76.33
CA GLN I 298 38.76 -7.37 -75.18
C GLN I 298 37.39 -7.35 -74.49
N LEU I 299 36.69 -6.23 -74.59
CA LEU I 299 35.37 -6.11 -73.98
C LEU I 299 34.31 -6.77 -74.85
N LEU I 300 34.44 -6.63 -76.17
CA LEU I 300 33.49 -7.26 -77.07
C LEU I 300 33.60 -8.77 -76.94
N ASP I 301 34.78 -9.27 -76.58
CA ASP I 301 34.98 -10.70 -76.40
C ASP I 301 34.38 -11.18 -75.09
N LEU I 302 34.27 -10.28 -74.12
CA LEU I 302 33.69 -10.61 -72.83
C LEU I 302 32.17 -10.66 -72.91
N GLN I 303 31.60 -9.84 -73.79
CA GLN I 303 30.15 -9.75 -73.98
C GLN I 303 29.45 -11.11 -73.99
N PRO I 304 30.02 -12.10 -74.70
CA PRO I 304 29.40 -13.43 -74.75
C PRO I 304 28.99 -13.96 -73.36
N SER I 305 29.97 -14.20 -72.50
CA SER I 305 29.69 -14.72 -71.16
C SER I 305 29.57 -13.66 -70.07
N HIS I 306 30.64 -12.91 -69.83
CA HIS I 306 30.67 -11.88 -68.78
C HIS I 306 29.86 -10.61 -69.06
N SER I 307 28.77 -10.72 -69.81
CA SER I 307 27.98 -9.52 -70.10
C SER I 307 27.30 -8.96 -68.84
N SER I 308 27.04 -7.66 -68.87
CA SER I 308 26.40 -6.95 -67.77
C SER I 308 26.05 -5.57 -68.29
N PRO I 309 25.09 -4.89 -67.67
CA PRO I 309 24.74 -3.55 -68.17
C PRO I 309 25.92 -2.57 -68.10
N TYR I 310 26.87 -2.84 -67.21
CA TYR I 310 28.03 -1.96 -67.06
C TYR I 310 28.93 -2.09 -68.29
N LEU I 311 29.07 -3.33 -68.77
CA LEU I 311 29.87 -3.59 -69.94
C LEU I 311 29.28 -2.92 -71.16
N ILE I 312 27.99 -3.06 -71.35
CA ILE I 312 27.33 -2.47 -72.51
C ILE I 312 27.46 -0.95 -72.49
N ALA I 313 27.26 -0.36 -71.31
CA ALA I 313 27.39 1.09 -71.15
C ALA I 313 28.81 1.53 -71.49
N PHE I 314 29.80 0.75 -71.09
CA PHE I 314 31.19 1.08 -71.38
C PHE I 314 31.36 1.12 -72.91
N LEU I 315 30.85 0.10 -73.60
CA LEU I 315 30.96 0.06 -75.06
C LEU I 315 30.28 1.28 -75.66
N VAL I 316 29.12 1.65 -75.14
CA VAL I 316 28.44 2.84 -75.65
C VAL I 316 29.34 4.07 -75.47
N ASP I 317 29.94 4.20 -74.30
CA ASP I 317 30.82 5.33 -74.02
C ASP I 317 32.04 5.33 -74.94
N ILE I 318 32.60 4.16 -75.20
CA ILE I 318 33.74 4.04 -76.11
C ILE I 318 33.30 4.58 -77.47
N TYR I 319 32.22 4.03 -78.00
CA TYR I 319 31.70 4.46 -79.30
C TYR I 319 31.45 5.95 -79.33
N GLU I 320 30.88 6.51 -78.26
CA GLU I 320 30.64 7.94 -78.26
C GLU I 320 31.92 8.72 -78.36
N ASP I 321 32.96 8.27 -77.67
CA ASP I 321 34.25 8.94 -77.70
C ASP I 321 34.74 8.97 -79.15
N MET I 322 34.57 7.86 -79.86
CA MET I 322 34.97 7.77 -81.25
C MET I 322 34.24 8.85 -82.05
N LEU I 323 32.91 8.85 -81.97
CA LEU I 323 32.11 9.84 -82.69
C LEU I 323 32.59 11.26 -82.35
N GLU I 324 33.08 11.41 -81.13
CA GLU I 324 33.56 12.70 -80.65
C GLU I 324 34.87 13.09 -81.32
N ASN I 325 35.61 12.08 -81.78
CA ASN I 325 36.89 12.31 -82.42
C ASN I 325 36.92 11.99 -83.92
N GLN I 326 35.90 12.47 -84.63
CA GLN I 326 35.76 12.27 -86.07
C GLN I 326 36.41 10.98 -86.54
N CYS I 327 35.87 9.84 -86.10
CA CYS I 327 36.39 8.53 -86.48
C CYS I 327 35.92 8.19 -87.88
N ASP I 328 36.40 7.06 -88.40
CA ASP I 328 36.00 6.60 -89.73
C ASP I 328 34.78 5.69 -89.63
N ASN I 329 33.88 5.79 -90.62
CA ASN I 329 32.64 5.01 -90.64
C ASN I 329 31.74 5.53 -89.53
N LYS I 330 31.73 6.85 -89.38
CA LYS I 330 30.94 7.53 -88.34
C LYS I 330 29.51 7.01 -88.24
N GLU I 331 28.78 7.02 -89.35
CA GLU I 331 27.40 6.56 -89.35
C GLU I 331 27.29 5.10 -88.90
N ASP I 332 28.32 4.30 -89.19
CA ASP I 332 28.32 2.90 -88.79
C ASP I 332 28.53 2.77 -87.28
N ILE I 333 29.41 3.61 -86.74
CA ILE I 333 29.70 3.61 -85.31
C ILE I 333 28.45 4.07 -84.54
N LEU I 334 27.86 5.16 -85.01
CA LEU I 334 26.65 5.70 -84.39
C LEU I 334 25.59 4.62 -84.25
N ASN I 335 25.45 3.79 -85.29
CA ASN I 335 24.45 2.72 -85.24
C ASN I 335 24.86 1.62 -84.26
N LYS I 336 26.16 1.39 -84.12
CA LYS I 336 26.62 0.37 -83.17
C LYS I 336 26.21 0.81 -81.76
N ALA I 337 26.30 2.11 -81.53
CA ALA I 337 25.95 2.71 -80.25
C ALA I 337 24.45 2.64 -80.04
N LEU I 338 23.69 3.23 -80.97
CA LEU I 338 22.25 3.23 -80.89
C LEU I 338 21.71 1.82 -80.67
N GLU I 339 22.39 0.85 -81.27
CA GLU I 339 21.95 -0.53 -81.13
C GLU I 339 22.12 -1.01 -79.69
N LEU I 340 23.21 -0.60 -79.05
CA LEU I 340 23.46 -0.97 -77.66
C LEU I 340 22.52 -0.22 -76.71
N CYS I 341 22.24 1.05 -77.01
CA CYS I 341 21.32 1.84 -76.19
C CYS I 341 19.99 1.11 -76.12
N GLU I 342 19.50 0.67 -77.26
CA GLU I 342 18.22 -0.02 -77.30
C GLU I 342 18.30 -1.36 -76.57
N ILE I 343 19.46 -2.02 -76.62
CA ILE I 343 19.61 -3.31 -75.93
C ILE I 343 19.50 -3.08 -74.43
N LEU I 344 20.07 -1.98 -73.95
CA LEU I 344 20.01 -1.65 -72.54
C LEU I 344 18.57 -1.35 -72.16
N ALA I 345 17.93 -0.45 -72.91
CA ALA I 345 16.54 -0.06 -72.66
C ALA I 345 15.55 -1.21 -72.76
N LYS I 346 15.77 -2.11 -73.70
CA LYS I 346 14.86 -3.22 -73.90
C LYS I 346 15.11 -4.45 -73.04
N GLU I 347 16.34 -4.69 -72.61
CA GLU I 347 16.54 -5.89 -71.81
C GLU I 347 17.69 -5.98 -70.82
N LYS I 348 18.71 -5.12 -70.95
CA LYS I 348 19.84 -5.22 -70.03
C LYS I 348 19.81 -4.27 -68.85
N ASP I 349 19.18 -3.11 -69.03
CA ASP I 349 19.10 -2.12 -67.98
C ASP I 349 17.72 -1.47 -68.09
N THR I 350 16.69 -2.31 -68.12
CA THR I 350 15.32 -1.85 -68.27
C THR I 350 14.87 -0.75 -67.32
N ILE I 351 15.33 -0.77 -66.07
CA ILE I 351 14.91 0.26 -65.13
C ILE I 351 15.32 1.64 -65.61
N ARG I 352 16.31 1.71 -66.51
CA ARG I 352 16.76 2.98 -67.04
C ARG I 352 16.40 3.11 -68.53
N LYS I 353 15.45 2.28 -68.96
CA LYS I 353 15.01 2.28 -70.35
C LYS I 353 14.72 3.66 -70.92
N GLU I 354 14.02 4.51 -70.20
CA GLU I 354 13.74 5.84 -70.72
C GLU I 354 15.00 6.68 -70.81
N TYR I 355 15.95 6.41 -69.91
CA TYR I 355 17.22 7.15 -69.91
C TYR I 355 18.05 6.77 -71.14
N TRP I 356 18.20 5.48 -71.37
CA TRP I 356 18.97 4.98 -72.49
C TRP I 356 18.39 5.42 -73.83
N ARG I 357 17.06 5.43 -73.94
CA ARG I 357 16.41 5.88 -75.17
C ARG I 357 16.67 7.37 -75.34
N TYR I 358 16.83 8.06 -74.22
CA TYR I 358 17.12 9.49 -74.22
C TYR I 358 18.56 9.67 -74.67
N ILE I 359 19.43 8.74 -74.28
CA ILE I 359 20.83 8.81 -74.69
C ILE I 359 20.89 8.54 -76.18
N GLY I 360 20.15 7.53 -76.61
CA GLY I 360 20.11 7.20 -78.03
C GLY I 360 19.72 8.41 -78.86
N ARG I 361 18.59 9.02 -78.53
CA ARG I 361 18.13 10.20 -79.26
C ARG I 361 19.19 11.29 -79.28
N SER I 362 19.90 11.46 -78.18
CA SER I 362 20.93 12.49 -78.10
C SER I 362 22.09 12.21 -79.04
N LEU I 363 22.47 10.94 -79.17
CA LEU I 363 23.56 10.57 -80.06
C LEU I 363 23.16 10.82 -81.52
N GLN I 364 21.95 10.41 -81.89
CA GLN I 364 21.45 10.61 -83.25
C GLN I 364 21.47 12.07 -83.65
N SER I 365 20.84 12.92 -82.84
CA SER I 365 20.78 14.35 -83.17
C SER I 365 22.11 15.06 -83.00
N LYS I 366 23.16 14.32 -82.67
CA LYS I 366 24.48 14.91 -82.50
C LYS I 366 25.47 14.41 -83.55
N HIS I 367 25.17 13.27 -84.16
CA HIS I 367 26.07 12.71 -85.17
C HIS I 367 25.32 12.12 -86.38
N SER I 368 24.89 12.97 -87.31
CA SER I 368 24.19 12.51 -88.50
C SER I 368 24.21 13.53 -89.64
N LEU J 18 1.66 0.42 -50.94
CA LEU J 18 0.23 0.39 -51.34
C LEU J 18 -0.27 1.80 -51.72
N ASP J 19 -0.89 2.47 -50.76
CA ASP J 19 -1.43 3.81 -50.93
C ASP J 19 -0.80 4.78 -49.95
N PHE J 20 -0.85 6.06 -50.27
CA PHE J 20 -0.28 7.12 -49.46
C PHE J 20 -1.20 7.60 -48.33
N LEU J 21 -0.88 7.22 -47.09
CA LEU J 21 -1.67 7.59 -45.91
C LEU J 21 -1.44 9.03 -45.47
N ARG J 22 -1.85 9.98 -46.30
CA ARG J 22 -1.66 11.40 -46.02
C ARG J 22 -2.01 11.94 -44.63
N ASP J 23 -3.23 11.68 -44.15
CA ASP J 23 -3.62 12.19 -42.84
C ASP J 23 -2.75 11.64 -41.73
N ARG J 24 -2.37 10.37 -41.87
CA ARG J 24 -1.52 9.72 -40.89
C ARG J 24 -0.20 10.52 -40.80
N HIS J 25 0.39 10.86 -41.95
CA HIS J 25 1.63 11.62 -41.96
C HIS J 25 1.45 13.01 -41.38
N VAL J 26 0.25 13.54 -41.52
CA VAL J 26 -0.03 14.87 -40.98
C VAL J 26 0.03 14.76 -39.46
N ARG J 27 -0.53 13.67 -38.93
CA ARG J 27 -0.53 13.45 -37.49
C ARG J 27 0.91 13.21 -37.00
N PHE J 28 1.66 12.41 -37.76
CA PHE J 28 3.06 12.11 -37.41
C PHE J 28 3.85 13.41 -37.24
N PHE J 29 3.75 14.30 -38.22
CA PHE J 29 4.47 15.56 -38.15
C PHE J 29 4.00 16.41 -36.99
N GLN J 30 2.71 16.32 -36.66
CA GLN J 30 2.17 17.09 -35.54
C GLN J 30 2.83 16.58 -34.28
N ARG J 31 2.94 15.26 -34.17
CA ARG J 31 3.56 14.65 -33.01
C ARG J 31 4.99 15.16 -32.85
N CYS J 32 5.72 15.27 -33.96
CA CYS J 32 7.10 15.73 -33.92
C CYS J 32 7.22 17.14 -33.35
N LEU J 33 6.27 18.02 -33.69
CA LEU J 33 6.33 19.39 -33.20
C LEU J 33 6.02 19.51 -31.71
N GLN J 34 5.32 18.52 -31.17
CA GLN J 34 4.91 18.52 -29.77
C GLN J 34 5.98 18.12 -28.78
N VAL J 35 5.98 16.84 -28.41
CA VAL J 35 6.95 16.34 -27.45
C VAL J 35 7.62 15.06 -27.90
N LEU J 36 8.91 14.95 -27.60
CA LEU J 36 9.71 13.78 -27.96
C LEU J 36 10.20 13.08 -26.69
N PRO J 37 10.22 11.74 -26.70
CA PRO J 37 10.67 10.94 -25.55
C PRO J 37 12.16 11.17 -25.29
N GLU J 38 12.63 10.88 -24.08
CA GLU J 38 14.04 11.11 -23.77
C GLU J 38 15.01 10.39 -24.69
N ARG J 39 14.51 9.42 -25.45
CA ARG J 39 15.36 8.66 -26.36
C ARG J 39 15.93 9.53 -27.49
N TYR J 40 15.34 10.70 -27.71
CA TYR J 40 15.78 11.58 -28.78
C TYR J 40 16.65 12.74 -28.32
N SER J 41 17.21 12.61 -27.13
CA SER J 41 18.05 13.64 -26.55
C SER J 41 19.23 14.04 -27.45
N SER J 42 19.71 13.11 -28.25
CA SER J 42 20.84 13.40 -29.13
C SER J 42 20.47 14.43 -30.20
N LEU J 43 19.18 14.74 -30.32
CA LEU J 43 18.73 15.71 -31.30
C LEU J 43 18.54 17.10 -30.70
N GLU J 44 18.80 17.22 -29.39
CA GLU J 44 18.65 18.49 -28.71
C GLU J 44 19.27 19.67 -29.46
N THR J 45 20.57 19.62 -29.73
CA THR J 45 21.21 20.73 -30.40
C THR J 45 20.79 20.98 -31.84
N SER J 46 19.91 20.14 -32.38
CA SER J 46 19.47 20.38 -33.75
C SER J 46 17.96 20.23 -33.86
N ARG J 47 17.27 20.66 -32.79
CA ARG J 47 15.81 20.59 -32.75
C ARG J 47 15.20 21.45 -33.84
N LEU J 48 15.89 22.53 -34.21
CA LEU J 48 15.38 23.42 -35.25
C LEU J 48 15.28 22.70 -36.60
N THR J 49 16.18 21.77 -36.88
CA THR J 49 16.10 21.06 -38.15
C THR J 49 14.98 20.04 -38.07
N ILE J 50 14.66 19.56 -36.87
CA ILE J 50 13.56 18.61 -36.71
C ILE J 50 12.25 19.39 -36.95
N ALA J 51 12.21 20.63 -36.46
CA ALA J 51 11.06 21.47 -36.65
C ALA J 51 10.90 21.70 -38.15
N PHE J 52 12.02 21.95 -38.82
CA PHE J 52 12.00 22.16 -40.27
C PHE J 52 11.39 20.96 -40.99
N PHE J 53 11.84 19.76 -40.65
CA PHE J 53 11.32 18.56 -41.29
C PHE J 53 9.80 18.47 -41.13
N ALA J 54 9.33 18.76 -39.92
CA ALA J 54 7.91 18.69 -39.62
C ALA J 54 7.08 19.79 -40.28
N LEU J 55 7.53 21.04 -40.14
CA LEU J 55 6.83 22.17 -40.71
C LEU J 55 6.84 22.14 -42.24
N SER J 56 8.01 21.90 -42.83
CA SER J 56 8.10 21.82 -44.29
C SER J 56 7.30 20.62 -44.74
N GLY J 57 7.28 19.57 -43.93
CA GLY J 57 6.52 18.38 -44.27
C GLY J 57 5.03 18.71 -44.29
N LEU J 58 4.57 19.40 -43.26
CA LEU J 58 3.17 19.77 -43.17
C LEU J 58 2.87 20.69 -44.35
N ASP J 59 3.78 21.63 -44.60
CA ASP J 59 3.62 22.55 -45.70
C ASP J 59 3.46 21.77 -47.00
N MET J 60 4.31 20.76 -47.19
CA MET J 60 4.28 19.94 -48.39
C MET J 60 2.96 19.18 -48.50
N LEU J 61 2.34 18.89 -47.36
CA LEU J 61 1.07 18.17 -47.35
C LEU J 61 -0.09 19.16 -47.27
N ASP J 62 0.25 20.45 -47.26
CA ASP J 62 -0.75 21.50 -47.22
C ASP J 62 -1.59 21.37 -45.94
N SER J 63 -0.93 21.32 -44.79
CA SER J 63 -1.60 21.19 -43.50
C SER J 63 -1.01 22.09 -42.44
N LEU J 64 -0.42 23.22 -42.84
CA LEU J 64 0.17 24.11 -41.86
C LEU J 64 -0.88 24.69 -40.91
N ASP J 65 -2.14 24.64 -41.32
CA ASP J 65 -3.22 25.17 -40.51
C ASP J 65 -3.32 24.49 -39.15
N VAL J 66 -2.84 23.25 -39.07
CA VAL J 66 -2.91 22.48 -37.82
C VAL J 66 -1.90 22.90 -36.75
N VAL J 67 -1.18 23.99 -36.98
CA VAL J 67 -0.20 24.46 -36.00
C VAL J 67 -0.35 25.96 -35.80
N ASN J 68 0.08 26.45 -34.65
CA ASN J 68 0.00 27.87 -34.35
C ASN J 68 1.24 28.58 -34.89
N LYS J 69 1.16 29.01 -36.15
CA LYS J 69 2.27 29.68 -36.82
C LYS J 69 2.95 30.76 -36.00
N ASP J 70 2.17 31.57 -35.29
CA ASP J 70 2.73 32.67 -34.50
C ASP J 70 3.56 32.20 -33.32
N ASP J 71 3.11 31.16 -32.64
CA ASP J 71 3.86 30.64 -31.50
C ASP J 71 5.22 30.14 -31.99
N ILE J 72 5.19 29.32 -33.04
CA ILE J 72 6.40 28.77 -33.62
C ILE J 72 7.36 29.84 -34.11
N ILE J 73 6.82 30.89 -34.75
CA ILE J 73 7.65 31.98 -35.23
C ILE J 73 8.40 32.66 -34.08
N GLU J 74 7.75 32.80 -32.94
CA GLU J 74 8.40 33.44 -31.79
C GLU J 74 9.49 32.52 -31.23
N TRP J 75 9.21 31.22 -31.25
CA TRP J 75 10.16 30.25 -30.75
C TRP J 75 11.42 30.30 -31.61
N ILE J 76 11.23 30.35 -32.92
CA ILE J 76 12.35 30.42 -33.84
C ILE J 76 13.16 31.69 -33.61
N TYR J 77 12.48 32.83 -33.48
CA TYR J 77 13.21 34.07 -33.25
C TYR J 77 13.95 34.08 -31.92
N SER J 78 13.54 33.26 -30.98
CA SER J 78 14.22 33.22 -29.68
C SER J 78 15.54 32.48 -29.87
N LEU J 79 15.71 31.85 -31.02
CA LEU J 79 16.92 31.11 -31.32
C LEU J 79 17.96 31.94 -32.07
N GLN J 80 17.59 33.15 -32.49
CA GLN J 80 18.53 33.99 -33.23
C GLN J 80 19.59 34.60 -32.32
N VAL J 81 20.85 34.47 -32.71
CA VAL J 81 21.96 35.03 -31.97
C VAL J 81 22.17 36.42 -32.57
N LEU J 82 21.73 37.43 -31.84
CA LEU J 82 21.84 38.81 -32.30
C LEU J 82 23.14 39.45 -31.84
N PRO J 83 23.61 40.47 -32.59
CA PRO J 83 24.84 41.15 -32.21
C PRO J 83 24.65 41.92 -30.91
N THR J 84 25.70 41.99 -30.10
CA THR J 84 25.63 42.70 -28.83
C THR J 84 25.73 44.21 -29.02
N GLU J 85 25.50 44.95 -27.95
CA GLU J 85 25.55 46.42 -27.98
C GLU J 85 26.79 46.89 -28.74
N ASP J 86 27.95 46.41 -28.32
CA ASP J 86 29.22 46.80 -28.95
C ASP J 86 29.50 46.05 -30.26
N ARG J 87 28.50 45.36 -30.79
CA ARG J 87 28.66 44.62 -32.04
C ARG J 87 29.99 43.86 -32.13
N SER J 88 30.44 43.30 -31.01
CA SER J 88 31.70 42.57 -30.97
C SER J 88 31.59 41.08 -31.29
N ASN J 89 30.36 40.57 -31.41
CA ASN J 89 30.15 39.16 -31.66
C ASN J 89 29.53 38.91 -33.03
N LEU J 90 29.82 39.77 -34.00
CA LEU J 90 29.24 39.60 -35.34
C LEU J 90 29.58 38.28 -36.00
N ASP J 91 30.83 37.84 -35.87
CA ASP J 91 31.26 36.58 -36.46
C ASP J 91 30.57 35.35 -35.86
N ARG J 92 29.72 35.57 -34.86
CA ARG J 92 29.04 34.47 -34.20
C ARG J 92 27.51 34.54 -34.31
N CYS J 93 27.02 35.41 -35.17
CA CYS J 93 25.57 35.55 -35.33
C CYS J 93 24.97 34.56 -36.30
N GLY J 94 23.68 34.30 -36.11
CA GLY J 94 22.94 33.36 -36.94
C GLY J 94 21.88 32.76 -36.02
N PHE J 95 21.59 31.47 -36.15
CA PHE J 95 20.60 30.84 -35.30
C PHE J 95 21.14 29.64 -34.53
N ARG J 96 20.57 29.40 -33.35
CA ARG J 96 20.96 28.28 -32.50
C ARG J 96 20.03 27.12 -32.86
N GLY J 97 20.45 25.90 -32.56
CA GLY J 97 19.62 24.76 -32.87
C GLY J 97 18.50 24.57 -31.85
N SER J 98 18.71 25.14 -30.66
CA SER J 98 17.74 25.06 -29.58
C SER J 98 18.21 25.95 -28.45
N SER J 99 17.54 25.87 -27.32
CA SER J 99 17.87 26.67 -26.15
C SER J 99 18.77 25.95 -25.14
N TYR J 100 19.43 24.89 -25.56
CA TYR J 100 20.28 24.12 -24.67
C TYR J 100 21.32 24.89 -23.86
N LEU J 101 21.64 26.12 -24.24
CA LEU J 101 22.65 26.88 -23.48
C LEU J 101 22.10 27.56 -22.25
N GLY J 102 20.79 27.68 -22.16
CA GLY J 102 20.19 28.30 -21.00
C GLY J 102 20.02 29.80 -21.08
N ILE J 103 20.08 30.35 -22.28
CA ILE J 103 19.90 31.78 -22.44
C ILE J 103 18.41 32.06 -22.32
N PRO J 104 18.04 33.07 -21.53
CA PRO J 104 16.64 33.44 -21.33
C PRO J 104 15.85 33.71 -22.61
N PHE J 105 14.67 33.13 -22.68
CA PHE J 105 13.78 33.26 -23.83
C PHE J 105 13.60 34.72 -24.26
N ASN J 106 14.02 35.03 -25.47
CA ASN J 106 13.89 36.38 -26.01
C ASN J 106 13.67 36.32 -27.52
N PRO J 107 12.40 36.38 -27.96
CA PRO J 107 12.05 36.33 -29.39
C PRO J 107 12.56 37.51 -30.20
N SER J 108 13.88 37.58 -30.35
CA SER J 108 14.55 38.65 -31.11
C SER J 108 13.97 40.03 -30.79
N LYS J 109 13.89 40.34 -29.51
CA LYS J 109 13.39 41.63 -29.05
C LYS J 109 14.58 42.50 -28.69
N ASN J 110 14.99 42.46 -27.41
CA ASN J 110 16.12 43.24 -26.94
C ASN J 110 17.42 42.82 -27.65
N PRO J 111 18.53 43.51 -27.36
CA PRO J 111 19.82 43.18 -27.98
C PRO J 111 20.29 41.79 -27.58
N GLY J 112 21.58 41.52 -27.72
CA GLY J 112 22.10 40.21 -27.37
C GLY J 112 22.80 40.13 -26.02
N THR J 113 22.34 39.20 -25.18
CA THR J 113 22.93 39.00 -23.86
C THR J 113 24.22 38.18 -24.02
N ALA J 114 25.36 38.86 -23.95
CA ALA J 114 26.68 38.24 -24.10
C ALA J 114 26.85 36.91 -23.36
N HIS J 115 27.42 35.92 -24.05
CA HIS J 115 27.66 34.61 -23.49
C HIS J 115 28.91 34.03 -24.15
N PRO J 116 29.88 33.58 -23.35
CA PRO J 116 31.15 33.02 -23.81
C PRO J 116 31.08 31.96 -24.92
N TYR J 117 30.02 31.17 -24.96
CA TYR J 117 29.91 30.11 -25.95
C TYR J 117 28.64 30.09 -26.77
N ASP J 118 27.95 31.22 -26.85
CA ASP J 118 26.72 31.26 -27.62
C ASP J 118 26.98 31.78 -29.03
N SER J 119 26.74 30.93 -30.02
CA SER J 119 26.92 31.34 -31.40
C SER J 119 25.96 30.55 -32.27
N GLY J 120 25.85 30.93 -33.54
CA GLY J 120 24.95 30.23 -34.43
C GLY J 120 25.57 28.98 -35.01
N HIS J 121 24.76 28.20 -35.71
CA HIS J 121 25.20 26.97 -36.36
C HIS J 121 24.65 27.09 -37.77
N ILE J 122 25.54 26.97 -38.76
CA ILE J 122 25.15 27.14 -40.16
C ILE J 122 23.90 26.35 -40.60
N ALA J 123 23.75 25.11 -40.14
CA ALA J 123 22.59 24.32 -40.52
C ALA J 123 21.32 24.82 -39.82
N MET J 124 21.50 25.53 -38.70
CA MET J 124 20.35 26.05 -37.96
C MET J 124 19.93 27.41 -38.54
N THR J 125 20.92 28.18 -38.96
CA THR J 125 20.63 29.47 -39.59
C THR J 125 19.85 29.13 -40.85
N TYR J 126 20.28 28.09 -41.56
CA TYR J 126 19.61 27.67 -42.77
C TYR J 126 18.18 27.20 -42.50
N THR J 127 18.02 26.16 -41.68
CA THR J 127 16.67 25.66 -41.40
C THR J 127 15.81 26.71 -40.69
N GLY J 128 16.45 27.56 -39.88
CA GLY J 128 15.69 28.59 -39.18
C GLY J 128 15.03 29.55 -40.16
N LEU J 129 15.83 30.16 -41.04
CA LEU J 129 15.32 31.08 -42.05
C LEU J 129 14.28 30.36 -42.90
N SER J 130 14.60 29.13 -43.28
CA SER J 130 13.70 28.33 -44.08
C SER J 130 12.36 28.15 -43.38
N CYS J 131 12.38 27.90 -42.07
CA CYS J 131 11.15 27.72 -41.31
C CYS J 131 10.33 29.00 -41.28
N LEU J 132 11.00 30.12 -41.04
CA LEU J 132 10.34 31.41 -40.98
C LEU J 132 9.58 31.69 -42.27
N ILE J 133 10.24 31.44 -43.41
CA ILE J 133 9.61 31.67 -44.71
C ILE J 133 8.38 30.78 -44.86
N ILE J 134 8.52 29.52 -44.46
CA ILE J 134 7.42 28.56 -44.55
C ILE J 134 6.23 29.01 -43.72
N LEU J 135 6.52 29.56 -42.54
CA LEU J 135 5.45 30.01 -41.64
C LEU J 135 4.82 31.34 -42.04
N GLY J 136 5.34 31.95 -43.10
CA GLY J 136 4.78 33.22 -43.57
C GLY J 136 5.44 34.47 -43.06
N ASP J 137 6.40 34.34 -42.14
CA ASP J 137 7.10 35.49 -41.60
C ASP J 137 7.82 36.21 -42.76
N ASP J 138 8.08 37.49 -42.59
CA ASP J 138 8.73 38.30 -43.64
C ASP J 138 10.22 38.56 -43.40
N LEU J 139 10.78 37.94 -42.36
CA LEU J 139 12.19 38.08 -42.03
C LEU J 139 12.63 39.47 -41.58
N SER J 140 11.67 40.34 -41.27
CA SER J 140 12.02 41.68 -40.83
C SER J 140 12.82 41.68 -39.53
N ARG J 141 12.56 40.70 -38.67
CA ARG J 141 13.27 40.62 -37.40
C ARG J 141 14.62 39.92 -37.50
N VAL J 142 14.96 39.46 -38.70
CA VAL J 142 16.24 38.80 -38.92
C VAL J 142 17.32 39.85 -39.17
N ASP J 143 18.39 39.83 -38.39
CA ASP J 143 19.48 40.78 -38.60
C ASP J 143 20.28 40.21 -39.78
N LYS J 144 19.82 40.46 -40.98
CA LYS J 144 20.46 39.95 -42.18
C LYS J 144 21.96 40.19 -42.26
N GLU J 145 22.41 41.41 -41.97
CA GLU J 145 23.83 41.70 -42.05
C GLU J 145 24.63 40.89 -41.04
N ALA J 146 24.06 40.70 -39.85
CA ALA J 146 24.75 39.92 -38.82
C ALA J 146 24.89 38.47 -39.29
N CYS J 147 23.81 37.91 -39.83
CA CYS J 147 23.83 36.54 -40.30
C CYS J 147 24.88 36.36 -41.40
N LEU J 148 24.91 37.29 -42.35
CA LEU J 148 25.86 37.24 -43.46
C LEU J 148 27.30 37.35 -42.97
N ALA J 149 27.52 38.18 -41.96
CA ALA J 149 28.86 38.35 -41.41
C ALA J 149 29.26 37.02 -40.75
N GLY J 150 28.30 36.41 -40.07
CA GLY J 150 28.55 35.15 -39.42
C GLY J 150 28.88 34.09 -40.45
N LEU J 151 28.15 34.10 -41.55
CA LEU J 151 28.36 33.13 -42.63
C LEU J 151 29.77 33.27 -43.19
N ARG J 152 30.15 34.50 -43.53
CA ARG J 152 31.48 34.77 -44.09
C ARG J 152 32.59 34.20 -43.21
N ALA J 153 32.45 34.38 -41.90
CA ALA J 153 33.45 33.89 -40.97
C ALA J 153 33.64 32.38 -40.99
N LEU J 154 32.62 31.65 -41.44
CA LEU J 154 32.68 30.19 -41.48
C LEU J 154 33.39 29.59 -42.69
N GLN J 155 33.57 30.38 -43.75
CA GLN J 155 34.22 29.84 -44.95
C GLN J 155 35.73 29.70 -44.80
N LEU J 156 36.26 28.57 -45.24
CA LEU J 156 37.69 28.30 -45.15
C LEU J 156 38.40 28.71 -46.45
N GLU J 157 39.72 28.66 -46.41
CA GLU J 157 40.52 29.03 -47.58
C GLU J 157 40.13 28.19 -48.79
N ASP J 158 39.86 26.90 -48.58
CA ASP J 158 39.51 26.02 -49.69
C ASP J 158 38.12 26.23 -50.26
N GLY J 159 37.37 27.16 -49.68
CA GLY J 159 36.03 27.43 -50.21
C GLY J 159 34.90 26.74 -49.46
N SER J 160 35.19 25.68 -48.72
CA SER J 160 34.12 25.00 -47.96
C SER J 160 33.80 25.78 -46.69
N PHE J 161 32.84 25.27 -45.91
CA PHE J 161 32.42 25.93 -44.68
C PHE J 161 32.43 25.02 -43.45
N CYS J 162 32.55 25.66 -42.28
CA CYS J 162 32.48 24.99 -41.00
C CYS J 162 31.06 25.30 -40.55
N ALA J 163 30.59 24.64 -39.49
CA ALA J 163 29.24 24.88 -39.01
C ALA J 163 29.17 25.97 -37.94
N VAL J 164 30.22 26.05 -37.12
CA VAL J 164 30.27 27.06 -36.05
C VAL J 164 31.63 27.73 -35.96
N PRO J 165 31.63 29.00 -35.53
CA PRO J 165 32.89 29.76 -35.41
C PRO J 165 33.93 29.14 -34.47
N GLU J 166 33.47 28.36 -33.49
CA GLU J 166 34.41 27.73 -32.56
C GLU J 166 35.20 26.61 -33.26
N GLY J 167 34.71 26.19 -34.41
CA GLY J 167 35.38 25.12 -35.15
C GLY J 167 34.57 23.84 -35.26
N SER J 168 34.73 23.16 -36.39
CA SER J 168 34.04 21.91 -36.65
C SER J 168 34.61 21.32 -37.93
N GLU J 169 34.07 20.18 -38.34
CA GLU J 169 34.51 19.57 -39.57
C GLU J 169 33.98 20.48 -40.68
N ASN J 170 34.53 20.37 -41.88
CA ASN J 170 34.07 21.19 -43.00
C ASN J 170 33.88 20.30 -44.21
N ASP J 171 32.77 20.51 -44.92
CA ASP J 171 32.49 19.72 -46.12
C ASP J 171 31.32 20.27 -46.93
N MET J 172 30.94 19.51 -47.96
CA MET J 172 29.86 19.92 -48.85
C MET J 172 28.53 20.25 -48.18
N ARG J 173 28.20 19.54 -47.11
CA ARG J 173 26.94 19.79 -46.41
C ARG J 173 26.79 21.27 -46.06
N PHE J 174 27.85 21.85 -45.54
CA PHE J 174 27.80 23.24 -45.12
C PHE J 174 27.90 24.24 -46.28
N VAL J 175 28.44 23.79 -47.41
CA VAL J 175 28.52 24.65 -48.59
C VAL J 175 27.07 24.87 -49.03
N TYR J 176 26.27 23.80 -48.97
CA TYR J 176 24.87 23.88 -49.35
C TYR J 176 24.09 24.80 -48.39
N CYS J 177 24.37 24.68 -47.10
CA CYS J 177 23.70 25.52 -46.11
C CYS J 177 24.01 26.99 -46.40
N ALA J 178 25.28 27.27 -46.69
CA ALA J 178 25.70 28.62 -46.98
C ALA J 178 24.95 29.15 -48.22
N SER J 179 24.87 28.32 -49.25
CA SER J 179 24.20 28.70 -50.48
C SER J 179 22.73 29.02 -50.23
N CYS J 180 22.05 28.19 -49.45
CA CYS J 180 20.64 28.41 -49.14
C CYS J 180 20.44 29.70 -48.37
N ILE J 181 21.31 29.96 -47.41
CA ILE J 181 21.21 31.16 -46.61
C ILE J 181 21.34 32.38 -47.52
N CYS J 182 22.39 32.42 -48.33
CA CYS J 182 22.60 33.54 -49.24
C CYS J 182 21.41 33.70 -50.18
N TYR J 183 20.88 32.58 -50.66
CA TYR J 183 19.75 32.64 -51.55
C TYR J 183 18.52 33.21 -50.89
N MET J 184 18.20 32.74 -49.69
CA MET J 184 17.01 33.21 -48.98
C MET J 184 17.14 34.67 -48.57
N LEU J 185 18.33 35.10 -48.17
CA LEU J 185 18.53 36.49 -47.80
C LEU J 185 18.80 37.30 -49.04
N ASN J 186 18.73 36.63 -50.20
CA ASN J 186 18.95 37.26 -51.48
C ASN J 186 20.17 38.19 -51.48
N ASN J 187 21.26 37.70 -50.91
CA ASN J 187 22.50 38.47 -50.83
C ASN J 187 23.66 37.47 -50.74
N TRP J 188 24.52 37.45 -51.75
CA TRP J 188 25.63 36.51 -51.74
C TRP J 188 26.92 37.02 -51.11
N SER J 189 26.83 38.12 -50.37
CA SER J 189 28.02 38.68 -49.71
C SER J 189 28.39 37.76 -48.56
N GLY J 190 27.56 36.74 -48.34
CA GLY J 190 27.80 35.80 -47.26
C GLY J 190 28.91 34.81 -47.57
N MET J 191 29.35 34.76 -48.82
CA MET J 191 30.41 33.82 -49.19
C MET J 191 31.24 34.31 -50.36
N ASP J 192 32.42 33.73 -50.50
CA ASP J 192 33.31 34.02 -51.61
C ASP J 192 32.91 32.93 -52.59
N MET J 193 31.95 33.24 -53.44
CA MET J 193 31.42 32.29 -54.41
C MET J 193 32.45 31.60 -55.28
N LYS J 194 33.46 32.34 -55.72
CA LYS J 194 34.50 31.77 -56.56
C LYS J 194 35.19 30.61 -55.86
N LYS J 195 35.47 30.77 -54.57
CA LYS J 195 36.13 29.72 -53.82
C LYS J 195 35.20 28.53 -53.53
N ALA J 196 33.93 28.83 -53.30
CA ALA J 196 32.95 27.78 -53.05
C ALA J 196 32.83 26.91 -54.30
N ILE J 197 32.76 27.57 -55.45
CA ILE J 197 32.65 26.86 -56.73
C ILE J 197 33.87 25.98 -56.94
N SER J 198 35.03 26.49 -56.56
CA SER J 198 36.26 25.74 -56.70
C SER J 198 36.20 24.49 -55.85
N TYR J 199 35.68 24.63 -54.63
CA TYR J 199 35.57 23.49 -53.74
C TYR J 199 34.64 22.44 -54.35
N ILE J 200 33.53 22.90 -54.92
CA ILE J 200 32.58 22.00 -55.53
C ILE J 200 33.20 21.23 -56.70
N ARG J 201 33.93 21.93 -57.56
CA ARG J 201 34.59 21.28 -58.69
C ARG J 201 35.58 20.24 -58.21
N ARG J 202 36.41 20.63 -57.25
CA ARG J 202 37.43 19.72 -56.74
C ARG J 202 36.90 18.47 -56.05
N SER J 203 35.62 18.47 -55.70
CA SER J 203 35.03 17.32 -55.03
C SER J 203 34.61 16.25 -56.04
N MET J 204 34.66 16.56 -57.33
CA MET J 204 34.26 15.59 -58.33
C MET J 204 35.22 14.41 -58.35
N SER J 205 34.67 13.21 -58.24
CA SER J 205 35.44 11.98 -58.22
C SER J 205 35.74 11.44 -59.62
N TYR J 206 36.61 10.44 -59.67
CA TYR J 206 36.96 9.81 -60.94
C TYR J 206 35.73 9.08 -61.48
N ASP J 207 34.78 8.73 -60.60
CA ASP J 207 33.57 8.05 -61.09
C ASP J 207 32.49 9.05 -61.47
N ASN J 208 32.85 10.33 -61.41
CA ASN J 208 31.97 11.42 -61.82
C ASN J 208 30.91 11.95 -60.86
N GLY J 209 30.75 11.30 -59.71
CA GLY J 209 29.82 11.82 -58.74
C GLY J 209 30.57 12.87 -57.94
N LEU J 210 29.90 13.54 -57.02
CA LEU J 210 30.54 14.55 -56.17
C LEU J 210 30.70 13.97 -54.77
N ALA J 211 31.86 14.19 -54.15
CA ALA J 211 32.11 13.69 -52.80
C ALA J 211 31.99 14.83 -51.78
N GLN J 212 32.19 14.51 -50.50
CA GLN J 212 32.10 15.51 -49.44
C GLN J 212 33.27 16.48 -49.55
N GLY J 213 34.32 16.01 -50.21
CA GLY J 213 35.51 16.81 -50.41
C GLY J 213 36.44 16.11 -51.39
N ALA J 214 37.45 16.82 -51.85
CA ALA J 214 38.42 16.27 -52.78
C ALA J 214 38.98 14.93 -52.33
N GLY J 215 39.02 13.96 -53.25
CA GLY J 215 39.56 12.65 -52.96
C GLY J 215 38.64 11.65 -52.27
N LEU J 216 37.59 12.12 -51.63
CA LEU J 216 36.66 11.22 -50.95
C LEU J 216 35.70 10.51 -51.92
N GLU J 217 35.05 9.46 -51.44
CA GLU J 217 34.10 8.68 -52.22
C GLU J 217 32.89 9.54 -52.62
N SER J 218 32.54 9.57 -53.90
CA SER J 218 31.40 10.37 -54.34
C SER J 218 30.16 9.80 -53.62
N HIS J 219 29.21 10.67 -53.31
CA HIS J 219 28.06 10.28 -52.54
C HIS J 219 26.81 11.05 -52.96
N GLY J 220 25.65 10.39 -52.88
CA GLY J 220 24.41 11.04 -53.27
C GLY J 220 24.10 12.30 -52.48
N GLY J 221 24.47 12.29 -51.20
CA GLY J 221 24.21 13.45 -50.37
C GLY J 221 25.04 14.65 -50.79
N SER J 222 26.34 14.43 -50.98
CA SER J 222 27.23 15.52 -51.38
C SER J 222 27.01 15.95 -52.84
N THR J 223 26.61 15.01 -53.70
CA THR J 223 26.34 15.36 -55.09
C THR J 223 25.13 16.30 -55.10
N PHE J 224 24.13 16.02 -54.26
CA PHE J 224 22.98 16.90 -54.19
C PHE J 224 23.43 18.26 -53.67
N CYS J 225 24.20 18.27 -52.59
CA CYS J 225 24.64 19.54 -52.02
C CYS J 225 25.43 20.37 -53.00
N GLY J 226 26.29 19.73 -53.79
CA GLY J 226 27.08 20.46 -54.76
C GLY J 226 26.26 20.99 -55.93
N ILE J 227 25.49 20.10 -56.56
CA ILE J 227 24.66 20.50 -57.69
C ILE J 227 23.62 21.55 -57.29
N ALA J 228 22.93 21.32 -56.17
CA ALA J 228 21.92 22.27 -55.70
C ALA J 228 22.54 23.63 -55.40
N SER J 229 23.74 23.64 -54.84
CA SER J 229 24.40 24.91 -54.53
C SER J 229 24.62 25.69 -55.81
N LEU J 230 25.17 25.01 -56.81
CA LEU J 230 25.44 25.66 -58.09
C LEU J 230 24.15 26.19 -58.70
N CYS J 231 23.07 25.42 -58.63
CA CYS J 231 21.80 25.88 -59.18
C CYS J 231 21.32 27.11 -58.43
N LEU J 232 21.44 27.08 -57.11
CA LEU J 232 21.02 28.23 -56.31
C LEU J 232 21.84 29.45 -56.71
N MET J 233 23.10 29.25 -57.07
CA MET J 233 23.98 30.34 -57.49
C MET J 233 23.69 30.69 -58.95
N GLY J 234 22.98 29.80 -59.64
CA GLY J 234 22.67 30.01 -61.03
C GLY J 234 23.94 29.88 -61.85
N LYS J 235 24.74 28.85 -61.57
CA LYS J 235 25.98 28.68 -62.31
C LYS J 235 26.31 27.25 -62.72
N LEU J 236 25.30 26.38 -62.74
CA LEU J 236 25.50 24.99 -63.11
C LEU J 236 26.20 24.88 -64.46
N GLU J 237 25.60 25.48 -65.47
CA GLU J 237 26.12 25.47 -66.84
C GLU J 237 27.51 26.07 -66.95
N GLU J 238 27.73 27.16 -66.23
CA GLU J 238 29.01 27.84 -66.23
C GLU J 238 30.15 27.03 -65.61
N VAL J 239 29.85 26.29 -64.55
CA VAL J 239 30.87 25.52 -63.85
C VAL J 239 31.21 24.17 -64.46
N PHE J 240 30.21 23.44 -64.94
CA PHE J 240 30.45 22.13 -65.53
C PHE J 240 30.15 22.14 -67.03
N SER J 241 31.04 21.51 -67.79
CA SER J 241 30.86 21.44 -69.24
C SER J 241 29.74 20.45 -69.53
N GLU J 242 29.25 20.45 -70.76
CA GLU J 242 28.19 19.53 -71.14
C GLU J 242 28.65 18.11 -70.93
N LYS J 243 29.89 17.83 -71.29
CA LYS J 243 30.43 16.49 -71.13
C LYS J 243 30.45 16.12 -69.65
N GLU J 244 30.84 17.07 -68.81
CA GLU J 244 30.90 16.85 -67.38
C GLU J 244 29.50 16.59 -66.83
N LEU J 245 28.54 17.45 -67.20
CA LEU J 245 27.17 17.27 -66.75
C LEU J 245 26.63 15.91 -67.19
N ASN J 246 27.02 15.44 -68.36
CA ASN J 246 26.56 14.14 -68.84
C ASN J 246 27.10 13.03 -67.96
N ARG J 247 28.34 13.18 -67.52
CA ARG J 247 28.96 12.16 -66.67
C ARG J 247 28.30 12.15 -65.29
N ILE J 248 28.01 13.33 -64.78
CA ILE J 248 27.36 13.47 -63.48
C ILE J 248 25.97 12.83 -63.57
N LYS J 249 25.25 13.13 -64.65
CA LYS J 249 23.91 12.56 -64.85
C LYS J 249 23.99 11.04 -64.86
N ARG J 250 24.97 10.50 -65.58
CA ARG J 250 25.11 9.05 -65.63
C ARG J 250 25.32 8.48 -64.23
N TRP J 251 26.17 9.12 -63.44
CA TRP J 251 26.45 8.64 -62.09
C TRP J 251 25.19 8.68 -61.23
N CYS J 252 24.46 9.78 -61.32
CA CYS J 252 23.23 9.93 -60.55
C CYS J 252 22.15 8.94 -60.92
N ILE J 253 21.85 8.80 -62.21
CA ILE J 253 20.79 7.88 -62.60
C ILE J 253 21.14 6.42 -62.36
N MET J 254 22.43 6.13 -62.17
CA MET J 254 22.82 4.75 -61.90
C MET J 254 22.52 4.41 -60.43
N ARG J 255 22.13 5.42 -59.64
CA ARG J 255 21.82 5.19 -58.23
C ARG J 255 20.49 4.46 -58.01
N GLN J 256 19.61 4.45 -59.01
CA GLN J 256 18.32 3.79 -58.86
C GLN J 256 18.41 2.27 -59.00
N GLN J 257 17.95 1.57 -57.97
CA GLN J 257 17.95 0.11 -57.96
C GLN J 257 16.47 -0.31 -58.03
N ASN J 258 15.64 0.46 -57.34
CA ASN J 258 14.19 0.35 -57.26
C ASN J 258 13.96 1.71 -56.60
N GLY J 259 14.43 1.82 -55.37
CA GLY J 259 14.40 3.09 -54.68
C GLY J 259 15.82 3.55 -55.00
N TYR J 260 16.39 4.48 -54.26
CA TYR J 260 17.75 4.91 -54.53
C TYR J 260 18.72 4.68 -53.38
N HIS J 261 19.99 4.40 -53.71
CA HIS J 261 21.01 4.25 -52.68
C HIS J 261 21.92 5.48 -52.78
N GLY J 262 22.77 5.70 -51.80
CA GLY J 262 23.64 6.87 -51.83
C GLY J 262 25.00 6.66 -52.46
N ARG J 263 25.40 5.41 -52.63
CA ARG J 263 26.70 5.08 -53.20
C ARG J 263 26.62 3.74 -53.88
N PRO J 264 27.45 3.51 -54.90
CA PRO J 264 27.45 2.23 -55.60
C PRO J 264 27.59 1.08 -54.60
N ASN J 265 26.89 -0.02 -54.86
CA ASN J 265 26.95 -1.20 -54.02
C ASN J 265 26.48 -1.07 -52.57
N LYS J 266 25.65 -0.07 -52.31
CA LYS J 266 25.09 0.13 -50.97
C LYS J 266 23.57 -0.07 -51.07
N PRO J 267 22.92 -0.52 -49.98
CA PRO J 267 21.47 -0.71 -50.01
C PRO J 267 20.68 0.58 -50.16
N VAL J 268 19.53 0.52 -50.81
CA VAL J 268 18.71 1.71 -51.00
C VAL J 268 18.19 2.23 -49.67
N ASP J 269 17.87 3.51 -49.65
CA ASP J 269 17.39 4.19 -48.46
C ASP J 269 16.44 5.27 -48.96
N THR J 270 15.25 5.30 -48.40
CA THR J 270 14.22 6.26 -48.75
C THR J 270 14.67 7.70 -48.96
N CYS J 271 15.47 8.25 -48.05
CA CYS J 271 15.87 9.64 -48.21
C CYS J 271 16.60 9.96 -49.50
N TYR J 272 17.20 8.94 -50.15
CA TYR J 272 17.90 9.19 -51.39
C TYR J 272 16.97 9.42 -52.57
N SER J 273 15.69 9.09 -52.38
CA SER J 273 14.70 9.32 -53.41
C SER J 273 14.64 10.83 -53.56
N PHE J 274 15.07 11.56 -52.54
CA PHE J 274 15.11 13.01 -52.66
C PHE J 274 16.52 13.50 -53.00
N TRP J 275 17.51 13.12 -52.21
CA TRP J 275 18.88 13.56 -52.47
C TRP J 275 19.26 13.34 -53.93
N VAL J 276 19.15 12.10 -54.40
CA VAL J 276 19.48 11.78 -55.78
C VAL J 276 18.38 12.26 -56.73
N GLY J 277 17.13 11.95 -56.39
CA GLY J 277 16.01 12.36 -57.23
C GLY J 277 16.01 13.85 -57.52
N ALA J 278 16.19 14.66 -56.48
CA ALA J 278 16.20 16.10 -56.66
C ALA J 278 17.36 16.53 -57.56
N THR J 279 18.47 15.81 -57.46
CA THR J 279 19.64 16.13 -58.27
C THR J 279 19.25 15.84 -59.72
N LEU J 280 18.69 14.66 -59.94
CA LEU J 280 18.27 14.28 -61.28
C LEU J 280 17.28 15.31 -61.84
N LYS J 281 16.41 15.82 -60.97
CA LYS J 281 15.44 16.82 -61.39
C LYS J 281 16.15 18.09 -61.81
N LEU J 282 17.13 18.52 -61.03
CA LEU J 282 17.87 19.73 -61.36
C LEU J 282 18.66 19.54 -62.66
N LEU J 283 19.05 18.30 -62.95
CA LEU J 283 19.79 18.01 -64.17
C LEU J 283 18.83 17.71 -65.32
N LYS J 284 17.54 17.87 -65.07
CA LYS J 284 16.49 17.65 -66.05
C LYS J 284 16.34 16.25 -66.64
N ILE J 285 16.68 15.22 -65.89
CA ILE J 285 16.51 13.87 -66.41
C ILE J 285 15.80 12.95 -65.43
N PHE J 286 15.19 13.54 -64.40
CA PHE J 286 14.47 12.71 -63.44
C PHE J 286 13.33 12.04 -64.18
N GLN J 287 12.83 12.76 -65.19
CA GLN J 287 11.74 12.29 -66.03
C GLN J 287 12.05 10.96 -66.70
N TYR J 288 13.33 10.60 -66.81
CA TYR J 288 13.69 9.35 -67.47
C TYR J 288 13.90 8.20 -66.51
N THR J 289 13.65 8.42 -65.23
CA THR J 289 13.81 7.38 -64.23
C THR J 289 12.54 6.54 -64.16
N ASN J 290 12.60 5.41 -63.48
CA ASN J 290 11.44 4.53 -63.33
C ASN J 290 10.63 5.00 -62.11
N PHE J 291 9.49 5.66 -62.34
CA PHE J 291 8.64 6.16 -61.26
C PHE J 291 8.00 5.10 -60.38
N GLU J 292 7.40 4.10 -60.99
CA GLU J 292 6.70 3.06 -60.26
C GLU J 292 7.56 2.35 -59.21
N LYS J 293 8.73 1.87 -59.61
CA LYS J 293 9.59 1.17 -58.67
C LYS J 293 10.05 2.07 -57.51
N ASN J 294 10.28 3.35 -57.82
CA ASN J 294 10.70 4.30 -56.80
C ASN J 294 9.55 4.52 -55.82
N ARG J 295 8.36 4.79 -56.36
CA ARG J 295 7.16 5.01 -55.55
C ARG J 295 6.85 3.77 -54.72
N ASN J 296 6.93 2.60 -55.33
CA ASN J 296 6.65 1.37 -54.61
C ASN J 296 7.61 1.21 -53.44
N TYR J 297 8.90 1.50 -53.67
CA TYR J 297 9.87 1.37 -52.60
C TYR J 297 9.58 2.32 -51.44
N ILE J 298 9.42 3.60 -51.77
CA ILE J 298 9.13 4.60 -50.74
C ILE J 298 7.93 4.19 -49.88
N LEU J 299 6.84 3.80 -50.52
CA LEU J 299 5.65 3.41 -49.79
C LEU J 299 5.89 2.16 -48.95
N SER J 300 6.80 1.31 -49.38
CA SER J 300 7.07 0.10 -48.60
C SER J 300 7.76 0.44 -47.29
N THR J 301 8.20 1.69 -47.12
CA THR J 301 8.86 2.10 -45.87
C THR J 301 7.93 2.95 -45.04
N GLN J 302 6.69 3.07 -45.50
CA GLN J 302 5.66 3.85 -44.82
C GLN J 302 5.22 3.12 -43.55
N ASP J 303 5.09 3.84 -42.45
CA ASP J 303 4.61 3.20 -41.22
C ASP J 303 3.11 3.45 -41.17
N ARG J 304 2.33 2.43 -41.52
CA ARG J 304 0.88 2.54 -41.57
C ARG J 304 0.22 2.75 -40.21
N LEU J 305 0.95 2.48 -39.13
CA LEU J 305 0.40 2.63 -37.79
C LEU J 305 0.69 4.00 -37.18
N VAL J 306 1.95 4.39 -37.10
CA VAL J 306 2.29 5.67 -36.51
C VAL J 306 2.49 6.79 -37.53
N GLY J 307 2.54 6.42 -38.81
CA GLY J 307 2.75 7.43 -39.84
C GLY J 307 4.23 7.66 -40.08
N GLY J 308 4.55 8.53 -41.04
CA GLY J 308 5.93 8.81 -41.37
C GLY J 308 6.55 7.70 -42.20
N PHE J 309 7.83 7.86 -42.56
CA PHE J 309 8.55 6.86 -43.35
C PHE J 309 9.87 6.51 -42.66
N ALA J 310 10.40 5.34 -42.99
CA ALA J 310 11.66 4.87 -42.43
C ALA J 310 12.66 4.78 -43.59
N LYS J 311 13.93 4.51 -43.28
CA LYS J 311 14.90 4.40 -44.36
C LYS J 311 14.66 3.10 -45.10
N TRP J 312 14.25 2.07 -44.36
CA TRP J 312 13.99 0.75 -44.94
C TRP J 312 12.63 0.24 -44.52
N PRO J 313 12.07 -0.72 -45.27
CA PRO J 313 10.76 -1.25 -44.89
C PRO J 313 10.85 -2.00 -43.55
N ASP J 314 9.75 -2.01 -42.80
CA ASP J 314 9.72 -2.70 -41.51
C ASP J 314 10.86 -2.17 -40.63
N SER J 315 11.01 -0.85 -40.62
CA SER J 315 12.03 -0.18 -39.84
C SER J 315 11.32 1.01 -39.19
N HIS J 316 11.83 1.51 -38.08
CA HIS J 316 11.16 2.62 -37.40
C HIS J 316 11.28 3.95 -38.12
N PRO J 317 10.16 4.67 -38.26
CA PRO J 317 10.13 5.97 -38.94
C PRO J 317 10.71 7.10 -38.11
N ASP J 318 11.14 8.16 -38.79
CA ASP J 318 11.69 9.33 -38.12
C ASP J 318 11.34 10.56 -38.95
N ALA J 319 11.50 11.73 -38.36
CA ALA J 319 11.17 12.98 -39.05
C ALA J 319 11.93 13.19 -40.36
N LEU J 320 13.21 12.85 -40.38
CA LEU J 320 14.03 13.02 -41.58
C LEU J 320 13.52 12.20 -42.76
N HIS J 321 13.31 10.90 -42.56
CA HIS J 321 12.84 10.07 -43.65
C HIS J 321 11.36 10.30 -44.01
N ALA J 322 10.59 10.78 -43.03
CA ALA J 322 9.19 11.07 -43.29
C ALA J 322 9.18 12.25 -44.28
N TYR J 323 9.97 13.27 -43.97
CA TYR J 323 10.03 14.44 -44.82
C TYR J 323 10.62 14.17 -46.20
N PHE J 324 11.76 13.49 -46.25
CA PHE J 324 12.37 13.21 -47.55
C PHE J 324 11.61 12.16 -48.35
N GLY J 325 10.91 11.27 -47.67
CA GLY J 325 10.13 10.28 -48.38
C GLY J 325 8.99 11.03 -49.09
N ILE J 326 8.41 11.99 -48.38
CA ILE J 326 7.32 12.77 -48.94
C ILE J 326 7.85 13.63 -50.10
N CYS J 327 9.01 14.25 -49.92
CA CYS J 327 9.58 15.05 -51.00
C CYS J 327 9.91 14.16 -52.20
N GLY J 328 10.32 12.92 -51.93
CA GLY J 328 10.65 12.00 -53.00
C GLY J 328 9.41 11.73 -53.83
N LEU J 329 8.29 11.53 -53.13
CA LEU J 329 7.00 11.28 -53.77
C LEU J 329 6.61 12.52 -54.58
N SER J 330 6.84 13.69 -53.99
CA SER J 330 6.51 14.94 -54.63
C SER J 330 7.17 15.10 -55.99
N LEU J 331 8.39 14.60 -56.14
CA LEU J 331 9.12 14.70 -57.41
C LEU J 331 8.40 13.99 -58.56
N MET J 332 7.66 12.95 -58.22
CA MET J 332 6.93 12.20 -59.23
C MET J 332 5.49 12.67 -59.25
N GLU J 333 5.25 13.82 -58.62
CA GLU J 333 3.92 14.40 -58.52
C GLU J 333 2.88 13.40 -58.02
N GLU J 334 2.96 13.12 -56.71
CA GLU J 334 2.04 12.21 -56.06
C GLU J 334 0.79 13.00 -55.74
N SER J 335 -0.36 12.38 -55.97
CA SER J 335 -1.62 13.04 -55.69
C SER J 335 -1.72 13.46 -54.23
N GLY J 336 -1.92 14.75 -53.97
CA GLY J 336 -2.06 15.21 -52.60
C GLY J 336 -0.82 15.85 -51.98
N ILE J 337 0.30 15.80 -52.70
CA ILE J 337 1.54 16.39 -52.20
C ILE J 337 1.99 17.53 -53.10
N CYS J 338 2.18 18.71 -52.51
CA CYS J 338 2.63 19.89 -53.26
C CYS J 338 3.94 19.64 -54.00
N LYS J 339 4.24 20.50 -54.96
CA LYS J 339 5.46 20.41 -55.75
C LYS J 339 6.58 21.01 -54.92
N VAL J 340 7.72 20.33 -54.89
CA VAL J 340 8.84 20.84 -54.10
C VAL J 340 9.91 21.49 -54.97
N HIS J 341 10.51 22.54 -54.44
CA HIS J 341 11.59 23.22 -55.14
C HIS J 341 12.84 22.38 -54.85
N PRO J 342 13.30 21.57 -55.83
CA PRO J 342 14.47 20.69 -55.69
C PRO J 342 15.81 21.29 -55.24
N ALA J 343 16.02 22.58 -55.42
CA ALA J 343 17.28 23.17 -55.01
C ALA J 343 17.21 23.82 -53.65
N LEU J 344 16.06 24.43 -53.35
CA LEU J 344 15.88 25.12 -52.08
C LEU J 344 15.30 24.20 -51.00
N ASN J 345 14.76 23.06 -51.41
CA ASN J 345 14.21 22.09 -50.48
C ASN J 345 13.02 22.63 -49.67
N VAL J 346 12.10 23.29 -50.38
CA VAL J 346 10.87 23.83 -49.79
C VAL J 346 9.80 23.66 -50.87
N SER J 347 8.54 23.90 -50.50
CA SER J 347 7.44 23.78 -51.47
C SER J 347 7.53 24.93 -52.46
N THR J 348 7.13 24.68 -53.70
CA THR J 348 7.16 25.71 -54.74
C THR J 348 6.34 26.89 -54.22
N ARG J 349 5.27 26.57 -53.50
CA ARG J 349 4.42 27.57 -52.90
C ARG J 349 5.30 28.50 -52.08
N THR J 350 6.07 27.91 -51.16
CA THR J 350 6.96 28.66 -50.29
C THR J 350 8.07 29.40 -51.04
N SER J 351 8.60 28.81 -52.11
CA SER J 351 9.66 29.48 -52.84
C SER J 351 9.09 30.73 -53.50
N GLU J 352 7.89 30.62 -54.06
CA GLU J 352 7.24 31.76 -54.70
C GLU J 352 6.93 32.81 -53.65
N ARG J 353 6.55 32.36 -52.46
CA ARG J 353 6.25 33.27 -51.37
C ARG J 353 7.54 34.02 -51.04
N LEU J 354 8.68 33.36 -51.29
CA LEU J 354 9.99 33.95 -51.05
C LEU J 354 10.30 34.94 -52.16
N ARG J 355 9.93 34.57 -53.39
CA ARG J 355 10.15 35.44 -54.55
C ARG J 355 9.52 36.79 -54.27
N ASP J 356 8.24 36.80 -53.89
CA ASP J 356 7.53 38.04 -53.60
C ASP J 356 8.27 38.80 -52.51
N LEU J 357 8.59 38.10 -51.43
CA LEU J 357 9.30 38.70 -50.31
C LEU J 357 10.57 39.41 -50.77
N HIS J 358 11.18 38.89 -51.84
CA HIS J 358 12.39 39.50 -52.39
C HIS J 358 12.01 40.74 -53.17
N GLN J 359 10.85 40.68 -53.84
CA GLN J 359 10.34 41.81 -54.60
C GLN J 359 10.20 43.01 -53.69
N SER J 360 9.30 42.89 -52.72
CA SER J 360 9.07 43.97 -51.77
C SER J 360 10.38 44.54 -51.27
N TRP J 361 11.39 43.69 -51.14
CA TRP J 361 12.69 44.13 -50.66
C TRP J 361 13.36 45.10 -51.65
N LYS J 362 13.20 44.81 -52.94
CA LYS J 362 13.78 45.64 -54.00
C LYS J 362 13.07 46.98 -54.12
N THR J 363 13.10 47.75 -53.03
CA THR J 363 12.48 49.07 -52.97
C THR J 363 13.21 49.95 -51.98
N PHE K 55 -52.17 0.24 69.39
CA PHE K 55 -52.80 1.19 70.36
C PHE K 55 -51.83 2.06 71.17
N LEU K 56 -51.36 1.54 72.30
CA LEU K 56 -50.45 2.26 73.19
C LEU K 56 -48.99 2.24 72.77
N SER K 57 -48.54 3.34 72.16
CA SER K 57 -47.18 3.49 71.67
C SER K 57 -46.07 3.27 72.70
N LEU K 58 -44.98 2.65 72.26
CA LEU K 58 -43.85 2.37 73.13
C LEU K 58 -43.19 3.64 73.66
N ASP K 59 -43.36 4.73 72.93
CA ASP K 59 -42.77 6.01 73.32
C ASP K 59 -43.79 6.99 73.89
N SER K 60 -45.00 6.51 74.12
CA SER K 60 -46.07 7.33 74.68
C SER K 60 -45.81 7.75 76.14
N PRO K 61 -46.19 8.98 76.51
CA PRO K 61 -45.97 9.45 77.89
C PRO K 61 -46.67 8.56 78.90
N THR K 62 -47.76 7.94 78.45
CA THR K 62 -48.52 7.06 79.34
C THR K 62 -48.26 5.59 79.14
N TYR K 63 -47.23 5.24 78.39
CA TYR K 63 -46.96 3.82 78.16
C TYR K 63 -46.87 3.07 79.48
N VAL K 64 -47.29 1.81 79.47
CA VAL K 64 -47.25 1.01 80.68
C VAL K 64 -46.66 -0.38 80.39
N LEU K 65 -45.68 -0.79 81.18
CA LEU K 65 -45.06 -2.09 80.98
C LEU K 65 -46.18 -3.11 81.00
N TYR K 66 -45.98 -4.22 80.29
CA TYR K 66 -46.99 -5.26 80.26
C TYR K 66 -47.14 -5.88 81.63
N ARG K 67 -46.07 -5.86 82.40
CA ARG K 67 -46.14 -6.45 83.73
C ARG K 67 -47.06 -5.66 84.66
N ASP K 68 -47.39 -4.43 84.29
CA ASP K 68 -48.27 -3.59 85.12
C ASP K 68 -49.62 -3.37 84.47
N ARG K 69 -49.94 -4.13 83.43
CA ARG K 69 -51.24 -3.97 82.77
C ARG K 69 -52.19 -5.02 83.34
N ALA K 70 -53.39 -4.57 83.69
CA ALA K 70 -54.41 -5.45 84.26
C ALA K 70 -54.86 -6.55 83.30
N GLU K 71 -55.05 -6.21 82.02
CA GLU K 71 -55.47 -7.21 81.05
C GLU K 71 -54.45 -8.33 80.87
N TRP K 72 -53.24 -8.15 81.40
CA TRP K 72 -52.22 -9.17 81.27
C TRP K 72 -51.87 -9.85 82.58
N ALA K 73 -52.57 -9.46 83.64
CA ALA K 73 -52.33 -10.02 84.97
C ALA K 73 -52.38 -11.53 85.07
N ASP K 74 -53.20 -12.17 84.24
CA ASP K 74 -53.33 -13.62 84.28
C ASP K 74 -52.19 -14.37 83.63
N ILE K 75 -51.33 -13.65 82.92
CA ILE K 75 -50.21 -14.27 82.24
C ILE K 75 -48.89 -14.17 82.98
N ASP K 76 -48.15 -15.27 83.02
CA ASP K 76 -46.84 -15.26 83.66
C ASP K 76 -45.78 -15.10 82.59
N PRO K 77 -45.05 -13.97 82.62
CA PRO K 77 -44.00 -13.73 81.63
C PRO K 77 -42.93 -14.84 81.63
N VAL K 78 -42.41 -15.16 80.46
CA VAL K 78 -41.38 -16.19 80.31
C VAL K 78 -40.05 -15.51 79.97
N PRO K 79 -39.06 -15.58 80.88
CA PRO K 79 -37.76 -14.96 80.63
C PRO K 79 -36.90 -15.80 79.74
N GLN K 80 -35.88 -15.16 79.17
CA GLN K 80 -34.94 -15.82 78.31
C GLN K 80 -33.74 -16.20 79.18
N ASN K 81 -33.23 -17.41 79.03
CA ASN K 81 -32.05 -17.81 79.83
C ASN K 81 -30.96 -18.43 78.98
N ASP K 82 -29.80 -17.78 78.96
CA ASP K 82 -28.66 -18.23 78.21
C ASP K 82 -27.73 -19.13 79.03
N GLY K 83 -28.21 -19.61 80.17
CA GLY K 83 -27.39 -20.48 80.99
C GLY K 83 -26.29 -19.76 81.75
N PRO K 84 -25.43 -20.52 82.44
CA PRO K 84 -24.32 -19.99 83.23
C PRO K 84 -23.37 -19.03 82.54
N SER K 85 -22.93 -19.36 81.32
CA SER K 85 -21.98 -18.51 80.60
C SER K 85 -22.51 -18.12 79.22
N PRO K 86 -23.30 -17.03 79.15
CA PRO K 86 -23.87 -16.56 77.88
C PRO K 86 -22.85 -16.05 76.86
N VAL K 87 -23.09 -16.39 75.59
CA VAL K 87 -22.22 -15.98 74.49
C VAL K 87 -22.95 -14.93 73.63
N VAL K 88 -22.21 -13.94 73.12
CA VAL K 88 -22.77 -12.86 72.29
C VAL K 88 -24.10 -12.39 72.85
N GLN K 89 -24.12 -12.15 74.15
CA GLN K 89 -25.32 -11.72 74.83
C GLN K 89 -25.63 -10.25 74.60
N ILE K 90 -26.83 -10.00 74.10
CA ILE K 90 -27.25 -8.64 73.83
C ILE K 90 -27.93 -8.08 75.07
N ILE K 91 -27.55 -6.88 75.47
CA ILE K 91 -28.17 -6.26 76.65
C ILE K 91 -29.47 -5.57 76.23
N TYR K 92 -30.53 -5.85 76.97
CA TYR K 92 -31.83 -5.29 76.65
C TYR K 92 -32.35 -4.32 77.70
N SER K 93 -33.02 -3.27 77.23
CA SER K 93 -33.60 -2.27 78.11
C SER K 93 -34.79 -2.93 78.81
N GLU K 94 -35.23 -2.32 79.91
CA GLU K 94 -36.35 -2.84 80.67
C GLU K 94 -37.59 -2.98 79.80
N LYS K 95 -37.84 -1.94 78.99
CA LYS K 95 -38.98 -1.92 78.10
C LYS K 95 -38.92 -3.06 77.07
N PHE K 96 -37.75 -3.26 76.48
CA PHE K 96 -37.55 -4.29 75.46
C PHE K 96 -37.79 -5.67 76.07
N ARG K 97 -37.11 -5.95 77.17
CA ARG K 97 -37.23 -7.24 77.84
C ARG K 97 -38.66 -7.52 78.29
N ASP K 98 -39.36 -6.46 78.69
CA ASP K 98 -40.75 -6.61 79.14
C ASP K 98 -41.66 -7.07 78.00
N VAL K 99 -41.55 -6.43 76.83
CA VAL K 99 -42.36 -6.83 75.69
C VAL K 99 -42.07 -8.29 75.32
N TYR K 100 -40.80 -8.64 75.21
CA TYR K 100 -40.46 -10.01 74.82
C TYR K 100 -40.71 -11.08 75.87
N ASP K 101 -40.72 -10.69 77.15
CA ASP K 101 -40.98 -11.68 78.19
C ASP K 101 -42.44 -12.10 78.07
N TYR K 102 -43.29 -11.17 77.62
CA TYR K 102 -44.70 -11.50 77.44
C TYR K 102 -44.94 -12.15 76.08
N PHE K 103 -44.13 -11.79 75.09
CA PHE K 103 -44.26 -12.42 73.77
C PHE K 103 -43.98 -13.91 73.94
N ARG K 104 -42.92 -14.25 74.67
CA ARG K 104 -42.57 -15.65 74.90
C ARG K 104 -43.71 -16.40 75.59
N ALA K 105 -44.35 -15.72 76.53
CA ALA K 105 -45.45 -16.32 77.27
C ALA K 105 -46.60 -16.65 76.32
N VAL K 106 -47.04 -15.66 75.56
CA VAL K 106 -48.12 -15.87 74.60
C VAL K 106 -47.75 -16.92 73.54
N LEU K 107 -46.51 -16.88 73.07
CA LEU K 107 -46.04 -17.83 72.06
C LEU K 107 -46.06 -19.26 72.61
N GLN K 108 -45.51 -19.43 73.80
CA GLN K 108 -45.44 -20.73 74.44
C GLN K 108 -46.81 -21.36 74.63
N ARG K 109 -47.84 -20.55 74.79
CA ARG K 109 -49.18 -21.04 74.99
C ARG K 109 -50.00 -20.99 73.72
N ASP K 110 -49.37 -20.56 72.63
CA ASP K 110 -50.05 -20.46 71.35
C ASP K 110 -51.41 -19.77 71.52
N GLU K 111 -51.44 -18.72 72.32
CA GLU K 111 -52.67 -17.99 72.56
C GLU K 111 -53.08 -17.18 71.34
N ARG K 112 -54.18 -17.58 70.70
CA ARG K 112 -54.66 -16.86 69.52
C ARG K 112 -55.57 -15.71 69.90
N SER K 113 -55.08 -14.78 70.72
CA SER K 113 -55.90 -13.66 71.17
C SER K 113 -55.65 -12.34 70.46
N GLU K 114 -56.56 -11.40 70.68
CA GLU K 114 -56.43 -10.07 70.10
C GLU K 114 -55.33 -9.31 70.83
N ARG K 115 -55.13 -9.62 72.11
CA ARG K 115 -54.09 -8.94 72.85
C ARG K 115 -52.72 -9.41 72.38
N ALA K 116 -52.63 -10.67 71.99
CA ALA K 116 -51.38 -11.23 71.48
C ALA K 116 -51.08 -10.54 70.15
N PHE K 117 -52.10 -10.36 69.33
CA PHE K 117 -51.93 -9.72 68.03
C PHE K 117 -51.33 -8.32 68.21
N LYS K 118 -51.90 -7.55 69.15
CA LYS K 118 -51.38 -6.21 69.41
C LYS K 118 -49.96 -6.28 69.98
N LEU K 119 -49.66 -7.33 70.74
CA LEU K 119 -48.33 -7.50 71.30
C LEU K 119 -47.29 -7.69 70.20
N THR K 120 -47.63 -8.39 69.12
CA THR K 120 -46.69 -8.61 68.03
C THR K 120 -46.30 -7.31 67.39
N ARG K 121 -47.21 -6.34 67.37
CA ARG K 121 -46.91 -5.04 66.76
C ARG K 121 -45.75 -4.39 67.51
N ASP K 122 -45.74 -4.53 68.83
CA ASP K 122 -44.69 -3.96 69.66
C ASP K 122 -43.38 -4.74 69.48
N ALA K 123 -43.49 -6.07 69.48
CA ALA K 123 -42.33 -6.92 69.32
C ALA K 123 -41.64 -6.63 67.99
N ILE K 124 -42.44 -6.35 66.96
CA ILE K 124 -41.91 -6.05 65.65
C ILE K 124 -41.24 -4.68 65.63
N GLU K 125 -41.82 -3.72 66.33
CA GLU K 125 -41.23 -2.39 66.39
C GLU K 125 -39.85 -2.47 67.07
N LEU K 126 -39.73 -3.36 68.05
CA LEU K 126 -38.47 -3.55 68.75
C LEU K 126 -37.45 -4.33 67.91
N ASN K 127 -37.92 -5.29 67.14
CA ASN K 127 -37.04 -6.10 66.29
C ASN K 127 -37.77 -6.73 65.12
N ALA K 128 -37.77 -6.04 63.98
CA ALA K 128 -38.45 -6.52 62.80
C ALA K 128 -37.78 -7.71 62.13
N ALA K 129 -36.61 -8.11 62.64
CA ALA K 129 -35.89 -9.23 62.05
C ALA K 129 -36.20 -10.55 62.73
N ASN K 130 -37.08 -10.52 63.71
CA ASN K 130 -37.44 -11.76 64.40
C ASN K 130 -38.50 -12.52 63.56
N TYR K 131 -38.04 -13.45 62.73
CA TYR K 131 -38.95 -14.21 61.88
C TYR K 131 -40.04 -14.95 62.63
N THR K 132 -39.77 -15.40 63.86
CA THR K 132 -40.78 -16.12 64.63
C THR K 132 -41.95 -15.20 64.93
N VAL K 133 -41.66 -13.95 65.26
CA VAL K 133 -42.72 -13.01 65.55
C VAL K 133 -43.61 -12.84 64.34
N TRP K 134 -43.02 -12.70 63.16
CA TRP K 134 -43.80 -12.53 61.94
C TRP K 134 -44.66 -13.77 61.63
N HIS K 135 -44.11 -14.95 61.90
CA HIS K 135 -44.86 -16.16 61.65
C HIS K 135 -46.08 -16.19 62.56
N PHE K 136 -45.87 -15.96 63.85
CA PHE K 136 -46.96 -15.95 64.82
C PHE K 136 -48.00 -14.92 64.41
N ARG K 137 -47.54 -13.75 64.02
CA ARG K 137 -48.46 -12.70 63.60
C ARG K 137 -49.33 -13.21 62.43
N ARG K 138 -48.74 -14.02 61.55
CA ARG K 138 -49.51 -14.54 60.41
C ARG K 138 -50.52 -15.56 60.90
N VAL K 139 -50.13 -16.37 61.88
CA VAL K 139 -51.04 -17.34 62.45
C VAL K 139 -52.26 -16.59 62.98
N LEU K 140 -51.99 -15.53 63.74
CA LEU K 140 -53.05 -14.71 64.31
C LEU K 140 -53.91 -14.03 63.26
N LEU K 141 -53.29 -13.53 62.18
CA LEU K 141 -54.06 -12.86 61.13
C LEU K 141 -55.13 -13.83 60.63
N ARG K 142 -54.77 -15.10 60.55
CA ARG K 142 -55.72 -16.11 60.09
C ARG K 142 -56.75 -16.42 61.20
N SER K 143 -56.27 -16.86 62.35
CA SER K 143 -57.16 -17.19 63.47
C SER K 143 -58.21 -16.12 63.74
N LEU K 144 -57.78 -14.86 63.84
CA LEU K 144 -58.69 -13.77 64.12
C LEU K 144 -59.34 -13.22 62.87
N GLN K 145 -59.02 -13.79 61.71
CA GLN K 145 -59.59 -13.32 60.45
C GLN K 145 -59.52 -11.81 60.35
N LYS K 146 -58.31 -11.27 60.51
CA LYS K 146 -58.09 -9.82 60.44
C LYS K 146 -58.22 -9.29 59.02
N ASP K 147 -58.48 -8.00 58.89
CA ASP K 147 -58.61 -7.38 57.58
C ASP K 147 -57.21 -7.34 56.93
N LEU K 148 -57.01 -8.15 55.91
CA LEU K 148 -55.72 -8.21 55.24
C LEU K 148 -55.36 -6.95 54.48
N GLN K 149 -56.36 -6.18 54.09
CA GLN K 149 -56.10 -4.95 53.34
C GLN K 149 -55.43 -3.98 54.31
N GLU K 150 -55.75 -4.12 55.59
CA GLU K 150 -55.17 -3.27 56.61
C GLU K 150 -53.73 -3.70 56.87
N GLU K 151 -53.50 -5.01 56.85
CA GLU K 151 -52.16 -5.52 57.07
C GLU K 151 -51.25 -5.05 55.93
N MET K 152 -51.81 -4.93 54.73
CA MET K 152 -51.04 -4.46 53.59
C MET K 152 -50.53 -3.04 53.85
N ASN K 153 -51.36 -2.19 54.45
CA ASN K 153 -50.92 -0.83 54.73
C ASN K 153 -49.78 -0.89 55.74
N TYR K 154 -49.95 -1.74 56.75
CA TYR K 154 -48.95 -1.92 57.79
C TYR K 154 -47.60 -2.36 57.22
N ILE K 155 -47.58 -3.47 56.49
CA ILE K 155 -46.33 -3.96 55.92
C ILE K 155 -45.75 -2.97 54.92
N ILE K 156 -46.61 -2.20 54.25
CA ILE K 156 -46.12 -1.22 53.29
C ILE K 156 -45.26 -0.16 54.00
N ALA K 157 -45.70 0.26 55.18
CA ALA K 157 -44.96 1.26 55.96
C ALA K 157 -43.71 0.64 56.58
N ILE K 158 -43.83 -0.58 57.09
CA ILE K 158 -42.69 -1.27 57.69
C ILE K 158 -41.55 -1.43 56.68
N ILE K 159 -41.85 -1.88 55.47
CA ILE K 159 -40.85 -2.08 54.45
C ILE K 159 -40.15 -0.77 54.06
N GLU K 160 -40.91 0.31 53.99
CA GLU K 160 -40.30 1.59 53.63
C GLU K 160 -39.25 2.00 54.65
N GLU K 161 -39.44 1.61 55.90
CA GLU K 161 -38.50 1.94 56.96
C GLU K 161 -37.34 0.95 57.02
N GLN K 162 -37.57 -0.29 56.56
CA GLN K 162 -36.53 -1.31 56.59
C GLN K 162 -36.56 -2.12 55.31
N PRO K 163 -36.21 -1.47 54.21
CA PRO K 163 -36.20 -2.10 52.88
C PRO K 163 -35.20 -3.21 52.62
N LYS K 164 -34.28 -3.43 53.55
CA LYS K 164 -33.28 -4.48 53.34
C LYS K 164 -33.46 -5.65 54.30
N ASN K 165 -34.63 -5.74 54.92
CA ASN K 165 -34.94 -6.80 55.87
C ASN K 165 -35.63 -7.95 55.12
N TYR K 166 -35.16 -9.18 55.31
CA TYR K 166 -35.73 -10.34 54.62
C TYR K 166 -37.14 -10.71 55.08
N GLN K 167 -37.35 -10.67 56.38
CA GLN K 167 -38.64 -11.03 56.96
C GLN K 167 -39.83 -10.18 56.47
N VAL K 168 -39.64 -8.88 56.33
CA VAL K 168 -40.74 -8.02 55.89
C VAL K 168 -41.13 -8.25 54.43
N TRP K 169 -40.17 -8.57 53.58
CA TRP K 169 -40.52 -8.83 52.18
C TRP K 169 -41.23 -10.17 52.07
N HIS K 170 -40.82 -11.13 52.89
CA HIS K 170 -41.46 -12.44 52.88
C HIS K 170 -42.92 -12.29 53.34
N HIS K 171 -43.12 -11.49 54.37
CA HIS K 171 -44.46 -11.27 54.91
C HIS K 171 -45.36 -10.68 53.84
N ARG K 172 -44.87 -9.66 53.14
CA ARG K 172 -45.67 -9.02 52.09
C ARG K 172 -46.02 -10.02 50.99
N ARG K 173 -45.08 -10.89 50.65
CA ARG K 173 -45.34 -11.87 49.60
C ARG K 173 -46.45 -12.84 50.01
N VAL K 174 -46.41 -13.31 51.25
CA VAL K 174 -47.44 -14.21 51.73
C VAL K 174 -48.80 -13.51 51.64
N LEU K 175 -48.86 -12.24 52.06
CA LEU K 175 -50.11 -11.49 52.00
C LEU K 175 -50.67 -11.40 50.59
N VAL K 176 -49.82 -11.02 49.63
CA VAL K 176 -50.26 -10.90 48.26
C VAL K 176 -50.76 -12.25 47.75
N GLU K 177 -50.10 -13.33 48.17
CA GLU K 177 -50.56 -14.67 47.78
C GLU K 177 -51.96 -14.93 48.38
N TRP K 178 -52.15 -14.58 49.65
CA TRP K 178 -53.45 -14.75 50.32
C TRP K 178 -54.55 -13.97 49.63
N LEU K 179 -54.27 -12.72 49.30
CA LEU K 179 -55.25 -11.87 48.66
C LEU K 179 -55.40 -12.12 47.17
N LYS K 180 -54.43 -12.80 46.56
CA LYS K 180 -54.45 -13.02 45.12
C LYS K 180 -54.68 -11.66 44.45
N ASP K 181 -54.20 -10.60 45.09
CA ASP K 181 -54.35 -9.25 44.57
C ASP K 181 -52.99 -8.55 44.39
N PRO K 182 -52.53 -8.42 43.15
CA PRO K 182 -51.24 -7.76 42.91
C PRO K 182 -51.36 -6.31 42.47
N SER K 183 -52.56 -5.76 42.57
CA SER K 183 -52.84 -4.40 42.13
C SER K 183 -51.98 -3.28 42.69
N GLN K 184 -51.45 -3.43 43.89
CA GLN K 184 -50.61 -2.37 44.47
C GLN K 184 -49.12 -2.63 44.28
N GLU K 185 -48.76 -3.87 43.99
CA GLU K 185 -47.36 -4.25 43.87
C GLU K 185 -46.40 -3.46 42.97
N LEU K 186 -46.67 -3.36 41.68
CA LEU K 186 -45.75 -2.63 40.81
C LEU K 186 -45.48 -1.19 41.24
N GLU K 187 -46.50 -0.50 41.73
CA GLU K 187 -46.31 0.88 42.15
C GLU K 187 -45.51 0.95 43.45
N PHE K 188 -45.84 0.08 44.39
CA PHE K 188 -45.13 0.06 45.66
C PHE K 188 -43.63 -0.20 45.42
N ILE K 189 -43.33 -1.20 44.61
CA ILE K 189 -41.96 -1.53 44.30
C ILE K 189 -41.24 -0.36 43.62
N ALA K 190 -41.93 0.31 42.70
CA ALA K 190 -41.32 1.43 42.01
C ALA K 190 -40.91 2.50 43.02
N ASP K 191 -41.71 2.67 44.07
CA ASP K 191 -41.39 3.67 45.09
C ASP K 191 -40.14 3.24 45.86
N ILE K 192 -40.08 1.97 46.24
CA ILE K 192 -38.92 1.48 46.97
C ILE K 192 -37.69 1.63 46.06
N LEU K 193 -37.82 1.26 44.79
CA LEU K 193 -36.71 1.35 43.86
C LEU K 193 -36.32 2.81 43.66
N ASN K 194 -37.16 3.72 44.12
CA ASN K 194 -36.86 5.13 44.00
C ASN K 194 -35.85 5.53 45.06
N GLN K 195 -35.86 4.86 46.22
CA GLN K 195 -34.89 5.19 47.25
C GLN K 195 -33.60 4.39 47.02
N ASP K 196 -33.70 3.25 46.35
CA ASP K 196 -32.53 2.42 46.05
C ASP K 196 -32.84 1.56 44.82
N ALA K 197 -32.42 2.06 43.66
CA ALA K 197 -32.67 1.40 42.39
C ALA K 197 -32.03 0.03 42.20
N LYS K 198 -31.26 -0.42 43.18
CA LYS K 198 -30.60 -1.71 43.06
C LYS K 198 -30.96 -2.66 44.20
N ASN K 199 -31.96 -2.29 45.00
CA ASN K 199 -32.37 -3.12 46.11
C ASN K 199 -32.72 -4.51 45.61
N TYR K 200 -31.90 -5.49 45.94
CA TYR K 200 -32.13 -6.86 45.48
C TYR K 200 -33.51 -7.40 45.89
N HIS K 201 -33.94 -7.11 47.10
CA HIS K 201 -35.24 -7.60 47.58
C HIS K 201 -36.37 -7.07 46.70
N ALA K 202 -36.31 -5.79 46.36
CA ALA K 202 -37.32 -5.17 45.55
C ALA K 202 -37.42 -5.80 44.16
N TRP K 203 -36.29 -6.02 43.52
CA TRP K 203 -36.29 -6.63 42.21
C TRP K 203 -36.77 -8.08 42.28
N GLN K 204 -36.43 -8.77 43.35
CA GLN K 204 -36.86 -10.15 43.48
C GLN K 204 -38.38 -10.20 43.62
N HIS K 205 -38.92 -9.30 44.45
CA HIS K 205 -40.34 -9.25 44.66
C HIS K 205 -41.06 -8.88 43.36
N ARG K 206 -40.45 -7.95 42.62
CA ARG K 206 -41.04 -7.49 41.38
C ARG K 206 -41.12 -8.61 40.35
N GLN K 207 -40.08 -9.42 40.24
CA GLN K 207 -40.11 -10.54 39.29
C GLN K 207 -41.13 -11.57 39.71
N TRP K 208 -41.26 -11.80 41.02
CA TRP K 208 -42.23 -12.78 41.50
C TRP K 208 -43.64 -12.32 41.14
N VAL K 209 -43.95 -11.06 41.45
CA VAL K 209 -45.28 -10.54 41.15
C VAL K 209 -45.61 -10.64 39.68
N ILE K 210 -44.69 -10.17 38.84
CA ILE K 210 -44.92 -10.19 37.41
C ILE K 210 -45.14 -11.60 36.87
N GLN K 211 -44.33 -12.53 37.32
CA GLN K 211 -44.44 -13.90 36.85
C GLN K 211 -45.72 -14.58 37.37
N GLU K 212 -45.98 -14.42 38.66
CA GLU K 212 -47.14 -15.04 39.30
C GLU K 212 -48.49 -14.56 38.79
N PHE K 213 -48.60 -13.28 38.48
CA PHE K 213 -49.86 -12.74 38.01
C PHE K 213 -49.82 -12.30 36.55
N ARG K 214 -48.77 -12.73 35.85
CA ARG K 214 -48.60 -12.40 34.43
C ARG K 214 -48.82 -10.91 34.14
N LEU K 215 -48.00 -10.06 34.75
CA LEU K 215 -48.10 -8.61 34.54
C LEU K 215 -46.93 -8.12 33.69
N TRP K 216 -46.77 -8.72 32.51
CA TRP K 216 -45.68 -8.36 31.60
C TRP K 216 -45.90 -7.12 30.75
N ASP K 217 -47.16 -6.81 30.48
CA ASP K 217 -47.54 -5.70 29.62
C ASP K 217 -46.75 -4.39 29.64
N ASN K 218 -46.43 -3.88 30.83
CA ASN K 218 -45.72 -2.61 30.89
C ASN K 218 -44.28 -2.62 31.41
N GLU K 219 -43.76 -3.80 31.74
CA GLU K 219 -42.42 -3.85 32.29
C GLU K 219 -41.31 -3.41 31.33
N LEU K 220 -41.39 -3.78 30.05
CA LEU K 220 -40.34 -3.37 29.12
C LEU K 220 -40.24 -1.85 29.03
N GLN K 221 -41.37 -1.18 29.19
CA GLN K 221 -41.41 0.27 29.15
C GLN K 221 -40.82 0.83 30.44
N TYR K 222 -41.07 0.13 31.56
CA TYR K 222 -40.54 0.55 32.85
C TYR K 222 -39.02 0.43 32.81
N VAL K 223 -38.54 -0.66 32.21
CA VAL K 223 -37.12 -0.90 32.06
C VAL K 223 -36.49 0.20 31.22
N ASP K 224 -37.14 0.58 30.12
CA ASP K 224 -36.63 1.63 29.25
C ASP K 224 -36.49 2.95 29.98
N GLN K 225 -37.46 3.23 30.85
CA GLN K 225 -37.45 4.47 31.62
C GLN K 225 -36.30 4.50 32.64
N LEU K 226 -36.09 3.40 33.34
CA LEU K 226 -35.01 3.35 34.32
C LEU K 226 -33.63 3.37 33.69
N LEU K 227 -33.48 2.77 32.51
CA LEU K 227 -32.19 2.78 31.86
C LEU K 227 -31.83 4.20 31.43
N LYS K 228 -32.84 5.04 31.20
CA LYS K 228 -32.58 6.42 30.82
C LYS K 228 -32.09 7.16 32.06
N GLU K 229 -32.60 6.79 33.23
CA GLU K 229 -32.18 7.44 34.47
C GLU K 229 -30.76 7.05 34.90
N ASP K 230 -30.35 5.84 34.54
CA ASP K 230 -29.01 5.36 34.88
C ASP K 230 -28.70 4.11 34.05
N VAL K 231 -28.08 4.33 32.90
CA VAL K 231 -27.77 3.25 31.98
C VAL K 231 -26.79 2.24 32.58
N ARG K 232 -26.22 2.57 33.74
CA ARG K 232 -25.27 1.68 34.38
C ARG K 232 -25.91 0.75 35.44
N ASN K 233 -27.21 0.90 35.68
CA ASN K 233 -27.87 0.05 36.67
C ASN K 233 -27.96 -1.40 36.17
N ASN K 234 -27.08 -2.26 36.67
CA ASN K 234 -27.04 -3.66 36.26
C ASN K 234 -28.37 -4.40 36.52
N SER K 235 -29.11 -3.98 37.53
CA SER K 235 -30.38 -4.60 37.88
C SER K 235 -31.43 -4.42 36.79
N VAL K 236 -31.42 -3.24 36.18
CA VAL K 236 -32.38 -2.93 35.13
C VAL K 236 -32.07 -3.70 33.86
N TRP K 237 -30.80 -3.86 33.54
CA TRP K 237 -30.45 -4.64 32.37
C TRP K 237 -30.91 -6.08 32.59
N ASN K 238 -30.82 -6.55 33.84
CA ASN K 238 -31.24 -7.91 34.11
C ASN K 238 -32.76 -8.01 33.93
N GLN K 239 -33.47 -6.98 34.36
CA GLN K 239 -34.91 -6.98 34.24
C GLN K 239 -35.31 -7.02 32.77
N ARG K 240 -34.58 -6.28 31.94
CA ARG K 240 -34.88 -6.24 30.52
C ARG K 240 -34.80 -7.65 29.93
N HIS K 241 -33.74 -8.38 30.26
CA HIS K 241 -33.61 -9.74 29.75
C HIS K 241 -34.71 -10.65 30.32
N PHE K 242 -35.10 -10.36 31.55
CA PHE K 242 -36.15 -11.11 32.23
C PHE K 242 -37.49 -10.97 31.47
N VAL K 243 -37.84 -9.73 31.16
CA VAL K 243 -39.06 -9.44 30.45
C VAL K 243 -39.10 -10.08 29.06
N ILE K 244 -38.08 -9.77 28.26
CA ILE K 244 -38.02 -10.29 26.91
C ILE K 244 -37.98 -11.80 26.80
N SER K 245 -37.10 -12.45 27.55
CA SER K 245 -37.02 -13.90 27.44
C SER K 245 -38.27 -14.61 27.94
N ASN K 246 -39.11 -13.89 28.70
CA ASN K 246 -40.33 -14.49 29.21
C ASN K 246 -41.55 -14.10 28.41
N THR K 247 -41.37 -13.24 27.41
CA THR K 247 -42.49 -12.84 26.58
C THR K 247 -42.19 -13.33 25.16
N THR K 248 -41.64 -12.47 24.32
CA THR K 248 -41.32 -12.84 22.95
C THR K 248 -40.17 -13.84 22.82
N GLY K 249 -39.17 -13.72 23.67
CA GLY K 249 -38.02 -14.61 23.55
C GLY K 249 -37.06 -13.91 22.60
N TYR K 250 -35.92 -14.51 22.31
CA TYR K 250 -34.95 -13.87 21.41
C TYR K 250 -34.78 -14.61 20.07
N SER K 251 -35.55 -15.66 19.86
CA SER K 251 -35.43 -16.42 18.62
C SER K 251 -35.99 -15.67 17.41
N ASP K 252 -36.81 -14.66 17.67
CA ASP K 252 -37.36 -13.87 16.58
C ASP K 252 -36.28 -12.88 16.14
N ARG K 253 -35.68 -13.15 14.98
CA ARG K 253 -34.63 -12.31 14.45
C ARG K 253 -34.93 -10.81 14.51
N ALA K 254 -36.20 -10.45 14.45
CA ALA K 254 -36.56 -9.04 14.51
C ALA K 254 -36.34 -8.52 15.93
N VAL K 255 -36.60 -9.38 16.92
CA VAL K 255 -36.43 -8.98 18.30
C VAL K 255 -34.94 -8.89 18.60
N LEU K 256 -34.20 -9.92 18.21
CA LEU K 256 -32.76 -9.96 18.44
C LEU K 256 -32.11 -8.70 17.85
N GLU K 257 -32.52 -8.34 16.64
CA GLU K 257 -31.95 -7.18 15.99
C GLU K 257 -32.29 -5.90 16.73
N ARG K 258 -33.54 -5.80 17.17
CA ARG K 258 -33.96 -4.61 17.91
C ARG K 258 -33.12 -4.48 19.17
N GLU K 259 -32.93 -5.59 19.87
CA GLU K 259 -32.16 -5.59 21.11
C GLU K 259 -30.69 -5.31 20.90
N VAL K 260 -30.07 -5.97 19.93
CA VAL K 260 -28.67 -5.72 19.65
C VAL K 260 -28.46 -4.25 19.29
N GLN K 261 -29.35 -3.74 18.46
CA GLN K 261 -29.28 -2.34 18.04
C GLN K 261 -29.44 -1.41 19.23
N TYR K 262 -30.40 -1.72 20.09
CA TYR K 262 -30.67 -0.91 21.27
C TYR K 262 -29.46 -0.83 22.18
N THR K 263 -28.82 -1.98 22.39
CA THR K 263 -27.66 -2.06 23.25
C THR K 263 -26.48 -1.28 22.68
N LEU K 264 -26.23 -1.42 21.38
CA LEU K 264 -25.14 -0.67 20.75
C LEU K 264 -25.37 0.83 20.92
N GLU K 265 -26.63 1.27 20.84
CA GLU K 265 -26.92 2.69 21.01
C GLU K 265 -26.54 3.09 22.43
N MET K 266 -26.87 2.24 23.41
CA MET K 266 -26.57 2.54 24.80
C MET K 266 -25.06 2.54 25.03
N ILE K 267 -24.37 1.61 24.39
CA ILE K 267 -22.93 1.53 24.51
C ILE K 267 -22.31 2.80 23.94
N LYS K 268 -22.84 3.30 22.83
CA LYS K 268 -22.32 4.52 22.23
C LYS K 268 -22.47 5.69 23.19
N LEU K 269 -23.56 5.72 23.97
CA LEU K 269 -23.77 6.81 24.91
C LEU K 269 -22.79 6.76 26.07
N VAL K 270 -22.54 5.57 26.59
CA VAL K 270 -21.62 5.37 27.71
C VAL K 270 -20.86 4.08 27.43
N PRO K 271 -19.80 4.16 26.60
CA PRO K 271 -18.98 3.00 26.23
C PRO K 271 -18.37 2.18 27.37
N HIS K 272 -18.07 2.82 28.50
CA HIS K 272 -17.51 2.07 29.62
C HIS K 272 -18.63 1.63 30.56
N ASN K 273 -19.36 0.60 30.16
CA ASN K 273 -20.48 0.10 30.94
C ASN K 273 -20.54 -1.42 30.81
N GLU K 274 -20.03 -2.12 31.81
CA GLU K 274 -20.02 -3.57 31.78
C GLU K 274 -21.41 -4.19 31.55
N SER K 275 -22.42 -3.63 32.20
CA SER K 275 -23.79 -4.14 32.10
C SER K 275 -24.28 -4.20 30.66
N ALA K 276 -24.12 -3.11 29.92
CA ALA K 276 -24.54 -3.09 28.52
C ALA K 276 -23.81 -4.18 27.74
N TRP K 277 -22.49 -4.24 27.90
CA TRP K 277 -21.70 -5.23 27.18
C TRP K 277 -22.06 -6.65 27.57
N ASN K 278 -22.37 -6.88 28.84
CA ASN K 278 -22.73 -8.23 29.26
C ASN K 278 -24.04 -8.67 28.64
N TYR K 279 -24.95 -7.71 28.47
CA TYR K 279 -26.25 -8.00 27.88
C TYR K 279 -26.05 -8.37 26.42
N LEU K 280 -25.30 -7.53 25.71
CA LEU K 280 -25.02 -7.78 24.29
C LEU K 280 -24.43 -9.16 24.09
N LYS K 281 -23.44 -9.51 24.90
CA LYS K 281 -22.80 -10.81 24.76
C LYS K 281 -23.76 -11.91 25.21
N GLY K 282 -24.56 -11.61 26.23
CA GLY K 282 -25.48 -12.58 26.77
C GLY K 282 -26.52 -13.07 25.79
N ILE K 283 -27.10 -12.16 25.02
CA ILE K 283 -28.12 -12.56 24.05
C ILE K 283 -27.54 -13.12 22.74
N LEU K 284 -26.22 -13.13 22.59
CA LEU K 284 -25.63 -13.68 21.37
C LEU K 284 -24.70 -14.86 21.57
N GLN K 285 -24.08 -14.95 22.75
CA GLN K 285 -23.12 -16.02 23.00
C GLN K 285 -23.56 -17.43 22.68
N ASP K 286 -24.83 -17.75 22.92
CA ASP K 286 -25.26 -19.10 22.64
C ASP K 286 -25.67 -19.33 21.20
N ARG K 287 -25.92 -18.24 20.47
CA ARG K 287 -26.27 -18.38 19.06
C ARG K 287 -24.94 -18.56 18.32
N GLY K 288 -23.87 -18.05 18.91
CA GLY K 288 -22.55 -18.17 18.30
C GLY K 288 -22.10 -16.78 17.86
N LEU K 289 -21.18 -16.17 18.60
CA LEU K 289 -20.72 -14.83 18.27
C LEU K 289 -20.12 -14.70 16.87
N SER K 290 -19.47 -15.75 16.38
CA SER K 290 -18.85 -15.68 15.08
C SER K 290 -19.84 -15.74 13.92
N ARG K 291 -21.12 -15.96 14.22
CA ARG K 291 -22.12 -16.03 13.16
C ARG K 291 -22.65 -14.67 12.74
N TYR K 292 -22.14 -13.60 13.36
CA TYR K 292 -22.61 -12.26 13.04
C TYR K 292 -21.51 -11.36 12.50
N PRO K 293 -21.13 -11.56 11.23
CA PRO K 293 -20.09 -10.82 10.53
C PRO K 293 -20.15 -9.30 10.61
N ASN K 294 -21.34 -8.74 10.55
CA ASN K 294 -21.47 -7.29 10.63
C ASN K 294 -21.17 -6.77 12.03
N LEU K 295 -21.42 -7.58 13.05
CA LEU K 295 -21.17 -7.17 14.43
C LEU K 295 -19.66 -7.00 14.63
N LEU K 296 -18.90 -7.97 14.14
CA LEU K 296 -17.45 -7.93 14.23
C LEU K 296 -16.90 -6.63 13.63
N ASN K 297 -17.30 -6.31 12.41
CA ASN K 297 -16.81 -5.09 11.77
C ASN K 297 -17.34 -3.81 12.41
N GLN K 298 -18.54 -3.87 12.95
CA GLN K 298 -19.10 -2.69 13.59
C GLN K 298 -18.30 -2.41 14.87
N LEU K 299 -17.92 -3.47 15.57
CA LEU K 299 -17.15 -3.31 16.81
C LEU K 299 -15.72 -2.86 16.47
N LEU K 300 -15.13 -3.41 15.41
CA LEU K 300 -13.78 -3.01 15.02
C LEU K 300 -13.76 -1.51 14.67
N ASP K 301 -14.87 -0.99 14.17
CA ASP K 301 -14.95 0.42 13.83
C ASP K 301 -15.12 1.31 15.06
N LEU K 302 -15.69 0.76 16.13
CA LEU K 302 -15.88 1.52 17.36
C LEU K 302 -14.57 1.63 18.12
N GLN K 303 -13.72 0.62 17.96
CA GLN K 303 -12.44 0.56 18.65
C GLN K 303 -11.64 1.86 18.64
N PRO K 304 -11.58 2.56 17.50
CA PRO K 304 -10.83 3.83 17.43
C PRO K 304 -11.22 4.82 18.51
N SER K 305 -12.51 5.15 18.61
CA SER K 305 -12.97 6.11 19.61
C SER K 305 -13.58 5.47 20.86
N HIS K 306 -14.67 4.73 20.68
CA HIS K 306 -15.39 4.08 21.78
C HIS K 306 -14.73 2.83 22.37
N SER K 307 -13.41 2.80 22.41
CA SER K 307 -12.74 1.63 22.97
C SER K 307 -12.93 1.52 24.48
N SER K 308 -12.73 0.31 24.98
CA SER K 308 -12.83 0.03 26.41
C SER K 308 -12.41 -1.42 26.53
N PRO K 309 -12.06 -1.86 27.74
CA PRO K 309 -11.65 -3.27 27.91
C PRO K 309 -12.77 -4.24 27.57
N TYR K 310 -14.02 -3.81 27.74
CA TYR K 310 -15.17 -4.64 27.45
C TYR K 310 -15.24 -4.91 25.96
N LEU K 311 -14.99 -3.88 25.15
CA LEU K 311 -15.01 -4.03 23.70
C LEU K 311 -13.92 -4.99 23.26
N ILE K 312 -12.71 -4.83 23.80
CA ILE K 312 -11.59 -5.70 23.42
C ILE K 312 -11.90 -7.15 23.79
N ALA K 313 -12.43 -7.36 24.99
CA ALA K 313 -12.75 -8.72 25.44
C ALA K 313 -13.80 -9.35 24.54
N PHE K 314 -14.75 -8.53 24.07
CA PHE K 314 -15.80 -9.03 23.19
C PHE K 314 -15.17 -9.54 21.88
N LEU K 315 -14.19 -8.79 21.35
CA LEU K 315 -13.52 -9.22 20.12
C LEU K 315 -12.82 -10.54 20.36
N VAL K 316 -12.12 -10.66 21.50
CA VAL K 316 -11.44 -11.91 21.83
C VAL K 316 -12.43 -13.07 21.80
N ASP K 317 -13.60 -12.84 22.40
CA ASP K 317 -14.65 -13.85 22.47
C ASP K 317 -15.18 -14.20 21.08
N ILE K 318 -15.33 -13.19 20.23
CA ILE K 318 -15.76 -13.46 18.86
C ILE K 318 -14.68 -14.35 18.19
N TYR K 319 -13.42 -13.92 18.24
CA TYR K 319 -12.34 -14.70 17.65
C TYR K 319 -12.28 -16.10 18.23
N GLU K 320 -12.49 -16.22 19.53
CA GLU K 320 -12.44 -17.56 20.10
C GLU K 320 -13.56 -18.43 19.53
N ASP K 321 -14.74 -17.84 19.32
CA ASP K 321 -15.84 -18.62 18.78
C ASP K 321 -15.48 -19.07 17.35
N MET K 322 -14.84 -18.18 16.59
CA MET K 322 -14.42 -18.53 15.24
C MET K 322 -13.50 -19.74 15.28
N LEU K 323 -12.48 -19.68 16.13
CA LEU K 323 -11.52 -20.77 16.28
C LEU K 323 -12.24 -22.06 16.67
N GLU K 324 -13.29 -21.91 17.47
CA GLU K 324 -14.07 -23.04 17.95
C GLU K 324 -14.87 -23.68 16.82
N ASN K 325 -15.17 -22.90 15.80
CA ASN K 325 -15.93 -23.39 14.67
C ASN K 325 -15.08 -23.56 13.41
N GLN K 326 -13.92 -24.20 13.56
CA GLN K 326 -13.00 -24.44 12.45
C GLN K 326 -13.10 -23.38 11.35
N CYS K 327 -12.78 -22.14 11.68
CA CYS K 327 -12.83 -21.04 10.73
C CYS K 327 -11.67 -21.10 9.73
N ASP K 328 -11.68 -20.16 8.79
CA ASP K 328 -10.62 -20.06 7.79
C ASP K 328 -9.51 -19.16 8.35
N ASN K 329 -8.25 -19.52 8.07
CA ASN K 329 -7.10 -18.75 8.53
C ASN K 329 -6.99 -18.88 10.05
N LYS K 330 -7.16 -20.10 10.53
CA LYS K 330 -7.12 -20.39 11.95
C LYS K 330 -5.95 -19.74 12.69
N GLU K 331 -4.72 -20.00 12.24
CA GLU K 331 -3.57 -19.43 12.91
C GLU K 331 -3.58 -17.90 12.89
N ASP K 332 -4.19 -17.33 11.87
CA ASP K 332 -4.26 -15.88 11.74
C ASP K 332 -5.25 -15.29 12.76
N ILE K 333 -6.38 -15.97 12.93
CA ILE K 333 -7.41 -15.55 13.87
C ILE K 333 -6.84 -15.67 15.28
N LEU K 334 -6.14 -16.78 15.54
CA LEU K 334 -5.53 -17.00 16.84
C LEU K 334 -4.59 -15.84 17.20
N ASN K 335 -3.79 -15.42 16.23
CA ASN K 335 -2.87 -14.33 16.46
C ASN K 335 -3.59 -13.03 16.75
N LYS K 336 -4.73 -12.80 16.10
CA LYS K 336 -5.49 -11.58 16.36
C LYS K 336 -5.97 -11.61 17.81
N ALA K 337 -6.37 -12.79 18.27
CA ALA K 337 -6.84 -12.95 19.64
C ALA K 337 -5.69 -12.71 20.62
N LEU K 338 -4.60 -13.46 20.43
CA LEU K 338 -3.44 -13.33 21.31
C LEU K 338 -2.95 -11.89 21.37
N GLU K 339 -3.07 -11.19 20.26
CA GLU K 339 -2.65 -9.81 20.19
C GLU K 339 -3.51 -8.99 21.18
N LEU K 340 -4.82 -9.26 21.16
CA LEU K 340 -5.74 -8.54 22.03
C LEU K 340 -5.53 -8.93 23.49
N CYS K 341 -5.23 -10.20 23.74
CA CYS K 341 -4.98 -10.62 25.11
C CYS K 341 -3.82 -9.84 25.68
N GLU K 342 -2.76 -9.71 24.89
CA GLU K 342 -1.58 -8.97 25.33
C GLU K 342 -1.88 -7.48 25.50
N ILE K 343 -2.76 -6.94 24.67
CA ILE K 343 -3.12 -5.53 24.80
C ILE K 343 -3.90 -5.33 26.12
N LEU K 344 -4.80 -6.25 26.43
CA LEU K 344 -5.58 -6.14 27.66
C LEU K 344 -4.63 -6.22 28.86
N ALA K 345 -3.81 -7.27 28.86
CA ALA K 345 -2.86 -7.50 29.94
C ALA K 345 -1.88 -6.37 30.18
N LYS K 346 -1.37 -5.82 29.10
CA LYS K 346 -0.35 -4.78 29.13
C LYS K 346 -0.86 -3.34 29.22
N GLU K 347 -2.06 -3.06 28.73
CA GLU K 347 -2.56 -1.69 28.73
C GLU K 347 -4.00 -1.36 29.07
N LYS K 348 -4.91 -2.15 28.54
CA LYS K 348 -6.34 -1.88 28.71
C LYS K 348 -7.09 -2.44 29.91
N ASP K 349 -6.58 -3.48 30.53
CA ASP K 349 -7.24 -4.09 31.67
C ASP K 349 -6.14 -4.66 32.55
N THR K 350 -5.20 -3.81 32.92
CA THR K 350 -4.04 -4.24 33.71
C THR K 350 -4.31 -4.96 35.01
N ILE K 351 -5.38 -4.61 35.71
CA ILE K 351 -5.67 -5.29 36.96
C ILE K 351 -5.88 -6.78 36.73
N ARG K 352 -6.30 -7.17 35.52
CA ARG K 352 -6.50 -8.58 35.18
C ARG K 352 -5.37 -9.12 34.29
N LYS K 353 -4.24 -8.43 34.35
CA LYS K 353 -3.02 -8.76 33.60
C LYS K 353 -2.70 -10.26 33.57
N GLU K 354 -2.60 -10.87 34.73
CA GLU K 354 -2.29 -12.30 34.78
C GLU K 354 -3.40 -13.15 34.19
N TYR K 355 -4.65 -12.72 34.35
CA TYR K 355 -5.78 -13.47 33.82
C TYR K 355 -5.77 -13.47 32.28
N TRP K 356 -5.59 -12.31 31.68
CA TRP K 356 -5.56 -12.22 30.23
C TRP K 356 -4.38 -13.00 29.66
N ARG K 357 -3.26 -13.00 30.38
CA ARG K 357 -2.07 -13.74 29.96
C ARG K 357 -2.45 -15.22 29.96
N TYR K 358 -3.17 -15.62 31.00
CA TYR K 358 -3.63 -17.00 31.15
C TYR K 358 -4.62 -17.40 30.03
N ILE K 359 -5.50 -16.48 29.63
CA ILE K 359 -6.44 -16.76 28.56
C ILE K 359 -5.62 -16.91 27.28
N GLY K 360 -4.63 -16.04 27.12
CA GLY K 360 -3.76 -16.13 25.96
C GLY K 360 -3.14 -17.51 25.85
N ARG K 361 -2.47 -17.96 26.92
CA ARG K 361 -1.84 -19.28 26.91
C ARG K 361 -2.86 -20.37 26.63
N SER K 362 -4.08 -20.19 27.13
CA SER K 362 -5.13 -21.18 26.93
C SER K 362 -5.52 -21.29 25.46
N LEU K 363 -5.60 -20.16 24.77
CA LEU K 363 -5.95 -20.19 23.36
C LEU K 363 -4.84 -20.87 22.56
N GLN K 364 -3.59 -20.54 22.88
CA GLN K 364 -2.45 -21.14 22.18
C GLN K 364 -2.45 -22.64 22.27
N SER K 365 -2.46 -23.17 23.48
CA SER K 365 -2.42 -24.61 23.64
C SER K 365 -3.65 -25.31 23.12
N LYS K 366 -4.67 -24.52 22.76
CA LYS K 366 -5.90 -25.10 22.26
C LYS K 366 -6.03 -25.06 20.75
N HIS K 367 -5.36 -24.10 20.11
CA HIS K 367 -5.43 -24.00 18.65
C HIS K 367 -4.07 -23.74 17.98
N SER K 368 -3.32 -24.80 17.72
CA SER K 368 -2.01 -24.66 17.07
C SER K 368 -1.51 -25.95 16.41
N LEU L 18 -1.62 -0.63 54.60
CA LEU L 18 -0.73 -0.53 55.79
C LEU L 18 -0.40 -1.91 56.35
N ASP L 19 -0.37 -2.00 57.68
CA ASP L 19 -0.07 -3.25 58.37
C ASP L 19 -1.32 -3.90 58.94
N PHE L 20 -1.25 -5.21 59.11
CA PHE L 20 -2.35 -5.97 59.64
C PHE L 20 -2.29 -5.94 61.16
N LEU L 21 -3.26 -5.29 61.79
CA LEU L 21 -3.32 -5.18 63.25
C LEU L 21 -3.88 -6.42 63.92
N ARG L 22 -3.19 -7.54 63.78
CA ARG L 22 -3.63 -8.81 64.36
C ARG L 22 -4.07 -8.82 65.82
N ASP L 23 -3.28 -8.24 66.71
CA ASP L 23 -3.67 -8.25 68.12
C ASP L 23 -4.99 -7.51 68.36
N ARG L 24 -5.19 -6.40 67.66
CA ARG L 24 -6.41 -5.64 67.82
C ARG L 24 -7.62 -6.45 67.31
N HIS L 25 -7.44 -7.21 66.23
CA HIS L 25 -8.55 -8.01 65.72
C HIS L 25 -8.87 -9.13 66.69
N VAL L 26 -7.87 -9.61 67.41
CA VAL L 26 -8.11 -10.65 68.41
C VAL L 26 -9.00 -10.04 69.49
N ARG L 27 -8.69 -8.82 69.90
CA ARG L 27 -9.46 -8.14 70.93
C ARG L 27 -10.88 -7.85 70.45
N PHE L 28 -10.98 -7.41 69.19
CA PHE L 28 -12.26 -7.11 68.59
C PHE L 28 -13.16 -8.36 68.66
N PHE L 29 -12.65 -9.49 68.21
CA PHE L 29 -13.43 -10.72 68.22
C PHE L 29 -13.81 -11.16 69.64
N GLN L 30 -12.88 -10.98 70.58
CA GLN L 30 -13.12 -11.33 71.97
C GLN L 30 -14.30 -10.51 72.49
N ARG L 31 -14.31 -9.24 72.11
CA ARG L 31 -15.35 -8.31 72.49
C ARG L 31 -16.70 -8.74 71.91
N CYS L 32 -16.71 -9.27 70.68
CA CYS L 32 -17.96 -9.72 70.05
C CYS L 32 -18.60 -10.87 70.81
N LEU L 33 -17.79 -11.78 71.38
CA LEU L 33 -18.31 -12.93 72.13
C LEU L 33 -18.85 -12.55 73.50
N GLN L 34 -18.55 -11.34 73.95
CA GLN L 34 -18.99 -10.95 75.28
C GLN L 34 -20.34 -10.29 75.34
N VAL L 35 -20.37 -8.97 75.37
CA VAL L 35 -21.65 -8.28 75.46
C VAL L 35 -21.82 -7.19 74.41
N LEU L 36 -22.99 -7.18 73.81
CA LEU L 36 -23.28 -6.21 72.78
C LEU L 36 -24.30 -5.22 73.29
N PRO L 37 -24.17 -3.94 72.91
CA PRO L 37 -25.10 -2.88 73.33
C PRO L 37 -26.48 -3.17 72.73
N GLU L 38 -27.52 -2.56 73.29
CA GLU L 38 -28.87 -2.81 72.79
C GLU L 38 -29.08 -2.49 71.32
N ARG L 39 -28.19 -1.69 70.73
CA ARG L 39 -28.36 -1.33 69.33
C ARG L 39 -28.13 -2.49 68.36
N TYR L 40 -27.73 -3.64 68.89
CA TYR L 40 -27.50 -4.81 68.05
C TYR L 40 -28.58 -5.87 68.27
N SER L 41 -29.69 -5.43 68.88
CA SER L 41 -30.84 -6.30 69.18
C SER L 41 -31.40 -7.03 67.95
N SER L 42 -31.27 -6.42 66.78
CA SER L 42 -31.77 -7.05 65.56
C SER L 42 -30.97 -8.29 65.19
N LEU L 43 -29.92 -8.57 65.97
CA LEU L 43 -29.06 -9.72 65.73
C LEU L 43 -29.41 -10.88 66.64
N GLU L 44 -30.31 -10.63 67.58
CA GLU L 44 -30.73 -11.63 68.56
C GLU L 44 -30.96 -13.02 67.98
N THR L 45 -31.83 -13.14 66.97
CA THR L 45 -32.14 -14.44 66.40
C THR L 45 -31.03 -15.09 65.59
N SER L 46 -29.91 -14.39 65.42
CA SER L 46 -28.82 -15.01 64.70
C SER L 46 -27.48 -14.80 65.42
N ARG L 47 -27.56 -14.85 66.75
CA ARG L 47 -26.38 -14.69 67.58
C ARG L 47 -25.36 -15.80 67.33
N LEU L 48 -25.85 -16.99 66.99
CA LEU L 48 -24.96 -18.11 66.71
C LEU L 48 -24.07 -17.83 65.49
N THR L 49 -24.57 -17.10 64.50
CA THR L 49 -23.72 -16.83 63.35
C THR L 49 -22.71 -15.74 63.74
N ILE L 50 -23.06 -14.91 64.72
CA ILE L 50 -22.12 -13.88 65.17
C ILE L 50 -21.00 -14.59 65.94
N ALA L 51 -21.37 -15.61 66.72
CA ALA L 51 -20.39 -16.38 67.46
C ALA L 51 -19.45 -17.03 66.45
N PHE L 52 -20.03 -17.53 65.37
CA PHE L 52 -19.25 -18.17 64.32
C PHE L 52 -18.22 -17.21 63.73
N PHE L 53 -18.63 -15.98 63.44
CA PHE L 53 -17.70 -15.01 62.89
C PHE L 53 -16.54 -14.76 63.84
N ALA L 54 -16.85 -14.63 65.12
CA ALA L 54 -15.82 -14.36 66.12
C ALA L 54 -14.94 -15.57 66.42
N LEU L 55 -15.54 -16.75 66.55
CA LEU L 55 -14.78 -17.96 66.85
C LEU L 55 -13.93 -18.41 65.68
N SER L 56 -14.51 -18.44 64.48
CA SER L 56 -13.77 -18.84 63.30
C SER L 56 -12.75 -17.74 63.03
N GLY L 57 -13.09 -16.52 63.43
CA GLY L 57 -12.17 -15.41 63.27
C GLY L 57 -10.95 -15.62 64.15
N LEU L 58 -11.21 -15.94 65.42
CA LEU L 58 -10.14 -16.19 66.37
C LEU L 58 -9.34 -17.39 65.91
N ASP L 59 -10.04 -18.41 65.42
CA ASP L 59 -9.40 -19.63 64.95
C ASP L 59 -8.45 -19.28 63.80
N MET L 60 -8.94 -18.50 62.85
CA MET L 60 -8.15 -18.10 61.70
C MET L 60 -6.90 -17.34 62.15
N LEU L 61 -6.98 -16.64 63.28
CA LEU L 61 -5.84 -15.89 63.81
C LEU L 61 -5.11 -16.72 64.85
N ASP L 62 -5.50 -17.98 64.98
CA ASP L 62 -4.85 -18.88 65.92
C ASP L 62 -4.84 -18.32 67.35
N SER L 63 -6.01 -17.89 67.82
CA SER L 63 -6.13 -17.32 69.16
C SER L 63 -7.34 -17.81 69.93
N LEU L 64 -7.77 -19.04 69.66
CA LEU L 64 -8.92 -19.59 70.38
C LEU L 64 -8.62 -19.73 71.86
N ASP L 65 -7.33 -19.74 72.21
CA ASP L 65 -6.94 -19.89 73.61
C ASP L 65 -7.53 -18.79 74.49
N VAL L 66 -7.83 -17.62 73.93
CA VAL L 66 -8.36 -16.54 74.73
C VAL L 66 -9.83 -16.70 75.16
N VAL L 67 -10.46 -17.82 74.80
CA VAL L 67 -11.85 -18.05 75.19
C VAL L 67 -11.99 -19.39 75.90
N ASN L 68 -13.05 -19.55 76.67
CA ASN L 68 -13.29 -20.81 77.36
C ASN L 68 -14.07 -21.71 76.40
N LYS L 69 -13.38 -22.57 75.68
CA LYS L 69 -14.03 -23.45 74.71
C LYS L 69 -15.16 -24.32 75.27
N ASP L 70 -14.94 -24.93 76.43
CA ASP L 70 -15.96 -25.79 77.04
C ASP L 70 -17.26 -25.04 77.34
N ASP L 71 -17.13 -23.80 77.81
CA ASP L 71 -18.32 -23.00 78.11
C ASP L 71 -19.12 -22.76 76.84
N ILE L 72 -18.43 -22.33 75.79
CA ILE L 72 -19.07 -22.04 74.52
C ILE L 72 -19.70 -23.29 73.90
N ILE L 73 -19.03 -24.44 74.07
CA ILE L 73 -19.57 -25.67 73.53
C ILE L 73 -20.91 -26.01 74.19
N GLU L 74 -21.01 -25.77 75.50
CA GLU L 74 -22.25 -26.05 76.21
C GLU L 74 -23.36 -25.09 75.77
N TRP L 75 -22.98 -23.83 75.56
CA TRP L 75 -23.92 -22.82 75.11
C TRP L 75 -24.49 -23.20 73.76
N ILE L 76 -23.62 -23.68 72.86
CA ILE L 76 -24.06 -24.08 71.54
C ILE L 76 -25.01 -25.27 71.65
N TYR L 77 -24.65 -26.28 72.43
CA TYR L 77 -25.53 -27.45 72.57
C TYR L 77 -26.87 -27.11 73.20
N SER L 78 -26.93 -26.00 73.93
CA SER L 78 -28.19 -25.61 74.54
C SER L 78 -29.10 -25.07 73.43
N LEU L 79 -28.52 -24.84 72.25
CA LEU L 79 -29.29 -24.31 71.13
C LEU L 79 -29.83 -25.40 70.20
N GLN L 80 -29.45 -26.65 70.45
CA GLN L 80 -29.93 -27.73 69.61
C GLN L 80 -31.38 -28.11 69.91
N VAL L 81 -32.19 -28.18 68.86
CA VAL L 81 -33.58 -28.58 68.99
C VAL L 81 -33.58 -30.09 68.82
N LEU L 82 -33.76 -30.80 69.93
CA LEU L 82 -33.76 -32.26 69.92
C LEU L 82 -35.15 -32.83 69.74
N PRO L 83 -35.23 -34.06 69.20
CA PRO L 83 -36.54 -34.67 69.00
C PRO L 83 -37.18 -34.97 70.36
N THR L 84 -38.51 -34.86 70.44
CA THR L 84 -39.24 -35.13 71.67
C THR L 84 -39.38 -36.63 71.90
N GLU L 85 -39.85 -36.99 73.10
CA GLU L 85 -40.04 -38.40 73.46
C GLU L 85 -40.71 -39.18 72.32
N ASP L 86 -41.86 -38.68 71.87
CA ASP L 86 -42.62 -39.33 70.80
C ASP L 86 -42.06 -39.05 69.40
N ARG L 87 -40.86 -38.47 69.33
CA ARG L 87 -40.20 -38.15 68.06
C ARG L 87 -41.16 -37.56 67.03
N SER L 88 -42.09 -36.72 67.49
CA SER L 88 -43.07 -36.12 66.60
C SER L 88 -42.64 -34.79 65.98
N ASN L 89 -41.50 -34.27 66.42
CA ASN L 89 -41.00 -32.98 65.91
C ASN L 89 -39.70 -33.14 65.14
N LEU L 90 -39.53 -34.27 64.46
CA LEU L 90 -38.29 -34.48 63.70
C LEU L 90 -38.05 -33.45 62.60
N ASP L 91 -39.10 -33.08 61.88
CA ASP L 91 -38.98 -32.10 60.81
C ASP L 91 -38.62 -30.71 61.28
N ARG L 92 -38.47 -30.53 62.59
CA ARG L 92 -38.14 -29.24 63.15
C ARG L 92 -36.83 -29.22 63.94
N CYS L 93 -36.06 -30.30 63.83
CA CYS L 93 -34.79 -30.37 64.54
C CYS L 93 -33.63 -29.68 63.81
N GLY L 94 -32.63 -29.31 64.60
CA GLY L 94 -31.47 -28.61 64.10
C GLY L 94 -31.02 -27.69 65.22
N PHE L 95 -30.55 -26.47 64.91
CA PHE L 95 -30.13 -25.54 65.94
C PHE L 95 -30.85 -24.19 65.86
N ARG L 96 -31.03 -23.55 67.01
CA ARG L 96 -31.69 -22.25 67.12
C ARG L 96 -30.58 -21.22 67.03
N GLY L 97 -30.94 -19.99 66.68
CA GLY L 97 -29.95 -18.94 66.58
C GLY L 97 -29.57 -18.37 67.94
N SER L 98 -30.45 -18.55 68.91
CA SER L 98 -30.23 -18.08 70.28
C SER L 98 -31.35 -18.62 71.15
N SER L 99 -31.40 -18.15 72.39
CA SER L 99 -32.41 -18.60 73.34
C SER L 99 -33.62 -17.66 73.40
N TYR L 100 -33.82 -16.83 72.39
CA TYR L 100 -34.92 -15.88 72.41
C TYR L 100 -36.31 -16.44 72.68
N LEU L 101 -36.52 -17.75 72.55
CA LEU L 101 -37.85 -18.30 72.80
C LEU L 101 -38.16 -18.52 74.27
N GLY L 102 -37.13 -18.55 75.11
CA GLY L 102 -37.37 -18.72 76.52
C GLY L 102 -37.34 -20.16 77.00
N ILE L 103 -36.82 -21.06 76.18
CA ILE L 103 -36.73 -22.45 76.58
C ILE L 103 -35.59 -22.56 77.59
N PRO L 104 -35.83 -23.26 78.70
CA PRO L 104 -34.82 -23.44 79.75
C PRO L 104 -33.49 -24.02 79.27
N PHE L 105 -32.40 -23.40 79.70
CA PHE L 105 -31.04 -23.82 79.33
C PHE L 105 -30.83 -25.31 79.53
N ASN L 106 -30.55 -26.02 78.44
CA ASN L 106 -30.32 -27.46 78.49
C ASN L 106 -29.31 -27.85 77.42
N PRO L 107 -28.03 -27.95 77.79
CA PRO L 107 -26.93 -28.32 76.88
C PRO L 107 -27.03 -29.73 76.30
N SER L 108 -28.06 -29.94 75.49
CA SER L 108 -28.33 -31.23 74.85
C SER L 108 -28.20 -32.40 75.80
N LYS L 109 -28.86 -32.30 76.95
CA LYS L 109 -28.84 -33.34 77.96
C LYS L 109 -30.15 -34.13 77.84
N ASN L 110 -31.16 -33.73 78.60
CA ASN L 110 -32.45 -34.42 78.57
C ASN L 110 -33.08 -34.32 77.17
N PRO L 111 -34.24 -34.97 76.99
CA PRO L 111 -34.92 -34.94 75.68
C PRO L 111 -35.39 -33.52 75.33
N GLY L 112 -36.34 -33.41 74.41
CA GLY L 112 -36.81 -32.10 74.02
C GLY L 112 -38.11 -31.65 74.67
N THR L 113 -38.08 -30.47 75.29
CA THR L 113 -39.27 -29.91 75.93
C THR L 113 -40.16 -29.27 74.87
N ALA L 114 -41.22 -29.98 74.48
CA ALA L 114 -42.16 -29.53 73.45
C ALA L 114 -42.57 -28.05 73.54
N HIS L 115 -42.55 -27.38 72.40
CA HIS L 115 -42.91 -25.97 72.31
C HIS L 115 -43.52 -25.74 70.93
N PRO L 116 -44.72 -25.13 70.87
CA PRO L 116 -45.43 -24.84 69.64
C PRO L 116 -44.64 -24.19 68.51
N TYR L 117 -43.67 -23.35 68.85
CA TYR L 117 -42.91 -22.65 67.81
C TYR L 117 -41.41 -22.79 67.87
N ASP L 118 -40.91 -23.83 68.54
CA ASP L 118 -39.47 -24.03 68.63
C ASP L 118 -38.97 -24.97 67.55
N SER L 119 -38.12 -24.44 66.66
CA SER L 119 -37.58 -25.26 65.60
C SER L 119 -36.21 -24.71 65.21
N GLY L 120 -35.49 -25.45 64.39
CA GLY L 120 -34.17 -25.00 63.99
C GLY L 120 -34.21 -24.04 62.83
N HIS L 121 -33.06 -23.44 62.53
CA HIS L 121 -32.93 -22.51 61.42
C HIS L 121 -31.71 -23.02 60.65
N ILE L 122 -31.89 -23.29 59.36
CA ILE L 122 -30.81 -23.84 58.55
C ILE L 122 -29.44 -23.14 58.67
N ALA L 123 -29.42 -21.82 58.73
CA ALA L 123 -28.16 -21.10 58.86
C ALA L 123 -27.54 -21.27 60.24
N MET L 124 -28.38 -21.59 61.23
CA MET L 124 -27.90 -21.78 62.60
C MET L 124 -27.41 -23.22 62.76
N THR L 125 -28.09 -24.15 62.11
CA THR L 125 -27.65 -25.54 62.18
C THR L 125 -26.26 -25.55 61.54
N TYR L 126 -26.12 -24.83 60.44
CA TYR L 126 -24.84 -24.76 59.74
C TYR L 126 -23.75 -24.12 60.60
N THR L 127 -23.96 -22.88 61.03
CA THR L 127 -22.94 -22.22 61.85
C THR L 127 -22.74 -22.93 63.18
N GLY L 128 -23.80 -23.53 63.71
CA GLY L 128 -23.69 -24.25 64.96
C GLY L 128 -22.71 -25.42 64.85
N LEU L 129 -22.97 -26.31 63.89
CA LEU L 129 -22.10 -27.46 63.67
C LEU L 129 -20.68 -26.97 63.39
N SER L 130 -20.60 -25.95 62.56
CA SER L 130 -19.32 -25.38 62.20
C SER L 130 -18.57 -24.90 63.46
N CYS L 131 -19.28 -24.23 64.37
CA CYS L 131 -18.65 -23.75 65.59
C CYS L 131 -18.15 -24.90 66.45
N LEU L 132 -18.96 -25.94 66.59
CA LEU L 132 -18.60 -27.09 67.39
C LEU L 132 -17.30 -27.70 66.88
N ILE L 133 -17.19 -27.87 65.56
CA ILE L 133 -15.99 -28.45 64.98
C ILE L 133 -14.77 -27.58 65.26
N ILE L 134 -14.97 -26.26 65.15
CA ILE L 134 -13.89 -25.30 65.39
C ILE L 134 -13.41 -25.36 66.83
N LEU L 135 -14.35 -25.57 67.76
CA LEU L 135 -14.02 -25.63 69.18
C LEU L 135 -13.43 -26.97 69.61
N GLY L 136 -13.36 -27.93 68.68
CA GLY L 136 -12.78 -29.21 69.01
C GLY L 136 -13.77 -30.29 69.42
N ASP L 137 -15.04 -29.96 69.53
CA ASP L 137 -16.04 -30.96 69.91
C ASP L 137 -16.07 -32.04 68.83
N ASP L 138 -16.54 -33.24 69.18
CA ASP L 138 -16.60 -34.35 68.23
C ASP L 138 -17.99 -34.62 67.67
N LEU L 139 -18.94 -33.74 67.99
CA LEU L 139 -20.30 -33.88 67.48
C LEU L 139 -21.08 -35.09 68.00
N SER L 140 -20.57 -35.74 69.05
CA SER L 140 -21.27 -36.91 69.59
C SER L 140 -22.64 -36.55 70.15
N ARG L 141 -22.78 -35.35 70.70
CA ARG L 141 -24.07 -34.92 71.25
C ARG L 141 -25.04 -34.38 70.20
N VAL L 142 -24.61 -34.34 68.94
CA VAL L 142 -25.47 -33.88 67.86
C VAL L 142 -26.34 -35.04 67.39
N ASP L 143 -27.66 -34.84 67.38
CA ASP L 143 -28.54 -35.89 66.89
C ASP L 143 -28.50 -35.78 65.37
N LYS L 144 -27.48 -36.38 64.77
CA LYS L 144 -27.31 -36.32 63.33
C LYS L 144 -28.54 -36.66 62.51
N GLU L 145 -29.20 -37.77 62.82
CA GLU L 145 -30.37 -38.16 62.07
C GLU L 145 -31.51 -37.13 62.18
N ALA L 146 -31.64 -36.53 63.36
CA ALA L 146 -32.68 -35.54 63.55
C ALA L 146 -32.39 -34.33 62.67
N CYS L 147 -31.14 -33.86 62.69
CA CYS L 147 -30.75 -32.72 61.89
C CYS L 147 -31.00 -32.97 60.42
N LEU L 148 -30.59 -34.13 59.94
CA LEU L 148 -30.77 -34.50 58.54
C LEU L 148 -32.25 -34.56 58.16
N ALA L 149 -33.09 -35.05 59.07
CA ALA L 149 -34.52 -35.11 58.80
C ALA L 149 -35.05 -33.69 58.71
N GLY L 150 -34.55 -32.82 59.60
CA GLY L 150 -34.97 -31.44 59.60
C GLY L 150 -34.55 -30.78 58.30
N LEU L 151 -33.33 -31.08 57.85
CA LEU L 151 -32.82 -30.51 56.62
C LEU L 151 -33.70 -30.91 55.43
N ARG L 152 -33.97 -32.21 55.29
CA ARG L 152 -34.80 -32.73 54.21
C ARG L 152 -36.14 -32.00 54.11
N ALA L 153 -36.74 -31.73 55.26
CA ALA L 153 -38.04 -31.06 55.30
C ALA L 153 -38.00 -29.64 54.74
N LEU L 154 -36.81 -29.04 54.74
CA LEU L 154 -36.67 -27.67 54.25
C LEU L 154 -36.54 -27.52 52.74
N GLN L 155 -36.25 -28.60 52.03
CA GLN L 155 -36.08 -28.52 50.58
C GLN L 155 -37.39 -28.44 49.81
N LEU L 156 -37.45 -27.53 48.84
CA LEU L 156 -38.65 -27.35 48.03
C LEU L 156 -38.58 -28.18 46.77
N GLU L 157 -39.69 -28.23 46.04
CA GLU L 157 -39.75 -29.00 44.81
C GLU L 157 -38.69 -28.56 43.79
N ASP L 158 -38.41 -27.26 43.74
CA ASP L 158 -37.42 -26.75 42.79
C ASP L 158 -35.97 -27.03 43.19
N GLY L 159 -35.77 -27.67 44.34
CA GLY L 159 -34.41 -27.99 44.75
C GLY L 159 -33.79 -27.04 45.77
N SER L 160 -34.32 -25.83 45.90
CA SER L 160 -33.76 -24.87 46.86
C SER L 160 -34.28 -25.18 48.27
N PHE L 161 -33.84 -24.40 49.24
CA PHE L 161 -34.25 -24.61 50.62
C PHE L 161 -34.82 -23.36 51.30
N CYS L 162 -35.63 -23.61 52.32
CA CYS L 162 -36.21 -22.57 53.17
C CYS L 162 -35.30 -22.62 54.40
N ALA L 163 -35.43 -21.65 55.30
CA ALA L 163 -34.59 -21.64 56.49
C ALA L 163 -35.25 -22.34 57.67
N VAL L 164 -36.57 -22.25 57.76
CA VAL L 164 -37.32 -22.84 58.87
C VAL L 164 -38.56 -23.58 58.38
N PRO L 165 -38.95 -24.65 59.09
CA PRO L 165 -40.14 -25.41 58.68
C PRO L 165 -41.44 -24.60 58.66
N GLU L 166 -41.51 -23.54 59.46
CA GLU L 166 -42.71 -22.70 59.49
C GLU L 166 -42.85 -21.92 58.20
N GLY L 167 -41.77 -21.84 57.42
CA GLY L 167 -41.81 -21.11 56.16
C GLY L 167 -40.96 -19.86 56.15
N SER L 168 -40.36 -19.57 55.00
CA SER L 168 -39.52 -18.40 54.82
C SER L 168 -39.21 -18.28 53.34
N GLU L 169 -38.41 -17.30 52.97
CA GLU L 169 -38.02 -17.13 51.59
C GLU L 169 -37.07 -18.31 51.29
N ASN L 170 -36.87 -18.62 50.02
CA ASN L 170 -35.97 -19.70 49.64
C ASN L 170 -35.05 -19.22 48.53
N ASP L 171 -33.77 -19.53 48.66
CA ASP L 171 -32.79 -19.13 47.65
C ASP L 171 -31.44 -19.83 47.85
N MET L 172 -30.48 -19.43 47.04
CA MET L 172 -29.15 -20.01 47.05
C MET L 172 -28.45 -20.01 48.41
N ARG L 173 -28.66 -18.98 49.20
CA ARG L 173 -28.04 -18.91 50.52
C ARG L 173 -28.26 -20.20 51.31
N PHE L 174 -29.50 -20.66 51.33
CA PHE L 174 -29.84 -21.85 52.08
C PHE L 174 -29.40 -23.15 51.41
N VAL L 175 -29.19 -23.12 50.09
CA VAL L 175 -28.71 -24.30 49.36
C VAL L 175 -27.29 -24.56 49.87
N TYR L 176 -26.55 -23.48 50.07
CA TYR L 176 -25.19 -23.57 50.58
C TYR L 176 -25.17 -24.09 52.01
N CYS L 177 -26.09 -23.60 52.84
CA CYS L 177 -26.18 -24.04 54.24
C CYS L 177 -26.45 -25.54 54.27
N ALA L 178 -27.38 -25.99 53.44
CA ALA L 178 -27.72 -27.40 53.36
C ALA L 178 -26.49 -28.21 52.97
N SER L 179 -25.76 -27.73 51.97
CA SER L 179 -24.58 -28.43 51.50
C SER L 179 -23.53 -28.56 52.59
N CYS L 180 -23.31 -27.48 53.34
CA CYS L 180 -22.34 -27.49 54.42
C CYS L 180 -22.73 -28.47 55.50
N ILE L 181 -24.01 -28.48 55.85
CA ILE L 181 -24.49 -29.37 56.88
C ILE L 181 -24.25 -30.82 56.46
N CYS L 182 -24.68 -31.16 55.25
CA CYS L 182 -24.49 -32.53 54.75
C CYS L 182 -23.01 -32.90 54.74
N TYR L 183 -22.17 -31.96 54.34
CA TYR L 183 -20.76 -32.21 54.28
C TYR L 183 -20.15 -32.45 55.66
N MET L 184 -20.51 -31.59 56.61
CA MET L 184 -19.99 -31.73 57.97
C MET L 184 -20.47 -33.00 58.66
N LEU L 185 -21.71 -33.39 58.40
CA LEU L 185 -22.25 -34.60 59.01
C LEU L 185 -21.87 -35.79 58.12
N ASN L 186 -21.11 -35.50 57.07
CA ASN L 186 -20.67 -36.52 56.12
C ASN L 186 -21.78 -37.47 55.70
N ASN L 187 -22.95 -36.91 55.41
CA ASN L 187 -24.12 -37.69 55.02
C ASN L 187 -25.01 -36.80 54.16
N TRP L 188 -25.19 -37.16 52.89
CA TRP L 188 -26.01 -36.35 52.00
C TRP L 188 -27.46 -36.75 51.93
N SER L 189 -27.92 -37.54 52.88
CA SER L 189 -29.32 -37.94 52.88
C SER L 189 -30.16 -36.73 53.30
N GLY L 190 -29.46 -35.65 53.66
CA GLY L 190 -30.13 -34.44 54.09
C GLY L 190 -30.78 -33.67 52.94
N MET L 191 -30.46 -34.05 51.71
CA MET L 191 -31.03 -33.36 50.55
C MET L 191 -31.16 -34.24 49.34
N ASP L 192 -32.00 -33.81 48.40
CA ASP L 192 -32.15 -34.49 47.13
C ASP L 192 -31.16 -33.70 46.27
N MET L 193 -29.92 -34.21 46.21
CA MET L 193 -28.83 -33.56 45.47
C MET L 193 -29.13 -33.24 44.02
N LYS L 194 -29.81 -34.15 43.34
CA LYS L 194 -30.13 -33.95 41.93
C LYS L 194 -30.97 -32.69 41.75
N LYS L 195 -31.91 -32.46 42.66
CA LYS L 195 -32.76 -31.28 42.56
C LYS L 195 -32.02 -30.00 42.93
N ALA L 196 -31.14 -30.10 43.92
CA ALA L 196 -30.35 -28.94 44.35
C ALA L 196 -29.46 -28.50 43.16
N ILE L 197 -28.84 -29.49 42.52
CA ILE L 197 -27.98 -29.24 41.38
C ILE L 197 -28.76 -28.53 40.29
N SER L 198 -29.99 -29.00 40.08
CA SER L 198 -30.84 -28.41 39.08
C SER L 198 -31.12 -26.93 39.41
N TYR L 199 -31.38 -26.66 40.69
CA TYR L 199 -31.64 -25.28 41.11
C TYR L 199 -30.43 -24.40 40.84
N ILE L 200 -29.24 -24.93 41.15
CA ILE L 200 -28.00 -24.20 40.94
C ILE L 200 -27.80 -23.91 39.44
N ARG L 201 -27.99 -24.90 38.58
CA ARG L 201 -27.83 -24.65 37.14
C ARG L 201 -28.81 -23.59 36.67
N ARG L 202 -30.07 -23.71 37.07
CA ARG L 202 -31.08 -22.76 36.63
C ARG L 202 -30.87 -21.34 37.12
N SER L 203 -29.98 -21.15 38.09
CA SER L 203 -29.75 -19.80 38.58
C SER L 203 -28.72 -19.06 37.72
N MET L 204 -28.09 -19.77 36.79
CA MET L 204 -27.10 -19.12 35.94
C MET L 204 -27.76 -18.08 35.05
N SER L 205 -27.22 -16.87 35.09
CA SER L 205 -27.74 -15.75 34.31
C SER L 205 -27.14 -15.68 32.90
N TYR L 206 -27.72 -14.81 32.07
CA TYR L 206 -27.25 -14.60 30.71
C TYR L 206 -25.85 -13.99 30.77
N ASP L 207 -25.51 -13.32 31.87
CA ASP L 207 -24.17 -12.74 31.97
C ASP L 207 -23.17 -13.76 32.56
N ASN L 208 -23.66 -14.97 32.78
CA ASN L 208 -22.85 -16.08 33.27
C ASN L 208 -22.51 -16.20 34.76
N GLY L 209 -22.98 -15.25 35.56
CA GLY L 209 -22.76 -15.34 36.98
C GLY L 209 -23.95 -16.16 37.50
N LEU L 210 -23.96 -16.47 38.79
CA LEU L 210 -25.07 -17.21 39.38
C LEU L 210 -25.90 -16.25 40.23
N ALA L 211 -27.22 -16.35 40.12
CA ALA L 211 -28.13 -15.49 40.87
C ALA L 211 -28.73 -16.24 42.06
N GLN L 212 -29.49 -15.54 42.89
CA GLN L 212 -30.13 -16.17 44.04
C GLN L 212 -31.15 -17.21 43.59
N GLY L 213 -31.65 -17.03 42.38
CA GLY L 213 -32.63 -17.93 41.80
C GLY L 213 -32.81 -17.62 40.33
N ALA L 214 -33.46 -18.51 39.60
CA ALA L 214 -33.67 -18.34 38.15
C ALA L 214 -34.23 -16.97 37.79
N GLY L 215 -33.64 -16.34 36.79
CA GLY L 215 -34.11 -15.04 36.32
C GLY L 215 -33.61 -13.81 37.07
N LEU L 216 -33.11 -14.00 38.29
CA LEU L 216 -32.61 -12.88 39.07
C LEU L 216 -31.20 -12.43 38.63
N GLU L 217 -30.81 -11.23 39.07
CA GLU L 217 -29.50 -10.66 38.75
C GLU L 217 -28.38 -11.52 39.37
N SER L 218 -27.38 -11.89 38.58
CA SER L 218 -26.28 -12.71 39.11
C SER L 218 -25.59 -11.87 40.20
N HIS L 219 -25.07 -12.54 41.21
CA HIS L 219 -24.49 -11.86 42.34
C HIS L 219 -23.31 -12.63 42.93
N GLY L 220 -22.32 -11.91 43.43
CA GLY L 220 -21.16 -12.57 44.01
C GLY L 220 -21.48 -13.47 45.18
N GLY L 221 -22.49 -13.11 45.96
CA GLY L 221 -22.88 -13.92 47.10
C GLY L 221 -23.47 -15.25 46.66
N SER L 222 -24.42 -15.21 45.72
CA SER L 222 -25.05 -16.42 45.23
C SER L 222 -24.12 -17.26 44.36
N THR L 223 -23.21 -16.61 43.64
CA THR L 223 -22.27 -17.34 42.81
C THR L 223 -21.36 -18.15 43.74
N PHE L 224 -20.97 -17.56 44.86
CA PHE L 224 -20.15 -18.29 45.82
C PHE L 224 -20.97 -19.46 46.37
N CYS L 225 -22.20 -19.17 46.79
CA CYS L 225 -23.02 -20.24 47.36
C CYS L 225 -23.23 -21.38 46.38
N GLY L 226 -23.45 -21.07 45.10
CA GLY L 226 -23.67 -22.09 44.10
C GLY L 226 -22.41 -22.91 43.85
N ILE L 227 -21.33 -22.22 43.48
CA ILE L 227 -20.07 -22.91 43.21
C ILE L 227 -19.56 -23.71 44.41
N ALA L 228 -19.57 -23.09 45.60
CA ALA L 228 -19.11 -23.78 46.80
C ALA L 228 -19.94 -25.02 47.10
N SER L 229 -21.25 -24.95 46.88
CA SER L 229 -22.09 -26.12 47.12
C SER L 229 -21.66 -27.27 46.22
N LEU L 230 -21.51 -26.99 44.92
CA LEU L 230 -21.09 -28.01 43.98
C LEU L 230 -19.74 -28.61 44.37
N CYS L 231 -18.81 -27.78 44.81
CA CYS L 231 -17.51 -28.29 45.21
C CYS L 231 -17.65 -29.17 46.43
N LEU L 232 -18.48 -28.76 47.38
CA LEU L 232 -18.71 -29.56 48.58
C LEU L 232 -19.32 -30.91 48.18
N MET L 233 -20.13 -30.91 47.12
CA MET L 233 -20.75 -32.14 46.63
C MET L 233 -19.77 -32.90 45.76
N GLY L 234 -18.70 -32.21 45.36
CA GLY L 234 -17.72 -32.83 44.50
C GLY L 234 -18.31 -33.04 43.12
N LYS L 235 -19.02 -32.02 42.62
CA LYS L 235 -19.63 -32.15 41.31
C LYS L 235 -19.49 -30.97 40.38
N LEU L 236 -18.55 -30.08 40.67
CA LEU L 236 -18.34 -28.89 39.85
C LEU L 236 -18.17 -29.27 38.37
N GLU L 237 -17.17 -30.10 38.09
CA GLU L 237 -16.85 -30.55 36.74
C GLU L 237 -18.01 -31.26 36.06
N GLU L 238 -18.74 -32.06 36.83
CA GLU L 238 -19.86 -32.79 36.28
C GLU L 238 -21.05 -31.92 35.91
N VAL L 239 -21.28 -30.86 36.69
CA VAL L 239 -22.42 -29.99 36.44
C VAL L 239 -22.22 -28.92 35.38
N PHE L 240 -21.05 -28.31 35.36
CA PHE L 240 -20.78 -27.27 34.37
C PHE L 240 -19.72 -27.72 33.37
N SER L 241 -19.96 -27.41 32.10
CA SER L 241 -19.02 -27.78 31.04
C SER L 241 -17.81 -26.86 31.14
N GLU L 242 -16.73 -27.21 30.44
CA GLU L 242 -15.52 -26.40 30.46
C GLU L 242 -15.87 -25.00 29.97
N LYS L 243 -16.70 -24.93 28.93
CA LYS L 243 -17.08 -23.64 28.39
C LYS L 243 -17.85 -22.84 29.41
N GLU L 244 -18.75 -23.51 30.13
CA GLU L 244 -19.54 -22.86 31.15
C GLU L 244 -18.64 -22.36 32.27
N LEU L 245 -17.72 -23.20 32.74
CA LEU L 245 -16.82 -22.80 33.80
C LEU L 245 -15.98 -21.60 33.37
N ASN L 246 -15.60 -21.57 32.09
CA ASN L 246 -14.82 -20.46 31.57
C ASN L 246 -15.60 -19.16 31.64
N ARG L 247 -16.89 -19.25 31.33
CA ARG L 247 -17.75 -18.07 31.37
C ARG L 247 -17.96 -17.59 32.80
N ILE L 248 -18.14 -18.52 33.73
CA ILE L 248 -18.33 -18.18 35.12
C ILE L 248 -17.05 -17.52 35.64
N LYS L 249 -15.90 -18.09 35.29
CA LYS L 249 -14.62 -17.54 35.72
C LYS L 249 -14.50 -16.10 35.24
N ARG L 250 -14.85 -15.87 33.98
CA ARG L 250 -14.78 -14.53 33.41
C ARG L 250 -15.63 -13.58 34.22
N TRP L 251 -16.86 -13.98 34.53
CA TRP L 251 -17.76 -13.12 35.30
C TRP L 251 -17.19 -12.80 36.67
N CYS L 252 -16.65 -13.82 37.33
CA CYS L 252 -16.08 -13.64 38.66
C CYS L 252 -14.85 -12.75 38.67
N ILE L 253 -13.91 -13.00 37.77
CA ILE L 253 -12.71 -12.19 37.80
C ILE L 253 -12.95 -10.75 37.38
N MET L 254 -14.09 -10.49 36.73
CA MET L 254 -14.42 -9.13 36.32
C MET L 254 -14.94 -8.35 37.54
N ARG L 255 -15.19 -9.04 38.66
CA ARG L 255 -15.66 -8.35 39.86
C ARG L 255 -14.56 -7.50 40.55
N GLN L 256 -13.29 -7.74 40.24
CA GLN L 256 -12.25 -6.97 40.88
C GLN L 256 -12.04 -5.59 40.27
N GLN L 257 -12.17 -4.56 41.13
CA GLN L 257 -11.97 -3.18 40.73
C GLN L 257 -10.65 -2.71 41.39
N ASN L 258 -10.45 -3.16 42.61
CA ASN L 258 -9.26 -2.94 43.44
C ASN L 258 -9.57 -4.01 44.48
N GLY L 259 -10.65 -3.79 45.21
CA GLY L 259 -11.15 -4.79 46.13
C GLY L 259 -12.21 -5.41 45.22
N TYR L 260 -13.21 -6.09 45.76
CA TYR L 260 -14.24 -6.68 44.91
C TYR L 260 -15.64 -6.17 45.21
N HIS L 261 -16.49 -6.11 44.18
CA HIS L 261 -17.88 -5.70 44.39
C HIS L 261 -18.72 -6.96 44.17
N GLY L 262 -20.00 -6.89 44.51
CA GLY L 262 -20.84 -8.08 44.36
C GLY L 262 -21.59 -8.18 43.04
N ARG L 263 -21.68 -7.08 42.31
CA ARG L 263 -22.40 -7.05 41.04
C ARG L 263 -21.81 -5.98 40.17
N PRO L 264 -21.92 -6.13 38.84
CA PRO L 264 -21.38 -5.13 37.92
C PRO L 264 -21.91 -3.75 38.29
N ASN L 265 -21.06 -2.73 38.13
CA ASN L 265 -21.43 -1.35 38.42
C ASN L 265 -21.83 -0.98 39.84
N LYS L 266 -21.44 -1.81 40.81
CA LYS L 266 -21.71 -1.53 42.22
C LYS L 266 -20.37 -1.27 42.93
N PRO L 267 -20.39 -0.48 44.02
CA PRO L 267 -19.14 -0.21 44.74
C PRO L 267 -18.55 -1.43 45.43
N VAL L 268 -17.23 -1.47 45.55
CA VAL L 268 -16.58 -2.60 46.20
C VAL L 268 -16.93 -2.64 47.67
N ASP L 269 -16.85 -3.84 48.25
CA ASP L 269 -17.18 -4.08 49.64
C ASP L 269 -16.24 -5.21 50.09
N THR L 270 -15.57 -4.98 51.20
CA THR L 270 -14.62 -5.93 51.77
C THR L 270 -15.05 -7.38 51.78
N CYS L 271 -16.26 -7.69 52.21
CA CYS L 271 -16.67 -9.09 52.28
C CYS L 271 -16.61 -9.83 50.95
N TYR L 272 -16.64 -9.11 49.83
CA TYR L 272 -16.57 -9.78 48.54
C TYR L 272 -15.18 -10.30 48.23
N SER L 273 -14.19 -9.81 48.99
CA SER L 273 -12.83 -10.28 48.81
C SER L 273 -12.87 -11.77 49.16
N PHE L 274 -13.87 -12.18 49.94
CA PHE L 274 -14.02 -13.58 50.24
C PHE L 274 -15.05 -14.26 49.33
N TRP L 275 -16.27 -13.71 49.28
CA TRP L 275 -17.32 -14.31 48.45
C TRP L 275 -16.80 -14.59 47.03
N VAL L 276 -16.30 -13.55 46.36
CA VAL L 276 -15.78 -13.70 45.01
C VAL L 276 -14.39 -14.37 45.02
N GLY L 277 -13.51 -13.88 45.88
CA GLY L 277 -12.17 -14.44 45.97
C GLY L 277 -12.20 -15.94 46.17
N ALA L 278 -12.99 -16.40 47.13
CA ALA L 278 -13.10 -17.83 47.41
C ALA L 278 -13.64 -18.60 46.20
N THR L 279 -14.56 -17.98 45.43
CA THR L 279 -15.12 -18.62 44.25
C THR L 279 -13.98 -18.75 43.24
N LEU L 280 -13.22 -17.67 43.06
CA LEU L 280 -12.09 -17.68 42.14
C LEU L 280 -11.10 -18.77 42.56
N LYS L 281 -10.91 -18.93 43.87
CA LYS L 281 -9.98 -19.94 44.37
C LYS L 281 -10.49 -21.31 44.00
N LEU L 282 -11.78 -21.55 44.21
CA LEU L 282 -12.37 -22.84 43.89
C LEU L 282 -12.28 -23.13 42.38
N LEU L 283 -12.28 -22.08 41.57
CA LEU L 283 -12.20 -22.24 40.13
C LEU L 283 -10.74 -22.24 39.67
N LYS L 284 -9.82 -22.21 40.64
CA LYS L 284 -8.38 -22.23 40.38
C LYS L 284 -7.79 -21.07 39.58
N ILE L 285 -8.36 -19.87 39.71
CA ILE L 285 -7.79 -18.74 38.99
C ILE L 285 -7.64 -17.52 39.89
N PHE L 286 -7.78 -17.71 41.18
CA PHE L 286 -7.59 -16.58 42.10
C PHE L 286 -6.14 -16.11 41.95
N GLN L 287 -5.26 -17.06 41.64
CA GLN L 287 -3.84 -16.81 41.45
C GLN L 287 -3.57 -15.77 40.37
N TYR L 288 -4.54 -15.55 39.48
CA TYR L 288 -4.36 -14.59 38.40
C TYR L 288 -4.92 -13.22 38.69
N THR L 289 -5.43 -13.02 39.89
CA THR L 289 -5.99 -11.73 40.28
C THR L 289 -4.87 -10.83 40.75
N ASN L 290 -5.18 -9.55 40.96
CA ASN L 290 -4.17 -8.62 41.45
C ASN L 290 -4.22 -8.62 42.99
N PHE L 291 -3.21 -9.21 43.63
CA PHE L 291 -3.15 -9.29 45.09
C PHE L 291 -2.98 -7.97 45.83
N GLU L 292 -2.03 -7.18 45.38
CA GLU L 292 -1.74 -5.91 46.03
C GLU L 292 -2.92 -4.96 46.17
N LYS L 293 -3.64 -4.74 45.07
CA LYS L 293 -4.78 -3.84 45.14
C LYS L 293 -5.90 -4.37 46.03
N ASN L 294 -6.06 -5.69 46.06
CA ASN L 294 -7.09 -6.29 46.88
C ASN L 294 -6.68 -6.12 48.34
N ARG L 295 -5.43 -6.46 48.65
CA ARG L 295 -4.91 -6.34 50.01
C ARG L 295 -4.98 -4.89 50.48
N ASN L 296 -4.55 -3.97 49.63
CA ASN L 296 -4.59 -2.55 50.00
C ASN L 296 -6.01 -2.11 50.33
N TYR L 297 -6.97 -2.56 49.52
CA TYR L 297 -8.36 -2.17 49.76
C TYR L 297 -8.87 -2.70 51.09
N ILE L 298 -8.67 -4.00 51.32
CA ILE L 298 -9.11 -4.62 52.55
C ILE L 298 -8.56 -3.88 53.76
N LEU L 299 -7.26 -3.63 53.77
CA LEU L 299 -6.63 -2.94 54.89
C LEU L 299 -7.13 -1.52 55.04
N SER L 300 -7.58 -0.90 53.95
CA SER L 300 -8.08 0.46 54.03
C SER L 300 -9.41 0.50 54.79
N THR L 301 -10.00 -0.67 55.03
CA THR L 301 -11.28 -0.73 55.75
C THR L 301 -11.06 -1.21 57.18
N GLN L 302 -9.80 -1.38 57.54
CA GLN L 302 -9.41 -1.83 58.87
C GLN L 302 -9.64 -0.72 59.88
N ASP L 303 -10.25 -1.02 61.02
CA ASP L 303 -10.45 0.00 62.04
C ASP L 303 -9.26 -0.11 63.00
N ARG L 304 -8.33 0.82 62.85
CA ARG L 304 -7.11 0.83 63.66
C ARG L 304 -7.32 1.11 65.15
N LEU L 305 -8.50 1.59 65.50
CA LEU L 305 -8.81 1.90 66.89
C LEU L 305 -9.53 0.76 67.60
N VAL L 306 -10.67 0.34 67.07
CA VAL L 306 -11.42 -0.73 67.71
C VAL L 306 -11.15 -2.12 67.13
N GLY L 307 -10.44 -2.17 66.01
CA GLY L 307 -10.16 -3.46 65.41
C GLY L 307 -11.29 -3.89 64.48
N GLY L 308 -11.13 -5.02 63.82
CA GLY L 308 -12.14 -5.49 62.88
C GLY L 308 -12.04 -4.73 61.56
N PHE L 309 -12.91 -5.08 60.62
CA PHE L 309 -12.95 -4.42 59.32
C PHE L 309 -14.38 -3.97 59.01
N ALA L 310 -14.51 -3.01 58.11
CA ALA L 310 -15.81 -2.47 57.69
C ALA L 310 -16.00 -2.80 56.22
N LYS L 311 -17.18 -2.55 55.68
CA LYS L 311 -17.38 -2.84 54.27
C LYS L 311 -16.62 -1.82 53.43
N TRP L 312 -16.57 -0.59 53.93
CA TRP L 312 -15.88 0.51 53.25
C TRP L 312 -14.92 1.23 54.18
N PRO L 313 -13.93 1.93 53.63
CA PRO L 313 -12.99 2.64 54.51
C PRO L 313 -13.69 3.76 55.28
N ASP L 314 -13.21 4.05 56.48
CA ASP L 314 -13.82 5.11 57.31
C ASP L 314 -15.30 4.81 57.54
N SER L 315 -15.58 3.54 57.80
CA SER L 315 -16.95 3.08 58.03
C SER L 315 -16.86 2.20 59.28
N HIS L 316 -17.95 2.04 60.01
CA HIS L 316 -17.89 1.25 61.23
C HIS L 316 -17.75 -0.25 60.99
N PRO L 317 -16.85 -0.90 61.73
CA PRO L 317 -16.59 -2.33 61.61
C PRO L 317 -17.65 -3.19 62.25
N ASP L 318 -17.76 -4.43 61.79
CA ASP L 318 -18.71 -5.38 62.34
C ASP L 318 -18.09 -6.77 62.25
N ALA L 319 -18.68 -7.72 62.96
CA ALA L 319 -18.18 -9.08 62.99
C ALA L 319 -18.12 -9.73 61.61
N LEU L 320 -19.13 -9.50 60.77
CA LEU L 320 -19.16 -10.11 59.46
C LEU L 320 -18.01 -9.65 58.57
N HIS L 321 -17.79 -8.35 58.47
CA HIS L 321 -16.70 -7.87 57.64
C HIS L 321 -15.32 -8.11 58.24
N ALA L 322 -15.27 -8.22 59.57
CA ALA L 322 -14.00 -8.48 60.24
C ALA L 322 -13.59 -9.88 59.84
N TYR L 323 -14.53 -10.80 59.91
CA TYR L 323 -14.24 -12.19 59.55
C TYR L 323 -13.94 -12.39 58.07
N PHE L 324 -14.78 -11.85 57.20
CA PHE L 324 -14.56 -12.03 55.77
C PHE L 324 -13.36 -11.23 55.28
N GLY L 325 -13.06 -10.11 55.93
CA GLY L 325 -11.89 -9.34 55.52
C GLY L 325 -10.66 -10.19 55.81
N ILE L 326 -10.65 -10.82 56.99
CA ILE L 326 -9.55 -11.68 57.38
C ILE L 326 -9.47 -12.90 56.45
N CYS L 327 -10.61 -13.48 56.09
CA CYS L 327 -10.58 -14.61 55.20
C CYS L 327 -10.10 -14.17 53.80
N GLY L 328 -10.44 -12.94 53.42
CA GLY L 328 -10.02 -12.44 52.13
C GLY L 328 -8.50 -12.36 52.10
N LEU L 329 -7.92 -11.86 53.19
CA LEU L 329 -6.47 -11.74 53.33
C LEU L 329 -5.85 -13.14 53.33
N SER L 330 -6.52 -14.07 53.99
CA SER L 330 -6.04 -15.44 54.06
C SER L 330 -5.86 -16.07 52.68
N LEU L 331 -6.79 -15.81 51.77
CA LEU L 331 -6.73 -16.36 50.42
C LEU L 331 -5.42 -15.99 49.70
N MET L 332 -4.86 -14.84 50.05
CA MET L 332 -3.61 -14.39 49.46
C MET L 332 -2.44 -14.78 50.36
N GLU L 333 -2.73 -15.59 51.38
CA GLU L 333 -1.73 -16.04 52.32
C GLU L 333 -1.05 -14.92 53.12
N GLU L 334 -1.85 -14.18 53.87
CA GLU L 334 -1.35 -13.09 54.71
C GLU L 334 -0.56 -13.70 55.85
N SER L 335 0.56 -13.07 56.20
CA SER L 335 1.38 -13.59 57.28
C SER L 335 0.68 -13.45 58.63
N GLY L 336 0.58 -14.55 59.36
CA GLY L 336 -0.07 -14.51 60.65
C GLY L 336 -1.53 -14.95 60.63
N ILE L 337 -2.03 -15.29 59.46
CA ILE L 337 -3.42 -15.72 59.29
C ILE L 337 -3.43 -17.13 58.71
N CYS L 338 -4.12 -18.06 59.36
CA CYS L 338 -4.18 -19.42 58.86
C CYS L 338 -4.83 -19.52 57.48
N LYS L 339 -4.55 -20.62 56.80
CA LYS L 339 -5.11 -20.86 55.47
C LYS L 339 -6.58 -21.20 55.64
N VAL L 340 -7.41 -20.76 54.70
CA VAL L 340 -8.83 -21.03 54.79
C VAL L 340 -9.30 -22.05 53.76
N HIS L 341 -10.30 -22.83 54.13
CA HIS L 341 -10.91 -23.81 53.25
C HIS L 341 -11.99 -23.01 52.52
N PRO L 342 -11.76 -22.63 51.26
CA PRO L 342 -12.72 -21.84 50.50
C PRO L 342 -14.17 -22.33 50.37
N ALA L 343 -14.39 -23.63 50.23
CA ALA L 343 -15.75 -24.10 50.09
C ALA L 343 -16.49 -24.24 51.41
N LEU L 344 -15.79 -24.71 52.43
CA LEU L 344 -16.41 -24.92 53.75
C LEU L 344 -16.39 -23.70 54.65
N ASN L 345 -15.61 -22.69 54.29
CA ASN L 345 -15.56 -21.45 55.06
C ASN L 345 -15.07 -21.60 56.52
N VAL L 346 -14.01 -22.38 56.71
CA VAL L 346 -13.36 -22.60 58.02
C VAL L 346 -11.87 -22.70 57.77
N SER L 347 -11.05 -22.58 58.81
CA SER L 347 -9.60 -22.67 58.64
C SER L 347 -9.31 -24.11 58.21
N THR L 348 -8.24 -24.29 57.45
CA THR L 348 -7.89 -25.63 56.99
C THR L 348 -7.58 -26.51 58.21
N ARG L 349 -7.06 -25.90 59.27
CA ARG L 349 -6.79 -26.63 60.50
C ARG L 349 -8.07 -27.33 60.90
N THR L 350 -9.16 -26.57 60.87
CA THR L 350 -10.49 -27.08 61.24
C THR L 350 -11.03 -28.08 60.23
N SER L 351 -10.76 -27.87 58.95
CA SER L 351 -11.27 -28.80 57.95
C SER L 351 -10.56 -30.13 58.11
N GLU L 352 -9.31 -30.08 58.53
CA GLU L 352 -8.54 -31.30 58.73
C GLU L 352 -9.04 -32.02 59.97
N ARG L 353 -9.38 -31.25 61.00
CA ARG L 353 -9.89 -31.84 62.22
C ARG L 353 -11.18 -32.58 61.84
N LEU L 354 -11.98 -31.95 60.98
CA LEU L 354 -13.23 -32.54 60.54
C LEU L 354 -12.98 -33.82 59.75
N ARG L 355 -11.90 -33.81 58.97
CA ARG L 355 -11.54 -34.98 58.17
C ARG L 355 -11.25 -36.15 59.12
N ASP L 356 -10.52 -35.86 60.20
CA ASP L 356 -10.20 -36.88 61.18
C ASP L 356 -11.48 -37.42 61.81
N LEU L 357 -12.32 -36.51 62.28
CA LEU L 357 -13.58 -36.91 62.89
C LEU L 357 -14.36 -37.86 61.98
N HIS L 358 -14.41 -37.55 60.69
CA HIS L 358 -15.13 -38.37 59.74
C HIS L 358 -14.51 -39.76 59.65
N GLN L 359 -13.18 -39.80 59.61
CA GLN L 359 -12.45 -41.06 59.50
C GLN L 359 -12.72 -41.94 60.71
N SER L 360 -12.91 -41.34 61.88
CA SER L 360 -13.17 -42.11 63.07
C SER L 360 -14.59 -42.68 63.04
N TRP L 361 -15.54 -41.93 62.48
CA TRP L 361 -16.92 -42.41 62.39
C TRP L 361 -16.97 -43.60 61.45
N LYS L 362 -16.02 -43.64 60.51
CA LYS L 362 -15.95 -44.73 59.53
C LYS L 362 -15.44 -45.99 60.24
N THR L 363 -16.33 -46.62 61.01
CA THR L 363 -16.00 -47.83 61.75
C THR L 363 -17.24 -48.70 61.95
N LYS M 7 -20.50 8.08 -15.31
CA LYS M 7 -20.63 6.73 -15.95
C LYS M 7 -21.73 6.68 -17.03
N CYS M 8 -21.59 5.76 -17.97
CA CYS M 8 -22.55 5.59 -19.06
C CYS M 8 -23.05 4.15 -19.10
N VAL M 9 -24.22 3.88 -18.51
CA VAL M 9 -24.78 2.54 -18.51
C VAL M 9 -25.54 2.32 -19.81
N ILE M 10 -25.05 1.41 -20.63
CA ILE M 10 -25.68 1.14 -21.92
C ILE M 10 -26.42 -0.19 -21.98
N LEU M 11 -26.41 -0.91 -20.86
CA LEU M 11 -27.09 -2.20 -20.75
C LEU M 11 -27.77 -2.36 -19.38
N LYS N 7 27.54 -20.96 30.09
CA LYS N 7 27.92 -19.97 31.14
C LYS N 7 28.26 -18.59 30.55
N CYS N 8 28.10 -17.55 31.35
CA CYS N 8 28.41 -16.17 30.92
C CYS N 8 29.40 -15.52 31.87
N VAL N 9 30.68 -15.51 31.49
CA VAL N 9 31.69 -14.90 32.32
C VAL N 9 31.75 -13.40 32.01
N ILE N 10 31.40 -12.59 33.00
CA ILE N 10 31.39 -11.14 32.81
C ILE N 10 32.52 -10.44 33.56
N LEU N 11 33.36 -11.22 34.24
CA LEU N 11 34.49 -10.67 34.99
C LEU N 11 35.74 -11.58 34.89
N LYS O 7 73.73 30.98 20.16
CA LYS O 7 72.29 31.16 20.52
C LYS O 7 71.73 30.02 21.40
N CYS O 8 70.69 30.31 22.18
CA CYS O 8 70.06 29.31 23.04
C CYS O 8 68.57 29.23 22.75
N VAL O 9 68.15 28.25 21.97
CA VAL O 9 66.74 28.08 21.63
C VAL O 9 66.08 27.27 22.74
N ILE O 10 65.16 27.90 23.47
CA ILE O 10 64.48 27.22 24.57
C ILE O 10 63.03 26.89 24.26
N LEU O 11 62.59 27.21 23.04
CA LEU O 11 61.22 26.94 22.62
C LEU O 11 61.18 26.50 21.14
N LYS P 7 -80.03 -19.69 -39.66
CA LYS P 7 -78.77 -19.48 -40.44
C LYS P 7 -77.50 -19.60 -39.56
N CYS P 8 -76.38 -19.94 -40.18
CA CYS P 8 -75.11 -20.07 -39.46
C CYS P 8 -74.04 -19.20 -40.10
N VAL P 9 -73.79 -18.03 -39.51
CA VAL P 9 -72.79 -17.12 -40.04
C VAL P 9 -71.42 -17.53 -39.47
N ILE P 10 -70.54 -17.97 -40.34
CA ILE P 10 -69.22 -18.41 -39.92
C ILE P 10 -68.11 -17.44 -40.33
N LEU P 11 -68.49 -16.34 -40.99
CA LEU P 11 -67.54 -15.33 -41.41
C LEU P 11 -68.10 -13.90 -41.23
N LYS Q 7 18.66 4.61 -38.93
CA LYS Q 7 18.72 6.09 -38.78
C LYS Q 7 19.79 6.74 -39.69
N CYS Q 8 19.61 8.01 -40.02
CA CYS Q 8 20.57 8.76 -40.85
C CYS Q 8 21.00 10.03 -40.14
N VAL Q 9 22.17 10.00 -39.52
CA VAL Q 9 22.69 11.18 -38.83
C VAL Q 9 23.44 12.05 -39.85
N ILE Q 10 22.91 13.24 -40.10
CA ILE Q 10 23.51 14.15 -41.07
C ILE Q 10 24.19 15.34 -40.42
N LEU Q 11 24.19 15.38 -39.09
CA LEU Q 11 24.83 16.47 -38.35
C LEU Q 11 25.54 15.95 -37.09
N LYS R 7 -30.13 -4.96 61.64
CA LYS R 7 -28.90 -4.57 60.97
C LYS R 7 -28.04 -5.78 60.55
N CYS R 8 -28.69 -6.77 59.95
CA CYS R 8 -27.97 -7.93 59.43
C CYS R 8 -28.28 -8.00 57.93
N VAL R 9 -27.24 -7.72 57.17
CA VAL R 9 -27.29 -7.70 55.73
C VAL R 9 -27.69 -9.04 55.07
N ILE R 10 -27.24 -10.16 55.63
CA ILE R 10 -27.44 -11.47 54.99
C ILE R 10 -28.50 -12.46 55.46
N LEU R 11 -29.22 -12.15 56.53
CA LEU R 11 -30.27 -13.03 57.05
C LEU R 11 -31.47 -12.17 57.46
ZN ZN S . -20.17 8.31 -22.39
C20 MGM T . -21.30 -3.54 -26.06
C19 MGM T . -20.48 -2.10 -27.95
C18 MGM T . -21.66 -2.67 -27.22
C17 MGM T . -22.94 -2.43 -27.53
C16 MGM T . -23.44 -1.60 -28.68
C14 MGM T . -25.86 -1.11 -26.33
C13 MGM T . -25.39 -0.48 -27.62
C15 MGM T . -24.94 -1.50 -28.67
C12 MGM T . -25.34 0.87 -27.84
C11 MGM T . -25.75 1.92 -26.82
C9 MGM T . -25.60 3.35 -27.34
C8 MGM T . -25.97 4.41 -26.34
C10 MGM T . -24.84 5.39 -26.08
C7 MGM T . -27.19 4.49 -25.73
C6 MGM T . -27.59 5.55 -24.70
C5 MGM T . -27.45 5.02 -23.26
N3 MGM T . -27.91 5.94 -22.20
C4 MGM T . -26.82 6.41 -21.34
C2 MGM T . -29.34 6.30 -22.05
C1 MGM T . -30.01 7.21 -21.02
O1 MGM T . -29.13 7.70 -20.02
PA MGM T . -28.71 9.25 -20.05
O1A MGM T . -29.91 10.16 -19.99
O3A MGM T . -27.82 9.47 -21.38
O2A MGM T . -27.74 9.46 -18.85
PB MGM T . -27.07 10.74 -21.99
O1B MGM T . -27.22 11.95 -21.14
O2B MGM T . -27.65 10.92 -23.41
O3B MGM T . -25.59 10.30 -22.12
CL CL U . 29.09 11.57 -1.23
ZN ZN V . 23.80 -14.94 29.67
CL CL W . 8.78 1.08 28.03
C20 MGM X . 28.15 -7.77 38.79
C19 MGM X . 26.00 -6.79 37.95
C18 MGM X . 27.50 -6.86 37.81
C17 MGM X . 28.21 -6.18 36.92
C16 MGM X . 27.70 -5.22 35.90
C14 MGM X . 30.44 -6.57 34.34
C13 MGM X . 29.18 -5.78 33.98
C15 MGM X . 28.81 -4.72 35.01
C12 MGM X . 28.46 -6.01 32.85
C11 MGM X . 28.77 -7.06 31.81
C9 MGM X . 27.80 -7.09 30.63
C8 MGM X . 28.10 -8.16 29.60
C10 MGM X . 26.96 -9.11 29.41
C7 MGM X . 29.30 -8.25 28.92
C6 MGM X . 29.64 -9.33 27.89
C5 MGM X . 30.41 -10.51 28.52
N3 MGM X . 30.87 -11.54 27.58
C4 MGM X . 30.24 -12.85 27.81
C2 MGM X . 31.88 -11.24 26.53
C1 MGM X . 32.49 -12.18 25.48
O1 MGM X . 32.07 -13.53 25.60
PA MGM X . 31.09 -14.14 24.50
O1A MGM X . 31.66 -14.03 23.11
O3A MGM X . 29.66 -13.37 24.69
O2A MGM X . 30.81 -15.62 24.92
PB MGM X . 28.23 -13.48 23.97
O1B MGM X . 28.20 -14.52 22.90
O2B MGM X . 27.94 -12.07 23.41
O3B MGM X . 27.25 -13.78 25.11
ZN ZN Y . 72.55 30.56 27.06
CL CL Z . 71.91 31.80 49.33
C20 MGM AA . 60.30 32.23 28.47
C19 MGM AA . 61.46 32.42 30.69
C18 MGM AA . 60.79 31.52 29.68
C17 MGM AA . 60.62 30.21 29.83
C16 MGM AA . 61.04 29.38 31.02
C14 MGM AA . 61.42 27.20 28.43
C13 MGM AA . 61.84 27.33 29.87
C15 MGM AA . 60.77 27.92 30.78
C12 MGM AA . 63.08 26.98 30.33
C11 MGM AA . 64.18 26.41 29.45
C9 MGM AA . 65.46 26.09 30.22
C8 MGM AA . 66.59 25.54 29.36
C10 MGM AA . 67.84 26.39 29.46
C7 MGM AA . 66.48 24.43 28.58
C6 MGM AA . 67.59 23.86 27.70
C5 MGM AA . 67.44 24.33 26.24
N3 MGM AA . 68.40 23.75 25.28
C4 MGM AA . 69.31 24.75 24.71
C2 MGM AA . 68.42 22.29 24.96
C1 MGM AA . 69.32 21.51 24.01
O1 MGM AA . 70.19 22.33 23.26
PA MGM AA . 71.76 22.30 23.59
O1A MGM AA . 72.33 20.91 23.48
O3A MGM AA . 71.92 22.94 25.08
O2A MGM AA . 72.44 23.31 22.63
PB MGM AA . 73.17 23.23 26.02
O1B MGM AA . 74.48 22.85 25.39
O2B MGM AA . 72.92 22.47 27.33
O3B MGM AA . 73.08 24.74 26.29
CL CL BA . -55.62 -30.22 -3.51
ZN ZN CA . -75.21 -25.10 -38.80
CL CL DA . -63.68 -43.85 -37.04
C20 MGM EA . -65.53 -21.73 -45.76
C19 MGM EA . -65.34 -24.14 -45.08
C18 MGM EA . -65.04 -22.71 -44.73
C17 MGM EA . -64.43 -22.32 -43.61
C16 MGM EA . -63.89 -23.20 -42.52
C14 MGM EA . -64.79 -20.42 -40.76
C13 MGM EA . -64.45 -21.86 -40.50
C15 MGM EA . -63.32 -22.39 -41.38
C12 MGM EA . -65.08 -22.64 -39.57
C11 MGM EA . -66.22 -22.16 -38.69
C9 MGM EA . -66.74 -23.24 -37.73
C8 MGM EA . -67.89 -22.79 -36.87
C10 MGM EA . -69.12 -23.64 -37.04
C7 MGM EA . -67.84 -21.70 -36.03
C6 MGM EA . -68.99 -21.21 -35.16
C5 MGM EA . -69.76 -20.06 -35.83
N3 MGM EA . -70.82 -19.45 -35.00
C4 MGM EA . -72.16 -19.66 -35.55
C2 MGM EA . -70.51 -18.71 -33.75
C1 MGM EA . -71.46 -18.01 -32.78
O1 MGM EA . -72.81 -18.01 -33.21
PA MGM EA . -73.87 -18.94 -32.43
O1A MGM EA . -73.91 -18.60 -30.97
O3A MGM EA . -73.45 -20.47 -32.74
O2A MGM EA . -75.24 -18.73 -33.14
PB MGM EA . -74.09 -21.87 -32.31
O1B MGM EA . -75.30 -21.72 -31.47
O2B MGM EA . -72.95 -22.63 -31.57
O3B MGM EA . -74.37 -22.60 -33.64
ZN ZN FA . 18.31 7.97 -45.18
CL CL GA . 13.27 15.93 -65.13
C20 MGM HA . 18.90 20.08 -42.22
C19 MGM HA . 18.08 19.79 -44.57
C18 MGM HA . 19.27 19.95 -43.66
C17 MGM HA . 20.54 19.96 -44.06
C16 MGM HA . 21.03 19.86 -45.47
C14 MGM HA . 23.49 18.33 -43.71
C13 MGM HA . 23.03 18.44 -45.15
C15 MGM HA . 22.54 19.82 -45.53
C12 MGM HA . 23.04 17.38 -46.02
C11 MGM HA . 23.49 15.99 -45.68
C9 MGM HA . 23.40 15.01 -46.86
C8 MGM HA . 23.81 13.59 -46.53
C10 MGM HA . 22.71 12.59 -46.78
C7 MGM HA . 25.04 13.26 -46.04
C6 MGM HA . 25.49 11.84 -45.69
C5 MGM HA . 25.33 11.54 -44.19
N3 MGM HA . 25.86 10.25 -43.74
C4 MGM HA . 24.81 9.36 -43.22
C2 MGM HA . 27.31 9.92 -43.80
C1 MGM HA . 28.02 8.64 -43.37
O1 MGM HA . 27.15 7.69 -42.77
PA MGM HA . 26.78 6.36 -43.58
O1A MGM HA . 28.03 5.59 -43.97
O3A MGM HA . 25.88 6.81 -44.85
O2A MGM HA . 25.82 5.54 -42.67
PB MGM HA . 25.19 5.99 -46.02
O1B MGM HA . 25.39 4.51 -45.92
O2B MGM HA . 25.75 6.57 -47.33
O3B MGM HA . 23.70 6.36 -45.93
CL CL IA . -30.00 -15.76 14.47
ZN ZN JA . -20.26 -6.71 52.81
C20 MGM KA . -23.80 -17.27 58.33
C19 MGM KA . -21.74 -17.57 56.91
C18 MGM KA . -23.24 -17.61 56.99
C17 MGM KA . -24.04 -17.90 55.98
C16 MGM KA . -23.65 -18.28 54.57
C14 MGM KA . -26.43 -16.43 54.21
C13 MGM KA . -25.33 -17.00 53.32
C15 MGM KA . -24.89 -18.41 53.71
C12 MGM KA . -24.77 -16.30 52.30
C11 MGM KA . -25.16 -14.89 51.92
C9 MGM KA . -24.39 -14.36 50.71
C8 MGM KA . -24.71 -12.94 50.34
C10 MGM KA . -23.54 -12.01 50.54
C7 MGM KA . -25.94 -12.52 49.87
C6 MGM KA . -26.29 -11.09 49.49
C5 MGM KA . -26.81 -10.30 50.72
N3 MGM KA . -27.41 -8.99 50.46
C4 MGM KA . -26.88 -7.94 51.37
C2 MGM KA . -28.45 -8.75 49.41
C1 MGM KA . -29.16 -7.44 49.06
O1 MGM KA . -28.58 -6.31 49.75
PA MGM KA . -27.68 -5.28 48.93
O1A MGM KA . -28.45 -4.72 47.77
O3A MGM KA . -26.31 -6.04 48.49
O2A MGM KA . -27.21 -4.20 49.95
PB MGM KA . -25.03 -5.54 47.69
O1B MGM KA . -25.13 -4.10 47.29
O2B MGM KA . -24.92 -6.45 46.47
O3B MGM KA . -23.82 -5.79 48.59
C1 GER LA . -25.75 -9.91 58.97
C2 GER LA . -24.95 -8.88 59.76
C3 GER LA . -23.95 -9.13 60.65
C4 GER LA . -23.49 -10.54 60.97
C5 GER LA . -23.20 -8.01 61.38
C6 GER LA . -22.59 -8.35 62.77
C7 GER LA . -21.99 -7.14 63.49
C8 GER LA . -21.71 -7.06 64.83
C9 GER LA . -21.97 -8.16 65.83
C10 GER LA . -21.11 -5.80 65.44
C11 GER LA . -20.18 -6.00 66.64
C12 GER LA . -19.62 -4.70 67.16
C13 GER LA . -18.77 -4.53 68.22
C14 GER LA . -18.23 -5.67 69.06
C15 GER LA . -18.26 -3.19 68.69
C16 GER LA . -18.20 -2.11 67.61
C17 GER LA . -18.28 -0.71 68.17
C18 GER LA . -18.25 0.44 67.44
C19 GER LA . -18.14 0.50 65.93
C20 GER LA . -18.33 1.81 68.08
#